data_9HXQ
#
_entry.id   9HXQ
#
_cell.length_a   1.00
_cell.length_b   1.00
_cell.length_c   1.00
_cell.angle_alpha   90.00
_cell.angle_beta   90.00
_cell.angle_gamma   90.00
#
_symmetry.space_group_name_H-M   'P 1'
#
loop_
_entity.id
_entity.type
_entity.pdbx_description
1 polymer 'Acylamino-acid-releasing enzyme'
2 non-polymer '4-(2-AMINOETHYL)BENZENESULFONYL FLUORIDE'
#
_entity_poly.entity_id   1
_entity_poly.type   'polypeptide(L)'
_entity_poly.pdbx_seq_one_letter_code
;MERQVLLSEPEEAAALYRGLSRQPALSAACLGPEVTTQYGGRYRTVHTEWTQRDLERMENIRFCRQYLVFHDGDSVVFAG
PAGNSVETRGELLSRESPSGTMKAVLRKAGGTGTAEEKQFLEVWEKNRKLKSFNLSALEKHGPVYEDDCFGCLSWSHSET
HLLYVADKKRPKAESFFQTKALDVTGSDDEMARTKKPDQAIKGDQFLFYEDWGENMVSKSTPVLCVLDIESGNISVLEGV
PESVSPGQAFWAPGDTGVVFVGWWHEPFRLGIRFCTNRRSALYYVDLTGGKCELLSDESVAVTSPRLSPDQCRIVYLRFP
SLVPHQQCGQLCLYDWYTRVTSVVVDIVPRQLGEDFSGIYCSLLPLGCWSADSQRVVFDSPQRSRQDLFAVDTQMGSVTS
LTAGGSGGSWKLLTIDRDLMVVQFSTPSVPPSLKVGFLPPAGKEQAVSWVSLEEAEPFPDISWSIRVLQPPPQQEHVQYA
GLDFEAILLQPSNSPEKTQVPMVVMPHGGPHSSFVTAWMLFPAMLCKMGFAVLLVNYRGSTGFGQDSILSLPGNVGHQDV
KDVQFAVEQVLQEEHFDAGRVALMGGSHGGFLSCHLIGQYPETYSACVVRNPVINIASMMGSTDIPDWCMVEAGFSYSSD
CLPDLSVWAAMLDKSPIKYAPQVKTPLLLMLGQEDRRVPFKQGMEYYRVLKARNVPVRLLLYPKSTHALSEVEVESDSFM
NAVLWLCTHLGS
;
_entity_poly.pdbx_strand_id   B,A,C,D
#
loop_
_chem_comp.id
_chem_comp.type
_chem_comp.name
_chem_comp.formula
AES non-polymer '4-(2-AMINOETHYL)BENZENESULFONYL FLUORIDE' 'C8 H10 F N O2 S'
#
# COMPACT_ATOMS: atom_id res chain seq x y z
N GLU A 9 -35.07 17.46 -14.11
CA GLU A 9 -34.18 17.92 -13.06
C GLU A 9 -33.43 16.74 -12.43
N PRO A 10 -32.11 16.88 -12.28
CA PRO A 10 -31.30 15.76 -11.77
C PRO A 10 -31.71 15.29 -10.38
N GLU A 11 -32.20 16.19 -9.51
CA GLU A 11 -32.52 15.80 -8.14
C GLU A 11 -33.69 14.81 -8.10
N GLU A 12 -34.75 15.11 -8.83
CA GLU A 12 -35.90 14.21 -8.86
C GLU A 12 -35.53 12.87 -9.47
N ALA A 13 -34.72 12.89 -10.53
CA ALA A 13 -34.27 11.64 -11.15
C ALA A 13 -33.44 10.81 -10.18
N ALA A 14 -32.55 11.46 -9.43
CA ALA A 14 -31.74 10.73 -8.45
C ALA A 14 -32.59 10.14 -7.35
N ALA A 15 -33.58 10.91 -6.86
CA ALA A 15 -34.47 10.37 -5.83
C ALA A 15 -35.26 9.18 -6.34
N LEU A 16 -35.77 9.28 -7.57
CA LEU A 16 -36.51 8.17 -8.17
C LEU A 16 -35.62 6.95 -8.34
N TYR A 17 -34.38 7.16 -8.78
CA TYR A 17 -33.45 6.05 -8.94
C TYR A 17 -33.16 5.36 -7.61
N ARG A 18 -32.95 6.15 -6.55
CA ARG A 18 -32.75 5.57 -5.23
C ARG A 18 -33.97 4.75 -4.80
N GLY A 19 -35.16 5.33 -4.93
CA GLY A 19 -36.35 4.63 -4.51
C GLY A 19 -36.58 3.35 -5.28
N LEU A 20 -36.29 3.34 -6.57
CA LEU A 20 -36.49 2.14 -7.38
C LEU A 20 -35.42 1.10 -7.13
N SER A 21 -34.16 1.52 -6.94
CA SER A 21 -33.08 0.58 -6.68
C SER A 21 -33.08 0.06 -5.24
N ARG A 22 -33.92 0.63 -4.37
CA ARG A 22 -34.03 0.10 -3.01
C ARG A 22 -34.54 -1.35 -2.99
N GLN A 23 -35.20 -1.80 -4.05
CA GLN A 23 -35.78 -3.14 -4.05
C GLN A 23 -34.70 -4.21 -4.17
N PRO A 24 -34.84 -5.33 -3.46
CA PRO A 24 -33.86 -6.40 -3.53
C PRO A 24 -34.22 -7.44 -4.60
N ALA A 25 -33.31 -8.41 -4.77
CA ALA A 25 -33.49 -9.49 -5.71
C ALA A 25 -33.14 -10.82 -5.04
N LEU A 26 -33.74 -11.89 -5.53
CA LEU A 26 -33.57 -13.23 -4.98
C LEU A 26 -32.58 -14.01 -5.86
N SER A 27 -31.61 -14.67 -5.22
CA SER A 27 -30.56 -15.38 -5.97
C SER A 27 -30.63 -16.89 -5.83
N ALA A 28 -30.86 -17.42 -4.64
CA ALA A 28 -30.86 -18.86 -4.45
C ALA A 28 -31.68 -19.22 -3.22
N ALA A 29 -32.02 -20.49 -3.12
CA ALA A 29 -32.78 -21.01 -1.98
C ALA A 29 -32.49 -22.48 -1.80
N CYS A 30 -32.72 -22.97 -0.58
CA CYS A 30 -32.51 -24.37 -0.25
C CYS A 30 -33.44 -24.76 0.89
N LEU A 31 -33.66 -26.06 1.03
CA LEU A 31 -34.59 -26.60 2.02
C LEU A 31 -33.83 -27.40 3.08
N GLY A 32 -34.27 -27.27 4.32
CA GLY A 32 -33.67 -27.99 5.42
C GLY A 32 -34.33 -29.33 5.67
N PRO A 33 -33.86 -30.05 6.68
CA PRO A 33 -34.44 -31.37 6.98
C PRO A 33 -35.80 -31.25 7.67
N GLU A 34 -36.52 -32.36 7.64
CA GLU A 34 -37.84 -32.43 8.25
C GLU A 34 -37.74 -32.70 9.74
N VAL A 35 -38.57 -32.01 10.52
CA VAL A 35 -38.56 -32.12 11.97
C VAL A 35 -39.98 -32.45 12.43
N THR A 36 -40.10 -33.45 13.32
CA THR A 36 -41.38 -33.86 13.87
C THR A 36 -41.44 -33.45 15.34
N THR A 37 -42.51 -32.76 15.71
CA THR A 37 -42.70 -32.26 17.06
C THR A 37 -43.38 -33.32 17.93
N GLN A 38 -43.35 -33.08 19.24
CA GLN A 38 -44.02 -33.99 20.17
C GLN A 38 -45.53 -33.95 20.01
N TYR A 39 -46.09 -32.78 19.68
CA TYR A 39 -47.53 -32.68 19.47
C TYR A 39 -47.98 -33.50 18.28
N GLY A 40 -47.19 -33.50 17.20
CA GLY A 40 -47.51 -34.27 16.02
C GLY A 40 -47.31 -33.51 14.73
N GLY A 41 -47.16 -32.19 14.82
CA GLY A 41 -46.96 -31.39 13.63
C GLY A 41 -45.57 -31.56 13.04
N ARG A 42 -45.46 -31.26 11.75
CA ARG A 42 -44.21 -31.36 11.02
C ARG A 42 -43.93 -30.05 10.29
N TYR A 43 -42.68 -29.63 10.32
CA TYR A 43 -42.27 -28.35 9.74
C TYR A 43 -40.85 -28.48 9.20
N ARG A 44 -40.47 -27.49 8.39
CA ARG A 44 -39.11 -27.42 7.88
C ARG A 44 -38.75 -25.98 7.56
N THR A 45 -37.45 -25.71 7.48
CA THR A 45 -36.94 -24.36 7.28
C THR A 45 -36.46 -24.18 5.84
N VAL A 46 -36.52 -22.93 5.39
CA VAL A 46 -36.08 -22.54 4.05
C VAL A 46 -35.08 -21.41 4.21
N HIS A 47 -33.92 -21.55 3.55
CA HIS A 47 -32.88 -20.53 3.57
C HIS A 47 -32.83 -19.86 2.21
N THR A 48 -32.90 -18.52 2.20
CA THR A 48 -32.93 -17.76 0.96
C THR A 48 -31.82 -16.71 0.99
N GLU A 49 -31.26 -16.44 -0.20
CA GLU A 49 -30.20 -15.46 -0.37
C GLU A 49 -30.70 -14.33 -1.25
N TRP A 50 -30.51 -13.10 -0.79
CA TRP A 50 -30.93 -11.92 -1.53
C TRP A 50 -29.72 -11.01 -1.77
N THR A 51 -29.83 -10.23 -2.82
CA THR A 51 -28.81 -9.25 -3.18
C THR A 51 -29.47 -7.90 -3.42
N GLN A 52 -28.73 -6.83 -3.12
CA GLN A 52 -29.29 -5.49 -3.20
C GLN A 52 -28.18 -4.49 -3.49
N ARG A 53 -28.50 -3.49 -4.32
CA ARG A 53 -27.55 -2.41 -4.59
C ARG A 53 -27.47 -1.48 -3.39
N ASP A 54 -26.29 -0.89 -3.19
CA ASP A 54 -26.07 0.09 -2.14
C ASP A 54 -25.27 1.24 -2.72
N LEU A 55 -25.88 2.42 -2.78
CA LEU A 55 -25.26 3.58 -3.39
C LEU A 55 -24.37 4.36 -2.42
N GLU A 56 -24.54 4.16 -1.11
CA GLU A 56 -23.66 4.82 -0.15
C GLU A 56 -22.26 4.25 -0.21
N ARG A 57 -22.15 2.91 -0.20
CA ARG A 57 -20.87 2.24 -0.38
C ARG A 57 -20.60 1.85 -1.83
N MET A 58 -21.57 2.02 -2.71
CA MET A 58 -21.44 1.67 -4.13
C MET A 58 -21.01 0.21 -4.30
N GLU A 59 -21.86 -0.70 -3.81
CA GLU A 59 -21.53 -2.11 -3.86
C GLU A 59 -22.81 -2.93 -3.87
N ASN A 60 -22.69 -4.17 -4.35
CA ASN A 60 -23.79 -5.12 -4.35
C ASN A 60 -23.67 -5.98 -3.10
N ILE A 61 -24.54 -5.74 -2.13
CA ILE A 61 -24.50 -6.46 -0.86
C ILE A 61 -25.36 -7.71 -0.97
N ARG A 62 -24.97 -8.75 -0.25
CA ARG A 62 -25.68 -10.02 -0.22
C ARG A 62 -26.00 -10.37 1.22
N PHE A 63 -27.24 -10.80 1.46
CA PHE A 63 -27.66 -11.21 2.80
C PHE A 63 -28.50 -12.46 2.69
N CYS A 64 -28.79 -13.06 3.85
CA CYS A 64 -29.53 -14.32 3.93
C CYS A 64 -30.66 -14.17 4.92
N ARG A 65 -31.74 -14.91 4.66
CA ARG A 65 -32.91 -14.89 5.53
C ARG A 65 -33.49 -16.30 5.60
N GLN A 66 -34.21 -16.58 6.68
CA GLN A 66 -34.75 -17.91 6.92
C GLN A 66 -36.23 -17.84 7.22
N TYR A 67 -36.98 -18.76 6.63
CA TYR A 67 -38.43 -18.87 6.81
C TYR A 67 -38.75 -20.28 7.29
N LEU A 68 -39.98 -20.46 7.77
CA LEU A 68 -40.40 -21.72 8.36
C LEU A 68 -41.79 -22.09 7.82
N VAL A 69 -41.96 -23.37 7.48
CA VAL A 69 -43.20 -23.86 6.89
C VAL A 69 -43.67 -25.07 7.68
N PHE A 70 -44.90 -25.00 8.19
CA PHE A 70 -45.58 -26.13 8.83
C PHE A 70 -46.49 -26.78 7.80
N HIS A 71 -46.30 -28.09 7.57
CA HIS A 71 -47.06 -28.81 6.57
C HIS A 71 -47.64 -30.08 7.18
N ASP A 72 -48.63 -30.64 6.48
CA ASP A 72 -49.29 -31.87 6.90
C ASP A 72 -49.01 -33.04 5.98
N GLY A 73 -48.00 -32.93 5.11
CA GLY A 73 -47.67 -34.02 4.21
C GLY A 73 -47.99 -33.72 2.77
N ASP A 74 -49.15 -33.10 2.52
CA ASP A 74 -49.54 -32.73 1.18
C ASP A 74 -50.13 -31.33 1.07
N SER A 75 -50.16 -30.57 2.16
CA SER A 75 -50.68 -29.21 2.13
C SER A 75 -49.89 -28.36 3.11
N VAL A 76 -49.81 -27.07 2.83
CA VAL A 76 -49.06 -26.12 3.66
C VAL A 76 -50.01 -25.57 4.70
N VAL A 77 -49.86 -26.02 5.95
CA VAL A 77 -50.72 -25.55 7.03
C VAL A 77 -50.40 -24.10 7.38
N PHE A 78 -49.12 -23.77 7.49
CA PHE A 78 -48.72 -22.44 7.95
C PHE A 78 -47.35 -22.09 7.39
N ALA A 79 -47.06 -20.79 7.32
CA ALA A 79 -45.77 -20.31 6.85
C ALA A 79 -45.48 -18.97 7.51
N GLY A 80 -44.20 -18.74 7.85
CA GLY A 80 -43.81 -17.51 8.49
C GLY A 80 -42.33 -17.24 8.45
N PRO A 81 -41.90 -16.10 8.98
CA PRO A 81 -40.48 -15.78 9.08
C PRO A 81 -39.87 -16.33 10.36
N ALA A 82 -38.54 -16.39 10.37
CA ALA A 82 -37.81 -16.95 11.50
C ALA A 82 -36.57 -16.13 11.82
N GLY A 83 -36.70 -14.81 11.85
CA GLY A 83 -35.62 -13.95 12.29
C GLY A 83 -35.44 -12.79 11.35
N ASN A 84 -34.29 -12.13 11.49
CA ASN A 84 -33.94 -10.96 10.69
C ASN A 84 -32.98 -11.36 9.57
N SER A 85 -32.50 -10.36 8.84
CA SER A 85 -31.58 -10.56 7.73
C SER A 85 -30.15 -10.32 8.20
N VAL A 86 -29.25 -11.21 7.78
CA VAL A 86 -27.84 -11.15 8.14
C VAL A 86 -27.02 -11.04 6.87
N GLU A 87 -26.16 -10.02 6.81
CA GLU A 87 -25.32 -9.77 5.64
C GLU A 87 -24.02 -10.56 5.73
N THR A 88 -23.72 -11.32 4.69
CA THR A 88 -22.51 -12.13 4.63
C THR A 88 -21.45 -11.42 3.79
N ARG A 89 -20.24 -11.97 3.82
CA ARG A 89 -19.12 -11.41 3.07
C ARG A 89 -18.07 -12.48 2.85
N GLY A 90 -17.69 -12.67 1.59
CA GLY A 90 -16.61 -13.56 1.23
C GLY A 90 -17.03 -14.92 0.69
N GLU A 91 -18.31 -15.26 0.79
CA GLU A 91 -18.76 -16.57 0.32
C GLU A 91 -18.76 -16.62 -1.20
N LEU A 92 -18.23 -17.71 -1.75
CA LEU A 92 -18.24 -17.95 -3.19
C LEU A 92 -19.14 -19.10 -3.58
N LEU A 93 -18.95 -20.28 -2.97
CA LEU A 93 -19.81 -21.43 -3.19
C LEU A 93 -20.17 -22.04 -1.84
N SER A 94 -21.36 -22.61 -1.77
CA SER A 94 -21.83 -23.27 -0.56
C SER A 94 -22.74 -24.43 -0.95
N ARG A 95 -22.78 -25.44 -0.08
CA ARG A 95 -23.59 -26.61 -0.34
C ARG A 95 -23.88 -27.32 0.98
N GLU A 96 -25.11 -27.79 1.13
CA GLU A 96 -25.53 -28.52 2.31
C GLU A 96 -25.41 -30.02 2.04
N SER A 97 -25.06 -30.78 3.09
CA SER A 97 -24.89 -32.21 2.94
C SER A 97 -26.23 -32.87 2.63
N PRO A 98 -26.20 -34.06 2.00
CA PRO A 98 -27.47 -34.74 1.68
C PRO A 98 -28.34 -35.01 2.89
N SER A 99 -27.74 -35.30 4.05
CA SER A 99 -28.50 -35.50 5.28
C SER A 99 -28.90 -34.19 5.94
N GLY A 100 -28.30 -33.06 5.54
CA GLY A 100 -28.65 -31.77 6.11
C GLY A 100 -28.00 -31.44 7.42
N THR A 101 -27.01 -32.22 7.86
CA THR A 101 -26.36 -31.99 9.14
C THR A 101 -25.06 -31.19 9.03
N MET A 102 -24.47 -31.11 7.84
CA MET A 102 -23.19 -30.45 7.64
C MET A 102 -23.28 -29.52 6.44
N LYS A 103 -22.46 -28.47 6.44
CA LYS A 103 -22.47 -27.48 5.38
C LYS A 103 -21.04 -27.17 4.97
N ALA A 104 -20.79 -27.13 3.65
CA ALA A 104 -19.47 -26.82 3.11
C ALA A 104 -19.50 -25.43 2.50
N VAL A 105 -18.51 -24.60 2.86
CA VAL A 105 -18.46 -23.22 2.42
C VAL A 105 -17.08 -22.93 1.84
N LEU A 106 -17.05 -22.19 0.73
CA LEU A 106 -15.83 -21.68 0.14
C LEU A 106 -15.77 -20.18 0.35
N ARG A 107 -14.68 -19.70 0.94
CA ARG A 107 -14.57 -18.30 1.33
C ARG A 107 -13.26 -17.71 0.84
N LYS A 108 -13.29 -16.41 0.54
CA LYS A 108 -12.12 -15.65 0.16
C LYS A 108 -11.81 -14.64 1.27
N ALA A 109 -10.66 -14.82 1.93
CA ALA A 109 -10.28 -13.95 3.03
C ALA A 109 -8.76 -13.88 3.16
N GLU A 117 -5.23 -11.86 -0.33
CA GLU A 117 -6.44 -12.61 -0.05
C GLU A 117 -6.30 -14.07 -0.46
N LYS A 118 -6.48 -14.98 0.49
CA LYS A 118 -6.37 -16.41 0.25
C LYS A 118 -7.77 -17.03 0.16
N GLN A 119 -7.81 -18.32 -0.14
CA GLN A 119 -9.06 -19.06 -0.27
C GLN A 119 -9.08 -20.18 0.77
N PHE A 120 -10.22 -20.34 1.44
CA PHE A 120 -10.38 -21.34 2.48
C PHE A 120 -11.64 -22.16 2.22
N LEU A 121 -11.59 -23.42 2.63
CA LEU A 121 -12.73 -24.32 2.56
C LEU A 121 -13.09 -24.74 3.99
N GLU A 122 -14.31 -24.43 4.41
CA GLU A 122 -14.74 -24.62 5.78
C GLU A 122 -15.92 -25.59 5.84
N VAL A 123 -15.99 -26.32 6.96
CA VAL A 123 -17.07 -27.26 7.22
C VAL A 123 -17.75 -26.83 8.52
N TRP A 124 -19.08 -26.66 8.45
CA TRP A 124 -19.88 -26.22 9.57
C TRP A 124 -20.84 -27.33 9.99
N GLU A 125 -21.03 -27.47 11.30
CA GLU A 125 -22.00 -28.41 11.85
C GLU A 125 -22.50 -27.85 13.18
N LYS A 126 -23.82 -27.69 13.29
CA LYS A 126 -24.48 -27.13 14.48
C LYS A 126 -23.92 -25.73 14.72
N ASN A 127 -23.35 -25.43 15.89
CA ASN A 127 -22.85 -24.10 16.21
C ASN A 127 -21.33 -24.05 16.23
N ARG A 128 -20.66 -24.94 15.51
CA ARG A 128 -19.21 -24.99 15.48
C ARG A 128 -18.73 -25.16 14.05
N LYS A 129 -17.51 -24.68 13.79
CA LYS A 129 -16.82 -24.92 12.53
C LYS A 129 -15.86 -26.09 12.75
N LEU A 130 -16.22 -27.25 12.20
CA LEU A 130 -15.46 -28.47 12.48
C LEU A 130 -14.04 -28.38 11.92
N LYS A 131 -13.91 -28.04 10.64
CA LYS A 131 -12.60 -28.05 9.99
C LYS A 131 -12.50 -26.88 9.01
N SER A 132 -11.27 -26.44 8.78
CA SER A 132 -10.96 -25.41 7.79
C SER A 132 -9.65 -25.77 7.10
N PHE A 133 -9.63 -25.61 5.78
CA PHE A 133 -8.47 -25.94 4.97
C PHE A 133 -8.04 -24.74 4.17
N ASN A 134 -6.74 -24.43 4.23
CA ASN A 134 -6.14 -23.31 3.50
C ASN A 134 -5.62 -23.86 2.18
N LEU A 135 -6.46 -23.78 1.14
CA LEU A 135 -6.12 -24.39 -0.14
C LEU A 135 -4.88 -23.79 -0.78
N SER A 136 -4.54 -22.55 -0.45
CA SER A 136 -3.35 -21.93 -1.03
C SER A 136 -2.07 -22.53 -0.48
N ALA A 137 -2.09 -22.99 0.78
CA ALA A 137 -0.86 -23.47 1.42
C ALA A 137 -0.42 -24.81 0.86
N LEU A 138 -1.36 -25.71 0.58
CA LEU A 138 -0.98 -27.04 0.07
C LEU A 138 -0.33 -26.95 -1.30
N GLU A 139 -0.71 -25.95 -2.11
CA GLU A 139 -0.11 -25.70 -3.42
C GLU A 139 -0.21 -26.92 -4.33
N LYS A 140 -1.44 -27.39 -4.52
CA LYS A 140 -1.72 -28.46 -5.46
C LYS A 140 -2.43 -28.00 -6.72
N HIS A 141 -2.97 -26.79 -6.73
CA HIS A 141 -3.69 -26.25 -7.88
C HIS A 141 -3.74 -24.74 -7.75
N GLY A 142 -4.47 -24.08 -8.65
CA GLY A 142 -4.61 -22.66 -8.63
C GLY A 142 -5.90 -22.20 -7.98
N PRO A 143 -6.39 -21.04 -8.37
CA PRO A 143 -7.65 -20.54 -7.82
C PRO A 143 -8.82 -21.44 -8.18
N VAL A 144 -9.82 -21.46 -7.32
CA VAL A 144 -11.00 -22.32 -7.47
C VAL A 144 -12.00 -21.62 -8.38
N TYR A 145 -12.56 -22.38 -9.33
CA TYR A 145 -13.60 -21.84 -10.21
C TYR A 145 -14.88 -21.65 -9.43
N GLU A 146 -15.50 -20.48 -9.59
CA GLU A 146 -16.72 -20.14 -8.86
C GLU A 146 -17.86 -19.71 -9.79
N ASP A 147 -17.69 -19.84 -11.11
CA ASP A 147 -18.72 -19.43 -12.04
C ASP A 147 -19.75 -20.55 -12.24
N ASP A 148 -20.76 -20.28 -13.06
CA ASP A 148 -21.80 -21.25 -13.35
C ASP A 148 -21.51 -22.07 -14.60
N CYS A 149 -20.38 -21.82 -15.27
CA CYS A 149 -20.03 -22.57 -16.47
C CYS A 149 -19.23 -23.83 -16.12
N PHE A 150 -18.20 -23.70 -15.30
CA PHE A 150 -17.40 -24.84 -14.87
C PHE A 150 -17.48 -25.12 -13.38
N GLY A 151 -17.80 -24.12 -12.56
CA GLY A 151 -17.73 -24.29 -11.13
C GLY A 151 -18.75 -25.28 -10.60
N CYS A 152 -18.34 -26.01 -9.56
CA CYS A 152 -19.21 -26.98 -8.90
C CYS A 152 -18.65 -27.28 -7.52
N LEU A 153 -19.49 -27.87 -6.68
CA LEU A 153 -19.10 -28.28 -5.34
C LEU A 153 -20.06 -29.37 -4.90
N SER A 154 -19.57 -30.60 -4.77
CA SER A 154 -20.43 -31.75 -4.56
C SER A 154 -19.98 -32.57 -3.36
N TRP A 155 -20.97 -33.09 -2.63
CA TRP A 155 -20.75 -34.00 -1.52
C TRP A 155 -20.79 -35.45 -2.00
N SER A 156 -20.10 -36.32 -1.28
CA SER A 156 -20.19 -37.75 -1.55
C SER A 156 -21.46 -38.32 -0.94
N HIS A 157 -21.84 -39.52 -1.40
CA HIS A 157 -22.98 -40.19 -0.82
C HIS A 157 -22.71 -40.65 0.61
N SER A 158 -21.46 -40.98 0.91
CA SER A 158 -21.06 -41.32 2.27
C SER A 158 -20.71 -40.09 3.11
N GLU A 159 -20.72 -38.91 2.51
CA GLU A 159 -20.41 -37.65 3.20
C GLU A 159 -19.02 -37.70 3.84
N THR A 160 -18.05 -38.28 3.10
CA THR A 160 -16.68 -38.35 3.56
C THR A 160 -15.70 -37.61 2.67
N HIS A 161 -16.08 -37.26 1.44
CA HIS A 161 -15.22 -36.55 0.51
C HIS A 161 -15.97 -35.41 -0.15
N LEU A 162 -15.23 -34.43 -0.64
CA LEU A 162 -15.78 -33.29 -1.35
C LEU A 162 -15.14 -33.21 -2.73
N LEU A 163 -15.91 -32.81 -3.73
CA LEU A 163 -15.44 -32.72 -5.11
C LEU A 163 -15.66 -31.31 -5.64
N TYR A 164 -14.62 -30.74 -6.26
CA TYR A 164 -14.74 -29.42 -6.84
C TYR A 164 -13.81 -29.30 -8.04
N VAL A 165 -13.76 -28.11 -8.63
CA VAL A 165 -12.98 -27.83 -9.83
C VAL A 165 -12.08 -26.65 -9.55
N ALA A 166 -10.80 -26.78 -9.89
CA ALA A 166 -9.81 -25.73 -9.67
C ALA A 166 -9.02 -25.50 -10.95
N ASP A 167 -8.03 -24.62 -10.87
CA ASP A 167 -7.18 -24.31 -12.01
C ASP A 167 -5.93 -25.17 -11.99
N LYS A 168 -5.49 -25.60 -13.16
CA LYS A 168 -4.31 -26.44 -13.27
C LYS A 168 -3.07 -25.69 -12.83
N LYS A 169 -2.18 -26.39 -12.13
CA LYS A 169 -0.95 -25.78 -11.63
C LYS A 169 0.05 -25.59 -12.76
N ARG A 170 0.74 -24.44 -12.74
CA ARG A 170 1.74 -24.12 -13.75
C ARG A 170 3.15 -24.31 -13.19
N PRO A 171 4.08 -24.78 -14.01
CA PRO A 171 5.47 -24.93 -13.54
C PRO A 171 6.07 -23.58 -13.17
N LYS A 172 6.95 -23.60 -12.17
CA LYS A 172 7.61 -22.39 -11.72
C LYS A 172 8.60 -21.90 -12.78
N ALA A 173 8.76 -20.57 -12.85
CA ALA A 173 9.64 -19.95 -13.82
C ALA A 173 10.46 -18.86 -13.14
N GLU A 174 11.61 -18.55 -13.74
CA GLU A 174 12.50 -17.53 -13.20
C GLU A 174 13.23 -16.85 -14.36
N SER A 175 13.87 -15.74 -14.05
CA SER A 175 14.58 -14.97 -15.07
C SER A 175 15.98 -15.53 -15.30
N PHE A 176 16.55 -15.14 -16.44
CA PHE A 176 17.92 -15.56 -16.75
C PHE A 176 18.93 -14.94 -15.78
N PHE A 177 18.70 -13.71 -15.35
CA PHE A 177 19.60 -12.98 -14.48
C PHE A 177 18.95 -12.88 -13.09
N GLN A 178 19.16 -13.90 -12.29
CA GLN A 178 18.62 -13.95 -10.93
C GLN A 178 19.75 -14.30 -9.97
N THR A 179 19.81 -13.59 -8.85
CA THR A 179 20.86 -13.80 -7.86
C THR A 179 20.44 -14.92 -6.92
N LYS A 180 21.30 -15.93 -6.78
CA LYS A 180 21.04 -17.06 -5.89
C LYS A 180 21.82 -16.90 -4.60
N ALA A 181 21.24 -17.41 -3.51
CA ALA A 181 21.89 -17.31 -2.21
C ALA A 181 23.18 -18.10 -2.19
N LEU A 182 24.19 -17.57 -1.48
CA LEU A 182 25.48 -18.21 -1.39
C LEU A 182 25.52 -19.18 -0.21
N GLN A 199 14.87 -27.41 -11.46
CA GLN A 199 13.98 -26.81 -10.47
C GLN A 199 12.98 -25.87 -11.14
N ALA A 200 13.43 -24.66 -11.46
CA ALA A 200 12.59 -23.65 -12.10
C ALA A 200 13.14 -23.35 -13.49
N ILE A 201 12.23 -23.31 -14.48
CA ILE A 201 12.63 -23.04 -15.85
C ILE A 201 13.01 -21.57 -15.98
N LYS A 202 14.01 -21.29 -16.80
CA LYS A 202 14.51 -19.93 -17.00
C LYS A 202 14.01 -19.39 -18.33
N GLY A 203 13.40 -18.20 -18.29
CA GLY A 203 12.92 -17.57 -19.49
C GLY A 203 11.54 -18.00 -19.94
N ASP A 204 10.72 -18.52 -19.04
CA ASP A 204 9.37 -18.98 -19.38
C ASP A 204 8.29 -18.27 -18.57
N GLN A 205 8.60 -17.10 -18.02
CA GLN A 205 7.63 -16.38 -17.20
C GLN A 205 6.64 -15.56 -18.01
N PHE A 206 6.86 -15.41 -19.32
CA PHE A 206 5.97 -14.64 -20.17
C PHE A 206 5.37 -15.48 -21.29
N LEU A 207 5.14 -16.76 -21.02
CA LEU A 207 4.46 -17.61 -21.98
C LEU A 207 2.99 -17.22 -22.08
N PHE A 208 2.34 -17.66 -23.15
CA PHE A 208 0.96 -17.30 -23.43
C PHE A 208 0.05 -18.46 -23.04
N TYR A 209 -0.93 -18.17 -22.19
CA TYR A 209 -1.94 -19.14 -21.77
C TYR A 209 -3.30 -18.61 -22.19
N GLU A 210 -3.92 -19.27 -23.17
CA GLU A 210 -5.19 -18.81 -23.69
C GLU A 210 -6.32 -19.07 -22.69
N ASP A 211 -7.21 -18.10 -22.54
CA ASP A 211 -8.34 -18.19 -21.63
C ASP A 211 -9.62 -18.45 -22.44
N TRP A 212 -10.76 -18.44 -21.74
CA TRP A 212 -12.03 -18.80 -22.33
C TRP A 212 -12.87 -17.60 -22.75
N GLY A 213 -12.27 -16.41 -22.78
CA GLY A 213 -12.95 -15.25 -23.36
C GLY A 213 -13.51 -14.26 -22.36
N GLU A 214 -14.69 -13.72 -22.67
CA GLU A 214 -15.29 -12.68 -21.85
C GLU A 214 -15.67 -13.22 -20.47
N ASN A 215 -15.41 -12.41 -19.45
CA ASN A 215 -15.74 -12.71 -18.05
C ASN A 215 -15.01 -13.93 -17.51
N MET A 216 -14.02 -14.44 -18.23
CA MET A 216 -13.25 -15.62 -17.84
C MET A 216 -11.76 -15.34 -17.96
N VAL A 217 -11.32 -14.21 -17.42
CA VAL A 217 -9.92 -13.83 -17.49
C VAL A 217 -9.09 -14.78 -16.64
N SER A 218 -7.97 -15.24 -17.20
CA SER A 218 -7.02 -16.12 -16.50
C SER A 218 -7.68 -17.43 -16.09
N LYS A 219 -8.47 -18.01 -16.99
CA LYS A 219 -9.10 -19.31 -16.78
C LYS A 219 -8.81 -20.17 -18.01
N SER A 220 -7.71 -20.92 -17.95
CA SER A 220 -7.21 -21.64 -19.12
C SER A 220 -7.61 -23.12 -19.11
N THR A 221 -7.22 -23.86 -18.07
CA THR A 221 -7.47 -25.29 -18.04
C THR A 221 -7.89 -25.74 -16.65
N PRO A 222 -9.15 -26.12 -16.45
CA PRO A 222 -9.59 -26.60 -15.14
C PRO A 222 -9.26 -28.07 -14.92
N VAL A 223 -9.21 -28.44 -13.65
CA VAL A 223 -8.97 -29.81 -13.22
C VAL A 223 -9.93 -30.15 -12.09
N LEU A 224 -10.16 -31.45 -11.90
CA LEU A 224 -11.04 -31.95 -10.86
C LEU A 224 -10.24 -32.29 -9.61
N CYS A 225 -10.68 -31.80 -8.46
CA CYS A 225 -10.00 -32.02 -7.20
C CYS A 225 -10.94 -32.68 -6.20
N VAL A 226 -10.40 -33.63 -5.46
CA VAL A 226 -11.14 -34.39 -4.45
C VAL A 226 -10.43 -34.19 -3.12
N LEU A 227 -11.19 -33.79 -2.09
CA LEU A 227 -10.66 -33.55 -0.76
C LEU A 227 -11.26 -34.55 0.22
N ASP A 228 -10.39 -35.12 1.06
CA ASP A 228 -10.81 -36.03 2.12
C ASP A 228 -10.92 -35.23 3.42
N ILE A 229 -12.12 -35.24 4.02
CA ILE A 229 -12.35 -34.41 5.20
C ILE A 229 -11.59 -34.94 6.41
N GLU A 230 -11.59 -36.26 6.60
CA GLU A 230 -10.99 -36.83 7.79
C GLU A 230 -9.48 -36.60 7.83
N SER A 231 -8.79 -36.89 6.73
CA SER A 231 -7.34 -36.76 6.68
C SER A 231 -6.89 -35.36 6.30
N GLY A 232 -7.42 -34.82 5.21
CA GLY A 232 -7.04 -33.52 4.72
C GLY A 232 -6.18 -33.52 3.48
N ASN A 233 -6.08 -34.63 2.77
CA ASN A 233 -5.25 -34.73 1.58
C ASN A 233 -6.08 -34.42 0.34
N ILE A 234 -5.53 -33.61 -0.55
CA ILE A 234 -6.19 -33.23 -1.80
C ILE A 234 -5.57 -34.03 -2.94
N SER A 235 -6.41 -34.61 -3.78
CA SER A 235 -5.96 -35.42 -4.89
C SER A 235 -6.57 -34.90 -6.20
N VAL A 236 -5.75 -34.85 -7.24
CA VAL A 236 -6.19 -34.44 -8.57
C VAL A 236 -6.40 -35.70 -9.39
N LEU A 237 -7.61 -35.86 -9.92
CA LEU A 237 -7.97 -37.07 -10.65
C LEU A 237 -7.18 -37.16 -11.96
N GLU A 238 -6.85 -38.40 -12.35
CA GLU A 238 -6.13 -38.68 -13.58
C GLU A 238 -7.01 -39.52 -14.49
N GLY A 239 -6.79 -39.37 -15.79
CA GLY A 239 -7.57 -40.06 -16.80
C GLY A 239 -8.41 -39.16 -17.68
N VAL A 240 -8.48 -37.87 -17.36
CA VAL A 240 -9.20 -36.92 -18.21
C VAL A 240 -8.46 -36.76 -19.53
N PRO A 241 -9.16 -36.74 -20.67
CA PRO A 241 -8.47 -36.53 -21.95
C PRO A 241 -7.70 -35.22 -21.96
N GLU A 242 -6.54 -35.24 -22.61
CA GLU A 242 -5.63 -34.11 -22.61
C GLU A 242 -6.14 -32.92 -23.42
N SER A 243 -7.19 -33.09 -24.20
CA SER A 243 -7.70 -32.03 -25.06
C SER A 243 -9.08 -31.54 -24.65
N VAL A 244 -9.50 -31.80 -23.42
CA VAL A 244 -10.81 -31.37 -22.94
C VAL A 244 -10.66 -30.65 -21.60
N SER A 245 -11.63 -29.80 -21.32
CA SER A 245 -11.75 -29.11 -20.04
C SER A 245 -12.94 -29.68 -19.28
N PRO A 246 -12.75 -30.21 -18.09
CA PRO A 246 -13.86 -30.81 -17.35
C PRO A 246 -14.63 -29.79 -16.51
N GLY A 247 -15.90 -30.12 -16.28
CA GLY A 247 -16.74 -29.27 -15.44
C GLY A 247 -18.04 -29.97 -15.10
N GLN A 248 -18.80 -29.30 -14.22
CA GLN A 248 -20.13 -29.75 -13.80
C GLN A 248 -20.14 -31.23 -13.43
N ALA A 249 -19.35 -31.55 -12.41
CA ALA A 249 -19.13 -32.93 -12.01
C ALA A 249 -19.95 -33.29 -10.78
N PHE A 250 -20.30 -34.57 -10.68
CA PHE A 250 -20.99 -35.10 -9.52
C PHE A 250 -20.59 -36.55 -9.35
N TRP A 251 -20.78 -37.07 -8.14
CA TRP A 251 -20.36 -38.43 -7.81
C TRP A 251 -21.26 -39.46 -8.49
N ALA A 252 -20.65 -40.54 -8.95
CA ALA A 252 -21.37 -41.63 -9.58
C ALA A 252 -22.12 -42.45 -8.53
N PRO A 253 -23.14 -43.20 -8.94
CA PRO A 253 -23.84 -44.07 -7.99
C PRO A 253 -22.88 -45.06 -7.34
N GLY A 254 -22.97 -45.18 -6.03
CA GLY A 254 -22.09 -46.04 -5.27
C GLY A 254 -20.74 -45.45 -4.94
N ASP A 255 -20.51 -44.18 -5.28
CA ASP A 255 -19.24 -43.51 -5.03
C ASP A 255 -18.07 -44.25 -5.69
N THR A 256 -18.32 -44.78 -6.88
CA THR A 256 -17.29 -45.52 -7.61
C THR A 256 -16.47 -44.61 -8.51
N GLY A 257 -17.05 -43.52 -9.01
CA GLY A 257 -16.33 -42.62 -9.88
C GLY A 257 -16.94 -41.25 -9.91
N VAL A 258 -16.62 -40.50 -10.96
CA VAL A 258 -17.07 -39.13 -11.15
C VAL A 258 -17.56 -38.97 -12.58
N VAL A 259 -18.74 -38.36 -12.74
CA VAL A 259 -19.32 -38.06 -14.04
C VAL A 259 -19.23 -36.55 -14.25
N PHE A 260 -18.71 -36.15 -15.41
CA PHE A 260 -18.47 -34.73 -15.69
C PHE A 260 -18.75 -34.46 -17.16
N VAL A 261 -18.66 -33.18 -17.54
CA VAL A 261 -18.84 -32.73 -18.92
C VAL A 261 -17.52 -32.15 -19.39
N GLY A 262 -17.05 -32.61 -20.55
CA GLY A 262 -15.79 -32.17 -21.11
C GLY A 262 -16.03 -31.32 -22.35
N TRP A 263 -15.43 -30.12 -22.34
CA TRP A 263 -15.52 -29.18 -23.45
C TRP A 263 -14.23 -29.23 -24.25
N TRP A 264 -14.37 -29.36 -25.58
CA TRP A 264 -13.21 -29.43 -26.45
C TRP A 264 -12.59 -28.04 -26.62
N HIS A 265 -11.27 -27.97 -26.47
CA HIS A 265 -10.54 -26.72 -26.60
C HIS A 265 -9.39 -26.86 -27.60
N GLU A 266 -9.65 -27.52 -28.71
CA GLU A 266 -8.68 -27.64 -29.79
C GLU A 266 -9.33 -27.27 -31.12
N PRO A 267 -8.62 -26.55 -31.99
CA PRO A 267 -7.24 -26.06 -31.85
C PRO A 267 -7.13 -24.83 -30.97
N PHE A 268 -8.23 -24.11 -30.72
CA PHE A 268 -8.21 -22.97 -29.82
C PHE A 268 -9.59 -22.78 -29.22
N ARG A 269 -9.63 -22.05 -28.10
CA ARG A 269 -10.86 -21.87 -27.35
C ARG A 269 -11.70 -20.75 -27.94
N LEU A 270 -13.01 -20.98 -27.99
CA LEU A 270 -13.98 -19.97 -28.39
C LEU A 270 -14.72 -19.45 -27.16
N GLY A 271 -15.49 -18.39 -27.36
CA GLY A 271 -16.22 -17.79 -26.25
C GLY A 271 -17.23 -18.78 -25.68
N ILE A 272 -17.41 -18.74 -24.35
CA ILE A 272 -18.32 -19.72 -23.69
C ILE A 272 -19.51 -18.97 -23.06
N ARG A 273 -19.40 -17.66 -22.84
CA ARG A 273 -20.49 -16.94 -22.12
C ARG A 273 -21.70 -16.78 -23.05
N PHE A 274 -22.87 -17.17 -22.55
CA PHE A 274 -24.16 -17.11 -23.31
C PHE A 274 -24.03 -17.79 -24.69
N CYS A 275 -23.18 -18.81 -24.79
CA CYS A 275 -23.03 -19.56 -26.07
C CYS A 275 -23.20 -21.06 -25.79
N THR A 276 -24.29 -21.66 -26.28
CA THR A 276 -24.56 -23.06 -26.00
C THR A 276 -24.24 -23.95 -27.19
N ASN A 277 -23.44 -23.46 -28.14
CA ASN A 277 -23.10 -24.21 -29.35
C ASN A 277 -21.63 -24.60 -29.36
N ARG A 278 -21.10 -24.96 -28.19
CA ARG A 278 -19.71 -25.37 -28.05
C ARG A 278 -19.63 -26.89 -27.92
N ARG A 279 -18.78 -27.51 -28.71
CA ARG A 279 -18.68 -28.96 -28.74
C ARG A 279 -18.26 -29.50 -27.38
N SER A 280 -18.99 -30.49 -26.89
CA SER A 280 -18.75 -31.05 -25.55
C SER A 280 -19.33 -32.44 -25.49
N ALA A 281 -18.97 -33.17 -24.44
CA ALA A 281 -19.41 -34.54 -24.27
C ALA A 281 -19.53 -34.86 -22.78
N LEU A 282 -20.11 -36.03 -22.49
CA LEU A 282 -20.32 -36.49 -21.12
C LEU A 282 -19.39 -37.67 -20.85
N TYR A 283 -18.61 -37.59 -19.78
CA TYR A 283 -17.62 -38.60 -19.46
C TYR A 283 -17.81 -39.11 -18.04
N TYR A 284 -17.32 -40.32 -17.80
CA TYR A 284 -17.27 -40.93 -16.48
C TYR A 284 -15.90 -41.52 -16.27
N VAL A 285 -15.29 -41.26 -15.11
CA VAL A 285 -13.93 -41.70 -14.82
C VAL A 285 -13.88 -42.27 -13.41
N ASP A 286 -13.16 -43.38 -13.26
CA ASP A 286 -13.03 -44.03 -11.97
C ASP A 286 -12.11 -43.23 -11.04
N LEU A 287 -12.28 -43.45 -9.74
CA LEU A 287 -11.45 -42.76 -8.76
C LEU A 287 -9.98 -43.16 -8.90
N THR A 288 -9.73 -44.46 -9.02
CA THR A 288 -8.37 -44.95 -9.26
C THR A 288 -7.95 -44.63 -10.68
N GLY A 289 -6.63 -44.66 -10.91
CA GLY A 289 -6.09 -44.38 -12.22
C GLY A 289 -6.72 -45.32 -13.23
N GLY A 290 -7.39 -44.75 -14.24
CA GLY A 290 -8.10 -45.53 -15.23
C GLY A 290 -8.45 -44.67 -16.42
N LYS A 291 -9.03 -45.30 -17.43
CA LYS A 291 -9.39 -44.63 -18.66
C LYS A 291 -10.83 -44.13 -18.60
N CYS A 292 -11.06 -42.96 -19.20
CA CYS A 292 -12.39 -42.38 -19.23
C CYS A 292 -13.32 -43.18 -20.13
N GLU A 293 -14.61 -43.11 -19.83
CA GLU A 293 -15.64 -43.79 -20.61
C GLU A 293 -16.62 -42.77 -21.15
N LEU A 294 -16.96 -42.91 -22.43
CA LEU A 294 -17.89 -42.00 -23.10
C LEU A 294 -19.33 -42.46 -22.91
N LEU A 295 -20.21 -41.51 -22.61
CA LEU A 295 -21.61 -41.80 -22.36
C LEU A 295 -22.57 -41.13 -23.32
N SER A 296 -22.08 -40.30 -24.24
CA SER A 296 -22.93 -39.59 -25.18
C SER A 296 -22.24 -39.57 -26.54
N ASP A 297 -22.76 -38.73 -27.44
CA ASP A 297 -22.21 -38.58 -28.78
C ASP A 297 -21.25 -37.40 -28.81
N GLU A 298 -20.05 -37.63 -29.33
CA GLU A 298 -19.01 -36.60 -29.37
C GLU A 298 -19.06 -35.80 -30.66
N SER A 299 -20.24 -35.29 -30.99
CA SER A 299 -20.41 -34.45 -32.17
C SER A 299 -21.26 -33.21 -31.94
N VAL A 300 -21.94 -33.09 -30.80
CA VAL A 300 -22.84 -31.97 -30.54
C VAL A 300 -22.57 -31.42 -29.15
N ALA A 301 -23.37 -30.45 -28.72
CA ALA A 301 -23.22 -29.83 -27.41
C ALA A 301 -24.20 -30.47 -26.41
N VAL A 302 -23.69 -30.84 -25.24
CA VAL A 302 -24.52 -31.34 -24.15
C VAL A 302 -24.17 -30.57 -22.89
N THR A 303 -25.12 -30.53 -21.97
CA THR A 303 -24.94 -29.76 -20.74
C THR A 303 -25.96 -30.19 -19.69
N SER A 304 -25.71 -29.73 -18.46
CA SER A 304 -26.62 -29.81 -17.31
C SER A 304 -27.08 -31.23 -17.01
N PRO A 305 -26.21 -32.12 -16.54
CA PRO A 305 -26.66 -33.45 -16.12
C PRO A 305 -27.08 -33.47 -14.66
N ARG A 306 -28.18 -34.17 -14.39
CA ARG A 306 -28.71 -34.33 -13.04
C ARG A 306 -29.02 -35.79 -12.77
N LEU A 307 -28.77 -36.23 -11.55
CA LEU A 307 -28.96 -37.62 -11.15
C LEU A 307 -30.26 -37.78 -10.38
N SER A 308 -30.96 -38.88 -10.62
CA SER A 308 -32.23 -39.13 -9.97
C SER A 308 -32.03 -39.44 -8.49
N PRO A 309 -33.06 -39.22 -7.66
CA PRO A 309 -32.92 -39.51 -6.23
C PRO A 309 -32.61 -40.97 -5.93
N ASP A 310 -33.12 -41.90 -6.75
CA ASP A 310 -32.87 -43.32 -6.53
C ASP A 310 -31.57 -43.79 -7.18
N GLN A 311 -30.82 -42.89 -7.81
CA GLN A 311 -29.52 -43.19 -8.41
C GLN A 311 -29.64 -44.29 -9.45
N CYS A 312 -30.52 -44.05 -10.43
CA CYS A 312 -30.76 -45.01 -11.49
C CYS A 312 -30.74 -44.43 -12.90
N ARG A 313 -30.96 -43.13 -13.06
CA ARG A 313 -31.00 -42.54 -14.39
C ARG A 313 -30.49 -41.10 -14.32
N ILE A 314 -30.07 -40.60 -15.48
CA ILE A 314 -29.54 -39.24 -15.61
C ILE A 314 -30.31 -38.53 -16.72
N VAL A 315 -30.46 -37.22 -16.59
CA VAL A 315 -31.13 -36.39 -17.58
C VAL A 315 -30.23 -35.21 -17.91
N TYR A 316 -30.21 -34.81 -19.18
CA TYR A 316 -29.38 -33.70 -19.60
C TYR A 316 -29.97 -33.02 -20.83
N LEU A 317 -29.35 -31.91 -21.23
CA LEU A 317 -29.80 -31.11 -22.36
C LEU A 317 -28.83 -31.27 -23.51
N ARG A 318 -29.36 -31.49 -24.71
CA ARG A 318 -28.56 -31.67 -25.91
C ARG A 318 -29.02 -30.71 -26.99
N PHE A 319 -28.05 -30.14 -27.72
CA PHE A 319 -28.35 -29.22 -28.80
C PHE A 319 -27.88 -29.81 -30.12
N PRO A 320 -28.75 -29.89 -31.13
CA PRO A 320 -28.42 -30.70 -32.32
C PRO A 320 -27.38 -30.06 -33.23
N SER A 321 -27.28 -28.74 -33.28
CA SER A 321 -26.38 -28.07 -34.20
C SER A 321 -25.43 -27.14 -33.45
N LEU A 322 -24.50 -26.55 -34.19
CA LEU A 322 -23.51 -25.64 -33.63
C LEU A 322 -23.51 -24.28 -34.29
N VAL A 323 -24.42 -24.03 -35.23
CA VAL A 323 -24.44 -22.77 -35.98
C VAL A 323 -24.96 -21.62 -35.12
N PRO A 324 -26.16 -21.68 -34.56
CA PRO A 324 -26.63 -20.57 -33.74
C PRO A 324 -26.15 -20.66 -32.30
N HIS A 325 -25.89 -19.48 -31.71
CA HIS A 325 -25.37 -19.44 -30.35
C HIS A 325 -26.42 -19.81 -29.32
N GLN A 326 -27.70 -19.63 -29.62
CA GLN A 326 -28.78 -20.07 -28.75
C GLN A 326 -29.92 -20.59 -29.62
N GLN A 327 -30.51 -21.72 -29.21
CA GLN A 327 -31.52 -22.38 -30.01
C GLN A 327 -32.34 -23.29 -29.11
N CYS A 328 -33.42 -23.83 -29.68
CA CYS A 328 -34.24 -24.80 -28.96
C CYS A 328 -33.46 -26.10 -28.76
N GLY A 329 -33.60 -26.69 -27.58
CA GLY A 329 -32.86 -27.87 -27.21
C GLY A 329 -33.73 -29.10 -27.03
N GLN A 330 -33.05 -30.22 -26.74
CA GLN A 330 -33.67 -31.51 -26.49
C GLN A 330 -33.36 -31.94 -25.08
N LEU A 331 -34.35 -32.57 -24.43
CA LEU A 331 -34.17 -33.15 -23.11
C LEU A 331 -34.01 -34.66 -23.27
N CYS A 332 -32.85 -35.18 -22.88
CA CYS A 332 -32.48 -36.56 -23.11
C CYS A 332 -32.24 -37.28 -21.80
N LEU A 333 -32.50 -38.59 -21.81
CA LEU A 333 -32.39 -39.45 -20.63
C LEU A 333 -31.42 -40.59 -20.92
N TYR A 334 -30.67 -40.98 -19.89
CA TYR A 334 -29.70 -42.07 -19.98
C TYR A 334 -29.89 -43.00 -18.79
N ASP A 335 -29.99 -44.30 -19.05
CA ASP A 335 -30.17 -45.28 -18.00
C ASP A 335 -28.82 -45.84 -17.58
N TRP A 336 -28.55 -45.83 -16.27
CA TRP A 336 -27.22 -46.17 -15.77
C TRP A 336 -26.92 -47.65 -15.92
N TYR A 337 -27.91 -48.52 -15.75
CA TYR A 337 -27.68 -49.95 -15.74
C TYR A 337 -27.90 -50.62 -17.09
N THR A 338 -28.96 -50.26 -17.80
CA THR A 338 -29.19 -50.81 -19.13
C THR A 338 -28.38 -50.10 -20.21
N ARG A 339 -27.81 -48.94 -19.91
CA ARG A 339 -26.98 -48.18 -20.85
C ARG A 339 -27.73 -47.90 -22.15
N VAL A 340 -28.93 -47.33 -22.02
CA VAL A 340 -29.79 -47.00 -23.15
C VAL A 340 -30.11 -45.52 -23.09
N THR A 341 -29.94 -44.83 -24.22
CA THR A 341 -30.21 -43.40 -24.32
C THR A 341 -31.47 -43.18 -25.15
N SER A 342 -32.36 -42.34 -24.65
CA SER A 342 -33.60 -42.02 -25.34
C SER A 342 -33.84 -40.51 -25.26
N VAL A 343 -34.61 -40.00 -26.21
CA VAL A 343 -34.93 -38.58 -26.29
C VAL A 343 -36.30 -38.39 -25.64
N VAL A 344 -36.32 -37.67 -24.50
CA VAL A 344 -37.58 -37.44 -23.80
C VAL A 344 -38.36 -36.32 -24.47
N VAL A 345 -37.73 -35.16 -24.65
CA VAL A 345 -38.38 -34.00 -25.25
C VAL A 345 -37.58 -33.58 -26.47
N ASP A 346 -38.25 -33.44 -27.61
CA ASP A 346 -37.63 -33.18 -28.90
C ASP A 346 -37.81 -31.72 -29.30
N ILE A 347 -37.37 -31.40 -30.51
CA ILE A 347 -37.40 -30.03 -31.02
C ILE A 347 -38.82 -29.69 -31.48
N VAL A 348 -39.28 -28.51 -31.12
CA VAL A 348 -40.59 -28.01 -31.52
C VAL A 348 -40.38 -26.98 -32.64
N PRO A 349 -40.80 -27.26 -33.87
CA PRO A 349 -40.59 -26.31 -34.97
C PRO A 349 -41.24 -24.95 -34.73
N ARG A 350 -42.55 -24.92 -34.56
CA ARG A 350 -43.28 -23.69 -34.33
C ARG A 350 -44.03 -23.68 -33.01
N GLN A 351 -44.87 -24.67 -32.76
CA GLN A 351 -45.69 -24.70 -31.54
C GLN A 351 -46.19 -26.11 -31.30
N LEU A 352 -46.17 -26.52 -30.03
CA LEU A 352 -46.67 -27.82 -29.59
C LEU A 352 -47.84 -27.55 -28.65
N GLY A 353 -49.03 -27.41 -29.21
CA GLY A 353 -50.19 -27.07 -28.41
C GLY A 353 -50.41 -25.58 -28.34
N GLU A 354 -50.80 -25.08 -27.15
CA GLU A 354 -50.99 -23.65 -26.95
C GLU A 354 -50.20 -23.10 -25.78
N ASP A 355 -49.36 -23.92 -25.13
CA ASP A 355 -48.59 -23.47 -23.98
C ASP A 355 -47.12 -23.84 -24.02
N PHE A 356 -46.68 -24.63 -25.00
CA PHE A 356 -45.29 -25.06 -25.09
C PHE A 356 -44.72 -24.66 -26.44
N SER A 357 -43.46 -24.22 -26.44
CA SER A 357 -42.79 -23.83 -27.67
C SER A 357 -41.36 -24.33 -27.74
N GLY A 358 -40.91 -25.11 -26.78
CA GLY A 358 -39.56 -25.64 -26.76
C GLY A 358 -38.83 -25.30 -25.46
N ILE A 359 -37.64 -25.88 -25.34
CA ILE A 359 -36.78 -25.69 -24.18
C ILE A 359 -35.67 -24.73 -24.56
N TYR A 360 -35.62 -23.58 -23.90
CA TYR A 360 -34.62 -22.56 -24.19
C TYR A 360 -33.74 -22.21 -23.00
N CYS A 361 -34.01 -22.72 -21.82
CA CYS A 361 -33.15 -22.49 -20.68
C CYS A 361 -31.83 -23.23 -20.87
N SER A 362 -30.73 -22.58 -20.47
CA SER A 362 -29.40 -23.17 -20.61
C SER A 362 -28.96 -23.97 -19.41
N LEU A 363 -29.72 -23.95 -18.32
CA LEU A 363 -29.37 -24.68 -17.11
C LEU A 363 -30.64 -25.17 -16.42
N LEU A 364 -30.61 -26.44 -16.01
CA LEU A 364 -31.68 -26.98 -15.17
C LEU A 364 -31.41 -26.64 -13.71
N PRO A 365 -32.45 -26.62 -12.89
CA PRO A 365 -32.24 -26.39 -11.45
C PRO A 365 -31.39 -27.48 -10.84
N LEU A 366 -30.70 -27.13 -9.75
CA LEU A 366 -29.85 -28.12 -9.07
C LEU A 366 -30.66 -29.30 -8.58
N GLY A 367 -31.85 -29.04 -8.05
CA GLY A 367 -32.81 -30.09 -7.77
C GLY A 367 -34.00 -29.97 -8.70
N CYS A 368 -34.22 -30.99 -9.53
CA CYS A 368 -35.29 -30.95 -10.52
C CYS A 368 -36.16 -32.20 -10.55
N TRP A 369 -35.78 -33.27 -9.86
CA TRP A 369 -36.54 -34.51 -9.86
C TRP A 369 -37.63 -34.48 -8.80
N SER A 370 -38.71 -35.21 -9.07
CA SER A 370 -39.75 -35.43 -8.08
C SER A 370 -39.36 -36.56 -7.15
N ALA A 371 -40.18 -36.80 -6.12
CA ALA A 371 -39.86 -37.82 -5.14
C ALA A 371 -39.86 -39.22 -5.74
N ASP A 372 -40.70 -39.47 -6.73
CA ASP A 372 -40.83 -40.79 -7.34
C ASP A 372 -39.83 -41.04 -8.45
N SER A 373 -38.96 -40.07 -8.76
CA SER A 373 -37.98 -40.19 -9.83
C SER A 373 -38.64 -40.50 -11.17
N GLN A 374 -39.74 -39.82 -11.45
CA GLN A 374 -40.49 -40.01 -12.69
C GLN A 374 -40.73 -38.73 -13.47
N ARG A 375 -40.81 -37.58 -12.80
CA ARG A 375 -41.13 -36.32 -13.44
C ARG A 375 -40.01 -35.31 -13.20
N VAL A 376 -39.85 -34.40 -14.16
CA VAL A 376 -38.83 -33.35 -14.11
C VAL A 376 -39.52 -32.01 -14.25
N VAL A 377 -39.17 -31.07 -13.39
CA VAL A 377 -39.77 -29.73 -13.38
C VAL A 377 -38.70 -28.72 -13.76
N PHE A 378 -39.06 -27.80 -14.67
CA PHE A 378 -38.13 -26.75 -15.07
C PHE A 378 -38.94 -25.51 -15.43
N ASP A 379 -38.23 -24.48 -15.88
CA ASP A 379 -38.86 -23.24 -16.34
C ASP A 379 -38.29 -22.86 -17.70
N SER A 380 -39.13 -22.23 -18.52
CA SER A 380 -38.75 -21.93 -19.89
C SER A 380 -39.53 -20.72 -20.38
N PRO A 381 -38.96 -19.95 -21.31
CA PRO A 381 -39.73 -18.88 -21.95
C PRO A 381 -40.83 -19.44 -22.84
N GLN A 382 -41.88 -18.65 -22.99
CA GLN A 382 -43.03 -19.01 -23.83
C GLN A 382 -43.59 -17.70 -24.37
N ARG A 383 -43.43 -17.47 -25.67
CA ARG A 383 -43.77 -16.19 -26.28
C ARG A 383 -43.09 -15.16 -25.40
N SER A 384 -43.86 -14.18 -24.90
CA SER A 384 -43.32 -13.12 -24.07
C SER A 384 -43.39 -13.28 -22.56
N ARG A 385 -43.62 -14.49 -22.06
CA ARG A 385 -43.67 -14.76 -20.63
C ARG A 385 -42.69 -15.88 -20.31
N GLN A 386 -42.59 -16.23 -19.02
CA GLN A 386 -41.77 -17.33 -18.56
C GLN A 386 -42.62 -18.24 -17.69
N ASP A 387 -42.65 -19.53 -18.01
CA ASP A 387 -43.57 -20.45 -17.38
C ASP A 387 -42.82 -21.64 -16.78
N LEU A 388 -43.52 -22.38 -15.93
CA LEU A 388 -43.00 -23.59 -15.30
C LEU A 388 -43.65 -24.80 -15.95
N PHE A 389 -42.84 -25.80 -16.29
CA PHE A 389 -43.31 -26.99 -16.98
C PHE A 389 -42.87 -28.23 -16.21
N ALA A 390 -43.70 -29.27 -16.29
CA ALA A 390 -43.41 -30.58 -15.72
C ALA A 390 -43.54 -31.62 -16.83
N VAL A 391 -42.52 -32.48 -16.95
CA VAL A 391 -42.47 -33.48 -18.01
C VAL A 391 -42.31 -34.85 -17.36
N ASP A 392 -43.14 -35.80 -17.80
CA ASP A 392 -43.05 -37.18 -17.34
C ASP A 392 -42.11 -37.95 -18.25
N THR A 393 -41.02 -38.46 -17.68
CA THR A 393 -40.00 -39.14 -18.48
C THR A 393 -40.46 -40.48 -19.01
N GLN A 394 -41.43 -41.12 -18.35
CA GLN A 394 -41.90 -42.43 -18.81
C GLN A 394 -42.63 -42.32 -20.14
N MET A 395 -43.58 -41.37 -20.24
CA MET A 395 -44.37 -41.21 -21.45
C MET A 395 -43.77 -40.15 -22.37
N GLY A 396 -43.62 -38.92 -21.87
CA GLY A 396 -43.05 -37.85 -22.66
C GLY A 396 -43.99 -36.66 -22.85
N SER A 397 -44.97 -36.53 -21.96
CA SER A 397 -45.91 -35.42 -22.02
C SER A 397 -45.39 -34.23 -21.22
N VAL A 398 -45.81 -33.04 -21.64
CA VAL A 398 -45.41 -31.79 -21.00
C VAL A 398 -46.66 -31.08 -20.51
N THR A 399 -46.65 -30.65 -19.25
CA THR A 399 -47.78 -29.97 -18.64
C THR A 399 -47.32 -28.62 -18.09
N SER A 400 -48.07 -27.57 -18.41
CA SER A 400 -47.78 -26.23 -17.94
C SER A 400 -48.43 -25.99 -16.59
N LEU A 401 -47.63 -25.58 -15.61
CA LEU A 401 -48.12 -25.37 -14.25
C LEU A 401 -48.69 -23.99 -14.03
N THR A 402 -48.34 -23.01 -14.86
CA THR A 402 -48.78 -21.64 -14.70
C THR A 402 -49.44 -21.13 -15.98
N ALA A 403 -50.23 -21.98 -16.63
CA ALA A 403 -50.92 -21.58 -17.84
C ALA A 403 -52.03 -20.59 -17.55
N GLY A 404 -52.37 -19.78 -18.56
CA GLY A 404 -53.42 -18.81 -18.42
C GLY A 404 -52.97 -17.55 -17.70
N GLY A 405 -53.95 -16.71 -17.39
CA GLY A 405 -53.69 -15.46 -16.70
C GLY A 405 -53.26 -14.36 -17.65
N SER A 406 -53.02 -13.19 -17.05
CA SER A 406 -52.60 -12.03 -17.85
C SER A 406 -51.14 -12.13 -18.27
N GLY A 407 -50.30 -12.70 -17.43
CA GLY A 407 -48.89 -12.86 -17.75
C GLY A 407 -48.07 -12.85 -16.48
N GLY A 408 -46.76 -12.84 -16.66
CA GLY A 408 -45.84 -12.83 -15.54
C GLY A 408 -44.57 -13.61 -15.79
N SER A 409 -43.68 -13.65 -14.80
CA SER A 409 -42.40 -14.34 -14.91
C SER A 409 -42.20 -15.19 -13.66
N TRP A 410 -42.03 -16.50 -13.86
CA TRP A 410 -41.79 -17.45 -12.78
C TRP A 410 -40.37 -18.01 -12.90
N LYS A 411 -39.75 -18.25 -11.75
CA LYS A 411 -38.45 -18.88 -11.70
C LYS A 411 -38.45 -19.92 -10.58
N LEU A 412 -37.99 -21.13 -10.89
CA LEU A 412 -37.95 -22.22 -9.93
C LEU A 412 -36.56 -22.29 -9.31
N LEU A 413 -36.50 -22.26 -7.98
CA LEU A 413 -35.21 -22.28 -7.28
C LEU A 413 -34.80 -23.67 -6.84
N THR A 414 -35.71 -24.45 -6.26
CA THR A 414 -35.40 -25.80 -5.82
C THR A 414 -36.68 -26.58 -5.64
N ILE A 415 -36.54 -27.90 -5.60
CA ILE A 415 -37.65 -28.80 -5.25
C ILE A 415 -37.05 -29.99 -4.50
N ASP A 416 -37.64 -30.31 -3.35
CA ASP A 416 -37.17 -31.44 -2.54
C ASP A 416 -38.37 -32.06 -1.86
N ARG A 417 -38.56 -33.36 -2.08
CA ARG A 417 -39.72 -34.09 -1.55
C ARG A 417 -41.03 -33.42 -1.96
N ASP A 418 -41.11 -33.05 -3.25
CA ASP A 418 -42.31 -32.50 -3.85
C ASP A 418 -42.71 -31.15 -3.27
N LEU A 419 -41.74 -30.40 -2.75
CA LEU A 419 -41.97 -29.05 -2.23
C LEU A 419 -41.14 -28.08 -3.07
N MET A 420 -41.81 -27.24 -3.84
CA MET A 420 -41.17 -26.32 -4.77
C MET A 420 -41.12 -24.92 -4.19
N VAL A 421 -40.01 -24.22 -4.46
CA VAL A 421 -39.82 -22.82 -4.07
C VAL A 421 -39.65 -22.02 -5.36
N VAL A 422 -40.43 -20.95 -5.49
CA VAL A 422 -40.47 -20.17 -6.72
C VAL A 422 -40.41 -18.68 -6.42
N GLN A 423 -39.99 -17.92 -7.43
CA GLN A 423 -39.98 -16.47 -7.43
C GLN A 423 -40.86 -15.98 -8.57
N PHE A 424 -41.71 -15.01 -8.27
CA PHE A 424 -42.68 -14.48 -9.24
C PHE A 424 -42.51 -12.98 -9.36
N SER A 425 -42.56 -12.48 -10.59
CA SER A 425 -42.44 -11.04 -10.81
C SER A 425 -43.15 -10.63 -12.08
N THR A 426 -43.60 -9.38 -12.11
CA THR A 426 -44.26 -8.77 -13.26
C THR A 426 -43.61 -7.42 -13.50
N PRO A 427 -43.83 -6.83 -14.69
CA PRO A 427 -43.22 -5.51 -14.96
C PRO A 427 -43.61 -4.43 -13.97
N SER A 428 -44.73 -4.57 -13.28
CA SER A 428 -45.16 -3.59 -12.29
C SER A 428 -45.06 -4.08 -10.85
N VAL A 429 -44.52 -5.27 -10.62
CA VAL A 429 -44.40 -5.82 -9.28
C VAL A 429 -42.98 -6.35 -9.07
N PRO A 430 -42.29 -5.93 -8.02
CA PRO A 430 -40.96 -6.47 -7.72
C PRO A 430 -41.03 -7.95 -7.40
N PRO A 431 -39.90 -8.67 -7.40
CA PRO A 431 -39.94 -10.12 -7.18
C PRO A 431 -40.52 -10.47 -5.82
N SER A 432 -41.23 -11.59 -5.78
CA SER A 432 -41.84 -12.11 -4.56
C SER A 432 -41.56 -13.60 -4.48
N LEU A 433 -41.58 -14.12 -3.24
CA LEU A 433 -41.16 -15.48 -2.96
C LEU A 433 -42.36 -16.32 -2.50
N LYS A 434 -42.56 -17.47 -3.15
CA LYS A 434 -43.68 -18.35 -2.87
C LYS A 434 -43.21 -19.79 -2.77
N VAL A 435 -44.03 -20.63 -2.13
CA VAL A 435 -43.77 -22.05 -2.01
C VAL A 435 -45.04 -22.81 -2.42
N GLY A 436 -44.86 -24.08 -2.76
CA GLY A 436 -45.99 -24.89 -3.18
C GLY A 436 -45.67 -26.37 -3.12
N PHE A 437 -46.71 -27.17 -3.29
CA PHE A 437 -46.60 -28.62 -3.29
C PHE A 437 -46.99 -29.16 -4.66
N LEU A 438 -46.18 -30.07 -5.19
CA LEU A 438 -46.44 -30.63 -6.51
C LEU A 438 -47.56 -31.66 -6.42
N PRO A 439 -48.65 -31.49 -7.15
CA PRO A 439 -49.76 -32.45 -7.10
C PRO A 439 -49.36 -33.79 -7.71
N PRO A 440 -50.12 -34.85 -7.46
CA PRO A 440 -49.81 -36.15 -8.08
C PRO A 440 -49.95 -36.10 -9.59
N ALA A 441 -49.51 -37.18 -10.22
CA ALA A 441 -49.51 -37.25 -11.68
C ALA A 441 -50.93 -37.12 -12.23
N GLY A 442 -51.07 -36.33 -13.29
CA GLY A 442 -52.35 -36.11 -13.92
C GLY A 442 -53.17 -34.97 -13.36
N LYS A 443 -52.68 -34.29 -12.32
CA LYS A 443 -53.42 -33.19 -11.72
C LYS A 443 -52.52 -32.01 -11.38
N GLU A 444 -51.47 -31.79 -12.19
CA GLU A 444 -50.51 -30.74 -11.92
C GLU A 444 -51.06 -29.34 -12.14
N GLN A 445 -52.26 -29.22 -12.73
CA GLN A 445 -52.83 -27.91 -13.02
C GLN A 445 -53.49 -27.25 -11.81
N ALA A 446 -53.57 -27.94 -10.68
CA ALA A 446 -54.26 -27.45 -9.49
C ALA A 446 -53.30 -27.23 -8.34
N VAL A 447 -52.14 -26.66 -8.62
CA VAL A 447 -51.14 -26.38 -7.58
C VAL A 447 -51.53 -25.10 -6.85
N SER A 448 -51.44 -25.14 -5.53
CA SER A 448 -51.78 -24.00 -4.68
C SER A 448 -50.49 -23.36 -4.16
N TRP A 449 -50.37 -22.05 -4.35
CA TRP A 449 -49.20 -21.31 -3.93
C TRP A 449 -49.48 -20.55 -2.64
N VAL A 450 -48.49 -20.54 -1.76
CA VAL A 450 -48.57 -19.82 -0.48
C VAL A 450 -47.47 -18.77 -0.49
N SER A 451 -47.85 -17.52 -0.22
CA SER A 451 -46.90 -16.41 -0.30
C SER A 451 -46.01 -16.39 0.95
N LEU A 452 -44.71 -16.51 0.74
CA LEU A 452 -43.75 -16.34 1.83
C LEU A 452 -43.31 -14.88 1.96
N GLU A 453 -43.06 -14.22 0.83
CA GLU A 453 -42.70 -12.80 0.84
C GLU A 453 -43.39 -12.11 -0.33
N GLU A 454 -44.10 -11.02 -0.03
CA GLU A 454 -44.84 -10.26 -1.03
C GLU A 454 -44.32 -8.83 -1.08
N ALA A 455 -44.38 -8.24 -2.27
CA ALA A 455 -43.89 -6.89 -2.51
C ALA A 455 -45.04 -5.96 -2.88
N GLU A 456 -44.88 -4.69 -2.55
CA GLU A 456 -45.91 -3.71 -2.85
C GLU A 456 -45.87 -3.34 -4.33
N PRO A 457 -46.99 -3.44 -5.05
CA PRO A 457 -46.99 -3.12 -6.48
C PRO A 457 -46.95 -1.62 -6.72
N PHE A 458 -46.66 -1.27 -7.97
CA PHE A 458 -46.69 0.13 -8.42
C PHE A 458 -47.90 0.34 -9.32
N PRO A 459 -48.94 1.05 -8.86
CA PRO A 459 -50.13 1.22 -9.69
C PRO A 459 -50.01 2.26 -10.79
N ASP A 460 -48.82 2.84 -10.96
CA ASP A 460 -48.63 3.93 -11.96
C ASP A 460 -48.10 3.35 -13.28
N ILE A 461 -48.00 2.03 -13.40
CA ILE A 461 -47.49 1.38 -14.60
C ILE A 461 -48.54 0.42 -15.12
N SER A 462 -48.83 0.51 -16.43
CA SER A 462 -49.75 -0.42 -17.08
C SER A 462 -49.04 -1.04 -18.28
N TRP A 463 -49.06 -2.37 -18.35
CA TRP A 463 -48.32 -3.08 -19.37
C TRP A 463 -49.25 -4.02 -20.13
N SER A 464 -48.95 -4.20 -21.42
CA SER A 464 -49.74 -5.05 -22.29
C SER A 464 -48.84 -5.64 -23.36
N ILE A 465 -49.40 -6.60 -24.11
CA ILE A 465 -48.67 -7.35 -25.12
C ILE A 465 -49.37 -7.17 -26.46
N ARG A 466 -48.59 -6.85 -27.49
CA ARG A 466 -49.09 -6.66 -28.84
C ARG A 466 -48.50 -7.73 -29.75
N VAL A 467 -49.33 -8.27 -30.65
CA VAL A 467 -48.91 -9.27 -31.62
C VAL A 467 -48.90 -8.61 -32.99
N LEU A 468 -47.80 -8.78 -33.72
CA LEU A 468 -47.59 -8.10 -35.00
C LEU A 468 -47.35 -9.13 -36.09
N GLN A 469 -48.05 -8.96 -37.21
CA GLN A 469 -47.95 -9.82 -38.39
C GLN A 469 -47.27 -9.05 -39.51
N PRO A 470 -46.15 -9.54 -40.02
CA PRO A 470 -45.41 -8.78 -41.03
C PRO A 470 -46.21 -8.66 -42.32
N PRO A 471 -45.98 -7.61 -43.10
CA PRO A 471 -46.66 -7.47 -44.39
C PRO A 471 -46.17 -8.52 -45.38
N PRO A 472 -46.92 -8.78 -46.45
CA PRO A 472 -46.50 -9.84 -47.39
C PRO A 472 -45.15 -9.57 -48.04
N GLN A 473 -44.77 -8.31 -48.23
CA GLN A 473 -43.49 -8.01 -48.86
C GLN A 473 -42.32 -8.47 -47.99
N GLN A 474 -42.43 -8.30 -46.68
CA GLN A 474 -41.36 -8.67 -45.75
C GLN A 474 -41.50 -10.10 -45.25
N GLU A 475 -41.60 -11.05 -46.19
CA GLU A 475 -41.70 -12.47 -45.85
C GLU A 475 -40.78 -13.27 -46.77
N HIS A 476 -40.23 -14.35 -46.23
CA HIS A 476 -39.34 -15.24 -46.97
C HIS A 476 -40.06 -16.55 -47.28
N VAL A 477 -39.60 -17.20 -48.35
CA VAL A 477 -40.28 -18.39 -48.85
C VAL A 477 -40.13 -19.56 -47.88
N GLN A 478 -38.96 -19.72 -47.29
CA GLN A 478 -38.70 -20.90 -46.45
C GLN A 478 -39.61 -20.93 -45.23
N TYR A 479 -39.80 -19.79 -44.57
CA TYR A 479 -40.62 -19.70 -43.36
C TYR A 479 -41.67 -18.60 -43.58
N ALA A 480 -42.90 -19.02 -43.87
CA ALA A 480 -44.00 -18.09 -44.12
C ALA A 480 -45.06 -18.26 -43.04
N GLY A 481 -45.59 -17.12 -42.57
CA GLY A 481 -46.62 -17.11 -41.56
C GLY A 481 -46.14 -16.79 -40.15
N LEU A 482 -44.86 -16.47 -39.97
CA LEU A 482 -44.36 -16.13 -38.66
C LEU A 482 -44.84 -14.74 -38.24
N ASP A 483 -45.03 -14.57 -36.93
CA ASP A 483 -45.41 -13.29 -36.36
C ASP A 483 -44.59 -13.05 -35.09
N PHE A 484 -44.46 -11.78 -34.71
CA PHE A 484 -43.63 -11.43 -33.57
C PHE A 484 -44.46 -10.62 -32.58
N GLU A 485 -43.80 -10.16 -31.49
CA GLU A 485 -44.53 -9.55 -30.39
C GLU A 485 -43.78 -8.34 -29.85
N ALA A 486 -44.50 -7.54 -29.07
CA ALA A 486 -43.95 -6.38 -28.39
C ALA A 486 -44.64 -6.23 -27.03
N ILE A 487 -43.92 -5.62 -26.10
CA ILE A 487 -44.43 -5.31 -24.78
C ILE A 487 -44.50 -3.80 -24.63
N LEU A 488 -45.68 -3.29 -24.27
CA LEU A 488 -45.93 -1.85 -24.17
C LEU A 488 -46.19 -1.50 -22.71
N LEU A 489 -45.41 -0.55 -22.19
CA LEU A 489 -45.60 -0.02 -20.84
C LEU A 489 -45.94 1.45 -20.94
N GLN A 490 -46.98 1.88 -20.24
CA GLN A 490 -47.43 3.26 -20.28
C GLN A 490 -47.87 3.69 -18.88
N PRO A 491 -47.85 4.99 -18.60
CA PRO A 491 -48.36 5.47 -17.31
C PRO A 491 -49.87 5.39 -17.26
N SER A 492 -50.39 4.75 -16.21
CA SER A 492 -51.82 4.62 -16.04
C SER A 492 -52.44 5.96 -15.66
N ASN A 493 -53.71 6.14 -16.05
CA ASN A 493 -54.47 7.36 -15.75
C ASN A 493 -53.78 8.59 -16.33
N SER A 494 -53.37 8.48 -17.60
CA SER A 494 -52.80 9.64 -18.28
C SER A 494 -53.90 10.64 -18.62
N PRO A 495 -53.61 11.95 -18.55
CA PRO A 495 -54.61 12.98 -18.85
C PRO A 495 -55.08 12.94 -20.29
N THR A 498 -53.13 14.84 -24.28
CA THR A 498 -52.66 13.53 -23.80
C THR A 498 -51.68 12.92 -24.80
N GLN A 499 -50.65 13.68 -25.15
CA GLN A 499 -49.61 13.24 -26.07
C GLN A 499 -48.35 12.96 -25.28
N VAL A 500 -47.85 11.74 -25.34
CA VAL A 500 -46.70 11.33 -24.54
C VAL A 500 -45.58 10.85 -25.45
N PRO A 501 -44.32 10.99 -25.06
CA PRO A 501 -43.21 10.47 -25.86
C PRO A 501 -43.08 8.95 -25.70
N MET A 502 -42.26 8.37 -26.57
CA MET A 502 -42.06 6.93 -26.59
C MET A 502 -40.58 6.61 -26.72
N VAL A 503 -40.16 5.54 -26.06
CA VAL A 503 -38.80 5.02 -26.14
C VAL A 503 -38.87 3.58 -26.61
N VAL A 504 -38.12 3.27 -27.67
CA VAL A 504 -38.16 1.97 -28.32
C VAL A 504 -36.89 1.20 -27.98
N MET A 505 -37.05 -0.04 -27.54
CA MET A 505 -35.93 -0.89 -27.13
C MET A 505 -35.97 -2.23 -27.86
N PRO A 506 -35.02 -2.49 -28.74
CA PRO A 506 -34.80 -3.86 -29.22
C PRO A 506 -33.73 -4.57 -28.38
N HIS A 507 -33.92 -5.87 -28.21
CA HIS A 507 -33.00 -6.65 -27.40
C HIS A 507 -31.76 -7.01 -28.20
N GLY A 508 -30.71 -7.40 -27.47
CA GLY A 508 -29.48 -7.86 -28.08
C GLY A 508 -29.60 -9.28 -28.58
N GLY A 509 -28.55 -10.08 -28.43
CA GLY A 509 -28.59 -11.45 -28.87
C GLY A 509 -27.76 -11.72 -30.10
N PRO A 510 -28.42 -11.84 -31.26
CA PRO A 510 -29.85 -11.56 -31.52
C PRO A 510 -30.78 -12.70 -31.11
N HIS A 511 -30.27 -13.79 -30.56
CA HIS A 511 -31.12 -14.90 -30.12
C HIS A 511 -31.33 -14.79 -28.62
N SER A 512 -32.18 -13.83 -28.25
CA SER A 512 -32.64 -13.64 -26.87
C SER A 512 -34.06 -13.10 -26.94
N SER A 513 -34.59 -12.67 -25.79
CA SER A 513 -35.95 -12.16 -25.77
C SER A 513 -36.18 -11.32 -24.54
N PHE A 514 -37.25 -10.52 -24.59
CA PHE A 514 -37.76 -9.81 -23.42
C PHE A 514 -38.92 -10.59 -22.82
N VAL A 515 -38.94 -10.69 -21.50
CA VAL A 515 -40.00 -11.38 -20.80
C VAL A 515 -40.67 -10.39 -19.85
N THR A 516 -41.92 -10.69 -19.49
CA THR A 516 -42.71 -9.83 -18.60
C THR A 516 -42.26 -10.04 -17.16
N ALA A 517 -41.06 -9.53 -16.87
CA ALA A 517 -40.46 -9.58 -15.54
C ALA A 517 -40.22 -8.16 -15.05
N TRP A 518 -39.63 -8.06 -13.85
CA TRP A 518 -39.34 -6.76 -13.27
C TRP A 518 -38.06 -6.22 -13.87
N MET A 519 -38.16 -5.16 -14.65
CA MET A 519 -37.02 -4.48 -15.23
C MET A 519 -36.93 -3.08 -14.62
N LEU A 520 -35.71 -2.67 -14.24
CA LEU A 520 -35.54 -1.44 -13.49
C LEU A 520 -35.67 -0.21 -14.38
N PHE A 521 -34.83 -0.12 -15.41
CA PHE A 521 -34.83 1.07 -16.26
C PHE A 521 -36.15 1.30 -17.00
N PRO A 522 -36.79 0.30 -17.60
CA PRO A 522 -38.13 0.55 -18.17
C PRO A 522 -39.12 1.05 -17.14
N ALA A 523 -39.06 0.54 -15.91
CA ALA A 523 -39.95 1.03 -14.86
C ALA A 523 -39.67 2.49 -14.54
N MET A 524 -38.39 2.87 -14.46
CA MET A 524 -38.04 4.26 -14.20
C MET A 524 -38.53 5.17 -15.32
N LEU A 525 -38.34 4.75 -16.57
CA LEU A 525 -38.78 5.55 -17.70
C LEU A 525 -40.31 5.69 -17.70
N CYS A 526 -41.02 4.62 -17.39
CA CYS A 526 -42.48 4.70 -17.32
C CYS A 526 -42.95 5.60 -16.18
N LYS A 527 -42.31 5.52 -15.02
CA LYS A 527 -42.70 6.34 -13.88
C LYS A 527 -42.34 7.81 -14.10
N MET A 528 -41.33 8.11 -14.91
CA MET A 528 -40.92 9.49 -15.11
C MET A 528 -41.74 10.18 -16.18
N GLY A 529 -42.51 9.44 -16.99
CA GLY A 529 -43.45 10.04 -17.91
C GLY A 529 -43.43 9.50 -19.32
N PHE A 530 -42.62 8.49 -19.60
CA PHE A 530 -42.46 7.96 -20.94
C PHE A 530 -43.32 6.71 -21.15
N ALA A 531 -43.39 6.30 -22.42
CA ALA A 531 -44.03 5.05 -22.81
C ALA A 531 -42.97 4.17 -23.47
N VAL A 532 -42.79 2.96 -22.95
CA VAL A 532 -41.69 2.09 -23.35
C VAL A 532 -42.24 0.97 -24.23
N LEU A 533 -41.59 0.73 -25.36
CA LEU A 533 -41.96 -0.33 -26.28
C LEU A 533 -40.77 -1.26 -26.47
N LEU A 534 -40.86 -2.48 -25.94
CA LEU A 534 -39.81 -3.48 -26.08
C LEU A 534 -40.21 -4.47 -27.17
N VAL A 535 -39.34 -4.65 -28.17
CA VAL A 535 -39.67 -5.41 -29.37
C VAL A 535 -38.97 -6.76 -29.30
N ASN A 536 -39.70 -7.83 -29.63
CA ASN A 536 -39.13 -9.17 -29.79
C ASN A 536 -39.28 -9.55 -31.26
N TYR A 537 -38.30 -9.14 -32.08
CA TYR A 537 -38.39 -9.36 -33.50
C TYR A 537 -38.18 -10.85 -33.84
N ARG A 538 -38.42 -11.19 -35.10
CA ARG A 538 -38.21 -12.55 -35.56
C ARG A 538 -36.75 -12.94 -35.38
N GLY A 539 -36.52 -14.14 -34.84
CA GLY A 539 -35.19 -14.56 -34.43
C GLY A 539 -35.00 -14.65 -32.93
N SER A 540 -36.05 -14.42 -32.15
CA SER A 540 -35.98 -14.46 -30.70
C SER A 540 -36.24 -15.87 -30.18
N THR A 541 -35.88 -16.09 -28.93
CA THR A 541 -36.10 -17.36 -28.27
C THR A 541 -37.49 -17.41 -27.67
N GLY A 542 -38.13 -18.58 -27.74
CA GLY A 542 -39.46 -18.76 -27.23
C GLY A 542 -40.56 -18.80 -28.26
N PHE A 543 -40.22 -18.74 -29.55
CA PHE A 543 -41.21 -18.72 -30.61
C PHE A 543 -41.06 -19.90 -31.58
N GLY A 544 -40.18 -20.84 -31.28
CA GLY A 544 -39.96 -21.99 -32.13
C GLY A 544 -38.59 -21.96 -32.79
N GLN A 545 -38.24 -23.10 -33.39
CA GLN A 545 -36.95 -23.23 -34.07
C GLN A 545 -36.94 -22.52 -35.42
N ASP A 546 -38.09 -22.45 -36.09
CA ASP A 546 -38.15 -21.76 -37.37
C ASP A 546 -37.85 -20.27 -37.21
N SER A 547 -38.35 -19.65 -36.14
CA SER A 547 -38.03 -18.26 -35.87
C SER A 547 -36.54 -18.07 -35.65
N ILE A 548 -35.91 -19.00 -34.94
CA ILE A 548 -34.46 -18.92 -34.70
C ILE A 548 -33.71 -19.03 -36.01
N LEU A 549 -34.10 -19.97 -36.88
CA LEU A 549 -33.35 -20.22 -38.10
C LEU A 549 -33.64 -19.21 -39.21
N SER A 550 -34.73 -18.45 -39.11
CA SER A 550 -35.05 -17.49 -40.16
C SER A 550 -34.05 -16.33 -40.19
N LEU A 551 -33.63 -15.85 -39.02
CA LEU A 551 -32.80 -14.64 -38.97
C LEU A 551 -31.44 -14.79 -39.64
N PRO A 552 -30.65 -15.84 -39.38
CA PRO A 552 -29.26 -15.83 -39.87
C PRO A 552 -29.17 -15.65 -41.38
N GLY A 553 -28.22 -14.82 -41.80
CA GLY A 553 -28.05 -14.47 -43.19
C GLY A 553 -28.86 -13.28 -43.66
N ASN A 554 -29.75 -12.74 -42.82
CA ASN A 554 -30.61 -11.63 -43.20
C ASN A 554 -30.50 -10.46 -42.23
N VAL A 555 -29.44 -10.39 -41.44
CA VAL A 555 -29.28 -9.30 -40.49
C VAL A 555 -29.05 -7.99 -41.23
N GLY A 556 -29.60 -6.90 -40.68
CA GLY A 556 -29.44 -5.59 -41.24
C GLY A 556 -30.60 -5.10 -42.07
N HIS A 557 -31.46 -6.01 -42.54
CA HIS A 557 -32.60 -5.59 -43.35
C HIS A 557 -33.92 -6.25 -42.98
N GLN A 558 -33.87 -7.31 -42.17
CA GLN A 558 -35.12 -7.99 -41.71
C GLN A 558 -35.44 -7.52 -40.30
N ASP A 559 -34.47 -7.63 -39.39
CA ASP A 559 -34.67 -7.17 -38.00
C ASP A 559 -35.04 -5.69 -38.02
N VAL A 560 -34.29 -4.86 -38.73
CA VAL A 560 -34.55 -3.40 -38.79
C VAL A 560 -35.99 -3.17 -39.23
N LYS A 561 -36.41 -3.79 -40.32
CA LYS A 561 -37.78 -3.57 -40.86
C LYS A 561 -38.82 -4.01 -39.83
N ASP A 562 -38.58 -5.15 -39.16
CA ASP A 562 -39.54 -5.66 -38.14
C ASP A 562 -39.79 -4.57 -37.09
N VAL A 563 -38.72 -3.93 -36.59
CA VAL A 563 -38.86 -2.87 -35.55
C VAL A 563 -39.63 -1.68 -36.15
N GLN A 564 -39.26 -1.22 -37.33
CA GLN A 564 -39.93 -0.07 -37.94
C GLN A 564 -41.43 -0.32 -38.08
N PHE A 565 -41.81 -1.52 -38.52
CA PHE A 565 -43.22 -1.86 -38.65
C PHE A 565 -43.92 -1.82 -37.30
N ALA A 566 -43.29 -2.37 -36.26
CA ALA A 566 -43.88 -2.34 -34.93
C ALA A 566 -44.07 -0.90 -34.45
N VAL A 567 -43.06 -0.06 -34.65
CA VAL A 567 -43.15 1.33 -34.21
C VAL A 567 -44.27 2.05 -34.94
N GLU A 568 -44.36 1.87 -36.26
CA GLU A 568 -45.40 2.53 -37.04
C GLU A 568 -46.79 2.05 -36.63
N GLN A 569 -46.95 0.74 -36.42
CA GLN A 569 -48.25 0.23 -36.01
C GLN A 569 -48.66 0.76 -34.64
N VAL A 570 -47.72 0.79 -33.70
CA VAL A 570 -48.04 1.30 -32.37
C VAL A 570 -48.41 2.77 -32.42
N LEU A 571 -47.65 3.55 -33.20
CA LEU A 571 -47.94 4.98 -33.32
C LEU A 571 -49.30 5.22 -33.95
N GLN A 572 -49.65 4.44 -34.99
CA GLN A 572 -50.92 4.63 -35.67
C GLN A 572 -52.10 4.12 -34.85
N GLU A 573 -51.87 3.16 -33.94
CA GLU A 573 -52.96 2.61 -33.15
C GLU A 573 -53.20 3.40 -31.86
N GLU A 574 -52.16 3.53 -31.02
CA GLU A 574 -52.33 4.15 -29.72
C GLU A 574 -52.42 5.67 -29.78
N HIS A 575 -52.10 6.28 -30.92
CA HIS A 575 -52.16 7.73 -31.11
C HIS A 575 -51.27 8.45 -30.09
N PHE A 576 -49.98 8.16 -30.15
CA PHE A 576 -49.00 8.78 -29.29
C PHE A 576 -48.49 10.06 -29.96
N ASP A 577 -47.44 10.65 -29.40
CA ASP A 577 -46.83 11.87 -29.94
C ASP A 577 -45.73 11.44 -30.91
N ALA A 578 -46.02 11.50 -32.20
CA ALA A 578 -45.08 11.07 -33.22
C ALA A 578 -43.87 11.98 -33.35
N GLY A 579 -43.91 13.18 -32.77
CA GLY A 579 -42.79 14.09 -32.87
C GLY A 579 -41.68 13.85 -31.87
N ARG A 580 -41.91 13.02 -30.86
CA ARG A 580 -40.92 12.72 -29.82
C ARG A 580 -40.84 11.21 -29.66
N VAL A 581 -39.98 10.58 -30.46
CA VAL A 581 -39.71 9.15 -30.38
C VAL A 581 -38.21 8.95 -30.26
N ALA A 582 -37.79 8.13 -29.31
CA ALA A 582 -36.39 7.90 -29.04
C ALA A 582 -36.08 6.41 -29.10
N LEU A 583 -34.79 6.10 -29.27
CA LEU A 583 -34.31 4.73 -29.38
C LEU A 583 -33.31 4.46 -28.27
N MET A 584 -33.25 3.19 -27.84
CA MET A 584 -32.22 2.78 -26.91
C MET A 584 -31.96 1.30 -27.07
N GLY A 585 -30.69 0.92 -27.04
CA GLY A 585 -30.30 -0.47 -27.16
C GLY A 585 -28.83 -0.64 -26.83
N GLY A 586 -28.42 -1.90 -26.72
CA GLY A 586 -27.05 -2.22 -26.42
C GLY A 586 -26.59 -3.44 -27.21
N SER A 587 -25.30 -3.43 -27.56
CA SER A 587 -24.65 -4.50 -28.33
C SER A 587 -25.40 -4.66 -29.64
N HIS A 588 -25.92 -5.85 -29.97
CA HIS A 588 -26.61 -6.03 -31.25
C HIS A 588 -27.79 -5.09 -31.39
N GLY A 589 -28.54 -4.88 -30.30
CA GLY A 589 -29.62 -3.91 -30.35
C GLY A 589 -29.12 -2.54 -30.73
N GLY A 590 -28.02 -2.10 -30.14
CA GLY A 590 -27.40 -0.85 -30.56
C GLY A 590 -27.06 -0.87 -32.03
N PHE A 591 -26.52 -2.00 -32.51
CA PHE A 591 -26.39 -2.26 -33.94
C PHE A 591 -27.66 -1.84 -34.68
N LEU A 592 -28.77 -2.48 -34.33
CA LEU A 592 -30.05 -2.15 -34.96
C LEU A 592 -30.34 -0.67 -34.84
N SER A 593 -30.10 -0.10 -33.65
CA SER A 593 -30.38 1.31 -33.44
C SER A 593 -29.67 2.17 -34.48
N CYS A 594 -28.39 1.88 -34.72
CA CYS A 594 -27.64 2.66 -35.70
C CYS A 594 -28.31 2.56 -37.07
N HIS A 595 -28.70 1.35 -37.47
CA HIS A 595 -29.38 1.18 -38.74
C HIS A 595 -30.63 2.04 -38.79
N LEU A 596 -31.38 2.07 -37.68
CA LEU A 596 -32.64 2.81 -37.66
C LEU A 596 -32.43 4.30 -37.80
N ILE A 597 -31.24 4.83 -37.49
CA ILE A 597 -30.98 6.25 -37.69
C ILE A 597 -30.24 6.52 -38.98
N GLY A 598 -29.98 5.50 -39.79
CA GLY A 598 -29.34 5.70 -41.08
C GLY A 598 -30.29 5.56 -42.23
N GLN A 599 -31.22 4.61 -42.12
CA GLN A 599 -32.18 4.35 -43.19
C GLN A 599 -33.45 5.17 -43.05
N TYR A 600 -33.80 5.57 -41.83
CA TYR A 600 -34.99 6.39 -41.56
C TYR A 600 -34.57 7.57 -40.71
N PRO A 601 -33.97 8.60 -41.34
CA PRO A 601 -33.40 9.71 -40.57
C PRO A 601 -34.40 10.78 -40.15
N GLU A 602 -35.69 10.62 -40.45
CA GLU A 602 -36.69 11.63 -40.14
C GLU A 602 -37.78 11.08 -39.21
N THR A 603 -37.43 10.10 -38.38
CA THR A 603 -38.39 9.48 -37.47
C THR A 603 -38.01 9.64 -36.00
N TYR A 604 -36.75 9.52 -35.66
CA TYR A 604 -36.29 9.53 -34.28
C TYR A 604 -35.55 10.82 -33.97
N SER A 605 -35.65 11.27 -32.72
CA SER A 605 -35.02 12.52 -32.29
C SER A 605 -33.92 12.33 -31.27
N ALA A 606 -33.68 11.10 -30.80
CA ALA A 606 -32.61 10.83 -29.85
C ALA A 606 -32.23 9.37 -29.96
N CYS A 607 -31.02 9.05 -29.50
CA CYS A 607 -30.53 7.69 -29.56
C CYS A 607 -29.46 7.48 -28.50
N VAL A 608 -29.51 6.35 -27.81
CA VAL A 608 -28.53 5.96 -26.81
C VAL A 608 -28.12 4.52 -27.10
N VAL A 609 -26.81 4.28 -27.15
CA VAL A 609 -26.26 2.97 -27.48
C VAL A 609 -25.14 2.63 -26.51
N ARG A 610 -25.08 1.37 -26.10
CA ARG A 610 -24.04 0.88 -25.21
C ARG A 610 -23.27 -0.24 -25.92
N ASN A 611 -21.98 -0.01 -26.17
CA ASN A 611 -21.11 -0.98 -26.82
C ASN A 611 -21.71 -1.54 -28.11
N PRO A 612 -21.96 -0.70 -29.11
CA PRO A 612 -22.61 -1.17 -30.32
C PRO A 612 -21.64 -1.90 -31.24
N VAL A 613 -22.22 -2.59 -32.23
CA VAL A 613 -21.46 -3.25 -33.28
C VAL A 613 -21.62 -2.42 -34.55
N ILE A 614 -20.51 -1.93 -35.09
CA ILE A 614 -20.51 -0.98 -36.19
C ILE A 614 -20.01 -1.62 -37.48
N ASN A 615 -18.85 -2.26 -37.44
CA ASN A 615 -18.23 -2.85 -38.62
C ASN A 615 -18.01 -4.34 -38.36
N ILE A 616 -18.76 -5.17 -39.08
CA ILE A 616 -18.63 -6.62 -38.91
C ILE A 616 -17.31 -7.11 -39.46
N ALA A 617 -16.86 -6.52 -40.58
CA ALA A 617 -15.64 -7.01 -41.24
C ALA A 617 -14.43 -6.85 -40.33
N SER A 618 -14.29 -5.70 -39.67
CA SER A 618 -13.15 -5.48 -38.80
C SER A 618 -13.34 -6.05 -37.40
N MET A 619 -14.55 -6.51 -37.07
CA MET A 619 -14.80 -7.12 -35.76
C MET A 619 -14.30 -8.54 -35.69
N MET A 620 -14.07 -9.18 -36.84
CA MET A 620 -13.62 -10.58 -36.85
C MET A 620 -12.30 -10.75 -36.11
N GLY A 621 -11.33 -9.89 -36.39
CA GLY A 621 -9.99 -10.08 -35.88
C GLY A 621 -9.76 -9.67 -34.45
N SER A 622 -10.76 -9.10 -33.76
CA SER A 622 -10.58 -8.61 -32.40
C SER A 622 -11.53 -9.23 -31.39
N THR A 623 -12.57 -9.93 -31.81
CA THR A 623 -13.52 -10.50 -30.87
C THR A 623 -13.10 -11.92 -30.49
N ASP A 624 -13.73 -12.42 -29.42
CA ASP A 624 -13.46 -13.77 -28.93
C ASP A 624 -14.39 -14.82 -29.52
N ILE A 625 -15.32 -14.42 -30.38
CA ILE A 625 -16.22 -15.35 -31.05
C ILE A 625 -16.22 -15.07 -32.54
N PRO A 626 -15.15 -15.42 -33.27
CA PRO A 626 -15.11 -15.11 -34.71
C PRO A 626 -16.19 -15.81 -35.52
N ASP A 627 -16.74 -16.91 -35.02
CA ASP A 627 -17.77 -17.63 -35.77
C ASP A 627 -19.08 -16.87 -35.83
N TRP A 628 -19.31 -15.94 -34.90
CA TRP A 628 -20.56 -15.19 -34.88
C TRP A 628 -20.72 -14.35 -36.15
N CYS A 629 -19.64 -13.69 -36.59
CA CYS A 629 -19.72 -12.86 -37.78
C CYS A 629 -20.04 -13.68 -39.02
N MET A 630 -19.37 -14.82 -39.19
CA MET A 630 -19.66 -15.68 -40.34
C MET A 630 -21.07 -16.23 -40.28
N VAL A 631 -21.52 -16.67 -39.12
CA VAL A 631 -22.85 -17.25 -39.00
C VAL A 631 -23.92 -16.21 -39.32
N GLU A 632 -23.77 -15.00 -38.76
CA GLU A 632 -24.77 -13.97 -39.00
C GLU A 632 -24.72 -13.45 -40.44
N ALA A 633 -23.54 -13.41 -41.04
CA ALA A 633 -23.40 -12.92 -42.41
C ALA A 633 -23.91 -13.92 -43.46
N GLY A 634 -24.13 -15.16 -43.08
CA GLY A 634 -24.64 -16.17 -43.98
C GLY A 634 -23.64 -17.20 -44.48
N PHE A 635 -22.47 -17.32 -43.85
CA PHE A 635 -21.45 -18.27 -44.27
C PHE A 635 -21.14 -19.25 -43.15
N SER A 636 -20.57 -20.39 -43.53
CA SER A 636 -20.19 -21.42 -42.57
C SER A 636 -18.80 -21.12 -42.02
N TYR A 637 -18.64 -21.30 -40.72
CA TYR A 637 -17.37 -21.02 -40.05
C TYR A 637 -16.53 -22.29 -39.99
N SER A 638 -15.26 -22.17 -40.38
CA SER A 638 -14.31 -23.26 -40.31
C SER A 638 -12.97 -22.72 -39.85
N SER A 639 -12.29 -23.49 -39.00
CA SER A 639 -10.96 -23.10 -38.56
C SER A 639 -9.97 -23.18 -39.73
N ASP A 640 -8.84 -22.49 -39.55
CA ASP A 640 -7.81 -22.39 -40.59
C ASP A 640 -8.39 -21.81 -41.89
N CYS A 641 -9.24 -20.80 -41.75
CA CYS A 641 -9.83 -20.12 -42.89
C CYS A 641 -9.01 -18.88 -43.26
N LEU A 642 -9.26 -18.38 -44.47
CA LEU A 642 -8.53 -17.23 -44.98
C LEU A 642 -9.51 -16.16 -45.43
N PRO A 643 -9.12 -14.89 -45.37
CA PRO A 643 -10.03 -13.82 -45.80
C PRO A 643 -10.27 -13.85 -47.30
N ASP A 644 -11.54 -13.77 -47.69
CA ASP A 644 -11.95 -13.76 -49.08
C ASP A 644 -12.62 -12.44 -49.42
N LEU A 645 -12.47 -12.01 -50.67
CA LEU A 645 -13.06 -10.73 -51.09
C LEU A 645 -14.57 -10.77 -51.03
N SER A 646 -15.19 -11.86 -51.48
CA SER A 646 -16.64 -11.95 -51.48
C SER A 646 -17.21 -11.92 -50.07
N VAL A 647 -16.62 -12.68 -49.16
CA VAL A 647 -17.08 -12.72 -47.78
C VAL A 647 -16.94 -11.35 -47.13
N TRP A 648 -15.81 -10.69 -47.36
CA TRP A 648 -15.57 -9.40 -46.73
C TRP A 648 -16.50 -8.33 -47.30
N ALA A 649 -16.76 -8.38 -48.61
CA ALA A 649 -17.72 -7.46 -49.20
C ALA A 649 -19.12 -7.69 -48.65
N ALA A 650 -19.52 -8.96 -48.49
CA ALA A 650 -20.83 -9.26 -47.92
C ALA A 650 -20.93 -8.75 -46.47
N MET A 651 -19.85 -8.91 -45.70
CA MET A 651 -19.84 -8.40 -44.34
C MET A 651 -19.94 -6.88 -44.31
N LEU A 652 -19.24 -6.21 -45.22
CA LEU A 652 -19.26 -4.75 -45.25
C LEU A 652 -20.61 -4.21 -45.71
N ASP A 653 -21.31 -4.96 -46.56
CA ASP A 653 -22.60 -4.49 -47.06
C ASP A 653 -23.68 -4.49 -45.99
N LYS A 654 -23.49 -5.21 -44.89
CA LYS A 654 -24.49 -5.33 -43.84
C LYS A 654 -24.16 -4.48 -42.61
N SER A 655 -23.26 -3.53 -42.74
CA SER A 655 -22.88 -2.77 -41.55
C SER A 655 -23.55 -1.39 -41.54
N PRO A 656 -23.90 -0.89 -40.36
CA PRO A 656 -24.54 0.44 -40.29
C PRO A 656 -23.64 1.58 -40.72
N ILE A 657 -22.31 1.38 -40.73
CA ILE A 657 -21.40 2.45 -41.10
C ILE A 657 -21.66 2.94 -42.51
N LYS A 658 -22.19 2.06 -43.37
CA LYS A 658 -22.52 2.44 -44.74
C LYS A 658 -23.50 3.61 -44.78
N TYR A 659 -24.37 3.72 -43.77
CA TYR A 659 -25.35 4.79 -43.70
C TYR A 659 -24.91 5.94 -42.80
N ALA A 660 -23.62 5.99 -42.44
CA ALA A 660 -23.14 7.07 -41.58
C ALA A 660 -23.36 8.46 -42.15
N PRO A 661 -23.12 8.75 -43.44
CA PRO A 661 -23.28 10.13 -43.91
C PRO A 661 -24.70 10.68 -43.79
N GLN A 662 -25.71 9.83 -43.69
CA GLN A 662 -27.09 10.26 -43.63
C GLN A 662 -27.61 10.47 -42.22
N VAL A 663 -26.77 10.27 -41.20
CA VAL A 663 -27.22 10.39 -39.82
C VAL A 663 -27.50 11.85 -39.48
N LYS A 664 -28.62 12.09 -38.81
CA LYS A 664 -29.02 13.44 -38.43
C LYS A 664 -29.50 13.55 -36.98
N THR A 665 -29.49 12.46 -36.22
CA THR A 665 -30.04 12.41 -34.87
C THR A 665 -28.92 12.57 -33.84
N PRO A 666 -29.12 13.36 -32.79
CA PRO A 666 -28.11 13.43 -31.72
C PRO A 666 -27.87 12.06 -31.10
N LEU A 667 -26.61 11.80 -30.76
CA LEU A 667 -26.18 10.48 -30.32
C LEU A 667 -25.36 10.57 -29.04
N LEU A 668 -25.60 9.61 -28.14
CA LEU A 668 -24.83 9.46 -26.91
C LEU A 668 -24.30 8.04 -26.85
N LEU A 669 -22.99 7.90 -26.66
CA LEU A 669 -22.30 6.62 -26.71
C LEU A 669 -21.66 6.33 -25.35
N MET A 670 -21.80 5.09 -24.88
CA MET A 670 -21.10 4.60 -23.71
C MET A 670 -20.23 3.42 -24.13
N LEU A 671 -18.95 3.45 -23.73
CA LEU A 671 -18.01 2.41 -24.11
C LEU A 671 -17.25 1.92 -22.88
N GLY A 672 -16.96 0.62 -22.88
CA GLY A 672 -16.11 0.02 -21.88
C GLY A 672 -14.76 -0.36 -22.47
N GLN A 673 -13.69 0.19 -21.92
CA GLN A 673 -12.37 0.03 -22.55
C GLN A 673 -11.86 -1.40 -22.47
N GLU A 674 -12.23 -2.15 -21.42
CA GLU A 674 -11.74 -3.50 -21.21
C GLU A 674 -12.75 -4.55 -21.69
N ASP A 675 -13.49 -4.25 -22.75
CA ASP A 675 -14.47 -5.18 -23.30
C ASP A 675 -13.78 -6.11 -24.30
N ARG A 676 -14.03 -7.41 -24.15
CA ARG A 676 -13.48 -8.42 -25.05
C ARG A 676 -14.51 -9.00 -26.00
N ARG A 677 -15.80 -8.94 -25.64
CA ARG A 677 -16.84 -9.42 -26.54
C ARG A 677 -16.97 -8.53 -27.77
N VAL A 678 -17.02 -7.21 -27.55
CA VAL A 678 -17.07 -6.23 -28.63
C VAL A 678 -15.97 -5.21 -28.40
N PRO A 679 -14.94 -5.16 -29.25
CA PRO A 679 -13.87 -4.17 -29.06
C PRO A 679 -14.42 -2.75 -29.13
N PHE A 680 -13.84 -1.87 -28.32
CA PHE A 680 -14.36 -0.52 -28.15
C PHE A 680 -13.97 0.43 -29.27
N LYS A 681 -13.12 0.00 -30.21
CA LYS A 681 -12.82 0.85 -31.36
C LYS A 681 -13.96 0.89 -32.36
N GLN A 682 -14.89 -0.08 -32.28
CA GLN A 682 -16.04 -0.08 -33.17
C GLN A 682 -16.86 1.19 -33.00
N GLY A 683 -17.14 1.58 -31.75
CA GLY A 683 -17.82 2.83 -31.50
C GLY A 683 -16.98 4.04 -31.82
N MET A 684 -15.65 3.92 -31.68
CA MET A 684 -14.77 5.05 -31.98
C MET A 684 -14.78 5.39 -33.46
N GLU A 685 -14.89 4.37 -34.33
CA GLU A 685 -14.97 4.65 -35.76
C GLU A 685 -16.22 5.45 -36.09
N TYR A 686 -17.37 5.03 -35.54
CA TYR A 686 -18.63 5.76 -35.74
C TYR A 686 -18.53 7.17 -35.18
N TYR A 687 -17.93 7.31 -34.00
CA TYR A 687 -17.78 8.63 -33.38
C TYR A 687 -16.94 9.56 -34.26
N ARG A 688 -15.82 9.05 -34.78
CA ARG A 688 -14.96 9.87 -35.63
C ARG A 688 -15.69 10.26 -36.92
N VAL A 689 -16.40 9.32 -37.53
CA VAL A 689 -17.12 9.62 -38.77
C VAL A 689 -18.18 10.67 -38.53
N LEU A 690 -18.93 10.55 -37.42
CA LEU A 690 -19.98 11.52 -37.14
C LEU A 690 -19.40 12.88 -36.78
N LYS A 691 -18.29 12.90 -36.02
CA LYS A 691 -17.69 14.17 -35.62
C LYS A 691 -17.06 14.90 -36.80
N ALA A 692 -16.58 14.16 -37.80
CA ALA A 692 -16.01 14.79 -38.98
C ALA A 692 -17.05 15.58 -39.78
N ARG A 693 -18.34 15.36 -39.52
CA ARG A 693 -19.40 16.05 -40.23
C ARG A 693 -20.17 17.03 -39.35
N ASN A 694 -19.64 17.36 -38.17
CA ASN A 694 -20.24 18.34 -37.26
C ASN A 694 -21.67 17.93 -36.86
N VAL A 695 -21.76 16.78 -36.20
CA VAL A 695 -23.03 16.28 -35.70
C VAL A 695 -22.95 16.19 -34.17
N PRO A 696 -23.96 16.65 -33.43
CA PRO A 696 -23.90 16.59 -31.96
C PRO A 696 -23.77 15.17 -31.45
N VAL A 697 -22.62 14.86 -30.86
CA VAL A 697 -22.33 13.52 -30.35
C VAL A 697 -21.67 13.66 -28.98
N ARG A 698 -22.12 12.87 -28.02
CA ARG A 698 -21.52 12.81 -26.70
C ARG A 698 -20.97 11.41 -26.48
N LEU A 699 -19.77 11.32 -25.88
CA LEU A 699 -19.08 10.06 -25.70
C LEU A 699 -18.61 9.91 -24.26
N LEU A 700 -18.85 8.75 -23.67
CA LEU A 700 -18.35 8.40 -22.35
C LEU A 700 -17.58 7.11 -22.43
N LEU A 701 -16.39 7.08 -21.82
CA LEU A 701 -15.51 5.93 -21.85
C LEU A 701 -15.16 5.54 -20.43
N TYR A 702 -15.38 4.26 -20.09
CA TYR A 702 -15.08 3.76 -18.76
C TYR A 702 -13.81 2.94 -18.81
N PRO A 703 -12.70 3.40 -18.21
CA PRO A 703 -11.40 2.73 -18.44
C PRO A 703 -11.34 1.29 -17.97
N LYS A 704 -12.04 0.94 -16.88
CA LYS A 704 -11.89 -0.39 -16.28
C LYS A 704 -13.19 -1.19 -16.32
N SER A 705 -14.15 -0.80 -17.14
CA SER A 705 -15.42 -1.50 -17.21
C SER A 705 -15.35 -2.61 -18.25
N THR A 706 -16.44 -3.38 -18.35
CA THR A 706 -16.51 -4.53 -19.23
C THR A 706 -17.73 -4.45 -20.14
N HIS A 707 -18.04 -5.55 -20.83
CA HIS A 707 -19.17 -5.56 -21.75
C HIS A 707 -20.49 -5.28 -21.02
N ALA A 708 -20.66 -5.86 -19.83
CA ALA A 708 -21.94 -5.76 -19.14
C ALA A 708 -22.16 -4.38 -18.52
N LEU A 709 -21.09 -3.66 -18.17
CA LEU A 709 -21.18 -2.40 -17.43
C LEU A 709 -21.97 -2.61 -16.14
N SER A 710 -21.66 -3.69 -15.44
CA SER A 710 -22.44 -4.12 -14.29
C SER A 710 -21.96 -3.53 -12.97
N GLU A 711 -20.87 -2.78 -12.97
CA GLU A 711 -20.42 -2.12 -11.76
C GLU A 711 -21.46 -1.10 -11.30
N VAL A 712 -21.62 -0.98 -9.98
CA VAL A 712 -22.70 -0.16 -9.43
C VAL A 712 -22.52 1.30 -9.84
N GLU A 713 -21.31 1.83 -9.65
CA GLU A 713 -21.05 3.22 -10.02
C GLU A 713 -21.20 3.43 -11.52
N VAL A 714 -20.66 2.52 -12.33
CA VAL A 714 -20.75 2.65 -13.77
C VAL A 714 -22.20 2.58 -14.23
N GLU A 715 -22.95 1.61 -13.69
CA GLU A 715 -24.35 1.46 -14.07
C GLU A 715 -25.16 2.68 -13.70
N SER A 716 -24.96 3.19 -12.47
CA SER A 716 -25.71 4.37 -12.04
C SER A 716 -25.39 5.58 -12.90
N ASP A 717 -24.10 5.81 -13.17
CA ASP A 717 -23.71 6.96 -13.98
C ASP A 717 -24.28 6.85 -15.39
N SER A 718 -24.19 5.66 -15.99
CA SER A 718 -24.71 5.49 -17.34
C SER A 718 -26.21 5.69 -17.40
N PHE A 719 -26.95 5.15 -16.43
CA PHE A 719 -28.40 5.30 -16.44
C PHE A 719 -28.81 6.76 -16.23
N MET A 720 -28.14 7.45 -15.30
CA MET A 720 -28.45 8.86 -15.08
C MET A 720 -28.14 9.70 -16.31
N ASN A 721 -27.00 9.45 -16.96
CA ASN A 721 -26.67 10.19 -18.17
C ASN A 721 -27.67 9.92 -19.27
N ALA A 722 -28.09 8.67 -19.44
CA ALA A 722 -29.06 8.34 -20.47
C ALA A 722 -30.39 9.03 -20.22
N VAL A 723 -30.87 9.02 -18.97
CA VAL A 723 -32.16 9.64 -18.69
C VAL A 723 -32.07 11.15 -18.85
N LEU A 724 -30.94 11.76 -18.47
CA LEU A 724 -30.79 13.20 -18.66
C LEU A 724 -30.76 13.56 -20.14
N TRP A 725 -30.04 12.78 -20.94
CA TRP A 725 -30.01 13.02 -22.38
C TRP A 725 -31.41 12.91 -22.98
N LEU A 726 -32.14 11.85 -22.62
CA LEU A 726 -33.46 11.64 -23.18
C LEU A 726 -34.41 12.77 -22.80
N CYS A 727 -34.39 13.19 -21.53
CA CYS A 727 -35.30 14.26 -21.11
C CYS A 727 -34.91 15.60 -21.71
N THR A 728 -33.61 15.86 -21.85
CA THR A 728 -33.16 17.13 -22.43
C THR A 728 -33.55 17.22 -23.90
N HIS A 729 -33.34 16.15 -24.67
CA HIS A 729 -33.60 16.20 -26.09
C HIS A 729 -35.06 15.91 -26.45
N LEU A 730 -35.89 15.55 -25.47
CA LEU A 730 -37.30 15.30 -25.74
C LEU A 730 -38.18 16.19 -24.86
N GLU B 9 4.33 38.59 15.12
CA GLU B 9 3.44 38.11 14.07
C GLU B 9 4.03 36.85 13.42
N PRO B 10 3.19 35.83 13.26
CA PRO B 10 3.68 34.57 12.69
C PRO B 10 4.27 34.70 11.29
N GLU B 11 3.75 35.61 10.47
CA GLU B 11 4.22 35.73 9.10
C GLU B 11 5.68 36.18 9.04
N GLU B 12 6.02 37.21 9.82
CA GLU B 12 7.41 37.70 9.85
C GLU B 12 8.35 36.64 10.40
N ALA B 13 7.93 35.93 11.44
CA ALA B 13 8.76 34.87 12.00
C ALA B 13 8.98 33.75 10.98
N ALA B 14 7.93 33.37 10.26
CA ALA B 14 8.07 32.34 9.24
C ALA B 14 9.00 32.79 8.11
N ALA B 15 8.89 34.04 7.69
CA ALA B 15 9.79 34.55 6.66
C ALA B 15 11.24 34.55 7.14
N LEU B 16 11.45 34.97 8.40
CA LEU B 16 12.81 34.97 8.95
C LEU B 16 13.36 33.55 9.04
N TYR B 17 12.53 32.59 9.45
CA TYR B 17 12.98 31.20 9.53
C TYR B 17 13.33 30.66 8.15
N ARG B 18 12.51 30.97 7.14
CA ARG B 18 12.81 30.56 5.78
C ARG B 18 14.12 31.16 5.30
N GLY B 19 14.35 32.44 5.60
CA GLY B 19 15.58 33.08 5.18
C GLY B 19 16.81 32.49 5.86
N LEU B 20 16.71 32.20 7.15
CA LEU B 20 17.87 31.73 7.90
C LEU B 20 18.17 30.26 7.62
N SER B 21 17.14 29.44 7.43
CA SER B 21 17.35 28.02 7.18
C SER B 21 17.91 27.73 5.78
N ARG B 22 17.98 28.73 4.91
CA ARG B 22 18.47 28.52 3.56
C ARG B 22 19.96 28.22 3.51
N GLN B 23 20.70 28.55 4.56
CA GLN B 23 22.14 28.35 4.54
C GLN B 23 22.47 26.85 4.64
N PRO B 24 23.38 26.35 3.82
CA PRO B 24 23.73 24.93 3.87
C PRO B 24 24.83 24.65 4.89
N ALA B 25 25.12 23.37 5.07
CA ALA B 25 26.14 22.91 5.99
C ALA B 25 27.06 21.92 5.29
N LEU B 26 28.31 21.88 5.72
CA LEU B 26 29.33 21.03 5.13
C LEU B 26 29.47 19.75 5.96
N SER B 27 29.46 18.60 5.30
CA SER B 27 29.50 17.32 6.00
C SER B 27 30.80 16.56 5.83
N ALA B 28 31.36 16.50 4.62
CA ALA B 28 32.58 15.73 4.39
C ALA B 28 33.29 16.27 3.17
N ALA B 29 34.56 15.89 3.04
CA ALA B 29 35.37 16.28 1.90
C ALA B 29 36.47 15.25 1.67
N CYS B 30 36.98 15.21 0.44
CA CYS B 30 38.04 14.30 0.07
C CYS B 30 38.85 14.91 -1.06
N LEU B 31 40.07 14.40 -1.24
CA LEU B 31 41.00 14.92 -2.23
C LEU B 31 41.26 13.88 -3.31
N GLY B 32 41.35 14.35 -4.56
CA GLY B 32 41.63 13.48 -5.68
C GLY B 32 43.11 13.33 -5.95
N PRO B 33 43.45 12.58 -6.99
CA PRO B 33 44.86 12.36 -7.32
C PRO B 33 45.48 13.58 -7.97
N GLU B 34 46.81 13.59 -7.98
CA GLU B 34 47.56 14.70 -8.56
C GLU B 34 47.72 14.50 -10.06
N VAL B 35 47.56 15.59 -10.81
CA VAL B 35 47.64 15.57 -12.27
C VAL B 35 48.67 16.60 -12.71
N THR B 36 49.56 16.19 -13.61
CA THR B 36 50.60 17.05 -14.16
C THR B 36 50.26 17.37 -15.61
N THR B 37 50.24 18.65 -15.95
CA THR B 37 49.91 19.10 -17.29
C THR B 37 51.15 19.15 -18.17
N GLN B 38 50.92 19.28 -19.48
CA GLN B 38 52.03 19.38 -20.42
C GLN B 38 52.81 20.68 -20.24
N TYR B 39 52.13 21.77 -19.87
CA TYR B 39 52.83 23.02 -19.64
C TYR B 39 53.78 22.93 -18.46
N GLY B 40 53.36 22.24 -17.40
CA GLY B 40 54.20 22.06 -16.23
C GLY B 40 53.46 22.26 -14.92
N GLY B 41 52.28 22.86 -14.98
CA GLY B 41 51.51 23.08 -13.77
C GLY B 41 50.91 21.80 -13.21
N ARG B 42 50.63 21.84 -11.91
CA ARG B 42 50.05 20.71 -11.20
C ARG B 42 48.81 21.16 -10.45
N TYR B 43 47.77 20.33 -10.48
CA TYR B 43 46.49 20.66 -9.87
C TYR B 43 45.84 19.38 -9.36
N ARG B 44 44.82 19.57 -8.53
CA ARG B 44 44.03 18.44 -8.04
C ARG B 44 42.63 18.91 -7.67
N THR B 45 41.71 17.96 -7.60
CA THR B 45 40.30 18.24 -7.39
C THR B 45 39.90 17.90 -5.95
N VAL B 46 38.89 18.61 -5.46
CA VAL B 46 38.34 18.41 -4.12
C VAL B 46 36.85 18.18 -4.27
N HIS B 47 36.35 17.11 -3.63
CA HIS B 47 34.94 16.78 -3.64
C HIS B 47 34.36 17.07 -2.26
N THR B 48 33.28 17.84 -2.21
CA THR B 48 32.66 18.25 -0.95
C THR B 48 31.18 17.87 -0.97
N GLU B 49 30.68 17.53 0.21
CA GLU B 49 29.28 17.14 0.39
C GLU B 49 28.61 18.15 1.32
N TRP B 50 27.46 18.66 0.88
CA TRP B 50 26.70 19.62 1.66
C TRP B 50 25.29 19.09 1.91
N THR B 51 24.69 19.57 2.99
CA THR B 51 23.33 19.22 3.36
C THR B 51 22.56 20.51 3.64
N GLN B 52 21.25 20.47 3.35
CA GLN B 52 20.42 21.65 3.49
C GLN B 52 18.98 21.25 3.78
N ARG B 53 18.32 22.02 4.65
CA ARG B 53 16.92 21.81 4.92
C ARG B 53 16.06 22.27 3.76
N ASP B 54 14.93 21.60 3.55
CA ASP B 54 13.97 21.97 2.52
C ASP B 54 12.59 21.89 3.12
N LEU B 55 11.92 23.04 3.22
CA LEU B 55 10.61 23.12 3.85
C LEU B 55 9.46 22.82 2.89
N GLU B 56 9.71 22.89 1.58
CA GLU B 56 8.66 22.53 0.62
C GLU B 56 8.39 21.04 0.65
N ARG B 57 9.46 20.23 0.60
CA ARG B 57 9.33 18.79 0.74
C ARG B 57 9.54 18.31 2.18
N MET B 58 9.94 19.20 3.08
CA MET B 58 10.18 18.86 4.49
C MET B 58 11.19 17.71 4.61
N GLU B 59 12.40 17.95 4.11
CA GLU B 59 13.42 16.91 4.11
C GLU B 59 14.79 17.55 4.12
N ASN B 60 15.78 16.76 4.57
CA ASN B 60 17.17 17.18 4.56
C ASN B 60 17.82 16.66 3.28
N ILE B 61 18.07 17.54 2.33
CA ILE B 61 18.63 17.16 1.04
C ILE B 61 20.15 17.21 1.14
N ARG B 62 20.81 16.33 0.38
CA ARG B 62 22.26 16.26 0.33
C ARG B 62 22.70 16.38 -1.12
N PHE B 63 23.73 17.20 -1.35
CA PHE B 63 24.28 17.36 -2.69
C PHE B 63 25.79 17.41 -2.61
N CYS B 64 26.43 17.35 -3.77
CA CYS B 64 27.88 17.30 -3.87
C CYS B 64 28.37 18.36 -4.85
N ARG B 65 29.57 18.87 -4.60
CA ARG B 65 30.16 19.88 -5.44
C ARG B 65 31.66 19.62 -5.54
N GLN B 66 32.28 20.11 -6.62
CA GLN B 66 33.68 19.86 -6.88
C GLN B 66 34.42 21.15 -7.16
N TYR B 67 35.61 21.27 -6.58
CA TYR B 67 36.47 22.43 -6.75
C TYR B 67 37.84 21.97 -7.25
N LEU B 68 38.63 22.91 -7.72
CA LEU B 68 39.91 22.61 -8.34
C LEU B 68 40.98 23.56 -7.80
N VAL B 69 42.15 23.01 -7.49
CA VAL B 69 43.24 23.78 -6.89
C VAL B 69 44.50 23.54 -7.71
N PHE B 70 45.10 24.63 -8.19
CA PHE B 70 46.40 24.62 -8.85
C PHE B 70 47.46 25.01 -7.83
N HIS B 71 48.46 24.14 -7.64
CA HIS B 71 49.50 24.37 -6.64
C HIS B 71 50.87 24.19 -7.28
N ASP B 72 51.89 24.70 -6.58
CA ASP B 72 53.27 24.61 -7.03
C ASP B 72 54.13 23.72 -6.14
N GLY B 73 53.51 22.91 -5.29
CA GLY B 73 54.25 22.01 -4.42
C GLY B 73 54.19 22.41 -2.96
N ASP B 74 54.29 23.71 -2.69
CA ASP B 74 54.22 24.21 -1.32
C ASP B 74 53.35 25.45 -1.17
N SER B 75 52.71 25.92 -2.24
CA SER B 75 51.85 27.09 -2.17
C SER B 75 50.69 26.90 -3.14
N VAL B 76 49.56 27.52 -2.82
CA VAL B 76 48.36 27.42 -3.64
C VAL B 76 48.39 28.55 -4.66
N VAL B 77 48.65 28.21 -5.91
CA VAL B 77 48.71 29.21 -6.96
C VAL B 77 47.31 29.73 -7.28
N PHE B 78 46.34 28.83 -7.40
CA PHE B 78 45.01 29.23 -7.83
C PHE B 78 43.97 28.24 -7.28
N ALA B 79 42.73 28.70 -7.19
CA ALA B 79 41.64 27.85 -6.72
C ALA B 79 40.34 28.35 -7.35
N GLY B 80 39.46 27.40 -7.70
CA GLY B 80 38.20 27.75 -8.32
C GLY B 80 37.17 26.64 -8.28
N PRO B 81 35.97 26.91 -8.79
CA PRO B 81 34.94 25.88 -8.90
C PRO B 81 35.05 25.11 -10.21
N ALA B 82 34.39 23.96 -10.24
CA ALA B 82 34.45 23.07 -11.39
C ALA B 82 33.09 22.48 -11.71
N GLY B 83 32.05 23.30 -11.71
CA GLY B 83 30.74 22.86 -12.14
C GLY B 83 29.67 23.31 -11.17
N ASN B 84 28.50 22.70 -11.31
CA ASN B 84 27.34 23.01 -10.48
C ASN B 84 27.18 21.95 -9.39
N SER B 85 26.08 22.07 -8.64
CA SER B 85 25.77 21.15 -7.55
C SER B 85 24.79 20.09 -8.03
N VAL B 86 25.07 18.84 -7.65
CA VAL B 86 24.25 17.69 -8.03
C VAL B 86 23.73 17.03 -6.76
N GLU B 87 22.42 16.85 -6.69
CA GLU B 87 21.78 16.25 -5.53
C GLU B 87 21.73 14.73 -5.66
N THR B 88 22.23 14.04 -4.64
CA THR B 88 22.26 12.58 -4.62
C THR B 88 21.10 12.05 -3.78
N ARG B 89 20.92 10.73 -3.84
CA ARG B 89 19.85 10.07 -3.10
C ARG B 89 20.19 8.60 -2.91
N GLY B 90 20.17 8.14 -1.67
CA GLY B 90 20.35 6.74 -1.35
C GLY B 90 21.72 6.36 -0.84
N GLU B 91 22.70 7.26 -0.93
CA GLU B 91 24.05 6.92 -0.48
C GLU B 91 24.11 6.85 1.03
N LEU B 92 24.76 5.81 1.55
CA LEU B 92 24.99 5.64 2.98
C LEU B 92 26.46 5.78 3.35
N LEU B 93 27.33 5.00 2.71
CA LEU B 93 28.76 5.10 2.91
C LEU B 93 29.45 5.11 1.55
N SER B 94 30.58 5.81 1.48
CA SER B 94 31.36 5.89 0.26
C SER B 94 32.83 6.02 0.63
N ARG B 95 33.69 5.53 -0.26
CA ARG B 95 35.12 5.57 -0.03
C ARG B 95 35.86 5.47 -1.36
N GLU B 96 36.91 6.26 -1.50
CA GLU B 96 37.74 6.26 -2.69
C GLU B 96 38.94 5.35 -2.47
N SER B 97 39.38 4.67 -3.53
CA SER B 97 40.50 3.75 -3.43
C SER B 97 41.78 4.52 -3.12
N PRO B 98 42.77 3.84 -2.53
CA PRO B 98 44.03 4.54 -2.20
C PRO B 98 44.71 5.16 -3.41
N SER B 99 44.62 4.53 -4.59
CA SER B 99 45.18 5.09 -5.80
C SER B 99 44.27 6.15 -6.43
N GLY B 100 43.01 6.24 -6.01
CA GLY B 100 42.10 7.24 -6.53
C GLY B 100 41.45 6.91 -7.85
N THR B 101 41.57 5.67 -8.32
CA THR B 101 41.01 5.28 -9.60
C THR B 101 39.64 4.61 -9.50
N MET B 102 39.27 4.12 -8.31
CA MET B 102 38.03 3.39 -8.11
C MET B 102 37.31 3.93 -6.89
N LYS B 103 35.98 3.81 -6.87
CA LYS B 103 35.17 4.32 -5.78
C LYS B 103 34.14 3.27 -5.38
N ALA B 104 34.00 3.04 -4.07
CA ALA B 104 33.04 2.08 -3.54
C ALA B 104 31.88 2.84 -2.90
N VAL B 105 30.65 2.47 -3.25
CA VAL B 105 29.46 3.16 -2.77
C VAL B 105 28.48 2.13 -2.20
N LEU B 106 27.86 2.48 -1.07
CA LEU B 106 26.79 1.70 -0.49
C LEU B 106 25.49 2.46 -0.66
N ARG B 107 24.49 1.81 -1.24
CA ARG B 107 23.24 2.48 -1.60
C ARG B 107 22.05 1.68 -1.12
N LYS B 108 20.98 2.40 -0.79
CA LYS B 108 19.70 1.81 -0.40
C LYS B 108 18.67 2.12 -1.49
N ALA B 109 18.20 1.08 -2.17
CA ALA B 109 17.24 1.25 -3.25
C ALA B 109 16.36 0.01 -3.40
N GLU B 117 12.81 -1.97 0.09
CA GLU B 117 14.10 -1.35 -0.19
C GLU B 117 15.26 -2.27 0.18
N LYS B 118 16.10 -2.57 -0.79
CA LYS B 118 17.26 -3.44 -0.59
C LYS B 118 18.53 -2.60 -0.50
N GLN B 119 19.64 -3.27 -0.23
CA GLN B 119 20.94 -2.61 -0.11
C GLN B 119 21.88 -3.17 -1.18
N PHE B 120 22.62 -2.28 -1.83
CA PHE B 120 23.54 -2.65 -2.90
C PHE B 120 24.91 -2.04 -2.64
N LEU B 121 25.93 -2.74 -3.09
CA LEU B 121 27.31 -2.26 -3.03
C LEU B 121 27.83 -2.15 -4.45
N GLU B 122 28.23 -0.94 -4.85
CA GLU B 122 28.60 -0.65 -6.22
C GLU B 122 30.04 -0.17 -6.29
N VAL B 123 30.68 -0.47 -7.42
CA VAL B 123 32.05 -0.06 -7.70
C VAL B 123 32.04 0.78 -8.97
N TRP B 124 32.61 1.99 -8.88
CA TRP B 124 32.65 2.93 -9.98
C TRP B 124 34.10 3.15 -10.41
N GLU B 125 34.30 3.27 -11.72
CA GLU B 125 35.60 3.60 -12.28
C GLU B 125 35.39 4.36 -13.58
N LYS B 126 35.95 5.55 -13.67
CA LYS B 126 35.82 6.44 -14.84
C LYS B 126 34.34 6.73 -15.05
N ASN B 127 33.77 6.44 -16.22
CA ASN B 127 32.37 6.74 -16.51
C ASN B 127 31.50 5.49 -16.55
N ARG B 128 31.91 4.43 -15.87
CA ARG B 128 31.17 3.18 -15.86
C ARG B 128 31.07 2.64 -14.44
N LYS B 129 30.02 1.87 -14.19
CA LYS B 129 29.87 1.13 -12.94
C LYS B 129 30.33 -0.30 -13.21
N LEU B 130 31.51 -0.65 -12.68
CA LEU B 130 32.13 -1.93 -13.00
C LEU B 130 31.31 -3.09 -12.47
N LYS B 131 30.96 -3.06 -11.18
CA LYS B 131 30.27 -4.18 -10.55
C LYS B 131 29.25 -3.66 -9.54
N SER B 132 28.23 -4.47 -9.32
CA SER B 132 27.20 -4.20 -8.31
C SER B 132 26.81 -5.52 -7.65
N PHE B 133 26.68 -5.49 -6.32
CA PHE B 133 26.35 -6.67 -5.54
C PHE B 133 25.11 -6.41 -4.71
N ASN B 134 24.16 -7.33 -4.78
CA ASN B 134 22.90 -7.25 -4.03
C ASN B 134 23.10 -8.02 -2.73
N LEU B 135 23.50 -7.31 -1.68
CA LEU B 135 23.86 -7.94 -0.42
C LEU B 135 22.69 -8.68 0.22
N SER B 136 21.46 -8.30 -0.09
CA SER B 136 20.30 -8.98 0.49
C SER B 136 20.11 -10.38 -0.09
N ALA B 137 20.49 -10.57 -1.36
CA ALA B 137 20.22 -11.85 -2.03
C ALA B 137 21.13 -12.95 -1.51
N LEU B 138 22.40 -12.65 -1.25
CA LEU B 138 23.32 -13.70 -0.77
C LEU B 138 22.91 -14.24 0.59
N GLU B 139 22.29 -13.40 1.43
CA GLU B 139 21.77 -13.81 2.73
C GLU B 139 22.87 -14.40 3.61
N LYS B 140 23.93 -13.62 3.81
CA LYS B 140 25.00 -13.99 4.72
C LYS B 140 25.01 -13.17 6.01
N HIS B 141 24.28 -12.07 6.05
CA HIS B 141 24.23 -11.20 7.23
C HIS B 141 22.98 -10.35 7.14
N GLY B 142 22.83 -9.41 8.07
CA GLY B 142 21.70 -8.52 8.09
C GLY B 142 22.01 -7.17 7.47
N PRO B 143 21.29 -6.14 7.90
CA PRO B 143 21.54 -4.80 7.38
C PRO B 143 22.93 -4.30 7.73
N VAL B 144 23.48 -3.44 6.88
CA VAL B 144 24.84 -2.92 7.04
C VAL B 144 24.80 -1.72 7.98
N TYR B 145 25.75 -1.68 8.92
CA TYR B 145 25.87 -0.55 9.82
C TYR B 145 26.39 0.66 9.07
N GLU B 146 25.74 1.81 9.26
CA GLU B 146 26.10 3.04 8.57
C GLU B 146 26.36 4.20 9.52
N ASP B 147 26.40 3.96 10.83
CA ASP B 147 26.62 5.02 11.79
C ASP B 147 28.12 5.28 11.97
N ASP B 148 28.44 6.25 12.81
CA ASP B 148 29.83 6.61 13.10
C ASP B 148 30.38 5.88 14.32
N CYS B 149 29.58 5.05 14.98
CA CYS B 149 30.04 4.32 16.15
C CYS B 149 30.67 2.98 15.76
N PHE B 150 29.99 2.20 14.93
CA PHE B 150 30.52 0.92 14.45
C PHE B 150 30.77 0.89 12.96
N GLY B 151 30.08 1.71 12.17
CA GLY B 151 30.17 1.60 10.73
C GLY B 151 31.55 1.94 10.19
N CYS B 152 31.93 1.23 9.13
CA CYS B 152 33.20 1.47 8.46
C CYS B 152 33.13 0.87 7.06
N LEU B 153 34.07 1.28 6.21
CA LEU B 153 34.19 0.77 4.86
C LEU B 153 35.62 1.00 4.41
N SER B 154 36.38 -0.07 4.24
CA SER B 154 37.81 0.04 4.01
C SER B 154 38.24 -0.75 2.78
N TRP B 155 39.21 -0.17 2.06
CA TRP B 155 39.84 -0.82 0.92
C TRP B 155 41.09 -1.57 1.36
N SER B 156 41.44 -2.61 0.60
CA SER B 156 42.70 -3.30 0.84
C SER B 156 43.86 -2.52 0.23
N HIS B 157 45.08 -2.86 0.67
CA HIS B 157 46.25 -2.24 0.08
C HIS B 157 46.47 -2.68 -1.36
N SER B 158 46.07 -3.91 -1.69
CA SER B 158 46.13 -4.39 -3.07
C SER B 158 44.89 -4.00 -3.87
N GLU B 159 43.90 -3.37 -3.24
CA GLU B 159 42.67 -2.94 -3.90
C GLU B 159 41.95 -4.12 -4.56
N THR B 160 41.93 -5.26 -3.86
CA THR B 160 41.25 -6.45 -4.33
C THR B 160 40.11 -6.91 -3.44
N HIS B 161 40.03 -6.42 -2.20
CA HIS B 161 38.98 -6.80 -1.26
C HIS B 161 38.44 -5.57 -0.56
N LEU B 162 37.22 -5.68 -0.06
CA LEU B 162 36.57 -4.62 0.70
C LEU B 162 36.17 -5.16 2.06
N LEU B 163 36.27 -4.31 3.09
CA LEU B 163 35.96 -4.70 4.46
C LEU B 163 34.90 -3.77 5.03
N TYR B 164 33.87 -4.36 5.65
CA TYR B 164 32.83 -3.56 6.27
C TYR B 164 32.24 -4.32 7.46
N VAL B 165 31.22 -3.73 8.07
CA VAL B 165 30.59 -4.27 9.27
C VAL B 165 29.10 -4.39 9.01
N ALA B 166 28.53 -5.55 9.33
CA ALA B 166 27.11 -5.81 9.12
C ALA B 166 26.51 -6.39 10.40
N ASP B 167 25.24 -6.75 10.32
CA ASP B 167 24.53 -7.33 11.47
C ASP B 167 24.58 -8.85 11.40
N LYS B 168 24.72 -9.47 12.56
CA LYS B 168 24.80 -10.93 12.62
C LYS B 168 23.49 -11.56 12.19
N LYS B 169 23.59 -12.66 11.46
CA LYS B 169 22.41 -13.36 10.95
C LYS B 169 21.73 -14.13 12.07
N ARG B 170 20.40 -14.10 12.07
CA ARG B 170 19.60 -14.79 13.07
C ARG B 170 19.00 -16.07 12.49
N PRO B 171 18.90 -17.13 13.28
CA PRO B 171 18.27 -18.36 12.79
C PRO B 171 16.80 -18.14 12.45
N LYS B 172 16.34 -18.87 11.43
CA LYS B 172 14.95 -18.76 11.01
C LYS B 172 14.02 -19.36 12.06
N ALA B 173 12.82 -18.78 12.17
CA ALA B 173 11.84 -19.22 13.14
C ALA B 173 10.47 -19.30 12.48
N GLU B 174 9.59 -20.12 13.06
CA GLU B 174 8.25 -20.31 12.54
C GLU B 174 7.30 -20.59 13.71
N SER B 175 6.01 -20.52 13.42
CA SER B 175 5.00 -20.73 14.45
C SER B 175 4.73 -22.22 14.65
N PHE B 176 4.10 -22.53 15.78
CA PHE B 176 3.72 -23.91 16.06
C PHE B 176 2.64 -24.41 15.10
N PHE B 177 1.73 -23.51 14.74
CA PHE B 177 0.61 -23.88 13.85
C PHE B 177 0.86 -23.27 12.47
N GLN B 178 1.64 -23.96 11.65
CA GLN B 178 1.94 -23.47 10.28
C GLN B 178 1.58 -24.56 9.27
N THR B 179 0.91 -24.20 8.17
CA THR B 179 0.50 -25.21 7.17
C THR B 179 1.66 -25.47 6.22
N LYS B 180 2.05 -26.73 6.08
CA LYS B 180 3.17 -27.09 5.16
C LYS B 180 2.60 -27.59 3.84
N ALA B 181 3.31 -27.36 2.74
CA ALA B 181 2.85 -27.81 1.43
C ALA B 181 2.83 -29.33 1.37
N LEU B 182 1.82 -29.87 0.66
CA LEU B 182 1.67 -31.30 0.53
C LEU B 182 2.45 -31.83 -0.67
N GLN B 199 15.27 -27.56 10.51
CA GLN B 199 15.23 -26.46 9.55
C GLN B 199 14.99 -25.14 10.26
N ALA B 200 13.73 -24.88 10.60
CA ALA B 200 13.34 -23.64 11.28
C ALA B 200 12.82 -23.98 12.67
N ILE B 201 13.28 -23.22 13.67
CA ILE B 201 12.86 -23.45 15.04
C ILE B 201 11.42 -22.98 15.21
N LYS B 202 10.66 -23.70 16.02
CA LYS B 202 9.25 -23.40 16.25
C LYS B 202 9.08 -22.71 17.60
N GLY B 203 8.40 -21.57 17.60
CA GLY B 203 8.15 -20.85 18.82
C GLY B 203 9.26 -19.93 19.28
N ASP B 204 10.13 -19.49 18.38
CA ASP B 204 11.24 -18.62 18.73
C ASP B 204 11.22 -17.30 17.95
N GLN B 205 10.05 -16.92 17.43
CA GLN B 205 9.96 -15.69 16.64
C GLN B 205 9.81 -14.44 17.49
N PHE B 206 9.59 -14.57 18.80
CA PHE B 206 9.42 -13.44 19.68
C PHE B 206 10.48 -13.41 20.79
N LEU B 207 11.67 -13.90 20.49
CA LEU B 207 12.77 -13.81 21.43
C LEU B 207 13.23 -12.36 21.56
N PHE B 208 13.96 -12.08 22.63
CA PHE B 208 14.41 -10.73 22.95
C PHE B 208 15.87 -10.57 22.53
N TYR B 209 16.15 -9.57 21.71
CA TYR B 209 17.50 -9.23 21.28
C TYR B 209 17.79 -7.81 21.73
N GLU B 210 18.68 -7.67 22.70
CA GLU B 210 18.99 -6.36 23.25
C GLU B 210 19.81 -5.53 22.26
N ASP B 211 19.47 -4.25 22.15
CA ASP B 211 20.14 -3.32 21.26
C ASP B 211 21.05 -2.40 22.07
N TRP B 212 21.65 -1.42 21.39
CA TRP B 212 22.65 -0.55 21.99
C TRP B 212 22.09 0.78 22.46
N GLY B 213 20.76 0.92 22.51
CA GLY B 213 20.17 2.10 23.13
C GLY B 213 19.62 3.13 22.17
N GLU B 214 19.80 4.41 22.51
CA GLU B 214 19.23 5.49 21.73
C GLU B 214 19.87 5.56 20.34
N ASN B 215 19.03 5.80 19.33
CA ASN B 215 19.44 5.96 17.93
C ASN B 215 20.07 4.70 17.36
N MET B 216 19.98 3.57 18.05
CA MET B 216 20.55 2.31 17.60
C MET B 216 19.51 1.19 17.71
N VAL B 217 18.32 1.44 17.20
CA VAL B 217 17.24 0.47 17.26
C VAL B 217 17.59 -0.72 16.37
N SER B 218 17.38 -1.93 16.90
CA SER B 218 17.61 -3.18 16.17
C SER B 218 19.06 -3.32 15.73
N LYS B 219 19.99 -2.99 16.63
CA LYS B 219 21.42 -3.15 16.39
C LYS B 219 22.00 -3.89 17.59
N SER B 220 22.04 -5.22 17.50
CA SER B 220 22.40 -6.06 18.64
C SER B 220 23.86 -6.52 18.59
N THR B 221 24.26 -7.21 17.53
CA THR B 221 25.60 -7.78 17.46
C THR B 221 26.19 -7.62 16.07
N PRO B 222 27.17 -6.76 15.88
CA PRO B 222 27.80 -6.61 14.57
C PRO B 222 28.86 -7.67 14.30
N VAL B 223 29.13 -7.88 13.02
CA VAL B 223 30.15 -8.80 12.55
C VAL B 223 30.93 -8.15 11.42
N LEU B 224 32.15 -8.65 11.21
CA LEU B 224 33.03 -8.15 10.16
C LEU B 224 32.87 -8.97 8.90
N CYS B 225 32.67 -8.30 7.77
CA CYS B 225 32.47 -8.96 6.49
C CYS B 225 33.52 -8.50 5.49
N VAL B 226 34.03 -9.45 4.71
CA VAL B 226 35.04 -9.20 3.69
C VAL B 226 34.48 -9.66 2.36
N LEU B 227 34.53 -8.78 1.36
CA LEU B 227 34.03 -9.06 0.02
C LEU B 227 35.18 -9.07 -0.97
N ASP B 228 35.18 -10.08 -1.85
CA ASP B 228 36.15 -10.19 -2.93
C ASP B 228 35.52 -9.64 -4.20
N ILE B 229 36.15 -8.62 -4.78
CA ILE B 229 35.58 -7.94 -5.93
C ILE B 229 35.59 -8.83 -7.17
N GLU B 230 36.71 -9.54 -7.39
CA GLU B 230 36.85 -10.32 -8.61
C GLU B 230 35.84 -11.46 -8.67
N SER B 231 35.72 -12.23 -7.59
CA SER B 231 34.84 -13.39 -7.55
C SER B 231 33.42 -13.02 -7.14
N GLY B 232 33.27 -12.31 -6.03
CA GLY B 232 31.97 -11.95 -5.51
C GLY B 232 31.53 -12.70 -4.28
N ASN B 233 32.42 -13.41 -3.61
CA ASN B 233 32.07 -14.19 -2.43
C ASN B 233 32.28 -13.36 -1.17
N ILE B 234 31.32 -13.42 -0.27
CA ILE B 234 31.37 -12.69 1.00
C ILE B 234 31.72 -13.67 2.11
N SER B 235 32.68 -13.29 2.95
CA SER B 235 33.14 -14.13 4.04
C SER B 235 33.04 -13.37 5.36
N VAL B 236 32.58 -14.07 6.40
CA VAL B 236 32.49 -13.52 7.74
C VAL B 236 33.68 -14.03 8.54
N LEU B 237 34.47 -13.11 9.07
CA LEU B 237 35.69 -13.48 9.78
C LEU B 237 35.36 -14.23 11.07
N GLU B 238 36.23 -15.18 11.42
CA GLU B 238 36.10 -15.97 12.63
C GLU B 238 37.30 -15.71 13.53
N GLY B 239 37.07 -15.85 14.85
CA GLY B 239 38.09 -15.59 15.84
C GLY B 239 37.78 -14.43 16.76
N VAL B 240 36.75 -13.66 16.46
CA VAL B 240 36.35 -12.56 17.35
C VAL B 240 35.84 -13.13 18.66
N PRO B 241 36.20 -12.56 19.82
CA PRO B 241 35.67 -13.07 21.09
C PRO B 241 34.15 -13.02 21.12
N GLU B 242 33.55 -14.03 21.76
CA GLU B 242 32.11 -14.18 21.77
C GLU B 242 31.39 -13.14 22.61
N SER B 243 32.12 -12.36 23.41
CA SER B 243 31.52 -11.39 24.31
C SER B 243 31.83 -9.95 23.93
N VAL B 244 32.26 -9.70 22.69
CA VAL B 244 32.59 -8.36 22.25
C VAL B 244 31.89 -8.06 20.93
N SER B 245 31.69 -6.78 20.68
CA SER B 245 31.15 -6.27 19.43
C SER B 245 32.26 -5.55 18.67
N PRO B 246 32.59 -5.96 17.46
CA PRO B 246 33.68 -5.33 16.72
C PRO B 246 33.22 -4.12 15.92
N GLY B 247 34.18 -3.22 15.70
CA GLY B 247 33.90 -2.03 14.90
C GLY B 247 35.18 -1.30 14.55
N GLN B 248 35.02 -0.28 13.70
CA GLN B 248 36.10 0.62 13.30
C GLN B 248 37.35 -0.16 12.89
N ALA B 249 37.19 -0.97 11.85
CA ALA B 249 38.22 -1.89 11.41
C ALA B 249 38.95 -1.35 10.18
N PHE B 250 40.21 -1.75 10.05
CA PHE B 250 41.02 -1.42 8.89
C PHE B 250 42.03 -2.53 8.67
N TRP B 251 42.54 -2.61 7.45
CA TRP B 251 43.45 -3.70 7.08
C TRP B 251 44.82 -3.50 7.75
N ALA B 252 45.41 -4.61 8.17
CA ALA B 252 46.72 -4.61 8.78
C ALA B 252 47.80 -4.39 7.72
N PRO B 253 48.99 -3.94 8.13
CA PRO B 253 50.09 -3.80 7.16
C PRO B 253 50.40 -5.12 6.47
N GLY B 254 50.53 -5.07 5.16
CA GLY B 254 50.76 -6.25 4.36
C GLY B 254 49.54 -7.07 4.03
N ASP B 255 48.35 -6.59 4.39
CA ASP B 255 47.09 -7.29 4.15
C ASP B 255 47.11 -8.69 4.77
N THR B 256 47.70 -8.80 5.95
CA THR B 256 47.77 -10.09 6.65
C THR B 256 46.58 -10.31 7.56
N GLY B 257 45.99 -9.26 8.09
CA GLY B 257 44.85 -9.40 8.98
C GLY B 257 44.03 -8.14 9.06
N VAL B 258 43.24 -8.05 10.12
CA VAL B 258 42.33 -6.93 10.35
C VAL B 258 42.48 -6.47 11.79
N VAL B 259 42.60 -5.16 11.98
CA VAL B 259 42.67 -4.54 13.30
C VAL B 259 41.36 -3.81 13.55
N PHE B 260 40.76 -4.06 14.71
CA PHE B 260 39.44 -3.51 15.03
C PHE B 260 39.39 -3.17 16.51
N VAL B 261 38.26 -2.57 16.92
CA VAL B 261 38.01 -2.21 18.30
C VAL B 261 36.81 -3.02 18.78
N GLY B 262 36.96 -3.70 19.92
CA GLY B 262 35.92 -4.53 20.47
C GLY B 262 35.34 -3.91 21.73
N TRP B 263 34.02 -3.77 21.75
CA TRP B 263 33.29 -3.22 22.88
C TRP B 263 32.64 -4.35 23.67
N TRP B 264 32.85 -4.34 24.99
CA TRP B 264 32.29 -5.38 25.85
C TRP B 264 30.80 -5.17 26.04
N HIS B 265 30.02 -6.24 25.88
CA HIS B 265 28.58 -6.18 26.03
C HIS B 265 28.09 -7.25 27.00
N GLU B 266 28.81 -7.41 28.11
CA GLU B 266 28.40 -8.33 29.17
C GLU B 266 28.46 -7.62 30.51
N PRO B 267 27.48 -7.85 31.40
CA PRO B 267 26.33 -8.75 31.25
C PRO B 267 25.21 -8.16 30.40
N PHE B 268 25.20 -6.84 30.19
CA PHE B 268 24.22 -6.22 29.32
C PHE B 268 24.79 -4.94 28.74
N ARG B 269 24.18 -4.48 27.64
CA ARG B 269 24.67 -3.33 26.91
C ARG B 269 24.19 -2.03 27.54
N LEU B 270 25.09 -1.05 27.60
CA LEU B 270 24.77 0.30 28.05
C LEU B 270 24.71 1.23 26.84
N GLY B 271 24.23 2.45 27.09
CA GLY B 271 24.11 3.42 26.00
C GLY B 271 25.48 3.75 25.42
N ILE B 272 25.49 3.96 24.10
CA ILE B 272 26.73 4.25 23.39
C ILE B 272 26.75 5.65 22.79
N ARG B 273 25.61 6.33 22.66
CA ARG B 273 25.63 7.67 22.01
C ARG B 273 26.21 8.73 22.97
N PHE B 274 27.12 9.55 22.48
CA PHE B 274 27.72 10.70 23.24
C PHE B 274 28.33 10.23 24.58
N CYS B 275 28.64 8.93 24.70
CA CYS B 275 29.29 8.34 25.87
C CYS B 275 30.60 7.72 25.42
N THR B 276 31.70 8.14 26.04
CA THR B 276 33.03 7.62 25.73
C THR B 276 33.63 6.84 26.90
N ASN B 277 32.80 6.40 27.84
CA ASN B 277 33.26 5.68 29.03
C ASN B 277 32.80 4.23 29.01
N ARG B 278 32.80 3.62 27.82
CA ARG B 278 32.40 2.23 27.65
C ARG B 278 33.63 1.36 27.48
N ARG B 279 33.71 0.28 28.24
CA ARG B 279 34.88 -0.58 28.23
C ARG B 279 35.09 -1.19 26.83
N SER B 280 36.31 -1.09 26.34
CA SER B 280 36.63 -1.55 24.99
C SER B 280 38.13 -1.81 24.89
N ALA B 281 38.52 -2.48 23.82
CA ALA B 281 39.91 -2.84 23.62
C ALA B 281 40.22 -2.88 22.12
N LEU B 282 41.51 -3.01 21.81
CA LEU B 282 42.00 -3.05 20.44
C LEU B 282 42.49 -4.45 20.12
N TYR B 283 41.98 -5.04 19.04
CA TYR B 283 42.30 -6.41 18.68
C TYR B 283 42.81 -6.48 17.25
N TYR B 284 43.56 -7.54 16.97
CA TYR B 284 44.03 -7.87 15.63
C TYR B 284 43.79 -9.34 15.39
N VAL B 285 43.22 -9.68 14.23
CA VAL B 285 42.86 -11.06 13.91
C VAL B 285 43.29 -11.37 12.48
N ASP B 286 43.84 -12.57 12.29
CA ASP B 286 44.30 -12.99 10.98
C ASP B 286 43.12 -13.31 10.06
N LEU B 287 43.37 -13.26 8.76
CA LEU B 287 42.33 -13.56 7.78
C LEU B 287 41.88 -15.02 7.89
N THR B 288 42.85 -15.94 7.97
CA THR B 288 42.53 -17.34 8.18
C THR B 288 42.05 -17.56 9.60
N GLY B 289 41.37 -18.70 9.81
CA GLY B 289 40.87 -19.04 11.12
C GLY B 289 42.01 -19.03 12.12
N GLY B 290 41.91 -18.19 13.15
CA GLY B 290 42.96 -18.05 14.13
C GLY B 290 42.44 -17.31 15.34
N LYS B 291 43.30 -17.19 16.35
CA LYS B 291 42.95 -16.56 17.60
C LYS B 291 43.30 -15.08 17.58
N CYS B 292 42.44 -14.27 18.20
CA CYS B 292 42.67 -12.84 18.27
C CYS B 292 43.85 -12.51 19.16
N GLU B 293 44.49 -11.37 18.89
CA GLU B 293 45.63 -10.90 19.66
C GLU B 293 45.30 -9.53 20.25
N LEU B 294 45.64 -9.35 21.53
CA LEU B 294 45.36 -8.10 22.23
C LEU B 294 46.52 -7.13 22.05
N LEU B 295 46.19 -5.87 21.79
CA LEU B 295 47.18 -4.84 21.55
C LEU B 295 47.15 -3.69 22.54
N SER B 296 46.20 -3.69 23.49
CA SER B 296 46.07 -2.61 24.44
C SER B 296 45.70 -3.22 25.80
N ASP B 297 45.29 -2.36 26.73
CA ASP B 297 44.88 -2.77 28.06
C ASP B 297 43.38 -2.95 28.11
N GLU B 298 42.93 -4.10 28.61
CA GLU B 298 41.51 -4.43 28.65
C GLU B 298 40.87 -3.99 29.97
N SER B 299 41.08 -2.73 30.33
CA SER B 299 40.49 -2.16 31.53
C SER B 299 39.89 -0.77 31.35
N VAL B 300 40.14 -0.10 30.22
CA VAL B 300 39.68 1.27 30.00
C VAL B 300 39.05 1.37 28.63
N ALA B 301 38.65 2.57 28.23
CA ALA B 301 38.03 2.81 26.94
C ALA B 301 39.08 3.32 25.94
N VAL B 302 39.10 2.73 24.75
CA VAL B 302 39.96 3.18 23.66
C VAL B 302 39.11 3.34 22.42
N THR B 303 39.57 4.19 21.51
CA THR B 303 38.81 4.48 20.30
C THR B 303 39.70 5.13 19.25
N SER B 304 39.16 5.20 18.03
CA SER B 304 39.69 5.96 16.90
C SER B 304 41.13 5.59 16.57
N PRO B 305 41.41 4.39 16.05
CA PRO B 305 42.77 4.08 15.61
C PRO B 305 43.00 4.45 14.15
N ARG B 306 44.17 5.01 13.88
CA ARG B 306 44.56 5.41 12.53
C ARG B 306 45.97 4.90 12.24
N LEU B 307 46.18 4.48 11.00
CA LEU B 307 47.45 3.90 10.57
C LEU B 307 48.27 4.93 9.80
N SER B 308 49.58 4.93 10.04
CA SER B 308 50.46 5.88 9.39
C SER B 308 50.60 5.58 7.90
N PRO B 309 50.95 6.59 7.10
CA PRO B 309 51.11 6.36 5.66
C PRO B 309 52.16 5.32 5.31
N ASP B 310 53.23 5.23 6.11
CA ASP B 310 54.29 4.27 5.86
C ASP B 310 53.99 2.89 6.47
N GLN B 311 52.85 2.73 7.12
CA GLN B 311 52.41 1.46 7.68
C GLN B 311 53.42 0.93 8.70
N CYS B 312 53.70 1.78 9.69
CA CYS B 312 54.66 1.44 10.73
C CYS B 312 54.17 1.70 12.16
N ARG B 313 53.20 2.57 12.36
CA ARG B 313 52.74 2.89 13.70
C ARG B 313 51.26 3.24 13.67
N ILE B 314 50.62 3.12 14.83
CA ILE B 314 49.19 3.40 14.99
C ILE B 314 49.03 4.41 16.12
N VAL B 315 47.99 5.23 16.03
CA VAL B 315 47.68 6.22 17.05
C VAL B 315 46.20 6.09 17.40
N TYR B 316 45.88 6.25 18.69
CA TYR B 316 44.49 6.13 19.13
C TYR B 316 44.26 6.97 20.37
N LEU B 317 43.00 7.03 20.80
CA LEU B 317 42.58 7.81 21.96
C LEU B 317 42.20 6.88 23.08
N ARG B 318 42.70 7.17 24.29
CA ARG B 318 42.43 6.37 25.47
C ARG B 318 41.88 7.24 26.59
N PHE B 319 40.90 6.71 27.31
CA PHE B 319 40.30 7.43 28.43
C PHE B 319 40.56 6.68 29.72
N PRO B 320 41.12 7.34 30.74
CA PRO B 320 41.63 6.60 31.90
C PRO B 320 40.55 6.04 32.81
N SER B 321 39.39 6.67 32.90
CA SER B 321 38.35 6.24 33.83
C SER B 321 37.05 5.96 33.08
N LEU B 322 36.06 5.47 33.83
CA LEU B 322 34.75 5.14 33.27
C LEU B 322 33.61 5.86 33.97
N VAL B 323 33.90 6.75 34.93
CA VAL B 323 32.86 7.41 35.72
C VAL B 323 32.16 8.49 34.89
N PRO B 324 32.85 9.48 34.34
CA PRO B 324 32.15 10.50 33.57
C PRO B 324 31.94 10.08 32.12
N HIS B 325 30.81 10.52 31.55
CA HIS B 325 30.47 10.13 30.19
C HIS B 325 31.33 10.84 29.15
N GLN B 326 31.88 12.02 29.49
CA GLN B 326 32.82 12.71 28.63
C GLN B 326 33.88 13.37 29.50
N GLN B 327 35.13 13.26 29.06
CA GLN B 327 36.26 13.74 29.86
C GLN B 327 37.45 13.98 28.95
N CYS B 328 38.49 14.57 29.52
CA CYS B 328 39.74 14.77 28.78
C CYS B 328 40.41 13.42 28.54
N GLY B 329 40.97 13.25 27.35
CA GLY B 329 41.56 12.00 26.93
C GLY B 329 43.06 12.07 26.73
N GLN B 330 43.62 10.90 26.41
CA GLN B 330 45.04 10.74 26.14
C GLN B 330 45.23 10.29 24.70
N LEU B 331 46.28 10.80 24.05
CA LEU B 331 46.66 10.38 22.71
C LEU B 331 47.85 9.43 22.83
N CYS B 332 47.66 8.18 22.41
CA CYS B 332 48.63 7.12 22.60
C CYS B 332 49.08 6.56 21.27
N LEU B 333 50.33 6.08 21.24
CA LEU B 333 50.98 5.56 20.05
C LEU B 333 51.43 4.12 20.29
N TYR B 334 51.33 3.30 19.24
CA TYR B 334 51.73 1.90 19.28
C TYR B 334 52.60 1.60 18.07
N ASP B 335 53.75 0.97 18.30
CA ASP B 335 54.66 0.62 17.22
C ASP B 335 54.39 -0.81 16.76
N TRP B 336 54.22 -0.99 15.45
CA TRP B 336 53.79 -2.28 14.93
C TRP B 336 54.88 -3.34 15.04
N TYR B 337 56.15 -2.96 14.86
CA TYR B 337 57.22 -3.93 14.80
C TYR B 337 57.93 -4.14 16.14
N THR B 338 58.20 -3.06 16.88
CA THR B 338 58.81 -3.20 18.20
C THR B 338 57.80 -3.53 19.28
N ARG B 339 56.50 -3.38 19.00
CA ARG B 339 55.43 -3.70 19.95
C ARG B 339 55.62 -2.95 21.27
N VAL B 340 55.77 -1.63 21.17
CA VAL B 340 55.98 -0.76 22.32
C VAL B 340 54.90 0.31 22.31
N THR B 341 54.25 0.51 23.45
CA THR B 341 53.19 1.50 23.60
C THR B 341 53.69 2.65 24.45
N SER B 342 53.46 3.87 23.98
CA SER B 342 53.86 5.07 24.70
C SER B 342 52.71 6.09 24.66
N VAL B 343 52.72 6.98 25.64
CA VAL B 343 51.69 8.02 25.76
C VAL B 343 52.26 9.29 25.13
N VAL B 344 51.65 9.72 24.02
CA VAL B 344 52.11 10.93 23.34
C VAL B 344 51.60 12.17 24.05
N VAL B 345 50.29 12.26 24.25
CA VAL B 345 49.66 13.41 24.90
C VAL B 345 48.90 12.93 26.11
N ASP B 346 49.17 13.54 27.27
CA ASP B 346 48.63 13.12 28.55
C ASP B 346 47.50 14.05 28.99
N ILE B 347 47.01 13.81 30.21
CA ILE B 347 45.88 14.57 30.76
C ILE B 347 46.37 15.93 31.24
N VAL B 348 45.61 16.97 30.92
CA VAL B 348 45.90 18.33 31.35
C VAL B 348 44.94 18.67 32.49
N PRO B 349 45.42 18.84 33.73
CA PRO B 349 44.51 19.15 34.85
C PRO B 349 43.72 20.43 34.66
N ARG B 350 44.40 21.56 34.50
CA ARG B 350 43.75 22.85 34.31
C ARG B 350 44.12 23.52 33.01
N GLN B 351 45.41 23.69 32.74
CA GLN B 351 45.85 24.40 31.54
C GLN B 351 47.31 24.08 31.26
N LEU B 352 47.62 23.87 29.99
CA LEU B 352 48.98 23.61 29.52
C LEU B 352 49.37 24.76 28.60
N GLY B 353 49.90 25.83 29.18
CA GLY B 353 50.22 27.01 28.41
C GLY B 353 49.08 28.00 28.38
N GLU B 354 48.85 28.62 27.22
CA GLU B 354 47.75 29.56 27.05
C GLU B 354 46.84 29.22 25.88
N ASP B 355 47.07 28.09 25.21
CA ASP B 355 46.27 27.71 24.05
C ASP B 355 45.78 26.27 24.06
N PHE B 356 46.23 25.45 25.01
CA PHE B 356 45.85 24.04 25.07
C PHE B 356 45.22 23.75 26.44
N SER B 357 44.17 22.92 26.42
CA SER B 357 43.51 22.53 27.66
C SER B 357 43.16 21.05 27.68
N GLY B 358 43.56 20.28 26.70
CA GLY B 358 43.28 18.86 26.64
C GLY B 358 42.58 18.46 25.35
N ILE B 359 42.43 17.15 25.19
CA ILE B 359 41.79 16.56 24.02
C ILE B 359 40.39 16.12 24.41
N TYR B 360 39.38 16.72 23.78
CA TYR B 360 37.99 16.42 24.08
C TYR B 360 37.20 15.90 22.90
N CYS B 361 37.77 15.88 21.70
CA CYS B 361 37.08 15.30 20.55
C CYS B 361 37.00 13.79 20.70
N SER B 362 35.86 13.22 20.31
CA SER B 362 35.64 11.79 20.42
C SER B 362 36.07 11.02 19.18
N LEU B 363 36.45 11.70 18.10
CA LEU B 363 36.86 11.04 16.87
C LEU B 363 37.93 11.86 16.19
N LEU B 364 38.99 11.17 15.74
CA LEU B 364 40.00 11.80 14.91
C LEU B 364 39.55 11.80 13.46
N PRO B 365 40.08 12.71 12.64
CA PRO B 365 39.75 12.69 11.21
C PRO B 365 40.20 11.40 10.56
N LEU B 366 39.52 11.04 9.47
CA LEU B 366 39.89 9.81 8.75
C LEU B 366 41.32 9.87 8.25
N GLY B 367 41.73 11.03 7.74
CA GLY B 367 43.12 11.29 7.44
C GLY B 367 43.68 12.33 8.39
N CYS B 368 44.67 11.95 9.20
CA CYS B 368 45.23 12.84 10.21
C CYS B 368 46.75 12.90 10.21
N TRP B 369 47.43 12.02 9.49
CA TRP B 369 48.89 12.00 9.47
C TRP B 369 49.43 12.96 8.43
N SER B 370 50.64 13.47 8.69
CA SER B 370 51.36 14.26 7.72
C SER B 370 52.09 13.34 6.74
N ALA B 371 52.71 13.93 5.73
CA ALA B 371 53.39 13.15 4.71
C ALA B 371 54.58 12.37 5.27
N ASP B 372 55.26 12.92 6.27
CA ASP B 372 56.45 12.31 6.85
C ASP B 372 56.14 11.30 7.94
N SER B 373 54.85 11.08 8.26
CA SER B 373 54.45 10.16 9.31
C SER B 373 55.08 10.52 10.65
N GLN B 374 55.11 11.80 10.96
CA GLN B 374 55.68 12.30 12.21
C GLN B 374 54.74 13.16 13.02
N ARG B 375 53.81 13.87 12.39
CA ARG B 375 52.93 14.80 13.07
C ARG B 375 51.48 14.41 12.84
N VAL B 376 50.64 14.73 13.82
CA VAL B 376 49.20 14.43 13.78
C VAL B 376 48.44 15.73 13.97
N VAL B 377 47.45 15.97 13.13
CA VAL B 377 46.64 17.19 13.17
C VAL B 377 45.22 16.83 13.55
N PHE B 378 44.65 17.60 14.49
CA PHE B 378 43.27 17.37 14.91
C PHE B 378 42.67 18.71 15.31
N ASP B 379 41.43 18.66 15.78
CA ASP B 379 40.73 19.84 16.29
C ASP B 379 40.12 19.53 17.65
N SER B 380 40.05 20.55 18.49
CA SER B 380 39.62 20.35 19.86
C SER B 380 39.02 21.65 20.40
N PRO B 381 38.08 21.56 21.34
CA PRO B 381 37.61 22.76 22.02
C PRO B 381 38.68 23.37 22.91
N GLN B 382 38.58 24.68 23.10
CA GLN B 382 39.51 25.42 23.94
C GLN B 382 38.72 26.59 24.52
N ARG B 383 38.46 26.54 25.83
CA ARG B 383 37.57 27.50 26.48
C ARG B 383 36.30 27.51 25.63
N SER B 384 35.92 28.68 25.13
CA SER B 384 34.71 28.83 24.34
C SER B 384 34.86 28.83 22.83
N ARG B 385 36.00 28.40 22.31
CA ARG B 385 36.23 28.33 20.87
C ARG B 385 36.65 26.91 20.50
N GLN B 386 36.86 26.68 19.20
CA GLN B 386 37.34 25.40 18.70
C GLN B 386 38.56 25.66 17.82
N ASP B 387 39.66 24.98 18.11
CA ASP B 387 40.93 25.27 17.46
C ASP B 387 41.51 24.02 16.82
N LEU B 388 42.50 24.24 15.96
CA LEU B 388 43.23 23.17 15.29
C LEU B 388 44.61 23.04 15.92
N PHE B 389 45.02 21.82 16.22
CA PHE B 389 46.29 21.55 16.88
C PHE B 389 47.09 20.54 16.08
N ALA B 390 48.42 20.68 16.14
CA ALA B 390 49.35 19.74 15.54
C ALA B 390 50.32 19.26 16.61
N VAL B 391 50.49 17.94 16.70
CA VAL B 391 51.32 17.33 17.72
C VAL B 391 52.39 16.48 17.04
N ASP B 392 53.64 16.65 17.47
CA ASP B 392 54.75 15.86 16.97
C ASP B 392 54.90 14.62 17.84
N THR B 393 54.74 13.44 17.24
CA THR B 393 54.77 12.20 18.01
C THR B 393 56.16 11.85 18.51
N GLN B 394 57.22 12.35 17.85
CA GLN B 394 58.57 12.02 18.28
C GLN B 394 58.89 12.67 19.63
N MET B 395 58.61 13.97 19.76
CA MET B 395 58.91 14.69 20.99
C MET B 395 57.71 14.73 21.93
N GLY B 396 56.59 15.28 21.46
CA GLY B 396 55.39 15.35 22.27
C GLY B 396 54.89 16.77 22.50
N SER B 397 55.30 17.70 21.64
CA SER B 397 54.87 19.08 21.74
C SER B 397 53.58 19.31 20.96
N VAL B 398 52.80 20.29 21.42
CA VAL B 398 51.52 20.64 20.81
C VAL B 398 51.59 22.09 20.35
N THR B 399 51.21 22.34 19.11
CA THR B 399 51.23 23.67 18.53
C THR B 399 49.84 24.03 18.01
N SER B 400 49.36 25.22 18.37
CA SER B 400 48.06 25.70 17.94
C SER B 400 48.20 26.41 16.60
N LEU B 401 47.41 25.99 15.61
CA LEU B 401 47.47 26.55 14.27
C LEU B 401 46.61 27.78 14.09
N THR B 402 45.62 27.99 14.96
CA THR B 402 44.69 29.10 14.83
C THR B 402 44.63 29.90 16.13
N ALA B 403 45.78 30.09 16.77
CA ALA B 403 45.83 30.85 18.00
C ALA B 403 45.59 32.33 17.75
N GLY B 404 45.11 33.02 18.78
CA GLY B 404 44.86 34.43 18.70
C GLY B 404 43.54 34.75 18.00
N GLY B 405 43.35 36.03 17.72
CA GLY B 405 42.15 36.51 17.07
C GLY B 405 41.01 36.71 18.03
N SER B 406 39.88 37.16 17.47
CA SER B 406 38.68 37.40 18.29
C SER B 406 38.00 36.10 18.69
N GLY B 407 38.02 35.11 17.82
CA GLY B 407 37.39 33.83 18.11
C GLY B 407 36.93 33.18 16.83
N GLY B 408 36.21 32.07 17.00
CA GLY B 408 35.69 31.33 15.86
C GLY B 408 35.67 29.83 16.07
N SER B 409 35.21 29.09 15.07
CA SER B 409 35.11 27.64 15.14
C SER B 409 35.70 27.04 13.86
N TRP B 410 36.71 26.19 14.02
CA TRP B 410 37.37 25.51 12.92
C TRP B 410 37.09 24.01 13.01
N LYS B 411 36.93 23.39 11.83
CA LYS B 411 36.76 21.95 11.75
C LYS B 411 37.62 21.43 10.61
N LEU B 412 38.40 20.38 10.88
CA LEU B 412 39.29 19.79 9.89
C LEU B 412 38.59 18.59 9.25
N LEU B 413 38.51 18.58 7.91
CA LEU B 413 37.83 17.51 7.20
C LEU B 413 38.77 16.43 6.71
N THR B 414 39.91 16.80 6.13
CA THR B 414 40.87 15.82 5.65
C THR B 414 42.22 16.50 5.46
N ILE B 415 43.25 15.66 5.38
CA ILE B 415 44.60 16.12 5.03
C ILE B 415 45.27 15.00 4.24
N ASP B 416 45.84 15.36 3.09
CA ASP B 416 46.53 14.38 2.24
C ASP B 416 47.69 15.07 1.56
N ARG B 417 48.89 14.53 1.75
CA ARG B 417 50.12 15.12 1.22
C ARG B 417 50.27 16.57 1.67
N ASP B 418 50.02 16.82 2.96
CA ASP B 418 50.22 18.11 3.60
C ASP B 418 49.27 19.18 3.06
N LEU B 419 48.12 18.78 2.54
CA LEU B 419 47.09 19.71 2.07
C LEU B 419 45.85 19.51 2.93
N MET B 420 45.51 20.51 3.74
CA MET B 420 44.40 20.43 4.67
C MET B 420 43.18 21.16 4.13
N VAL B 421 42.00 20.59 4.39
CA VAL B 421 40.72 21.20 4.05
C VAL B 421 39.96 21.45 5.35
N VAL B 422 39.48 22.68 5.52
CA VAL B 422 38.87 23.10 6.77
C VAL B 422 37.57 23.85 6.51
N GLN B 423 36.72 23.88 7.53
CA GLN B 423 35.49 24.66 7.57
C GLN B 423 35.57 25.63 8.74
N PHE B 424 35.20 26.88 8.48
CA PHE B 424 35.29 27.95 9.47
C PHE B 424 33.94 28.62 9.63
N SER B 425 33.56 28.89 10.88
CA SER B 425 32.28 29.54 11.12
C SER B 425 32.34 30.34 12.42
N THR B 426 31.54 31.39 12.49
CA THR B 426 31.38 32.24 13.65
C THR B 426 29.90 32.42 13.93
N PRO B 427 29.54 32.89 15.14
CA PRO B 427 28.11 33.07 15.43
C PRO B 427 27.39 34.01 14.48
N SER B 428 28.10 34.90 13.80
CA SER B 428 27.49 35.81 12.85
C SER B 428 27.83 35.50 11.40
N VAL B 429 28.54 34.41 11.13
CA VAL B 429 28.92 34.05 9.77
C VAL B 429 28.60 32.58 9.52
N PRO B 430 27.86 32.25 8.47
CA PRO B 430 27.59 30.84 8.14
C PRO B 430 28.88 30.12 7.79
N PRO B 431 28.87 28.78 7.75
CA PRO B 431 30.11 28.04 7.49
C PRO B 431 30.70 28.37 6.13
N SER B 432 32.03 28.37 6.07
CA SER B 432 32.78 28.65 4.85
C SER B 432 33.88 27.61 4.72
N LEU B 433 34.31 27.38 3.47
CA LEU B 433 35.24 26.31 3.15
C LEU B 433 36.57 26.87 2.69
N LYS B 434 37.66 26.41 3.30
CA LYS B 434 39.00 26.89 3.02
C LYS B 434 39.96 25.72 2.87
N VAL B 435 41.09 25.97 2.22
CA VAL B 435 42.16 25.00 2.06
C VAL B 435 43.47 25.64 2.47
N GLY B 436 44.46 24.80 2.77
CA GLY B 436 45.76 25.31 3.18
C GLY B 436 46.83 24.25 3.09
N PHE B 437 48.07 24.68 3.24
CA PHE B 437 49.23 23.82 3.21
C PHE B 437 49.92 23.82 4.57
N LEU B 438 50.25 22.63 5.06
CA LEU B 438 50.89 22.52 6.37
C LEU B 438 52.36 22.91 6.27
N PRO B 439 52.82 23.90 7.03
CA PRO B 439 54.22 24.32 6.95
C PRO B 439 55.14 23.25 7.54
N PRO B 440 56.44 23.33 7.26
CA PRO B 440 57.38 22.35 7.84
C PRO B 440 57.43 22.45 9.35
N ALA B 441 58.12 21.49 9.95
CA ALA B 441 58.20 21.41 11.41
C ALA B 441 58.86 22.66 11.98
N GLY B 442 58.27 23.17 13.06
CA GLY B 442 58.79 24.36 13.72
C GLY B 442 58.27 25.68 13.20
N LYS B 443 57.42 25.66 12.17
CA LYS B 443 56.88 26.89 11.61
C LYS B 443 55.38 26.76 11.29
N GLU B 444 54.66 25.98 12.09
CA GLU B 444 53.25 25.74 11.83
C GLU B 444 52.37 26.95 12.10
N GLN B 445 52.92 28.01 12.71
CA GLN B 445 52.13 29.19 13.04
C GLN B 445 51.91 30.13 11.86
N ALA B 446 52.52 29.86 10.71
CA ALA B 446 52.46 30.74 9.55
C ALA B 446 51.74 30.07 8.39
N VAL B 447 50.64 29.40 8.66
CA VAL B 447 49.85 28.73 7.62
C VAL B 447 48.97 29.77 6.93
N SER B 448 48.94 29.71 5.60
CA SER B 448 48.14 30.63 4.79
C SER B 448 46.90 29.90 4.28
N TRP B 449 45.74 30.50 4.50
CA TRP B 449 44.48 29.92 4.09
C TRP B 449 43.98 30.60 2.81
N VAL B 450 43.42 29.80 1.92
CA VAL B 450 42.83 30.28 0.66
C VAL B 450 41.36 29.92 0.68
N SER B 451 40.50 30.91 0.45
CA SER B 451 39.06 30.71 0.54
C SER B 451 38.54 30.01 -0.71
N LEU B 452 37.95 28.84 -0.52
CA LEU B 452 37.27 28.15 -1.62
C LEU B 452 35.80 28.57 -1.72
N GLU B 453 35.13 28.68 -0.58
CA GLU B 453 33.74 29.14 -0.55
C GLU B 453 33.55 30.06 0.64
N GLU B 454 33.00 31.25 0.38
CA GLU B 454 32.78 32.26 1.41
C GLU B 454 31.29 32.59 1.49
N ALA B 455 30.84 32.93 2.69
CA ALA B 455 29.45 33.23 2.97
C ALA B 455 29.29 34.69 3.38
N GLU B 456 28.12 35.25 3.08
CA GLU B 456 27.85 36.63 3.42
C GLU B 456 27.55 36.76 4.91
N PRO B 457 28.24 37.63 5.64
CA PRO B 457 27.99 37.76 7.08
C PRO B 457 26.71 38.53 7.36
N PHE B 458 26.28 38.44 8.62
CA PHE B 458 25.13 39.20 9.11
C PHE B 458 25.61 40.31 10.02
N PRO B 459 25.56 41.58 9.60
CA PRO B 459 26.09 42.66 10.45
C PRO B 459 25.15 43.08 11.57
N ASP B 460 24.02 42.38 11.75
CA ASP B 460 23.02 42.77 12.77
C ASP B 460 23.23 41.99 14.06
N ILE B 461 24.30 41.20 14.15
CA ILE B 461 24.59 40.39 15.33
C ILE B 461 25.97 40.75 15.84
N SER B 462 26.07 41.00 17.15
CA SER B 462 27.36 41.26 17.79
C SER B 462 27.51 40.30 18.96
N TRP B 463 28.65 39.59 19.00
CA TRP B 463 28.87 38.56 19.99
C TRP B 463 30.16 38.82 20.73
N SER B 464 30.18 38.44 22.01
CA SER B 464 31.33 38.63 22.87
C SER B 464 31.36 37.52 23.91
N ILE B 465 32.48 37.46 24.64
CA ILE B 465 32.74 36.41 25.63
C ILE B 465 32.98 37.06 26.98
N ARG B 466 32.30 36.55 28.01
CA ARG B 466 32.45 37.04 29.37
C ARG B 466 33.03 35.94 30.24
N VAL B 467 33.94 36.32 31.14
CA VAL B 467 34.58 35.41 32.08
C VAL B 467 34.04 35.72 33.47
N LEU B 468 33.60 34.68 34.17
CA LEU B 468 32.93 34.83 35.46
C LEU B 468 33.69 34.05 36.53
N GLN B 469 33.94 34.70 37.66
CA GLN B 469 34.63 34.12 38.81
C GLN B 469 33.63 33.93 39.94
N PRO B 470 33.44 32.71 40.43
CA PRO B 470 32.42 32.47 41.44
C PRO B 470 32.77 33.17 42.75
N PRO B 471 31.77 33.53 43.55
CA PRO B 471 32.04 34.14 44.85
C PRO B 471 32.67 33.13 45.80
N PRO B 472 33.32 33.60 46.87
CA PRO B 472 33.99 32.65 47.79
C PRO B 472 33.05 31.63 48.42
N GLN B 473 31.79 31.98 48.64
CA GLN B 473 30.86 31.05 49.26
C GLN B 473 30.60 29.85 48.37
N GLN B 474 30.50 30.06 47.05
CA GLN B 474 30.21 28.99 46.10
C GLN B 474 31.49 28.35 45.57
N GLU B 475 32.36 27.90 46.48
CA GLU B 475 33.60 27.23 46.11
C GLU B 475 33.80 26.00 46.99
N HIS B 476 34.41 24.97 46.42
CA HIS B 476 34.69 23.73 47.12
C HIS B 476 36.18 23.61 47.40
N VAL B 477 36.50 22.85 48.45
CA VAL B 477 37.88 22.77 48.92
C VAL B 477 38.78 22.05 47.92
N GLN B 478 38.27 20.98 47.31
CA GLN B 478 39.11 20.16 46.44
C GLN B 478 39.60 20.94 45.23
N TYR B 479 38.74 21.73 44.60
CA TYR B 479 39.09 22.50 43.42
C TYR B 479 38.73 23.97 43.67
N ALA B 480 39.74 24.77 43.97
CA ALA B 480 39.56 26.19 44.26
C ALA B 480 40.25 27.02 43.19
N GLY B 481 39.57 28.10 42.76
CA GLY B 481 40.10 29.00 41.76
C GLY B 481 39.56 28.80 40.36
N LEU B 482 38.60 27.91 40.17
CA LEU B 482 38.01 27.70 38.86
C LEU B 482 37.10 28.86 38.49
N ASP B 483 37.04 29.14 37.18
CA ASP B 483 36.15 30.17 36.65
C ASP B 483 35.50 29.64 35.38
N PHE B 484 34.35 30.23 35.03
CA PHE B 484 33.60 29.74 33.88
C PHE B 484 33.33 30.90 32.93
N GLU B 485 32.58 30.63 31.85
CA GLU B 485 32.44 31.59 30.77
C GLU B 485 31.01 31.63 30.25
N ALA B 486 30.72 32.69 29.51
CA ALA B 486 29.43 32.86 28.85
C ALA B 486 29.65 33.56 27.51
N ILE B 487 28.74 33.31 26.58
CA ILE B 487 28.73 33.94 25.27
C ILE B 487 27.49 34.82 25.17
N LEU B 488 27.69 36.09 24.84
CA LEU B 488 26.61 37.08 24.78
C LEU B 488 26.43 37.53 23.34
N LEU B 489 25.21 37.39 22.83
CA LEU B 489 24.84 37.87 21.50
C LEU B 489 23.78 38.95 21.64
N GLN B 490 23.98 40.08 20.96
CA GLN B 490 23.05 41.19 21.05
C GLN B 490 22.91 41.83 19.67
N PRO B 491 21.80 42.53 19.43
CA PRO B 491 21.65 43.24 18.15
C PRO B 491 22.53 44.48 18.12
N SER B 492 23.33 44.60 17.07
CA SER B 492 24.21 45.74 16.91
C SER B 492 23.40 46.99 16.58
N ASN B 493 23.94 48.14 16.98
CA ASN B 493 23.32 49.45 16.74
C ASN B 493 21.92 49.52 17.34
N SER B 494 21.81 49.08 18.60
CA SER B 494 20.53 49.20 19.30
C SER B 494 20.29 50.66 19.69
N PRO B 495 19.03 51.12 19.64
CA PRO B 495 18.70 52.51 19.99
C PRO B 495 19.00 52.84 21.44
N THR B 498 16.42 52.11 25.44
CA THR B 498 17.26 51.03 24.92
C THR B 498 17.27 49.84 25.89
N GLN B 499 16.07 49.37 26.25
CA GLN B 499 15.90 48.24 27.14
C GLN B 499 15.44 47.04 26.31
N VAL B 500 16.21 45.97 26.34
CA VAL B 500 15.92 44.80 25.51
C VAL B 500 15.74 43.57 26.40
N PRO B 501 14.93 42.60 25.99
CA PRO B 501 14.79 41.36 26.76
C PRO B 501 15.99 40.44 26.56
N MET B 502 16.06 39.41 27.40
CA MET B 502 17.17 38.47 27.37
C MET B 502 16.63 37.04 27.48
N VAL B 503 17.31 36.14 26.78
CA VAL B 503 17.02 34.70 26.83
C VAL B 503 18.28 33.98 27.26
N VAL B 504 18.15 33.15 28.30
CA VAL B 504 19.29 32.47 28.92
C VAL B 504 19.24 30.99 28.54
N MET B 505 20.36 30.48 28.06
CA MET B 505 20.47 29.09 27.62
C MET B 505 21.63 28.39 28.31
N PRO B 506 21.36 27.42 29.17
CA PRO B 506 22.40 26.48 29.61
C PRO B 506 22.41 25.23 28.75
N HIS B 507 23.60 24.69 28.54
CA HIS B 507 23.75 23.52 27.69
C HIS B 507 23.40 22.25 28.46
N GLY B 508 23.15 21.18 27.71
CA GLY B 508 22.89 19.88 28.29
C GLY B 508 24.16 19.21 28.76
N GLY B 509 24.26 17.90 28.56
CA GLY B 509 25.45 17.18 28.97
C GLY B 509 25.25 16.30 30.19
N PRO B 510 25.72 16.77 31.35
CA PRO B 510 26.26 18.11 31.63
C PRO B 510 27.72 18.30 31.21
N HIS B 511 28.35 17.30 30.61
CA HIS B 511 29.73 17.42 30.17
C HIS B 511 29.74 17.70 28.67
N SER B 512 29.38 18.94 28.33
CA SER B 512 29.45 19.47 26.98
C SER B 512 29.75 20.96 27.08
N SER B 513 29.66 21.66 25.95
CA SER B 513 29.96 23.08 25.96
C SER B 513 29.35 23.76 24.75
N PHE B 514 29.26 25.09 24.84
CA PHE B 514 28.91 25.94 23.70
C PHE B 514 30.19 26.51 23.11
N VAL B 515 30.27 26.51 21.78
CA VAL B 515 31.41 27.05 21.07
C VAL B 515 30.92 28.17 20.16
N THR B 516 31.84 29.07 19.80
CA THR B 516 31.52 30.22 18.96
C THR B 516 31.44 29.77 17.51
N ALA B 517 30.36 29.04 17.21
CA ALA B 517 30.06 28.54 15.87
C ALA B 517 28.72 29.11 15.42
N TRP B 518 28.31 28.71 14.21
CA TRP B 518 27.05 29.17 13.65
C TRP B 518 25.91 28.37 14.25
N MET B 519 25.08 29.01 15.07
CA MET B 519 23.89 28.39 15.64
C MET B 519 22.67 29.08 15.06
N LEU B 520 21.66 28.29 14.68
CA LEU B 520 20.52 28.83 13.95
C LEU B 520 19.57 29.58 14.89
N PHE B 521 19.06 28.89 15.91
CA PHE B 521 18.07 29.51 16.79
C PHE B 521 18.60 30.72 17.55
N PRO B 522 19.79 30.71 18.14
CA PRO B 522 20.31 31.96 18.73
C PRO B 522 20.41 33.09 17.72
N ALA B 523 20.78 32.79 16.48
CA ALA B 523 20.84 33.83 15.46
C ALA B 523 19.45 34.39 15.17
N MET B 524 18.44 33.52 15.08
CA MET B 524 17.08 33.98 14.86
C MET B 524 16.58 34.84 16.00
N LEU B 525 16.85 34.42 17.24
CA LEU B 525 16.43 35.20 18.40
C LEU B 525 17.12 36.56 18.42
N CYS B 526 18.42 36.60 18.09
CA CYS B 526 19.13 37.87 18.06
C CYS B 526 18.61 38.79 16.95
N LYS B 527 18.33 38.23 15.78
CA LYS B 527 17.82 39.03 14.67
C LYS B 527 16.39 39.52 14.92
N MET B 528 15.61 38.80 15.71
CA MET B 528 14.23 39.19 15.95
C MET B 528 14.10 40.23 17.06
N GLY B 529 15.15 40.45 17.84
CA GLY B 529 15.17 41.55 18.80
C GLY B 529 15.63 41.21 20.20
N PHE B 530 16.05 39.97 20.44
CA PHE B 530 16.43 39.51 21.76
C PHE B 530 17.94 39.56 21.96
N ALA B 531 18.35 39.36 23.21
CA ALA B 531 19.76 39.22 23.58
C ALA B 531 19.93 37.84 24.20
N VAL B 532 20.85 37.05 23.64
CA VAL B 532 21.00 35.64 24.00
C VAL B 532 22.25 35.48 24.86
N LEU B 533 22.12 34.77 25.98
CA LEU B 533 23.24 34.50 26.87
C LEU B 533 23.38 32.98 27.02
N LEU B 534 24.44 32.42 26.46
CA LEU B 534 24.73 31.00 26.56
C LEU B 534 25.79 30.77 27.63
N VAL B 535 25.48 29.91 28.60
CA VAL B 535 26.32 29.75 29.79
C VAL B 535 27.09 28.44 29.68
N ASN B 536 28.38 28.47 29.99
CA ASN B 536 29.20 27.26 30.10
C ASN B 536 29.63 27.15 31.57
N TYR B 537 28.78 26.53 32.37
CA TYR B 537 29.04 26.45 33.80
C TYR B 537 30.17 25.46 34.09
N ARG B 538 30.61 25.44 35.34
CA ARG B 538 31.65 24.51 35.77
C ARG B 538 31.19 23.08 35.56
N GLY B 539 32.07 22.26 34.98
CA GLY B 539 31.70 20.93 34.54
C GLY B 539 31.66 20.76 33.04
N SER B 540 32.01 21.78 32.28
CA SER B 540 31.99 21.74 30.82
C SER B 540 33.31 21.22 30.28
N THR B 541 33.28 20.83 29.01
CA THR B 541 34.46 20.35 28.33
C THR B 541 35.25 21.52 27.74
N GLY B 542 36.57 21.42 27.79
CA GLY B 542 37.43 22.46 27.29
C GLY B 542 38.07 23.34 28.34
N PHE B 543 37.85 23.05 29.63
CA PHE B 543 38.39 23.86 30.71
C PHE B 543 39.32 23.08 31.63
N GLY B 544 39.63 21.84 31.30
CA GLY B 544 40.50 21.01 32.11
C GLY B 544 39.74 19.86 32.76
N GLN B 545 40.53 18.93 33.31
CA GLN B 545 39.95 17.76 33.98
C GLN B 545 39.36 18.10 35.34
N ASP B 546 39.93 19.08 36.03
CA ASP B 546 39.40 19.48 37.33
C ASP B 546 37.99 20.02 37.21
N SER B 547 37.72 20.81 36.16
CA SER B 547 36.36 21.29 35.93
C SER B 547 35.40 20.14 35.69
N ILE B 548 35.84 19.13 34.93
CA ILE B 548 34.99 17.96 34.68
C ILE B 548 34.70 17.23 35.98
N LEU B 549 35.71 17.04 36.83
CA LEU B 549 35.54 16.24 38.03
C LEU B 549 34.86 16.99 39.17
N SER B 550 34.80 18.33 39.11
CA SER B 550 34.18 19.08 40.19
C SER B 550 32.66 18.85 40.24
N LEU B 551 32.01 18.79 39.07
CA LEU B 551 30.55 18.74 39.04
C LEU B 551 29.95 17.50 39.68
N PRO B 552 30.41 16.27 39.39
CA PRO B 552 29.67 15.10 39.85
C PRO B 552 29.49 15.08 41.37
N GLY B 553 28.28 14.72 41.81
CA GLY B 553 27.92 14.72 43.21
C GLY B 553 27.36 16.02 43.71
N ASN B 554 27.36 17.09 42.89
CA ASN B 554 26.90 18.40 43.32
C ASN B 554 25.84 18.96 42.38
N VAL B 555 25.20 18.12 41.58
CA VAL B 555 24.18 18.60 40.65
C VAL B 555 22.96 19.09 41.42
N GLY B 556 22.33 20.15 40.91
CA GLY B 556 21.15 20.72 41.50
C GLY B 556 21.37 21.93 42.37
N HIS B 557 22.61 22.16 42.82
CA HIS B 557 22.89 23.31 43.67
C HIS B 557 24.15 24.08 43.29
N GLN B 558 24.98 23.50 42.42
CA GLN B 558 26.24 24.17 42.02
C GLN B 558 26.05 24.82 40.65
N ASP B 559 25.51 24.07 39.69
CA ASP B 559 25.24 24.60 38.33
C ASP B 559 24.16 25.69 38.42
N VAL B 560 23.08 25.41 39.17
CA VAL B 560 21.96 26.38 39.33
C VAL B 560 22.53 27.72 39.77
N LYS B 561 23.38 27.73 40.81
CA LYS B 561 23.93 29.00 41.34
C LYS B 561 24.83 29.66 40.29
N ASP B 562 25.64 28.86 39.59
CA ASP B 562 26.55 29.43 38.54
C ASP B 562 25.72 30.20 37.53
N VAL B 563 24.63 29.61 37.02
CA VAL B 563 23.80 30.27 36.03
C VAL B 563 23.17 31.53 36.61
N GLN B 564 22.68 31.44 37.86
CA GLN B 564 22.09 32.61 38.50
C GLN B 564 23.10 33.74 38.66
N PHE B 565 24.33 33.40 39.07
CA PHE B 565 25.38 34.40 39.21
C PHE B 565 25.70 35.05 37.88
N ALA B 566 25.80 34.24 36.82
CA ALA B 566 26.08 34.80 35.49
C ALA B 566 24.96 35.74 35.05
N VAL B 567 23.71 35.34 35.26
CA VAL B 567 22.59 36.18 34.86
C VAL B 567 22.59 37.49 35.63
N GLU B 568 22.81 37.43 36.94
CA GLU B 568 22.82 38.64 37.75
C GLU B 568 23.97 39.57 37.35
N GLN B 569 25.16 39.01 37.11
CA GLN B 569 26.28 39.84 36.70
C GLN B 569 26.03 40.50 35.36
N VAL B 570 25.50 39.76 34.40
CA VAL B 570 25.22 40.33 33.09
C VAL B 570 24.17 41.43 33.19
N LEU B 571 23.12 41.20 33.97
CA LEU B 571 22.07 42.20 34.14
C LEU B 571 22.61 43.46 34.80
N GLN B 572 23.47 43.31 35.82
CA GLN B 572 24.00 44.47 36.52
C GLN B 572 25.06 45.21 35.70
N GLU B 573 25.73 44.52 34.77
CA GLU B 573 26.77 45.16 33.98
C GLU B 573 26.21 45.82 32.72
N GLU B 574 25.53 45.04 31.87
CA GLU B 574 25.08 45.55 30.58
C GLU B 574 23.84 46.44 30.68
N HIS B 575 23.18 46.47 31.84
CA HIS B 575 21.99 47.29 32.07
C HIS B 575 20.90 46.96 31.05
N PHE B 576 20.44 45.71 31.08
CA PHE B 576 19.37 45.24 30.23
C PHE B 576 18.03 45.49 30.92
N ASP B 577 16.96 44.93 30.36
CA ASP B 577 15.62 45.04 30.92
C ASP B 577 15.40 43.87 31.86
N ALA B 578 15.52 44.12 33.17
CA ALA B 578 15.40 43.06 34.16
C ALA B 578 13.98 42.53 34.29
N GLY B 579 12.98 43.23 33.75
CA GLY B 579 11.62 42.76 33.85
C GLY B 579 11.20 41.73 32.84
N ARG B 580 12.02 41.50 31.80
CA ARG B 580 11.72 40.53 30.75
C ARG B 580 12.95 39.65 30.54
N VAL B 581 13.03 38.57 31.31
CA VAL B 581 14.09 37.57 31.19
C VAL B 581 13.44 36.20 31.04
N ALA B 582 13.91 35.44 30.07
CA ALA B 582 13.33 34.12 29.78
C ALA B 582 14.42 33.07 29.80
N LEU B 583 14.00 31.82 29.95
CA LEU B 583 14.90 30.68 30.01
C LEU B 583 14.58 29.70 28.89
N MET B 584 15.60 28.99 28.41
CA MET B 584 15.38 27.92 27.45
C MET B 584 16.49 26.89 27.57
N GLY B 585 16.13 25.62 27.47
CA GLY B 585 17.09 24.54 27.56
C GLY B 585 16.43 23.23 27.25
N GLY B 586 17.26 22.19 27.14
CA GLY B 586 16.77 20.85 26.85
C GLY B 586 17.57 19.81 27.60
N SER B 587 16.89 18.72 27.95
CA SER B 587 17.47 17.59 28.68
C SER B 587 18.03 18.12 29.99
N HIS B 588 19.34 18.04 30.25
CA HIS B 588 19.89 18.62 31.47
C HIS B 588 19.66 20.12 31.53
N GLY B 589 19.57 20.77 30.37
CA GLY B 589 19.17 22.16 30.33
C GLY B 589 17.78 22.36 30.88
N GLY B 590 16.87 21.46 30.55
CA GLY B 590 15.53 21.52 31.14
C GLY B 590 15.55 21.28 32.64
N PHE B 591 16.41 20.38 33.10
CA PHE B 591 16.63 20.16 34.52
C PHE B 591 17.03 21.46 35.21
N LEU B 592 18.04 22.14 34.66
CA LEU B 592 18.50 23.39 35.24
C LEU B 592 17.43 24.47 35.17
N SER B 593 16.68 24.53 34.07
CA SER B 593 15.64 25.54 33.94
C SER B 593 14.52 25.33 34.96
N CYS B 594 14.12 24.08 35.17
CA CYS B 594 13.11 23.79 36.18
C CYS B 594 13.63 24.13 37.57
N HIS B 595 14.88 23.80 37.85
CA HIS B 595 15.46 24.17 39.14
C HIS B 595 15.47 25.69 39.33
N LEU B 596 15.85 26.42 38.29
CA LEU B 596 15.88 27.88 38.36
C LEU B 596 14.51 28.49 38.58
N ILE B 597 13.49 28.04 37.85
CA ILE B 597 12.13 28.55 38.04
C ILE B 597 11.49 28.07 39.32
N GLY B 598 12.06 27.04 39.96
CA GLY B 598 11.55 26.60 41.25
C GLY B 598 12.18 27.32 42.43
N GLN B 599 13.48 27.53 42.39
CA GLN B 599 14.18 28.14 43.51
C GLN B 599 14.18 29.66 43.48
N TYR B 600 14.04 30.27 42.29
CA TYR B 600 13.99 31.71 42.14
C TYR B 600 12.75 32.07 41.34
N PRO B 601 11.58 32.12 41.99
CA PRO B 601 10.32 32.29 41.26
C PRO B 601 9.97 33.73 40.92
N GLU B 602 10.82 34.70 41.22
CA GLU B 602 10.53 36.11 40.97
C GLU B 602 11.56 36.75 40.05
N THR B 603 12.17 35.96 39.17
CA THR B 603 13.20 36.46 38.26
C THR B 603 12.85 36.27 36.79
N TYR B 604 12.26 35.13 36.43
CA TYR B 604 11.99 34.80 35.04
C TYR B 604 10.48 34.87 34.77
N SER B 605 10.15 35.23 33.53
CA SER B 605 8.75 35.39 33.12
C SER B 605 8.31 34.39 32.07
N ALA B 606 9.21 33.53 31.58
CA ALA B 606 8.85 32.52 30.60
C ALA B 606 9.87 31.40 30.67
N CYS B 607 9.49 30.23 30.18
CA CYS B 607 10.37 29.07 30.20
C CYS B 607 9.95 28.09 29.11
N VAL B 608 10.93 27.55 28.40
CA VAL B 608 10.71 26.53 27.38
C VAL B 608 11.71 25.41 27.62
N VAL B 609 11.20 24.18 27.65
CA VAL B 609 12.02 23.00 27.93
C VAL B 609 11.68 21.91 26.93
N ARG B 610 12.71 21.18 26.48
CA ARG B 610 12.56 20.06 25.57
C ARG B 610 13.10 18.80 26.24
N ASN B 611 12.21 17.83 26.48
CA ASN B 611 12.57 16.55 27.09
C ASN B 611 13.39 16.73 28.37
N PRO B 612 12.82 17.36 29.40
CA PRO B 612 13.59 17.62 30.62
C PRO B 612 13.70 16.39 31.50
N VAL B 613 14.60 16.48 32.47
CA VAL B 613 14.77 15.46 33.49
C VAL B 613 14.18 16.01 34.78
N ILE B 614 13.17 15.31 35.32
CA ILE B 614 12.39 15.80 36.44
C ILE B 614 12.67 15.00 37.71
N ASN B 615 12.59 13.68 37.64
CA ASN B 615 12.77 12.81 38.79
C ASN B 615 13.90 11.83 38.49
N ILE B 616 15.03 12.00 39.19
CA ILE B 616 16.17 11.11 38.99
C ILE B 616 15.88 9.72 39.51
N ALA B 617 15.16 9.63 40.63
CA ALA B 617 14.92 8.32 41.26
C ALA B 617 14.12 7.41 40.34
N SER B 618 13.07 7.93 39.71
CA SER B 618 12.25 7.11 38.82
C SER B 618 12.83 7.00 37.41
N MET B 619 13.86 7.78 37.09
CA MET B 619 14.48 7.70 35.77
C MET B 619 15.42 6.50 35.66
N MET B 620 15.85 5.94 36.78
CA MET B 620 16.78 4.81 36.75
C MET B 620 16.20 3.63 35.99
N GLY B 621 14.96 3.26 36.27
CA GLY B 621 14.39 2.05 35.74
C GLY B 621 13.90 2.11 34.32
N SER B 622 13.95 3.28 33.66
CA SER B 622 13.43 3.42 32.31
C SER B 622 14.44 3.92 31.30
N THR B 623 15.60 4.41 31.72
CA THR B 623 16.58 4.93 30.78
C THR B 623 17.54 3.82 30.34
N ASP B 624 18.29 4.11 29.27
CA ASP B 624 19.27 3.18 28.75
C ASP B 624 20.66 3.38 29.32
N ILE B 625 20.83 4.36 30.21
CA ILE B 625 22.12 4.60 30.86
C ILE B 625 21.90 4.71 32.36
N PRO B 626 21.63 3.60 33.06
CA PRO B 626 21.36 3.69 34.50
C PRO B 626 22.55 4.20 35.32
N ASP B 627 23.77 4.09 34.80
CA ASP B 627 24.94 4.55 35.54
C ASP B 627 25.00 6.07 35.64
N TRP B 628 24.33 6.79 34.74
CA TRP B 628 24.37 8.24 34.76
C TRP B 628 23.77 8.79 36.05
N CYS B 629 22.64 8.22 36.50
CA CYS B 629 22.00 8.71 37.71
C CYS B 629 22.88 8.51 38.93
N MET B 630 23.49 7.32 39.06
CA MET B 630 24.38 7.07 40.19
C MET B 630 25.60 7.97 40.14
N VAL B 631 26.20 8.15 38.96
CA VAL B 631 27.40 8.96 38.85
C VAL B 631 27.10 10.40 39.21
N GLU B 632 25.99 10.95 38.69
CA GLU B 632 25.66 12.34 38.98
C GLU B 632 25.22 12.54 40.42
N ALA B 633 24.56 11.55 41.01
CA ALA B 633 24.10 11.66 42.39
C ALA B 633 25.22 11.52 43.41
N GLY B 634 26.39 11.04 43.01
CA GLY B 634 27.52 10.91 43.89
C GLY B 634 27.86 9.50 44.35
N PHE B 635 27.33 8.47 43.69
CA PHE B 635 27.59 7.08 44.09
C PHE B 635 28.23 6.33 42.93
N SER B 636 28.89 5.22 43.27
CA SER B 636 29.54 4.38 42.28
C SER B 636 28.53 3.38 41.72
N TYR B 637 28.57 3.18 40.40
CA TYR B 637 27.65 2.28 39.72
C TYR B 637 28.26 0.89 39.61
N SER B 638 27.49 -0.12 39.99
CA SER B 638 27.90 -1.51 39.88
C SER B 638 26.71 -2.34 39.42
N SER B 639 26.98 -3.30 38.54
CA SER B 639 25.93 -4.20 38.09
C SER B 639 25.48 -5.11 39.23
N ASP B 640 24.29 -5.69 39.06
CA ASP B 640 23.67 -6.53 40.10
C ASP B 640 23.51 -5.77 41.41
N CYS B 641 23.11 -4.50 41.31
CA CYS B 641 22.88 -3.67 42.48
C CYS B 641 21.39 -3.70 42.87
N LEU B 642 21.12 -3.26 44.09
CA LEU B 642 19.77 -3.27 44.62
C LEU B 642 19.40 -1.87 45.12
N PRO B 643 18.12 -1.52 45.09
CA PRO B 643 17.71 -0.19 45.56
C PRO B 643 17.89 -0.05 47.07
N ASP B 644 18.51 1.06 47.47
CA ASP B 644 18.75 1.37 48.87
C ASP B 644 17.99 2.64 49.25
N LEU B 645 17.57 2.71 50.51
CA LEU B 645 16.82 3.88 50.97
C LEU B 645 17.66 5.14 50.94
N SER B 646 18.92 5.06 51.36
CA SER B 646 19.78 6.23 51.38
C SER B 646 20.03 6.76 49.99
N VAL B 647 20.35 5.88 49.05
CA VAL B 647 20.61 6.29 47.67
C VAL B 647 19.37 6.93 47.05
N TRP B 648 18.21 6.32 47.29
CA TRP B 648 16.98 6.83 46.68
C TRP B 648 16.59 8.17 47.29
N ALA B 649 16.79 8.33 48.61
CA ALA B 649 16.54 9.62 49.24
C ALA B 649 17.48 10.69 48.70
N ALA B 650 18.76 10.35 48.51
CA ALA B 650 19.71 11.31 47.94
C ALA B 650 19.31 11.70 46.53
N MET B 651 18.85 10.73 45.73
CA MET B 651 18.40 11.03 44.38
C MET B 651 17.17 11.93 44.40
N LEU B 652 16.24 11.68 45.32
CA LEU B 652 15.02 12.48 45.38
C LEU B 652 15.31 13.89 45.87
N ASP B 653 16.33 14.07 46.71
CA ASP B 653 16.64 15.39 47.24
C ASP B 653 17.20 16.33 46.20
N LYS B 654 17.68 15.80 45.06
CA LYS B 654 18.30 16.61 44.02
C LYS B 654 17.39 16.83 42.83
N SER B 655 16.10 16.58 42.96
CA SER B 655 15.24 16.70 41.78
C SER B 655 14.44 18.00 41.83
N PRO B 656 14.19 18.60 40.66
CA PRO B 656 13.40 19.85 40.64
C PRO B 656 11.96 19.69 41.09
N ILE B 657 11.43 18.48 41.07
CA ILE B 657 10.04 18.25 41.46
C ILE B 657 9.79 18.70 42.89
N LYS B 658 10.83 18.65 43.73
CA LYS B 658 10.71 19.11 45.11
C LYS B 658 10.25 20.56 45.19
N TYR B 659 10.61 21.37 44.20
CA TYR B 659 10.24 22.78 44.18
C TYR B 659 9.02 23.05 43.30
N ALA B 660 8.28 22.00 42.93
CA ALA B 660 7.10 22.20 42.09
C ALA B 660 6.04 23.11 42.69
N PRO B 661 5.69 23.04 43.99
CA PRO B 661 4.62 23.91 44.51
C PRO B 661 4.92 25.39 44.42
N GLN B 662 6.18 25.79 44.30
CA GLN B 662 6.55 27.19 44.28
C GLN B 662 6.64 27.77 42.88
N VAL B 663 6.34 26.99 41.84
CA VAL B 663 6.47 27.47 40.47
C VAL B 663 5.38 28.50 40.18
N LYS B 664 5.77 29.59 39.53
CA LYS B 664 4.84 30.66 39.19
C LYS B 664 4.98 31.16 37.76
N THR B 665 5.89 30.59 36.97
CA THR B 665 6.21 31.06 35.62
C THR B 665 5.45 30.23 34.59
N PRO B 666 4.88 30.85 33.55
CA PRO B 666 4.26 30.07 32.48
C PRO B 666 5.27 29.14 31.81
N LEU B 667 4.81 27.95 31.45
CA LEU B 667 5.69 26.89 30.97
C LEU B 667 5.15 26.29 29.68
N LEU B 668 6.08 25.99 28.76
CA LEU B 668 5.78 25.30 27.51
C LEU B 668 6.69 24.09 27.40
N LEU B 669 6.10 22.91 27.19
CA LEU B 669 6.80 21.64 27.20
C LEU B 669 6.68 20.98 25.83
N MET B 670 7.79 20.45 25.33
CA MET B 670 7.81 19.63 24.13
C MET B 670 8.34 18.25 24.50
N LEU B 671 7.63 17.20 24.09
CA LEU B 671 8.01 15.84 24.43
C LEU B 671 8.00 14.97 23.17
N GLY B 672 8.93 14.02 23.13
CA GLY B 672 8.96 13.01 22.09
C GLY B 672 8.57 11.65 22.67
N GLN B 673 7.53 11.05 22.12
CA GLN B 673 6.96 9.84 22.72
C GLN B 673 7.89 8.64 22.59
N GLU B 674 8.70 8.58 21.53
CA GLU B 674 9.58 7.45 21.28
C GLU B 674 11.01 7.72 21.74
N ASP B 675 11.17 8.48 22.82
CA ASP B 675 12.48 8.79 23.37
C ASP B 675 12.92 7.69 24.32
N ARG B 676 14.15 7.19 24.14
CA ARG B 676 14.71 6.17 25.01
C ARG B 676 15.77 6.70 25.96
N ARG B 677 16.40 7.83 25.62
CA ARG B 677 17.39 8.42 26.53
C ARG B 677 16.72 8.98 27.78
N VAL B 678 15.63 9.74 27.59
CA VAL B 678 14.85 10.28 28.70
C VAL B 678 13.40 9.91 28.48
N PRO B 679 12.81 9.04 29.32
CA PRO B 679 11.40 8.68 29.14
C PRO B 679 10.50 9.90 29.25
N PHE B 680 9.43 9.90 28.46
CA PHE B 680 8.57 11.08 28.33
C PHE B 680 7.58 11.23 29.48
N LYS B 681 7.49 10.25 30.39
CA LYS B 681 6.64 10.43 31.55
C LYS B 681 7.23 11.38 32.57
N GLN B 682 8.54 11.65 32.48
CA GLN B 682 9.18 12.60 33.39
C GLN B 682 8.54 13.97 33.26
N GLY B 683 8.35 14.45 32.02
CA GLY B 683 7.66 15.70 31.82
C GLY B 683 6.19 15.63 32.16
N MET B 684 5.57 14.45 32.00
CA MET B 684 4.16 14.31 32.32
C MET B 684 3.90 14.46 33.81
N GLU B 685 4.82 13.98 34.65
CA GLU B 685 4.66 14.17 36.08
C GLU B 685 4.66 15.64 36.46
N TYR B 686 5.62 16.40 35.91
CA TYR B 686 5.68 17.84 36.15
C TYR B 686 4.43 18.53 35.62
N TYR B 687 3.98 18.13 34.44
CA TYR B 687 2.78 18.74 33.86
C TYR B 687 1.55 18.50 34.75
N ARG B 688 1.39 17.27 35.23
CA ARG B 688 0.25 16.96 36.10
C ARG B 688 0.33 17.76 37.40
N VAL B 689 1.52 17.83 38.01
CA VAL B 689 1.66 18.56 39.26
C VAL B 689 1.34 20.03 39.06
N LEU B 690 1.84 20.63 37.97
CA LEU B 690 1.58 22.04 37.72
C LEU B 690 0.11 22.29 37.39
N LYS B 691 -0.51 21.39 36.62
CA LYS B 691 -1.91 21.58 36.24
C LYS B 691 -2.85 21.41 37.43
N ALA B 692 -2.46 20.58 38.40
CA ALA B 692 -3.29 20.40 39.59
C ALA B 692 -3.38 21.68 40.42
N ARG B 693 -2.51 22.65 40.18
CA ARG B 693 -2.51 23.91 40.92
C ARG B 693 -2.93 25.10 40.08
N ASN B 694 -3.51 24.86 38.90
CA ASN B 694 -4.03 25.92 38.02
C ASN B 694 -2.92 26.92 37.64
N VAL B 695 -1.91 26.39 36.95
CA VAL B 695 -0.81 27.21 36.45
C VAL B 695 -0.81 27.13 34.92
N PRO B 696 -0.66 28.26 34.21
CA PRO B 696 -0.67 28.21 32.74
C PRO B 696 0.45 27.35 32.19
N VAL B 697 0.09 26.23 31.57
CA VAL B 697 1.05 25.28 31.02
C VAL B 697 0.56 24.83 29.66
N ARG B 698 1.46 24.81 28.68
CA ARG B 698 1.16 24.31 27.34
C ARG B 698 2.04 23.10 27.07
N LEU B 699 1.47 22.06 26.46
CA LEU B 699 2.16 20.80 26.23
C LEU B 699 2.01 20.37 24.79
N LEU B 700 3.11 19.95 24.17
CA LEU B 700 3.11 19.39 22.83
C LEU B 700 3.79 18.04 22.87
N LEU B 701 3.16 17.04 22.24
CA LEU B 701 3.67 15.68 22.23
C LEU B 701 3.78 15.21 20.79
N TYR B 702 4.98 14.72 20.41
CA TYR B 702 5.21 14.23 19.07
C TYR B 702 5.22 12.72 19.09
N PRO B 703 4.23 12.05 18.48
CA PRO B 703 4.10 10.59 18.67
C PRO B 703 5.27 9.77 18.16
N LYS B 704 5.93 10.20 17.07
CA LYS B 704 6.96 9.38 16.43
C LYS B 704 8.33 10.04 16.47
N SER B 705 8.53 11.04 17.32
CA SER B 705 9.80 11.74 17.39
C SER B 705 10.73 11.05 18.39
N THR B 706 11.96 11.55 18.49
CA THR B 706 12.98 10.97 19.34
C THR B 706 13.58 12.02 20.27
N HIS B 707 14.68 11.67 20.94
CA HIS B 707 15.32 12.59 21.87
C HIS B 707 15.78 13.87 21.17
N ALA B 708 16.34 13.74 19.96
CA ALA B 708 16.93 14.89 19.29
C ALA B 708 15.88 15.83 18.72
N LEU B 709 14.70 15.32 18.37
CA LEU B 709 13.67 16.10 17.67
C LEU B 709 14.25 16.69 16.39
N SER B 710 14.99 15.86 15.65
CA SER B 710 15.75 16.32 14.50
C SER B 710 14.97 16.27 13.19
N GLU B 711 13.75 15.75 13.20
CA GLU B 711 12.94 15.76 12.00
C GLU B 711 12.64 17.20 11.58
N VAL B 712 12.60 17.43 10.26
CA VAL B 712 12.48 18.80 9.75
C VAL B 712 11.15 19.42 10.20
N GLU B 713 10.06 18.69 10.01
CA GLU B 713 8.76 19.21 10.41
C GLU B 713 8.68 19.41 11.91
N VAL B 714 9.16 18.45 12.69
CA VAL B 714 9.12 18.55 14.14
C VAL B 714 9.97 19.72 14.61
N GLU B 715 11.18 19.85 14.07
CA GLU B 715 12.07 20.93 14.46
C GLU B 715 11.47 22.29 14.13
N SER B 716 10.91 22.42 12.92
CA SER B 716 10.32 23.70 12.52
C SER B 716 9.14 24.06 13.41
N ASP B 717 8.25 23.08 13.67
CA ASP B 717 7.09 23.35 14.51
C ASP B 717 7.51 23.73 15.92
N SER B 718 8.47 23.01 16.49
CA SER B 718 8.92 23.32 17.84
C SER B 718 9.55 24.69 17.92
N PHE B 719 10.40 25.05 16.95
CA PHE B 719 11.04 26.36 16.99
C PHE B 719 10.03 27.48 16.82
N MET B 720 9.07 27.32 15.91
CA MET B 720 8.05 28.34 15.72
C MET B 720 7.19 28.50 16.98
N ASN B 721 6.80 27.39 17.60
CA ASN B 721 6.02 27.47 18.82
C ASN B 721 6.80 28.14 19.94
N ALA B 722 8.08 27.82 20.07
CA ALA B 722 8.90 28.43 21.11
C ALA B 722 9.03 29.93 20.89
N VAL B 723 9.27 30.36 19.65
CA VAL B 723 9.44 31.79 19.40
C VAL B 723 8.12 32.53 19.61
N LEU B 724 6.99 31.91 19.23
CA LEU B 724 5.70 32.55 19.45
C LEU B 724 5.41 32.68 20.94
N TRP B 725 5.68 31.63 21.71
CA TRP B 725 5.49 31.69 23.15
C TRP B 725 6.34 32.80 23.77
N LEU B 726 7.62 32.86 23.39
CA LEU B 726 8.52 33.84 23.97
C LEU B 726 8.08 35.26 23.64
N CYS B 727 7.68 35.50 22.38
CA CYS B 727 7.27 36.85 22.00
C CYS B 727 5.94 37.23 22.63
N THR B 728 5.03 36.27 22.76
CA THR B 728 3.72 36.56 23.36
C THR B 728 3.87 36.89 24.84
N HIS B 729 4.68 36.12 25.57
CA HIS B 729 4.80 36.33 27.01
C HIS B 729 5.83 37.40 27.37
N LEU B 730 6.57 37.93 26.40
CA LEU B 730 7.54 38.98 26.68
C LEU B 730 7.25 40.22 25.83
N GLU C 9 6.09 -33.52 23.93
CA GLU C 9 6.30 -33.37 22.50
C GLU C 9 5.39 -32.28 21.94
N PRO C 10 5.97 -31.37 21.14
CA PRO C 10 5.18 -30.24 20.63
C PRO C 10 3.98 -30.65 19.78
N GLU C 11 4.07 -31.78 19.04
CA GLU C 11 2.98 -32.16 18.15
C GLU C 11 1.72 -32.53 18.93
N GLU C 12 1.87 -33.34 19.98
CA GLU C 12 0.71 -33.71 20.80
C GLU C 12 0.11 -32.50 21.48
N ALA C 13 0.96 -31.59 21.98
CA ALA C 13 0.46 -30.38 22.61
C ALA C 13 -0.30 -29.51 21.62
N ALA C 14 0.20 -29.39 20.40
CA ALA C 14 -0.50 -28.60 19.38
C ALA C 14 -1.84 -29.22 19.02
N ALA C 15 -1.87 -30.55 18.88
CA ALA C 15 -3.14 -31.22 18.57
C ALA C 15 -4.15 -31.03 19.70
N LEU C 16 -3.69 -31.15 20.95
CA LEU C 16 -4.57 -30.94 22.10
C LEU C 16 -5.08 -29.51 22.15
N TYR C 17 -4.21 -28.54 21.86
CA TYR C 17 -4.61 -27.15 21.85
C TYR C 17 -5.66 -26.88 20.77
N ARG C 18 -5.47 -27.44 19.57
CA ARG C 18 -6.47 -27.31 18.53
C ARG C 18 -7.81 -27.90 18.97
N GLY C 19 -7.78 -29.13 19.49
CA GLY C 19 -9.01 -29.77 19.89
C GLY C 19 -9.74 -29.02 20.98
N LEU C 20 -9.01 -28.45 21.93
CA LEU C 20 -9.64 -27.71 23.02
C LEU C 20 -10.13 -26.34 22.58
N SER C 21 -9.39 -25.66 21.71
CA SER C 21 -9.80 -24.35 21.22
C SER C 21 -10.89 -24.43 20.15
N ARG C 22 -11.21 -25.64 19.68
CA ARG C 22 -12.31 -25.78 18.73
C ARG C 22 -13.66 -25.37 19.34
N GLN C 23 -13.77 -25.34 20.66
CA GLN C 23 -15.05 -25.04 21.28
C GLN C 23 -15.39 -23.56 21.15
N PRO C 24 -16.66 -23.22 20.92
CA PRO C 24 -17.06 -21.82 20.80
C PRO C 24 -17.51 -21.23 22.14
N ALA C 25 -17.81 -19.93 22.10
CA ALA C 25 -18.28 -19.20 23.27
C ALA C 25 -19.49 -18.35 22.89
N LEU C 26 -20.34 -18.08 23.87
CA LEU C 26 -21.58 -17.33 23.68
C LEU C 26 -21.37 -15.89 24.16
N SER C 27 -21.79 -14.93 23.33
CA SER C 27 -21.56 -13.51 23.64
C SER C 27 -22.83 -12.74 23.96
N ALA C 28 -23.90 -12.93 23.21
CA ALA C 28 -25.12 -12.16 23.43
C ALA C 28 -26.32 -12.92 22.89
N ALA C 29 -27.50 -12.49 23.30
CA ALA C 29 -28.75 -13.09 22.85
C ALA C 29 -29.87 -12.08 22.94
N CYS C 30 -30.93 -12.30 22.16
CA CYS C 30 -32.09 -11.43 22.16
C CYS C 30 -33.31 -12.23 21.75
N LEU C 31 -34.48 -11.71 22.07
CA LEU C 31 -35.75 -12.38 21.83
C LEU C 31 -36.57 -11.62 20.80
N GLY C 32 -37.24 -12.36 19.92
CA GLY C 32 -38.08 -11.78 18.90
C GLY C 32 -39.51 -11.60 19.37
N PRO C 33 -40.37 -11.09 18.49
CA PRO C 33 -41.77 -10.87 18.86
C PRO C 33 -42.56 -12.18 18.90
N GLU C 34 -43.71 -12.10 19.56
CA GLU C 34 -44.59 -13.26 19.70
C GLU C 34 -45.46 -13.41 18.47
N VAL C 35 -45.64 -14.66 18.03
CA VAL C 35 -46.41 -14.98 16.84
C VAL C 35 -47.47 -16.02 17.22
N THR C 36 -48.71 -15.78 16.80
CA THR C 36 -49.82 -16.69 17.06
C THR C 36 -50.23 -17.36 15.75
N THR C 37 -50.30 -18.68 15.76
CA THR C 37 -50.62 -19.46 14.58
C THR C 37 -52.15 -19.63 14.46
N GLN C 38 -52.58 -20.08 13.29
CA GLN C 38 -53.99 -20.33 13.06
C GLN C 38 -54.50 -21.49 13.91
N TYR C 39 -53.66 -22.51 14.14
CA TYR C 39 -54.07 -23.62 14.98
C TYR C 39 -54.32 -23.20 16.41
N GLY C 40 -53.49 -22.30 16.94
CA GLY C 40 -53.65 -21.80 18.28
C GLY C 40 -52.36 -21.73 19.07
N GLY C 41 -51.32 -22.39 18.57
CA GLY C 41 -50.05 -22.37 19.26
C GLY C 41 -49.33 -21.04 19.14
N ARG C 42 -48.44 -20.79 20.09
CA ARG C 42 -47.66 -19.56 20.14
C ARG C 42 -46.18 -19.89 20.26
N TYR C 43 -45.35 -19.16 19.53
CA TYR C 43 -43.92 -19.41 19.48
C TYR C 43 -43.18 -18.11 19.29
N ARG C 44 -41.87 -18.15 19.53
CA ARG C 44 -41.02 -16.99 19.29
C ARG C 44 -39.60 -17.45 19.01
N THR C 45 -38.82 -16.57 18.39
CA THR C 45 -37.47 -16.88 17.95
C THR C 45 -36.44 -16.23 18.88
N VAL C 46 -35.28 -16.87 18.96
CA VAL C 46 -34.16 -16.39 19.77
C VAL C 46 -32.94 -16.29 18.86
N HIS C 47 -32.27 -15.14 18.89
CA HIS C 47 -31.07 -14.91 18.11
C HIS C 47 -29.87 -14.90 19.05
N THR C 48 -28.86 -15.71 18.74
CA THR C 48 -27.68 -15.84 19.58
C THR C 48 -26.43 -15.57 18.76
N GLU C 49 -25.43 -14.99 19.41
CA GLU C 49 -24.15 -14.66 18.80
C GLU C 49 -23.05 -15.46 19.47
N TRP C 50 -22.23 -16.13 18.67
CA TRP C 50 -21.13 -16.93 19.18
C TRP C 50 -19.82 -16.45 18.57
N THR C 51 -18.74 -16.69 19.29
CA THR C 51 -17.40 -16.36 18.85
C THR C 51 -16.50 -17.58 19.01
N GLN C 52 -15.51 -17.69 18.12
CA GLN C 52 -14.65 -18.86 18.10
C GLN C 52 -13.28 -18.49 17.54
N ARG C 53 -12.24 -19.08 18.13
CA ARG C 53 -10.89 -18.89 17.62
C ARG C 53 -10.70 -19.68 16.34
N ASP C 54 -9.85 -19.14 15.45
CA ASP C 54 -9.50 -19.81 14.20
C ASP C 54 -8.01 -19.68 14.00
N LEU C 55 -7.31 -20.81 14.03
CA LEU C 55 -5.85 -20.82 13.94
C LEU C 55 -5.35 -20.83 12.49
N GLU C 56 -6.20 -21.20 11.53
CA GLU C 56 -5.79 -21.14 10.13
C GLU C 56 -5.63 -19.70 9.67
N ARG C 57 -6.63 -18.86 9.96
CA ARG C 57 -6.55 -17.44 9.67
C ARG C 57 -6.06 -16.62 10.86
N MET C 58 -5.90 -17.24 12.03
CA MET C 58 -5.44 -16.57 13.25
C MET C 58 -6.32 -15.36 13.57
N GLU C 59 -7.61 -15.64 13.80
CA GLU C 59 -8.57 -14.57 14.05
C GLU C 59 -9.72 -15.10 14.90
N ASN C 60 -10.40 -14.16 15.57
CA ASN C 60 -11.59 -14.49 16.34
C ASN C 60 -12.81 -14.24 15.46
N ILE C 61 -13.44 -15.31 15.00
CA ILE C 61 -14.59 -15.20 14.11
C ILE C 61 -15.85 -15.14 14.95
N ARG C 62 -16.85 -14.42 14.42
CA ARG C 62 -18.14 -14.26 15.09
C ARG C 62 -19.24 -14.68 14.13
N PHE C 63 -20.17 -15.49 14.62
CA PHE C 63 -21.29 -15.94 13.81
C PHE C 63 -22.57 -15.86 14.63
N CYS C 64 -23.70 -16.05 13.95
CA CYS C 64 -25.01 -15.92 14.57
C CYS C 64 -25.85 -17.15 14.24
N ARG C 65 -26.74 -17.50 15.16
CA ARG C 65 -27.61 -18.65 14.99
C ARG C 65 -28.97 -18.32 15.57
N GLN C 66 -30.00 -19.00 15.10
CA GLN C 66 -31.37 -18.74 15.51
C GLN C 66 -32.06 -20.02 15.95
N TYR C 67 -32.81 -19.92 17.05
CA TYR C 67 -33.57 -21.03 17.60
C TYR C 67 -35.02 -20.61 17.74
N LEU C 68 -35.89 -21.59 17.96
CA LEU C 68 -37.33 -21.36 18.00
C LEU C 68 -37.93 -22.09 19.21
N VAL C 69 -38.83 -21.41 19.91
CA VAL C 69 -39.43 -21.93 21.13
C VAL C 69 -40.94 -21.82 21.01
N PHE C 70 -41.64 -22.96 21.15
CA PHE C 70 -43.09 -23.02 21.25
C PHE C 70 -43.48 -23.09 22.71
N HIS C 71 -44.31 -22.14 23.15
CA HIS C 71 -44.71 -22.05 24.55
C HIS C 71 -46.23 -21.94 24.65
N ASP C 72 -46.73 -22.21 25.85
CA ASP C 72 -48.16 -22.14 26.14
C ASP C 72 -48.53 -21.01 27.10
N GLY C 73 -47.62 -20.06 27.31
CA GLY C 73 -47.89 -18.94 28.19
C GLY C 73 -47.10 -18.98 29.48
N ASP C 74 -46.97 -20.17 30.07
CA ASP C 74 -46.20 -20.33 31.29
C ASP C 74 -45.30 -21.56 31.29
N SER C 75 -45.23 -22.30 30.19
CA SER C 75 -44.38 -23.48 30.10
C SER C 75 -43.86 -23.60 28.68
N VAL C 76 -42.68 -24.20 28.53
CA VAL C 76 -42.04 -24.37 27.23
C VAL C 76 -42.49 -25.70 26.66
N VAL C 77 -43.37 -25.65 25.66
CA VAL C 77 -43.87 -26.88 25.04
C VAL C 77 -42.78 -27.54 24.21
N PHE C 78 -42.05 -26.76 23.42
CA PHE C 78 -41.08 -27.33 22.49
C PHE C 78 -39.98 -26.31 22.22
N ALA C 79 -38.82 -26.81 21.80
CA ALA C 79 -37.69 -25.96 21.45
C ALA C 79 -36.85 -26.66 20.40
N GLY C 80 -36.31 -25.88 19.45
CA GLY C 80 -35.50 -26.45 18.40
C GLY C 80 -34.67 -25.43 17.66
N PRO C 81 -33.86 -25.89 16.71
CA PRO C 81 -33.08 -24.98 15.86
C PRO C 81 -33.87 -24.54 14.64
N ALA C 82 -33.37 -23.47 14.01
CA ALA C 82 -34.06 -22.88 12.87
C ALA C 82 -33.07 -22.47 11.79
N GLY C 83 -32.11 -23.33 11.49
CA GLY C 83 -31.21 -23.09 10.38
C GLY C 83 -29.78 -23.36 10.77
N ASN C 84 -28.87 -22.88 9.93
CA ASN C 84 -27.44 -23.06 10.12
C ASN C 84 -26.82 -21.78 10.71
N SER C 85 -25.49 -21.79 10.82
CA SER C 85 -24.75 -20.66 11.37
C SER C 85 -24.20 -19.80 10.23
N VAL C 86 -24.33 -18.49 10.39
CA VAL C 86 -23.89 -17.52 9.39
C VAL C 86 -22.86 -16.61 10.04
N GLU C 87 -21.69 -16.49 9.41
CA GLU C 87 -20.59 -15.67 9.94
C GLU C 87 -20.72 -14.24 9.44
N THR C 88 -20.70 -13.30 10.37
CA THR C 88 -20.81 -11.88 10.06
C THR C 88 -19.42 -11.24 10.07
N ARG C 89 -19.38 -9.98 9.61
CA ARG C 89 -18.13 -9.24 9.56
C ARG C 89 -18.42 -7.75 9.53
N GLY C 90 -17.82 -7.01 10.45
CA GLY C 90 -17.91 -5.56 10.47
C GLY C 90 -18.88 -4.98 11.48
N GLU C 91 -19.71 -5.82 12.10
CA GLU C 91 -20.68 -5.30 13.06
C GLU C 91 -20.00 -4.86 14.34
N LEU C 92 -20.38 -3.69 14.84
CA LEU C 92 -19.88 -3.17 16.12
C LEU C 92 -20.96 -3.12 17.18
N LEU C 93 -22.09 -2.47 16.89
CA LEU C 93 -23.23 -2.43 17.78
C LEU C 93 -24.50 -2.71 16.99
N SER C 94 -25.46 -3.34 17.65
CA SER C 94 -26.74 -3.65 17.03
C SER C 94 -27.83 -3.60 18.10
N ARG C 95 -29.04 -3.29 17.65
CA ARG C 95 -30.17 -3.18 18.57
C ARG C 95 -31.47 -3.35 17.79
N GLU C 96 -32.40 -4.08 18.37
CA GLU C 96 -33.71 -4.31 17.78
C GLU C 96 -34.69 -3.29 18.34
N SER C 97 -35.64 -2.87 17.51
CA SER C 97 -36.62 -1.88 17.92
C SER C 97 -37.53 -2.47 18.99
N PRO C 98 -38.15 -1.61 19.82
CA PRO C 98 -39.04 -2.13 20.88
C PRO C 98 -40.18 -2.97 20.34
N SER C 99 -40.72 -2.64 19.16
CA SER C 99 -41.77 -3.45 18.55
C SER C 99 -41.22 -4.67 17.83
N GLY C 100 -39.91 -4.74 17.59
CA GLY C 100 -39.32 -5.90 16.94
C GLY C 100 -39.42 -5.93 15.44
N THR C 101 -39.84 -4.83 14.80
CA THR C 101 -40.00 -4.79 13.36
C THR C 101 -38.80 -4.20 12.62
N MET C 102 -37.93 -3.48 13.32
CA MET C 102 -36.80 -2.80 12.70
C MET C 102 -35.54 -3.08 13.50
N LYS C 103 -34.39 -3.04 12.83
CA LYS C 103 -33.11 -3.32 13.47
C LYS C 103 -32.09 -2.28 13.05
N ALA C 104 -31.34 -1.76 14.02
CA ALA C 104 -30.30 -0.76 13.76
C ALA C 104 -28.94 -1.42 13.92
N VAL C 105 -28.06 -1.22 12.93
CA VAL C 105 -26.75 -1.84 12.91
C VAL C 105 -25.68 -0.78 12.66
N LEU C 106 -24.57 -0.89 13.38
CA LEU C 106 -23.40 -0.06 13.16
C LEU C 106 -22.30 -0.92 12.56
N ARG C 107 -21.77 -0.50 11.41
CA ARG C 107 -20.82 -1.31 10.67
C ARG C 107 -19.59 -0.50 10.30
N LYS C 108 -18.45 -1.18 10.22
CA LYS C 108 -17.20 -0.60 9.78
C LYS C 108 -16.82 -1.22 8.43
N ALA C 109 -16.81 -0.40 7.38
CA ALA C 109 -16.49 -0.89 6.06
C ALA C 109 -15.88 0.22 5.20
N GLU C 117 -11.21 2.75 5.91
CA GLU C 117 -12.43 2.16 6.44
C GLU C 117 -13.31 3.21 7.11
N LYS C 118 -14.54 3.33 6.64
CA LYS C 118 -15.50 4.29 7.17
C LYS C 118 -16.50 3.58 8.07
N GLN C 119 -17.38 4.36 8.69
CA GLN C 119 -18.41 3.84 9.58
C GLN C 119 -19.79 4.19 9.02
N PHE C 120 -20.69 3.21 9.04
CA PHE C 120 -22.03 3.37 8.51
C PHE C 120 -23.06 2.93 9.54
N LEU C 121 -24.22 3.57 9.51
CA LEU C 121 -25.35 3.21 10.35
C LEU C 121 -26.50 2.79 9.44
N GLU C 122 -26.96 1.55 9.59
CA GLU C 122 -27.94 0.97 8.69
C GLU C 122 -29.20 0.58 9.45
N VAL C 123 -30.33 0.65 8.75
CA VAL C 123 -31.62 0.27 9.29
C VAL C 123 -32.19 -0.85 8.42
N TRP C 124 -32.56 -1.96 9.05
CA TRP C 124 -33.08 -3.14 8.39
C TRP C 124 -34.54 -3.36 8.78
N GLU C 125 -35.34 -3.77 7.81
CA GLU C 125 -36.73 -4.14 8.06
C GLU C 125 -37.13 -5.20 7.05
N LYS C 126 -37.59 -6.35 7.54
CA LYS C 126 -38.00 -7.49 6.71
C LYS C 126 -36.79 -7.91 5.87
N ASN C 127 -36.89 -7.95 4.54
CA ASN C 127 -35.80 -8.40 3.68
C ASN C 127 -35.15 -7.26 2.92
N ARG C 128 -35.23 -6.04 3.44
CA ARG C 128 -34.66 -4.87 2.78
C ARG C 128 -33.92 -4.02 3.80
N LYS C 129 -32.92 -3.27 3.31
CA LYS C 129 -32.23 -2.27 4.10
C LYS C 129 -32.86 -0.92 3.77
N LEU C 130 -33.65 -0.39 4.71
CA LEU C 130 -34.42 0.83 4.43
C LEU C 130 -33.51 2.03 4.20
N LYS C 131 -32.58 2.28 5.12
CA LYS C 131 -31.74 3.47 5.05
C LYS C 131 -30.33 3.14 5.51
N SER C 132 -29.38 3.91 5.01
CA SER C 132 -27.98 3.83 5.41
C SER C 132 -27.39 5.23 5.46
N PHE C 133 -26.63 5.52 6.51
CA PHE C 133 -26.03 6.82 6.73
C PHE C 133 -24.53 6.69 6.88
N ASN C 134 -23.80 7.50 6.12
CA ASN C 134 -22.33 7.53 6.16
C ASN C 134 -21.92 8.59 7.16
N LEU C 135 -21.70 8.18 8.41
CA LEU C 135 -21.43 9.12 9.49
C LEU C 135 -20.15 9.91 9.27
N SER C 136 -19.20 9.38 8.50
CA SER C 136 -17.96 10.11 8.25
C SER C 136 -18.18 11.32 7.34
N ALA C 137 -19.15 11.23 6.42
CA ALA C 137 -19.31 12.29 5.43
C ALA C 137 -19.92 13.54 6.04
N LEU C 138 -20.87 13.39 6.97
CA LEU C 138 -21.51 14.57 7.56
C LEU C 138 -20.51 15.39 8.37
N GLU C 139 -19.51 14.74 8.97
CA GLU C 139 -18.44 15.42 9.71
C GLU C 139 -19.00 16.28 10.84
N LYS C 140 -19.78 15.63 11.71
CA LYS C 140 -20.28 16.27 12.92
C LYS C 140 -19.61 15.78 14.19
N HIS C 141 -18.88 14.68 14.14
CA HIS C 141 -18.21 14.11 15.30
C HIS C 141 -17.11 13.18 14.81
N GLY C 142 -16.46 12.48 15.74
CA GLY C 142 -15.42 11.56 15.42
C GLY C 142 -15.91 10.13 15.37
N PRO C 143 -15.00 9.18 15.62
CA PRO C 143 -15.39 7.77 15.63
C PRO C 143 -16.40 7.46 16.73
N VAL C 144 -17.23 6.46 16.49
CA VAL C 144 -18.30 6.08 17.41
C VAL C 144 -17.74 5.13 18.47
N TYR C 145 -18.09 5.39 19.72
CA TYR C 145 -17.67 4.51 20.81
C TYR C 145 -18.42 3.19 20.73
N GLU C 146 -17.69 2.09 20.84
CA GLU C 146 -18.27 0.76 20.73
C GLU C 146 -17.95 -0.13 21.93
N ASP C 147 -17.36 0.42 22.99
CA ASP C 147 -17.01 -0.36 24.16
C ASP C 147 -18.21 -0.49 25.10
N ASP C 148 -18.02 -1.21 26.19
CA ASP C 148 -19.05 -1.40 27.20
C ASP C 148 -18.98 -0.37 28.32
N CYS C 149 -18.00 0.54 28.29
CA CYS C 149 -17.87 1.56 29.32
C CYS C 149 -18.70 2.80 28.99
N PHE C 150 -18.57 3.32 27.77
CA PHE C 150 -19.34 4.48 27.33
C PHE C 150 -20.30 4.18 26.19
N GLY C 151 -20.04 3.15 25.39
CA GLY C 151 -20.83 2.92 24.20
C GLY C 151 -22.27 2.54 24.51
N CYS C 152 -23.17 3.00 23.63
CA CYS C 152 -24.59 2.70 23.75
C CYS C 152 -25.25 2.94 22.41
N LEU C 153 -26.45 2.40 22.27
CA LEU C 153 -27.25 2.59 21.06
C LEU C 153 -28.71 2.34 21.44
N SER C 154 -29.52 3.39 21.41
CA SER C 154 -30.87 3.31 21.95
C SER C 154 -31.90 3.82 20.95
N TRP C 155 -33.05 3.15 20.95
CA TRP C 155 -34.20 3.55 20.15
C TRP C 155 -35.12 4.46 20.96
N SER C 156 -35.87 5.30 20.26
CA SER C 156 -36.88 6.11 20.90
C SER C 156 -38.14 5.28 21.15
N HIS C 157 -39.01 5.80 22.03
CA HIS C 157 -40.27 5.13 22.27
C HIS C 157 -41.20 5.23 21.07
N SER C 158 -41.10 6.31 20.30
CA SER C 158 -41.85 6.46 19.06
C SER C 158 -41.14 5.81 17.87
N GLU C 159 -39.94 5.29 18.06
CA GLU C 159 -39.16 4.63 17.00
C GLU C 159 -38.94 5.58 15.82
N THR C 160 -38.65 6.85 16.13
CA THR C 160 -38.36 7.84 15.11
C THR C 160 -36.96 8.43 15.19
N HIS C 161 -36.26 8.25 16.31
CA HIS C 161 -34.91 8.77 16.49
C HIS C 161 -34.02 7.70 17.10
N LEU C 162 -32.72 7.85 16.89
CA LEU C 162 -31.71 6.97 17.46
C LEU C 162 -30.73 7.79 18.28
N LEU C 163 -30.26 7.22 19.38
CA LEU C 163 -29.34 7.90 20.29
C LEU C 163 -28.08 7.07 20.47
N TYR C 164 -26.92 7.72 20.35
CA TYR C 164 -25.65 7.02 20.54
C TYR C 164 -24.61 8.00 21.07
N VAL C 165 -23.39 7.52 21.22
CA VAL C 165 -22.28 8.29 21.79
C VAL C 165 -21.12 8.25 20.80
N ALA C 166 -20.55 9.41 20.52
CA ALA C 166 -19.44 9.52 19.58
C ALA C 166 -18.32 10.35 20.22
N ASP C 167 -17.26 10.60 19.45
CA ASP C 167 -16.13 11.38 19.92
C ASP C 167 -16.31 12.84 19.53
N LYS C 168 -15.91 13.74 20.42
CA LYS C 168 -16.03 15.16 20.17
C LYS C 168 -15.15 15.59 19.01
N LYS C 169 -15.67 16.50 18.18
CA LYS C 169 -14.93 16.98 17.02
C LYS C 169 -13.84 17.94 17.43
N ARG C 170 -12.68 17.83 16.79
CA ARG C 170 -11.53 18.69 17.07
C ARG C 170 -11.38 19.75 15.98
N PRO C 171 -10.98 20.96 16.34
CA PRO C 171 -10.75 22.00 15.33
C PRO C 171 -9.63 21.61 14.38
N LYS C 172 -9.77 22.04 13.13
CA LYS C 172 -8.77 21.75 12.12
C LYS C 172 -7.48 22.52 12.40
N ALA C 173 -6.35 21.91 12.03
CA ALA C 173 -5.04 22.49 12.26
C ALA C 173 -4.18 22.33 11.01
N GLU C 174 -3.19 23.21 10.88
CA GLU C 174 -2.29 23.19 9.74
C GLU C 174 -0.92 23.68 10.18
N SER C 175 0.07 23.46 9.32
CA SER C 175 1.44 23.85 9.63
C SER C 175 1.68 25.32 9.32
N PHE C 176 2.76 25.85 9.89
CA PHE C 176 3.14 27.23 9.61
C PHE C 176 3.58 27.42 8.16
N PHE C 177 4.23 26.41 7.58
CA PHE C 177 4.75 26.47 6.22
C PHE C 177 3.91 25.55 5.34
N GLN C 178 2.81 26.08 4.84
CA GLN C 178 1.91 25.33 3.98
C GLN C 178 1.64 26.15 2.72
N THR C 179 1.68 25.50 1.57
CA THR C 179 1.46 26.18 0.29
C THR C 179 -0.03 26.23 0.00
N LYS C 180 -0.53 27.44 -0.26
CA LYS C 180 -1.94 27.65 -0.58
C LYS C 180 -2.12 27.82 -2.08
N ALA C 181 -3.26 27.37 -2.58
CA ALA C 181 -3.54 27.48 -4.01
C ALA C 181 -3.65 28.93 -4.43
N LEU C 182 -3.15 29.22 -5.64
CA LEU C 182 -3.18 30.58 -6.17
C LEU C 182 -4.48 30.85 -6.92
N GLN C 199 -9.85 30.18 9.76
CA GLN C 199 -10.22 28.89 9.20
C GLN C 199 -9.58 27.76 9.99
N ALA C 200 -8.30 27.50 9.73
CA ALA C 200 -7.54 26.44 10.39
C ALA C 200 -6.43 27.07 11.22
N ILE C 201 -6.30 26.61 12.46
CA ILE C 201 -5.27 27.12 13.35
C ILE C 201 -3.90 26.62 12.90
N LYS C 202 -2.89 27.46 13.03
CA LYS C 202 -1.53 27.13 12.60
C LYS C 202 -0.68 26.78 13.81
N GLY C 203 -0.02 25.62 13.75
CA GLY C 203 0.85 25.20 14.82
C GLY C 203 0.17 24.49 15.97
N ASP C 204 -1.00 23.90 15.75
CA ASP C 204 -1.74 23.21 16.80
C ASP C 204 -2.02 21.75 16.44
N GLN C 205 -1.24 21.18 15.53
CA GLN C 205 -1.47 19.79 15.11
C GLN C 205 -0.84 18.78 16.04
N PHE C 206 -0.01 19.20 17.00
CA PHE C 206 0.64 18.30 17.93
C PHE C 206 0.27 18.61 19.38
N LEU C 207 -0.95 19.09 19.60
CA LEU C 207 -1.44 19.29 20.96
C LEU C 207 -1.68 17.95 21.63
N PHE C 208 -1.77 17.97 22.96
CA PHE C 208 -1.92 16.77 23.76
C PHE C 208 -3.39 16.61 24.17
N TYR C 209 -3.96 15.46 23.85
CA TYR C 209 -5.32 15.12 24.23
C TYR C 209 -5.27 13.86 25.09
N GLU C 210 -5.56 14.01 26.38
CA GLU C 210 -5.47 12.89 27.30
C GLU C 210 -6.61 11.91 27.07
N ASP C 211 -6.29 10.62 27.12
CA ASP C 211 -7.25 9.55 26.92
C ASP C 211 -7.59 8.91 28.27
N TRP C 212 -8.38 7.84 28.23
CA TRP C 212 -8.90 7.20 29.43
C TRP C 212 -8.09 5.99 29.86
N GLY C 213 -6.91 5.77 29.29
CA GLY C 213 -6.01 4.74 29.78
C GLY C 213 -5.93 3.49 28.96
N GLU C 214 -5.86 2.34 29.64
CA GLU C 214 -5.67 1.06 28.96
C GLU C 214 -6.91 0.71 28.13
N ASN C 215 -6.66 0.18 26.93
CA ASN C 215 -7.69 -0.28 25.99
C ASN C 215 -8.60 0.84 25.52
N MET C 216 -8.26 2.10 25.78
CA MET C 216 -9.05 3.25 25.40
C MET C 216 -8.17 4.30 24.71
N VAL C 217 -7.37 3.85 23.75
CA VAL C 217 -6.47 4.75 23.04
C VAL C 217 -7.27 5.71 22.18
N SER C 218 -6.91 6.99 22.25
CA SER C 218 -7.55 8.05 21.45
C SER C 218 -9.04 8.16 21.76
N LYS C 219 -9.38 8.12 23.04
CA LYS C 219 -10.75 8.31 23.51
C LYS C 219 -10.71 9.35 24.63
N SER C 220 -10.88 10.62 24.26
CA SER C 220 -10.68 11.73 25.19
C SER C 220 -12.00 12.25 25.75
N THR C 221 -12.92 12.70 24.90
CA THR C 221 -14.15 13.31 25.37
C THR C 221 -15.34 12.87 24.52
N PRO C 222 -16.23 12.05 25.05
CA PRO C 222 -17.41 11.63 24.30
C PRO C 222 -18.52 12.67 24.35
N VAL C 223 -19.40 12.58 23.35
CA VAL C 223 -20.58 13.43 23.24
C VAL C 223 -21.77 12.58 22.84
N LEU C 224 -22.96 13.09 23.13
CA LEU C 224 -24.21 12.40 22.81
C LEU C 224 -24.74 12.90 21.48
N CYS C 225 -25.09 11.97 20.59
CA CYS C 225 -25.59 12.29 19.26
C CYS C 225 -26.96 11.67 19.05
N VAL C 226 -27.84 12.45 18.43
CA VAL C 226 -29.21 12.02 18.13
C VAL C 226 -29.40 12.12 16.62
N LEU C 227 -29.88 11.03 16.03
CA LEU C 227 -30.12 10.95 14.59
C LEU C 227 -31.61 10.80 14.32
N ASP C 228 -32.10 11.57 13.35
CA ASP C 228 -33.49 11.48 12.89
C ASP C 228 -33.53 10.60 11.65
N ILE C 229 -34.31 9.52 11.72
CA ILE C 229 -34.32 8.54 10.63
C ILE C 229 -35.00 9.12 9.39
N GLU C 230 -36.12 9.82 9.58
CA GLU C 230 -36.89 10.30 8.44
C GLU C 230 -36.12 11.33 7.63
N SER C 231 -35.53 12.32 8.31
CA SER C 231 -34.82 13.39 7.61
C SER C 231 -33.37 13.06 7.35
N GLY C 232 -32.64 12.61 8.37
CA GLY C 232 -31.23 12.31 8.25
C GLY C 232 -30.30 13.30 8.89
N ASN C 233 -30.79 14.20 9.72
CA ASN C 233 -29.95 15.22 10.36
C ASN C 233 -29.46 14.72 11.71
N ILE C 234 -28.18 14.93 11.98
CA ILE C 234 -27.56 14.53 13.24
C ILE C 234 -27.38 15.76 14.11
N SER C 235 -27.78 15.66 15.38
CA SER C 235 -27.69 16.76 16.32
C SER C 235 -26.92 16.34 17.55
N VAL C 236 -26.05 17.23 18.03
CA VAL C 236 -25.27 17.00 19.24
C VAL C 236 -25.95 17.77 20.36
N LEU C 237 -26.31 17.06 21.43
CA LEU C 237 -27.05 17.66 22.53
C LEU C 237 -26.18 18.67 23.27
N GLU C 238 -26.83 19.73 23.76
CA GLU C 238 -26.17 20.78 24.53
C GLU C 238 -26.75 20.81 25.94
N GLY C 239 -25.91 21.24 26.88
CA GLY C 239 -26.29 21.30 28.28
C GLY C 239 -25.50 20.37 29.18
N VAL C 240 -24.69 19.49 28.61
CA VAL C 240 -23.83 18.61 29.42
C VAL C 240 -22.78 19.45 30.13
N PRO C 241 -22.50 19.18 31.41
CA PRO C 241 -21.45 19.95 32.09
C PRO C 241 -20.11 19.81 31.39
N GLU C 242 -19.34 20.90 31.39
CA GLU C 242 -18.09 20.96 30.65
C GLU C 242 -16.99 20.11 31.26
N SER C 243 -17.17 19.58 32.47
CA SER C 243 -16.14 18.82 33.15
C SER C 243 -16.51 17.35 33.33
N VAL C 244 -17.48 16.85 32.56
CA VAL C 244 -17.91 15.46 32.68
C VAL C 244 -17.92 14.81 31.29
N SER C 245 -17.79 13.50 31.29
CA SER C 245 -17.91 12.68 30.09
C SER C 245 -19.19 11.87 30.18
N PRO C 246 -20.10 12.00 29.23
CA PRO C 246 -21.37 11.28 29.29
C PRO C 246 -21.29 9.88 28.69
N GLY C 247 -22.17 9.02 29.18
CA GLY C 247 -22.25 7.66 28.66
C GLY C 247 -23.49 6.95 29.18
N GLN C 248 -23.70 5.75 28.63
CA GLN C 248 -24.78 4.85 29.03
C GLN C 248 -26.12 5.59 29.12
N ALA C 249 -26.54 6.12 27.97
CA ALA C 249 -27.71 6.97 27.89
C ALA C 249 -28.92 6.21 27.36
N PHE C 250 -30.10 6.64 27.77
CA PHE C 250 -31.35 6.09 27.27
C PHE C 250 -32.41 7.19 27.32
N TRP C 251 -33.46 7.01 26.53
CA TRP C 251 -34.50 8.02 26.41
C TRP C 251 -35.34 8.08 27.68
N ALA C 252 -35.72 9.30 28.07
CA ALA C 252 -36.56 9.52 29.22
C ALA C 252 -38.00 9.12 28.92
N PRO C 253 -38.81 8.86 29.95
CA PRO C 253 -40.23 8.56 29.71
C PRO C 253 -40.92 9.70 28.98
N GLY C 254 -41.68 9.35 27.95
CA GLY C 254 -42.36 10.33 27.12
C GLY C 254 -41.49 10.96 26.05
N ASP C 255 -40.25 10.50 25.89
CA ASP C 255 -39.33 11.05 24.89
C ASP C 255 -39.12 12.55 25.08
N THR C 256 -39.07 12.98 26.34
CA THR C 256 -38.87 14.38 26.66
C THR C 256 -37.40 14.75 26.78
N GLY C 257 -36.55 13.82 27.18
CA GLY C 257 -35.14 14.10 27.33
C GLY C 257 -34.31 12.84 27.29
N VAL C 258 -33.09 12.95 27.82
CA VAL C 258 -32.12 11.87 27.82
C VAL C 258 -31.51 11.77 29.22
N VAL C 259 -31.44 10.55 29.75
CA VAL C 259 -30.82 10.27 31.04
C VAL C 259 -29.51 9.54 30.78
N PHE C 260 -28.43 10.02 31.40
CA PHE C 260 -27.10 9.48 31.14
C PHE C 260 -26.30 9.50 32.44
N VAL C 261 -25.08 8.94 32.37
CA VAL C 261 -24.15 8.91 33.48
C VAL C 261 -22.93 9.73 33.10
N GLY C 262 -22.55 10.67 33.97
CA GLY C 262 -21.42 11.54 33.73
C GLY C 262 -20.26 11.20 34.65
N TRP C 263 -19.10 10.98 34.04
CA TRP C 263 -17.87 10.68 34.77
C TRP C 263 -16.99 11.92 34.85
N TRP C 264 -16.52 12.24 36.05
CA TRP C 264 -15.69 13.41 36.25
C TRP C 264 -14.28 13.15 35.73
N HIS C 265 -13.76 14.10 34.96
CA HIS C 265 -12.42 13.99 34.38
C HIS C 265 -11.59 15.23 34.71
N GLU C 266 -11.68 15.69 35.95
CA GLU C 266 -10.86 16.81 36.42
C GLU C 266 -10.21 16.44 37.74
N PRO C 267 -8.94 16.82 37.95
CA PRO C 267 -8.07 17.57 37.04
C PRO C 267 -7.48 16.73 35.92
N PHE C 268 -7.49 15.40 36.05
CA PHE C 268 -7.02 14.53 34.99
C PHE C 268 -7.72 13.19 35.09
N ARG C 269 -7.70 12.45 33.98
CA ARG C 269 -8.41 11.19 33.88
C ARG C 269 -7.60 10.05 34.48
N LEU C 270 -8.29 9.17 35.21
CA LEU C 270 -7.71 7.95 35.74
C LEU C 270 -8.19 6.75 34.93
N GLY C 271 -7.57 5.60 35.18
CA GLY C 271 -7.94 4.40 34.45
C GLY C 271 -9.40 4.02 34.71
N ILE C 272 -10.04 3.50 33.66
CA ILE C 272 -11.45 3.14 33.74
C ILE C 272 -11.68 1.64 33.58
N ARG C 273 -10.71 0.89 33.06
CA ARG C 273 -10.95 -0.56 32.85
C ARG C 273 -10.85 -1.31 34.19
N PHE C 274 -11.81 -2.21 34.46
CA PHE C 274 -11.83 -3.08 35.67
C PHE C 274 -11.77 -2.25 36.95
N CYS C 275 -12.16 -0.97 36.90
CA CYS C 275 -12.19 -0.08 38.05
C CYS C 275 -13.59 0.51 38.17
N THR C 276 -14.22 0.32 39.33
CA THR C 276 -15.56 0.83 39.60
C THR C 276 -15.55 1.90 40.69
N ASN C 277 -14.39 2.49 40.97
CA ASN C 277 -14.26 3.51 42.02
C ASN C 277 -13.96 4.88 41.43
N ARG C 278 -14.59 5.18 40.29
CA ARG C 278 -14.41 6.47 39.62
C ARG C 278 -15.62 7.35 39.87
N ARG C 279 -15.38 8.58 40.30
CA ARG C 279 -16.46 9.49 40.66
C ARG C 279 -17.36 9.76 39.44
N SER C 280 -18.66 9.62 39.65
CA SER C 280 -19.63 9.77 38.57
C SER C 280 -20.99 10.10 39.16
N ALA C 281 -21.90 10.51 38.30
CA ALA C 281 -23.24 10.90 38.73
C ALA C 281 -24.24 10.60 37.62
N LEU C 282 -25.53 10.73 37.96
CA LEU C 282 -26.63 10.48 37.04
C LEU C 282 -27.30 11.79 36.68
N TYR C 283 -27.43 12.07 35.39
CA TYR C 283 -27.96 13.34 34.92
C TYR C 283 -29.11 13.10 33.96
N TYR C 284 -29.97 14.10 33.84
CA TYR C 284 -31.06 14.14 32.87
C TYR C 284 -31.06 15.50 32.20
N VAL C 285 -31.16 15.51 30.86
CA VAL C 285 -31.10 16.75 30.09
C VAL C 285 -32.19 16.74 29.03
N ASP C 286 -32.84 17.89 28.86
CA ASP C 286 -33.91 18.01 27.88
C ASP C 286 -33.35 18.04 26.46
N LEU C 287 -34.21 17.69 25.50
CA LEU C 287 -33.80 17.68 24.10
C LEU C 287 -33.46 19.09 23.63
N THR C 288 -34.31 20.06 23.95
CA THR C 288 -34.02 21.45 23.63
C THR C 288 -32.92 21.98 24.54
N GLY C 289 -32.30 23.08 24.11
CA GLY C 289 -31.24 23.69 24.88
C GLY C 289 -31.77 23.97 26.27
N GLY C 290 -31.08 23.45 27.29
CA GLY C 290 -31.52 23.58 28.66
C GLY C 290 -30.42 23.12 29.60
N LYS C 291 -30.67 23.30 30.89
CA LYS C 291 -29.70 22.97 31.92
C LYS C 291 -29.93 21.55 32.42
N CYS C 292 -28.82 20.86 32.72
CA CYS C 292 -28.90 19.49 33.23
C CYS C 292 -29.47 19.47 34.63
N GLU C 293 -30.08 18.34 34.99
CA GLU C 293 -30.66 18.13 36.31
C GLU C 293 -30.00 16.93 36.96
N LEU C 294 -29.64 17.08 38.24
CA LEU C 294 -28.99 16.02 38.99
C LEU C 294 -30.02 15.10 39.65
N LEU C 295 -29.78 13.80 39.56
CA LEU C 295 -30.70 12.81 40.09
C LEU C 295 -30.11 11.93 41.18
N SER C 296 -28.82 12.09 41.51
CA SER C 296 -28.17 11.27 42.50
C SER C 296 -27.21 12.15 43.31
N ASP C 297 -26.35 11.51 44.09
CA ASP C 297 -25.37 12.21 44.92
C ASP C 297 -24.05 12.29 44.17
N GLU C 298 -23.49 13.50 44.09
CA GLU C 298 -22.25 13.74 43.36
C GLU C 298 -21.03 13.58 44.25
N SER C 299 -20.95 12.46 44.96
CA SER C 299 -19.81 12.16 45.81
C SER C 299 -19.29 10.73 45.69
N VAL C 300 -20.02 9.83 45.03
CA VAL C 300 -19.64 8.42 44.94
C VAL C 300 -19.76 7.96 43.50
N ALA C 301 -19.53 6.67 43.26
CA ALA C 301 -19.62 6.09 41.93
C ALA C 301 -20.98 5.43 41.73
N VAL C 302 -21.62 5.72 40.61
CA VAL C 302 -22.88 5.08 40.22
C VAL C 302 -22.73 4.57 38.80
N THR C 303 -23.53 3.56 38.46
CA THR C 303 -23.44 2.95 37.14
C THR C 303 -24.69 2.12 36.86
N SER C 304 -24.82 1.73 35.59
CA SER C 304 -25.79 0.76 35.08
C SER C 304 -27.23 1.13 35.43
N PRO C 305 -27.80 2.19 34.85
CA PRO C 305 -29.22 2.48 35.06
C PRO C 305 -30.11 1.78 34.05
N ARG C 306 -31.22 1.25 34.53
CA ARG C 306 -32.20 0.57 33.69
C ARG C 306 -33.60 1.08 34.01
N LEU C 307 -34.42 1.21 32.98
CA LEU C 307 -35.77 1.74 33.10
C LEU C 307 -36.79 0.61 33.11
N SER C 308 -37.82 0.76 33.95
CA SER C 308 -38.84 -0.26 34.07
C SER C 308 -39.71 -0.32 32.82
N PRO C 309 -40.35 -1.46 32.55
CA PRO C 309 -41.20 -1.57 31.37
C PRO C 309 -42.36 -0.58 31.35
N ASP C 310 -42.90 -0.24 32.52
CA ASP C 310 -44.00 0.71 32.60
C ASP C 310 -43.53 2.16 32.64
N GLN C 311 -42.23 2.40 32.59
CA GLN C 311 -41.65 3.74 32.54
C GLN C 311 -42.06 4.56 33.76
N CYS C 312 -41.76 3.99 34.94
CA CYS C 312 -42.11 4.64 36.20
C CYS C 312 -40.97 4.68 37.21
N ARG C 313 -39.97 3.82 37.11
CA ARG C 313 -38.89 3.80 38.08
C ARG C 313 -37.59 3.36 37.42
N ILE C 314 -36.48 3.71 38.05
CA ILE C 314 -35.15 3.39 37.54
C ILE C 314 -34.37 2.68 38.65
N VAL C 315 -33.47 1.79 38.26
CA VAL C 315 -32.63 1.06 39.20
C VAL C 315 -31.19 1.17 38.73
N TYR C 316 -30.26 1.30 39.69
CA TYR C 316 -28.85 1.43 39.35
C TYR C 316 -27.99 0.90 40.48
N LEU C 317 -26.68 0.86 40.23
CA LEU C 317 -25.69 0.35 41.18
C LEU C 317 -24.87 1.50 41.72
N ARG C 318 -24.69 1.53 43.04
CA ARG C 318 -23.93 2.58 43.71
C ARG C 318 -22.85 1.96 44.58
N PHE C 319 -21.67 2.58 44.58
CA PHE C 319 -20.56 2.12 45.39
C PHE C 319 -20.20 3.16 46.43
N PRO C 320 -20.14 2.80 47.71
CA PRO C 320 -20.06 3.82 48.76
C PRO C 320 -18.71 4.52 48.86
N SER C 321 -17.62 3.86 48.51
CA SER C 321 -16.29 4.43 48.67
C SER C 321 -15.54 4.44 47.34
N LEU C 322 -14.34 5.02 47.36
CA LEU C 322 -13.50 5.13 46.18
C LEU C 322 -12.12 4.52 46.38
N VAL C 323 -11.85 3.91 47.53
CA VAL C 323 -10.51 3.40 47.83
C VAL C 323 -10.25 2.11 47.05
N PRO C 324 -11.06 1.06 47.17
CA PRO C 324 -10.76 -0.16 46.42
C PRO C 324 -11.32 -0.11 45.01
N HIS C 325 -10.58 -0.74 44.08
CA HIS C 325 -10.98 -0.70 42.68
C HIS C 325 -12.19 -1.59 42.40
N GLN C 326 -12.43 -2.62 43.23
CA GLN C 326 -13.63 -3.43 43.14
C GLN C 326 -14.08 -3.80 44.54
N GLN C 327 -15.39 -3.72 44.77
CA GLN C 327 -15.94 -3.92 46.10
C GLN C 327 -17.41 -4.29 45.98
N CYS C 328 -18.00 -4.67 47.11
CA CYS C 328 -19.43 -4.95 47.16
C CYS C 328 -20.22 -3.66 46.96
N GLY C 329 -21.30 -3.75 46.20
CA GLY C 329 -22.10 -2.59 45.84
C GLY C 329 -23.50 -2.61 46.43
N GLN C 330 -24.22 -1.52 46.16
CA GLN C 330 -25.59 -1.34 46.60
C GLN C 330 -26.50 -1.23 45.37
N LEU C 331 -27.69 -1.82 45.47
CA LEU C 331 -28.70 -1.69 44.43
C LEU C 331 -29.74 -0.67 44.88
N CYS C 332 -29.86 0.43 44.14
CA CYS C 332 -30.68 1.56 44.52
C CYS C 332 -31.76 1.81 43.50
N LEU C 333 -32.89 2.35 43.98
CA LEU C 333 -34.07 2.62 43.18
C LEU C 333 -34.43 4.10 43.25
N TYR C 334 -34.92 4.63 42.13
CA TYR C 334 -35.33 6.03 42.03
C TYR C 334 -36.70 6.09 41.37
N ASP C 335 -37.62 6.81 41.98
CA ASP C 335 -38.97 6.96 41.44
C ASP C 335 -39.06 8.22 40.58
N TRP C 336 -39.56 8.08 39.36
CA TRP C 336 -39.53 9.17 38.41
C TRP C 336 -40.49 10.30 38.78
N TYR C 337 -41.65 9.97 39.34
CA TYR C 337 -42.68 10.96 39.59
C TYR C 337 -42.64 11.53 41.01
N THR C 338 -42.45 10.68 42.02
CA THR C 338 -42.34 11.16 43.39
C THR C 338 -40.95 11.68 43.72
N ARG C 339 -39.94 11.38 42.88
CA ARG C 339 -38.58 11.85 43.08
C ARG C 339 -38.04 11.45 44.45
N VAL C 340 -38.14 10.16 44.76
CA VAL C 340 -37.70 9.60 46.03
C VAL C 340 -36.70 8.49 45.75
N THR C 341 -35.56 8.53 46.43
CA THR C 341 -34.51 7.54 46.27
C THR C 341 -34.44 6.65 47.50
N SER C 342 -34.40 5.34 47.28
CA SER C 342 -34.32 4.36 48.37
C SER C 342 -33.28 3.31 48.02
N VAL C 343 -32.74 2.67 49.05
CA VAL C 343 -31.73 1.63 48.90
C VAL C 343 -32.45 0.29 48.95
N VAL C 344 -32.44 -0.44 47.82
CA VAL C 344 -33.10 -1.73 47.77
C VAL C 344 -32.23 -2.81 48.40
N VAL C 345 -30.98 -2.92 47.95
CA VAL C 345 -30.05 -3.93 48.46
C VAL C 345 -28.82 -3.22 48.98
N ASP C 346 -28.44 -3.52 50.23
CA ASP C 346 -27.37 -2.85 50.94
C ASP C 346 -26.12 -3.71 50.98
N ILE C 347 -25.11 -3.22 51.70
CA ILE C 347 -23.81 -3.90 51.78
C ILE C 347 -23.90 -5.07 52.75
N VAL C 348 -23.34 -6.20 52.35
CA VAL C 348 -23.29 -7.40 53.18
C VAL C 348 -21.87 -7.52 53.74
N PRO C 349 -21.67 -7.36 55.06
CA PRO C 349 -20.31 -7.45 55.62
C PRO C 349 -19.64 -8.79 55.38
N ARG C 350 -20.24 -9.88 55.85
CA ARG C 350 -19.68 -11.21 55.68
C ARG C 350 -20.60 -12.15 54.93
N GLN C 351 -21.84 -12.30 55.38
CA GLN C 351 -22.77 -13.24 54.76
C GLN C 351 -24.19 -12.90 55.16
N LEU C 352 -25.11 -12.99 54.20
CA LEU C 352 -26.53 -12.76 54.42
C LEU C 352 -27.25 -14.07 54.11
N GLY C 353 -27.36 -14.93 55.11
CA GLY C 353 -27.94 -16.24 54.91
C GLY C 353 -26.90 -17.27 54.56
N GLU C 354 -27.24 -18.17 53.61
CA GLU C 354 -26.30 -19.19 53.16
C GLU C 354 -26.11 -19.19 51.65
N ASP C 355 -26.71 -18.25 50.93
CA ASP C 355 -26.61 -18.21 49.48
C ASP C 355 -26.27 -16.84 48.91
N PHE C 356 -26.24 -15.79 49.72
CA PHE C 356 -25.97 -14.43 49.26
C PHE C 356 -24.78 -13.86 50.02
N SER C 357 -23.93 -13.13 49.29
CA SER C 357 -22.76 -12.50 49.91
C SER C 357 -22.54 -11.08 49.41
N GLY C 358 -23.43 -10.54 48.59
CA GLY C 358 -23.30 -9.20 48.07
C GLY C 358 -23.35 -9.17 46.55
N ILE C 359 -23.39 -7.94 46.03
CA ILE C 359 -23.44 -7.69 44.60
C ILE C 359 -22.06 -7.26 44.13
N TYR C 360 -21.45 -8.05 43.25
CA TYR C 360 -20.12 -7.78 42.75
C TYR C 360 -20.05 -7.60 41.25
N CYS C 361 -21.13 -7.84 40.51
CA CYS C 361 -21.14 -7.59 39.08
C CYS C 361 -21.09 -6.10 38.81
N SER C 362 -20.32 -5.71 37.78
CA SER C 362 -20.17 -4.31 37.42
C SER C 362 -21.20 -3.83 36.42
N LEU C 363 -22.01 -4.72 35.86
CA LEU C 363 -23.02 -4.35 34.87
C LEU C 363 -24.24 -5.24 35.02
N LEU C 364 -25.42 -4.61 35.01
CA LEU C 364 -26.67 -5.35 34.96
C LEU C 364 -26.98 -5.73 33.51
N PRO C 365 -27.79 -6.77 33.31
CA PRO C 365 -28.21 -7.11 31.94
C PRO C 365 -29.01 -5.99 31.31
N LEU C 366 -28.97 -5.94 29.98
CA LEU C 366 -29.72 -4.90 29.27
C LEU C 366 -31.21 -4.99 29.56
N GLY C 367 -31.74 -6.21 29.61
CA GLY C 367 -33.08 -6.43 30.11
C GLY C 367 -33.03 -7.18 31.43
N CYS C 368 -33.51 -6.55 32.50
CA CYS C 368 -33.45 -7.15 33.83
C CYS C 368 -34.76 -7.11 34.59
N TRP C 369 -35.77 -6.38 34.12
CA TRP C 369 -37.05 -6.27 34.82
C TRP C 369 -37.97 -7.42 34.44
N SER C 370 -38.85 -7.78 35.37
CA SER C 370 -39.91 -8.73 35.10
C SER C 370 -41.08 -8.02 34.42
N ALA C 371 -42.09 -8.79 34.02
CA ALA C 371 -43.22 -8.23 33.31
C ALA C 371 -44.03 -7.27 34.18
N ASP C 372 -44.09 -7.52 35.48
CA ASP C 372 -44.88 -6.72 36.41
C ASP C 372 -44.14 -5.50 36.93
N SER C 373 -42.88 -5.29 36.51
CA SER C 373 -42.07 -4.17 36.97
C SER C 373 -41.94 -4.16 38.49
N GLN C 374 -41.73 -5.33 39.08
CA GLN C 374 -41.58 -5.48 40.52
C GLN C 374 -40.31 -6.19 40.95
N ARG C 375 -39.77 -7.08 40.12
CA ARG C 375 -38.61 -7.88 40.48
C ARG C 375 -37.48 -7.64 39.48
N VAL C 376 -36.26 -7.78 39.96
CA VAL C 376 -35.05 -7.59 39.16
C VAL C 376 -34.21 -8.85 39.25
N VAL C 377 -33.75 -9.35 38.12
CA VAL C 377 -32.95 -10.57 38.04
C VAL C 377 -31.55 -10.22 37.58
N PHE C 378 -30.54 -10.77 38.27
CA PHE C 378 -29.15 -10.54 37.89
C PHE C 378 -28.35 -11.78 38.24
N ASP C 379 -27.04 -11.70 38.02
CA ASP C 379 -26.11 -12.77 38.37
C ASP C 379 -24.93 -12.18 39.14
N SER C 380 -24.40 -12.98 40.06
CA SER C 380 -23.35 -12.49 40.95
C SER C 380 -22.49 -13.66 41.41
N PRO C 381 -21.21 -13.41 41.72
CA PRO C 381 -20.39 -14.44 42.34
C PRO C 381 -20.85 -14.75 43.75
N GLN C 382 -20.59 -15.98 44.18
CA GLN C 382 -20.93 -16.44 45.52
C GLN C 382 -19.89 -17.48 45.89
N ARG C 383 -19.00 -17.10 46.81
CA ARG C 383 -17.87 -17.97 47.20
C ARG C 383 -17.15 -18.28 45.88
N SER C 384 -17.05 -19.55 45.51
CA SER C 384 -16.35 -19.95 44.30
C SER C 384 -17.22 -20.31 43.11
N ARG C 385 -18.50 -19.94 43.13
CA ARG C 385 -19.41 -20.20 42.02
C ARG C 385 -20.05 -18.89 41.58
N GLN C 386 -20.89 -18.95 40.54
CA GLN C 386 -21.63 -17.80 40.06
C GLN C 386 -23.10 -18.19 39.98
N ASP C 387 -23.96 -17.39 40.60
CA ASP C 387 -25.36 -17.75 40.75
C ASP C 387 -26.26 -16.65 40.20
N LEU C 388 -27.53 -17.00 40.02
CA LEU C 388 -28.56 -16.07 39.56
C LEU C 388 -29.46 -15.72 40.74
N PHE C 389 -29.75 -14.43 40.90
CA PHE C 389 -30.54 -13.94 42.01
C PHE C 389 -31.69 -13.09 41.50
N ALA C 390 -32.80 -13.13 42.24
CA ALA C 390 -33.97 -12.31 41.96
C ALA C 390 -34.31 -11.52 43.22
N VAL C 391 -34.51 -10.21 43.07
CA VAL C 391 -34.77 -9.33 44.19
C VAL C 391 -36.08 -8.59 43.94
N ASP C 392 -36.94 -8.58 44.96
CA ASP C 392 -38.20 -7.86 44.90
C ASP C 392 -37.99 -6.45 45.41
N THR C 393 -38.22 -5.45 44.55
CA THR C 393 -37.95 -4.07 44.91
C THR C 393 -38.93 -3.52 45.93
N GLN C 394 -40.13 -4.09 46.01
CA GLN C 394 -41.12 -3.59 46.96
C GLN C 394 -40.70 -3.87 48.40
N MET C 395 -40.31 -5.12 48.68
CA MET C 395 -39.92 -5.51 50.03
C MET C 395 -38.41 -5.40 50.23
N GLY C 396 -37.63 -6.12 49.42
CA GLY C 396 -36.19 -6.07 49.53
C GLY C 396 -35.55 -7.43 49.82
N SER C 397 -36.27 -8.50 49.51
CA SER C 397 -35.76 -9.84 49.72
C SER C 397 -35.01 -10.33 48.48
N VAL C 398 -34.05 -11.22 48.72
CA VAL C 398 -33.21 -11.79 47.66
C VAL C 398 -33.41 -13.29 47.65
N THR C 399 -33.67 -13.86 46.48
CA THR C 399 -33.88 -15.29 46.33
C THR C 399 -32.91 -15.84 45.30
N SER C 400 -32.24 -16.94 45.64
CA SER C 400 -31.30 -17.60 44.76
C SER C 400 -32.02 -18.60 43.87
N LEU C 401 -31.85 -18.47 42.56
CA LEU C 401 -32.53 -19.33 41.60
C LEU C 401 -31.79 -20.62 41.32
N THR C 402 -30.49 -20.68 41.59
CA THR C 402 -29.67 -21.85 41.30
C THR C 402 -28.93 -22.31 42.55
N ALA C 403 -29.61 -22.28 43.70
CA ALA C 403 -29.00 -22.71 44.94
C ALA C 403 -28.82 -24.23 44.96
N GLY C 404 -27.85 -24.68 45.75
CA GLY C 404 -27.58 -26.08 45.88
C GLY C 404 -26.76 -26.64 44.73
N GLY C 405 -26.65 -27.97 44.72
CA GLY C 405 -25.90 -28.65 43.69
C GLY C 405 -24.42 -28.70 43.99
N SER C 406 -23.69 -29.33 43.06
CA SER C 406 -22.24 -29.45 43.22
C SER C 406 -21.53 -28.14 42.91
N GLY C 407 -22.03 -27.38 41.96
CA GLY C 407 -21.43 -26.11 41.59
C GLY C 407 -21.70 -25.81 40.13
N GLY C 408 -21.06 -24.75 39.66
CA GLY C 408 -21.21 -24.33 38.28
C GLY C 408 -21.19 -22.83 38.09
N SER C 409 -21.32 -22.38 36.85
CA SER C 409 -21.30 -20.96 36.51
C SER C 409 -22.47 -20.65 35.58
N TRP C 410 -23.33 -19.72 36.02
CA TRP C 410 -24.49 -19.29 35.26
C TRP C 410 -24.29 -17.83 34.83
N LYS C 411 -24.77 -17.51 33.62
CA LYS C 411 -24.76 -16.15 33.13
C LYS C 411 -26.10 -15.86 32.47
N LEU C 412 -26.71 -14.73 32.83
CA LEU C 412 -28.01 -14.33 32.29
C LEU C 412 -27.79 -13.37 31.13
N LEU C 413 -28.37 -13.70 29.97
CA LEU C 413 -28.20 -12.86 28.78
C LEU C 413 -29.33 -11.87 28.58
N THR C 414 -30.58 -12.29 28.74
CA THR C 414 -31.72 -11.40 28.58
C THR C 414 -32.93 -12.01 29.24
N ILE C 415 -33.93 -11.15 29.49
CA ILE C 415 -35.24 -11.60 29.96
C ILE C 415 -36.29 -10.65 29.37
N ASP C 416 -37.32 -11.24 28.77
CA ASP C 416 -38.40 -10.45 28.16
C ASP C 416 -39.70 -11.21 28.33
N ARG C 417 -40.68 -10.56 28.95
CA ARG C 417 -41.97 -11.18 29.25
C ARG C 417 -41.79 -12.47 30.04
N ASP C 418 -40.91 -12.41 31.06
CA ASP C 418 -40.69 -13.50 32.00
C ASP C 418 -40.08 -14.73 31.34
N LEU C 419 -39.35 -14.54 30.24
CA LEU C 419 -38.63 -15.62 29.56
C LEU C 419 -37.14 -15.30 29.61
N MET C 420 -36.39 -16.10 30.36
CA MET C 420 -34.97 -15.87 30.59
C MET C 420 -34.13 -16.79 29.71
N VAL C 421 -33.01 -16.25 29.22
CA VAL C 421 -32.03 -17.00 28.43
C VAL C 421 -30.72 -16.99 29.22
N VAL C 422 -30.14 -18.17 29.42
CA VAL C 422 -28.96 -18.31 30.27
C VAL C 422 -27.92 -19.19 29.59
N GLN C 423 -26.68 -19.03 30.03
CA GLN C 423 -25.54 -19.85 29.64
C GLN C 423 -24.97 -20.50 30.89
N PHE C 424 -24.70 -21.80 30.79
CA PHE C 424 -24.22 -22.60 31.92
C PHE C 424 -22.93 -23.29 31.55
N SER C 425 -21.97 -23.29 32.47
CA SER C 425 -20.69 -23.95 32.22
C SER C 425 -20.06 -24.40 33.51
N THR C 426 -19.26 -25.45 33.42
CA THR C 426 -18.50 -26.02 34.53
C THR C 426 -17.06 -26.21 34.07
N PRO C 427 -16.13 -26.40 35.02
CA PRO C 427 -14.72 -26.60 34.60
C PRO C 427 -14.51 -27.79 33.68
N SER C 428 -15.41 -28.76 33.67
CA SER C 428 -15.28 -29.91 32.78
C SER C 428 -16.32 -29.94 31.66
N VAL C 429 -17.13 -28.90 31.53
CA VAL C 429 -18.15 -28.85 30.49
C VAL C 429 -18.08 -27.50 29.78
N PRO C 430 -17.98 -27.48 28.45
CA PRO C 430 -18.01 -26.21 27.71
C PRO C 430 -19.34 -25.51 27.87
N PRO C 431 -19.44 -24.22 27.52
CA PRO C 431 -20.69 -23.48 27.73
C PRO C 431 -21.85 -24.10 26.96
N SER C 432 -23.03 -24.02 27.57
CA SER C 432 -24.27 -24.53 26.98
C SER C 432 -25.35 -23.49 27.16
N LEU C 433 -26.36 -23.53 26.28
CA LEU C 433 -27.38 -22.51 26.20
C LEU C 433 -28.73 -23.08 26.61
N LYS C 434 -29.41 -22.42 27.55
CA LYS C 434 -30.68 -22.87 28.08
C LYS C 434 -31.66 -21.70 28.15
N VAL C 435 -32.95 -22.04 28.23
CA VAL C 435 -34.01 -21.06 28.38
C VAL C 435 -34.93 -21.51 29.52
N GLY C 436 -35.68 -20.55 30.07
CA GLY C 436 -36.57 -20.87 31.17
C GLY C 436 -37.62 -19.79 31.36
N PHE C 437 -38.59 -20.10 32.21
CA PHE C 437 -39.67 -19.19 32.55
C PHE C 437 -39.60 -18.83 34.02
N LEU C 438 -39.72 -17.54 34.32
CA LEU C 438 -39.64 -17.08 35.70
C LEU C 438 -40.94 -17.39 36.43
N PRO C 439 -40.90 -18.14 37.53
CA PRO C 439 -42.13 -18.47 38.24
C PRO C 439 -42.71 -17.24 38.93
N PRO C 440 -43.97 -17.30 39.36
CA PRO C 440 -44.56 -16.15 40.07
C PRO C 440 -43.85 -15.89 41.40
N ALA C 441 -44.22 -14.77 42.01
CA ALA C 441 -43.58 -14.35 43.25
C ALA C 441 -43.80 -15.37 44.35
N GLY C 442 -42.73 -15.66 45.09
CA GLY C 442 -42.77 -16.61 46.18
C GLY C 442 -42.49 -18.05 45.80
N LYS C 443 -42.25 -18.33 44.52
CA LYS C 443 -41.99 -19.69 44.07
C LYS C 443 -40.86 -19.74 43.04
N GLU C 444 -39.88 -18.84 43.16
CA GLU C 444 -38.80 -18.76 42.20
C GLU C 444 -37.83 -19.92 42.28
N GLN C 445 -37.94 -20.77 43.31
CA GLN C 445 -37.01 -21.88 43.48
C GLN C 445 -37.34 -23.09 42.61
N ALA C 446 -38.46 -23.06 41.88
CA ALA C 446 -38.92 -24.20 41.09
C ALA C 446 -38.91 -23.87 39.60
N VAL C 447 -37.86 -23.22 39.13
CA VAL C 447 -37.73 -22.87 37.72
C VAL C 447 -37.24 -24.09 36.95
N SER C 448 -37.86 -24.36 35.81
CA SER C 448 -37.51 -25.49 34.95
C SER C 448 -36.74 -24.98 33.74
N TRP C 449 -35.58 -25.59 33.50
CA TRP C 449 -34.72 -25.20 32.39
C TRP C 449 -34.86 -26.19 31.24
N VAL C 450 -34.87 -25.67 30.02
CA VAL C 450 -34.95 -26.47 28.80
C VAL C 450 -33.68 -26.21 28.00
N SER C 451 -32.98 -27.28 27.63
CA SER C 451 -31.70 -27.16 26.95
C SER C 451 -31.92 -26.81 25.48
N LEU C 452 -31.38 -25.66 25.06
CA LEU C 452 -31.38 -25.31 23.65
C LEU C 452 -30.13 -25.83 22.94
N GLU C 453 -28.97 -25.71 23.59
CA GLU C 453 -27.72 -26.23 23.04
C GLU C 453 -26.91 -26.86 24.17
N GLU C 454 -26.49 -28.10 23.97
CA GLU C 454 -25.73 -28.86 24.95
C GLU C 454 -24.37 -29.24 24.37
N ALA C 455 -23.37 -29.31 25.24
CA ALA C 455 -22.01 -29.63 24.84
C ALA C 455 -21.58 -30.95 25.47
N GLU C 456 -20.67 -31.65 24.78
CA GLU C 456 -20.18 -32.93 25.26
C GLU C 456 -19.18 -32.72 26.38
N PRO C 457 -19.37 -33.34 27.55
CA PRO C 457 -18.43 -33.14 28.66
C PRO C 457 -17.13 -33.90 28.45
N PHE C 458 -16.15 -33.54 29.27
CA PHE C 458 -14.86 -34.24 29.29
C PHE C 458 -14.76 -35.06 30.56
N PRO C 459 -14.84 -36.40 30.49
CA PRO C 459 -14.80 -37.21 31.71
C PRO C 459 -13.42 -37.41 32.29
N ASP C 460 -12.40 -36.76 31.72
CA ASP C 460 -11.00 -36.96 32.17
C ASP C 460 -10.60 -35.88 33.18
N ILE C 461 -11.53 -35.02 33.59
CA ILE C 461 -11.26 -33.94 34.52
C ILE C 461 -12.18 -34.08 35.72
N SER C 462 -11.61 -34.01 36.92
CA SER C 462 -12.40 -34.03 38.16
C SER C 462 -12.02 -32.81 38.98
N TRP C 463 -13.03 -32.04 39.40
CA TRP C 463 -12.80 -30.79 40.10
C TRP C 463 -13.54 -30.79 41.42
N SER C 464 -12.95 -30.11 42.41
CA SER C 464 -13.52 -30.01 43.74
C SER C 464 -13.11 -28.69 44.36
N ILE C 465 -13.72 -28.39 45.51
CA ILE C 465 -13.53 -27.12 46.21
C ILE C 465 -13.03 -27.42 47.62
N ARG C 466 -11.97 -26.72 48.03
CA ARG C 466 -11.39 -26.86 49.35
C ARG C 466 -11.54 -25.55 50.11
N VAL C 467 -11.87 -25.65 51.40
CA VAL C 467 -12.03 -24.51 52.28
C VAL C 467 -10.85 -24.51 53.26
N LEU C 468 -10.19 -23.36 53.39
CA LEU C 468 -8.96 -23.24 54.17
C LEU C 468 -9.15 -22.18 55.25
N GLN C 469 -8.77 -22.53 56.48
CA GLN C 469 -8.83 -21.65 57.64
C GLN C 469 -7.42 -21.26 58.05
N PRO C 470 -7.10 -19.97 58.08
CA PRO C 470 -5.73 -19.56 58.37
C PRO C 470 -5.34 -19.91 59.80
N PRO C 471 -4.06 -20.13 60.07
CA PRO C 471 -3.62 -20.40 61.44
C PRO C 471 -3.76 -19.16 62.31
N PRO C 472 -3.76 -19.31 63.63
CA PRO C 472 -3.96 -18.13 64.50
C PRO C 472 -2.90 -17.06 64.33
N GLN C 473 -1.67 -17.42 63.98
CA GLN C 473 -0.62 -16.43 63.82
C GLN C 473 -0.91 -15.49 62.65
N GLN C 474 -1.46 -16.02 61.56
CA GLN C 474 -1.74 -15.22 60.36
C GLN C 474 -3.16 -14.65 60.40
N GLU C 475 -3.48 -13.94 61.48
CA GLU C 475 -4.79 -13.30 61.62
C GLU C 475 -4.61 -11.89 62.16
N HIS C 476 -5.48 -10.99 61.73
CA HIS C 476 -5.46 -9.61 62.16
C HIS C 476 -6.63 -9.33 63.11
N VAL C 477 -6.44 -8.31 63.96
CA VAL C 477 -7.41 -8.04 65.02
C VAL C 477 -8.72 -7.52 64.44
N GLN C 478 -8.65 -6.67 63.43
CA GLN C 478 -9.86 -6.02 62.92
C GLN C 478 -10.83 -7.03 62.34
N TYR C 479 -10.34 -8.01 61.57
CA TYR C 479 -11.18 -9.01 60.94
C TYR C 479 -10.65 -10.40 61.32
N ALA C 480 -11.33 -11.05 62.26
CA ALA C 480 -10.94 -12.36 62.75
C ALA C 480 -12.01 -13.37 62.39
N GLY C 481 -11.57 -14.56 61.95
CA GLY C 481 -12.46 -15.64 61.59
C GLY C 481 -12.69 -15.81 60.10
N LEU C 482 -12.01 -15.05 59.26
CA LEU C 482 -12.17 -15.20 57.83
C LEU C 482 -11.48 -16.47 57.34
N ASP C 483 -12.04 -17.06 56.28
CA ASP C 483 -11.47 -18.24 55.65
C ASP C 483 -11.56 -18.07 54.13
N PHE C 484 -10.70 -18.79 53.41
CA PHE C 484 -10.64 -18.64 51.97
C PHE C 484 -10.80 -20.01 51.31
N GLU C 485 -10.70 -20.05 49.98
CA GLU C 485 -11.05 -21.25 49.23
C GLU C 485 -10.06 -21.50 48.10
N ALA C 486 -10.10 -22.72 47.59
CA ALA C 486 -9.30 -23.13 46.44
C ALA C 486 -10.10 -24.11 45.60
N ILE C 487 -9.77 -24.15 44.31
CA ILE C 487 -10.38 -25.07 43.36
C ILE C 487 -9.30 -26.02 42.87
N LEU C 488 -9.55 -27.32 42.99
CA LEU C 488 -8.58 -28.35 42.65
C LEU C 488 -9.10 -29.15 41.46
N LEU C 489 -8.30 -29.22 40.40
CA LEU C 489 -8.60 -30.02 39.22
C LEU C 489 -7.55 -31.10 39.08
N GLN C 490 -7.97 -32.34 38.87
CA GLN C 490 -7.06 -33.46 38.75
C GLN C 490 -7.57 -34.41 37.67
N PRO C 491 -6.68 -35.22 37.09
CA PRO C 491 -7.13 -36.23 36.12
C PRO C 491 -7.83 -37.37 36.82
N SER C 492 -9.05 -37.69 36.37
CA SER C 492 -9.81 -38.78 36.94
C SER C 492 -9.19 -40.12 36.56
N ASN C 493 -9.39 -41.11 37.43
CA ASN C 493 -8.89 -42.48 37.23
C ASN C 493 -7.37 -42.48 37.07
N SER C 494 -6.68 -41.78 37.96
CA SER C 494 -5.22 -41.80 37.95
C SER C 494 -4.73 -43.14 38.50
N PRO C 495 -3.63 -43.67 37.95
CA PRO C 495 -3.08 -44.96 38.41
C PRO C 495 -2.60 -44.92 39.85
N THR C 498 1.56 -43.42 41.76
CA THR C 498 0.50 -42.44 41.49
C THR C 498 0.89 -41.06 42.01
N GLN C 499 2.08 -40.60 41.62
CA GLN C 499 2.59 -39.30 42.02
C GLN C 499 2.51 -38.36 40.81
N VAL C 500 1.78 -37.27 40.96
CA VAL C 500 1.55 -36.35 39.85
C VAL C 500 2.08 -34.96 40.21
N PRO C 501 2.51 -34.16 39.24
CA PRO C 501 2.93 -32.79 39.52
C PRO C 501 1.73 -31.87 39.72
N MET C 502 2.03 -30.67 40.22
CA MET C 502 0.99 -29.69 40.51
C MET C 502 1.41 -28.32 40.00
N VAL C 503 0.43 -27.56 39.53
CA VAL C 503 0.61 -26.18 39.09
C VAL C 503 -0.32 -25.30 39.90
N VAL C 504 0.25 -24.26 40.51
CA VAL C 504 -0.47 -23.37 41.42
C VAL C 504 -0.71 -22.04 40.73
N MET C 505 -1.96 -21.58 40.76
CA MET C 505 -2.36 -20.33 40.10
C MET C 505 -3.07 -19.41 41.09
N PRO C 506 -2.47 -18.28 41.45
CA PRO C 506 -3.22 -17.21 42.11
C PRO C 506 -3.73 -16.20 41.09
N HIS C 507 -4.90 -15.65 41.38
CA HIS C 507 -5.52 -14.70 40.46
C HIS C 507 -4.92 -13.32 40.63
N GLY C 508 -5.15 -12.47 39.63
CA GLY C 508 -4.72 -11.09 39.68
C GLY C 508 -5.63 -10.25 40.53
N GLY C 509 -5.90 -9.02 40.11
CA GLY C 509 -6.78 -8.15 40.86
C GLY C 509 -6.06 -7.02 41.58
N PRO C 510 -5.87 -7.17 42.89
CA PRO C 510 -6.11 -8.36 43.71
C PRO C 510 -7.57 -8.56 44.12
N HIS C 511 -8.47 -7.69 43.69
CA HIS C 511 -9.89 -7.83 44.03
C HIS C 511 -10.61 -8.46 42.84
N SER C 512 -10.39 -9.76 42.68
CA SER C 512 -11.08 -10.59 41.70
C SER C 512 -11.20 -11.99 42.29
N SER C 513 -11.63 -12.95 41.46
CA SER C 513 -11.80 -14.30 41.96
C SER C 513 -11.82 -15.29 40.81
N PHE C 514 -11.61 -16.56 41.15
CA PHE C 514 -11.82 -17.67 40.23
C PHE C 514 -13.18 -18.29 40.50
N VAL C 515 -13.90 -18.60 39.42
CA VAL C 515 -15.21 -19.22 39.52
C VAL C 515 -15.16 -20.55 38.78
N THR C 516 -16.08 -21.45 39.15
CA THR C 516 -16.14 -22.79 38.56
C THR C 516 -16.81 -22.70 37.19
N ALA C 517 -16.06 -22.13 36.24
CA ALA C 517 -16.50 -21.98 34.86
C ALA C 517 -15.53 -22.73 33.95
N TRP C 518 -15.78 -22.65 32.64
CA TRP C 518 -14.93 -23.31 31.67
C TRP C 518 -13.70 -22.46 31.42
N MET C 519 -12.54 -22.94 31.85
CA MET C 519 -11.26 -22.29 31.60
C MET C 519 -10.44 -23.17 30.67
N LEU C 520 -9.80 -22.56 29.67
CA LEU C 520 -9.12 -23.32 28.63
C LEU C 520 -7.80 -23.89 29.12
N PHE C 521 -6.89 -23.01 29.56
CA PHE C 521 -5.57 -23.46 29.96
C PHE C 521 -5.57 -24.42 31.15
N PRO C 522 -6.32 -24.19 32.22
CA PRO C 522 -6.41 -25.24 33.27
C PRO C 522 -6.91 -26.56 32.75
N ALA C 523 -7.86 -26.55 31.82
CA ALA C 523 -8.35 -27.80 31.23
C ALA C 523 -7.25 -28.49 30.44
N MET C 524 -6.47 -27.73 29.67
CA MET C 524 -5.36 -28.32 28.92
C MET C 524 -4.32 -28.92 29.85
N LEU C 525 -3.98 -28.20 30.91
CA LEU C 525 -2.99 -28.70 31.86
C LEU C 525 -3.50 -29.97 32.55
N CYS C 526 -4.78 -30.01 32.91
CA CYS C 526 -5.34 -31.20 33.53
C CYS C 526 -5.37 -32.38 32.57
N LYS C 527 -5.73 -32.14 31.31
CA LYS C 527 -5.78 -33.22 30.32
C LYS C 527 -4.40 -33.72 29.95
N MET C 528 -3.37 -32.88 30.06
CA MET C 528 -2.03 -33.29 29.66
C MET C 528 -1.31 -34.04 30.78
N GLY C 529 -1.82 -34.00 32.02
CA GLY C 529 -1.29 -34.84 33.08
C GLY C 529 -1.03 -34.15 34.40
N PHE C 530 -1.35 -32.87 34.51
CA PHE C 530 -1.06 -32.08 35.70
C PHE C 530 -2.28 -31.99 36.61
N ALA C 531 -2.03 -31.47 37.82
CA ALA C 531 -3.08 -31.16 38.79
C ALA C 531 -3.01 -29.66 39.07
N VAL C 532 -4.13 -28.97 38.86
CA VAL C 532 -4.18 -27.51 38.90
C VAL C 532 -4.85 -27.07 40.19
N LEU C 533 -4.23 -26.13 40.90
CA LEU C 533 -4.79 -25.58 42.13
C LEU C 533 -4.93 -24.07 41.96
N LEU C 534 -6.16 -23.59 41.89
CA LEU C 534 -6.46 -22.16 41.77
C LEU C 534 -6.86 -21.62 43.14
N VAL C 535 -6.18 -20.58 43.60
CA VAL C 535 -6.33 -20.08 44.96
C VAL C 535 -7.13 -18.79 44.94
N ASN C 536 -8.10 -18.66 45.84
CA ASN C 536 -8.84 -17.42 46.05
C ASN C 536 -8.50 -16.93 47.46
N TYR C 537 -7.40 -16.19 47.57
CA TYR C 537 -6.93 -15.76 48.87
C TYR C 537 -7.84 -14.66 49.44
N ARG C 538 -7.60 -14.32 50.70
CA ARG C 538 -8.35 -13.25 51.35
C ARG C 538 -8.15 -11.94 50.60
N GLY C 539 -9.25 -11.23 50.36
CA GLY C 539 -9.23 -10.06 49.49
C GLY C 539 -9.94 -10.26 48.17
N SER C 540 -10.56 -11.41 47.96
CA SER C 540 -11.25 -11.71 46.71
C SER C 540 -12.70 -11.25 46.78
N THR C 541 -13.33 -11.18 45.61
CA THR C 541 -14.72 -10.80 45.51
C THR C 541 -15.61 -12.02 45.67
N GLY C 542 -16.75 -11.83 46.35
CA GLY C 542 -17.67 -12.91 46.60
C GLY C 542 -17.65 -13.47 48.00
N PHE C 543 -16.85 -12.90 48.90
CA PHE C 543 -16.73 -13.39 50.27
C PHE C 543 -17.14 -12.35 51.31
N GLY C 544 -17.65 -11.21 50.89
CA GLY C 544 -18.05 -10.16 51.80
C GLY C 544 -17.16 -8.94 51.70
N GLN C 545 -17.62 -7.86 52.33
CA GLN C 545 -16.87 -6.60 52.32
C GLN C 545 -15.67 -6.64 53.25
N ASP C 546 -15.76 -7.40 54.35
CA ASP C 546 -14.64 -7.50 55.27
C ASP C 546 -13.43 -8.15 54.60
N SER C 547 -13.67 -9.18 53.78
CA SER C 547 -12.57 -9.79 53.03
C SER C 547 -11.93 -8.79 52.08
N ILE C 548 -12.75 -7.96 51.42
CA ILE C 548 -12.21 -6.94 50.52
C ILE C 548 -11.36 -5.94 51.29
N LEU C 549 -11.83 -5.49 52.46
CA LEU C 549 -11.14 -4.44 53.19
C LEU C 549 -9.95 -4.94 53.99
N SER C 550 -9.84 -6.26 54.22
CA SER C 550 -8.72 -6.77 55.00
C SER C 550 -7.40 -6.64 54.24
N LEU C 551 -7.41 -6.90 52.94
CA LEU C 551 -6.16 -6.95 52.18
C LEU C 551 -5.40 -5.63 52.13
N PRO C 552 -6.02 -4.48 51.81
CA PRO C 552 -5.22 -3.28 51.56
C PRO C 552 -4.32 -2.91 52.74
N GLY C 553 -3.08 -2.53 52.42
CA GLY C 553 -2.08 -2.23 53.42
C GLY C 553 -1.26 -3.41 53.88
N ASN C 554 -1.60 -4.63 53.45
CA ASN C 554 -0.90 -5.83 53.89
C ASN C 554 -0.41 -6.67 52.71
N VAL C 555 -0.30 -6.09 51.52
CA VAL C 555 0.16 -6.83 50.36
C VAL C 555 1.63 -7.20 50.53
N GLY C 556 1.99 -8.39 50.04
CA GLY C 556 3.35 -8.88 50.09
C GLY C 556 3.65 -9.84 51.21
N HIS C 557 2.82 -9.87 52.25
CA HIS C 557 3.07 -10.77 53.38
C HIS C 557 1.83 -11.52 53.86
N GLN C 558 0.64 -11.10 53.42
CA GLN C 558 -0.61 -11.81 53.82
C GLN C 558 -1.03 -12.72 52.66
N ASP C 559 -1.18 -12.15 51.47
CA ASP C 559 -1.56 -12.95 50.28
C ASP C 559 -0.54 -14.07 50.08
N VAL C 560 0.75 -13.74 50.14
CA VAL C 560 1.83 -14.76 49.93
C VAL C 560 1.64 -15.92 50.91
N LYS C 561 1.44 -15.60 52.18
CA LYS C 561 1.31 -16.67 53.21
C LYS C 561 0.07 -17.52 52.94
N ASP C 562 -1.05 -16.89 52.58
CA ASP C 562 -2.31 -17.63 52.29
C ASP C 562 -2.04 -18.69 51.23
N VAL C 563 -1.32 -18.34 50.16
CA VAL C 563 -1.04 -19.27 49.08
C VAL C 563 -0.12 -20.38 49.55
N GLN C 564 0.90 -20.04 50.34
CA GLN C 564 1.81 -21.06 50.86
C GLN C 564 1.08 -22.05 51.76
N PHE C 565 0.20 -21.54 52.63
CA PHE C 565 -0.59 -22.42 53.49
C PHE C 565 -1.48 -23.34 52.69
N ALA C 566 -2.15 -22.81 51.67
CA ALA C 566 -3.00 -23.64 50.82
C ALA C 566 -2.18 -24.73 50.13
N VAL C 567 -1.02 -24.37 49.59
CA VAL C 567 -0.18 -25.35 48.90
C VAL C 567 0.27 -26.44 49.86
N GLU C 568 0.72 -26.05 51.06
CA GLU C 568 1.19 -27.03 52.03
C GLU C 568 0.05 -27.96 52.47
N GLN C 569 -1.13 -27.39 52.73
CA GLN C 569 -2.26 -28.22 53.14
C GLN C 569 -2.66 -29.20 52.05
N VAL C 570 -2.71 -28.74 50.80
CA VAL C 570 -3.08 -29.63 49.70
C VAL C 570 -2.05 -30.74 49.54
N LEU C 571 -0.76 -30.39 49.62
CA LEU C 571 0.29 -31.39 49.47
C LEU C 571 0.23 -32.42 50.59
N GLN C 572 -0.03 -31.97 51.84
CA GLN C 572 -0.08 -32.90 52.96
C GLN C 572 -1.34 -33.74 52.97
N GLU C 573 -2.43 -33.25 52.35
CA GLU C 573 -3.68 -34.00 52.35
C GLU C 573 -3.77 -34.97 51.18
N GLU C 574 -3.65 -34.46 49.94
CA GLU C 574 -3.86 -35.29 48.76
C GLU C 574 -2.68 -36.21 48.46
N HIS C 575 -1.53 -36.00 49.11
CA HIS C 575 -0.33 -36.82 48.91
C HIS C 575 0.10 -36.81 47.44
N PHE C 576 0.42 -35.62 46.95
CA PHE C 576 0.91 -35.43 45.60
C PHE C 576 2.42 -35.60 45.58
N ASP C 577 3.04 -35.26 44.44
CA ASP C 577 4.50 -35.33 44.29
C ASP C 577 5.07 -33.97 44.69
N ALA C 578 5.62 -33.89 45.90
CA ALA C 578 6.15 -32.64 46.42
C ALA C 578 7.41 -32.19 45.71
N GLY C 579 8.06 -33.05 44.93
CA GLY C 579 9.27 -32.67 44.23
C GLY C 579 9.06 -31.93 42.92
N ARG C 580 7.83 -31.90 42.41
CA ARG C 580 7.51 -31.24 41.15
C ARG C 580 6.28 -30.35 41.37
N VAL C 581 6.52 -29.12 41.80
CA VAL C 581 5.48 -28.11 41.99
C VAL C 581 5.88 -26.86 41.22
N ALA C 582 4.95 -26.32 40.45
CA ALA C 582 5.22 -25.15 39.61
C ALA C 582 4.22 -24.06 39.90
N LEU C 583 4.58 -22.83 39.52
CA LEU C 583 3.75 -21.66 39.75
C LEU C 583 3.42 -21.00 38.42
N MET C 584 2.25 -20.36 38.36
CA MET C 584 1.90 -19.56 37.20
C MET C 584 0.93 -18.47 37.60
N GLY C 585 1.14 -17.28 37.04
CA GLY C 585 0.27 -16.15 37.34
C GLY C 585 0.60 -14.98 36.42
N GLY C 586 -0.24 -13.96 36.50
CA GLY C 586 -0.05 -12.77 35.69
C GLY C 586 -0.44 -11.53 36.47
N SER C 587 0.25 -10.43 36.17
CA SER C 587 0.03 -9.12 36.79
C SER C 587 0.23 -9.29 38.30
N HIS C 588 -0.78 -9.07 39.14
CA HIS C 588 -0.63 -9.29 40.56
C HIS C 588 -0.31 -10.75 40.85
N GLY C 589 -0.76 -11.66 40.00
CA GLY C 589 -0.34 -13.05 40.10
C GLY C 589 1.16 -13.21 39.92
N GLY C 590 1.74 -12.46 38.98
CA GLY C 590 3.18 -12.47 38.84
C GLY C 590 3.89 -11.89 40.04
N PHE C 591 3.31 -10.84 40.64
CA PHE C 591 3.80 -10.28 41.88
C PHE C 591 3.88 -11.35 42.97
N LEU C 592 2.78 -12.08 43.16
CA LEU C 592 2.73 -13.13 44.18
C LEU C 592 3.70 -14.25 43.85
N SER C 593 3.82 -14.62 42.58
CA SER C 593 4.72 -15.70 42.19
C SER C 593 6.18 -15.32 42.45
N CYS C 594 6.55 -14.09 42.13
CA CYS C 594 7.91 -13.63 42.41
C CYS C 594 8.16 -13.60 43.91
N HIS C 595 7.19 -13.13 44.68
CA HIS C 595 7.34 -13.14 46.14
C HIS C 595 7.52 -14.57 46.66
N LEU C 596 6.73 -15.51 46.15
CA LEU C 596 6.83 -16.90 46.57
C LEU C 596 8.17 -17.53 46.22
N ILE C 597 8.67 -17.32 45.01
CA ILE C 597 9.97 -17.87 44.62
C ILE C 597 11.13 -17.13 45.26
N GLY C 598 10.88 -15.95 45.83
CA GLY C 598 11.93 -15.25 46.55
C GLY C 598 12.01 -15.62 48.02
N GLN C 599 10.87 -15.76 48.68
CA GLN C 599 10.85 -16.03 50.11
C GLN C 599 10.94 -17.52 50.43
N TYR C 600 10.52 -18.39 49.52
CA TYR C 600 10.57 -19.84 49.72
C TYR C 600 11.28 -20.45 48.52
N PRO C 601 12.62 -20.42 48.50
CA PRO C 601 13.37 -20.84 47.31
C PRO C 601 13.60 -22.34 47.20
N GLU C 602 13.07 -23.15 48.10
CA GLU C 602 13.29 -24.60 48.08
C GLU C 602 11.98 -25.37 47.97
N THR C 603 10.97 -24.77 47.35
CA THR C 603 9.66 -25.41 47.21
C THR C 603 9.24 -25.59 45.77
N TYR C 604 9.49 -24.62 44.90
CA TYR C 604 9.03 -24.64 43.52
C TYR C 604 10.20 -24.87 42.57
N SER C 605 9.91 -25.53 41.45
CA SER C 605 10.92 -25.87 40.46
C SER C 605 10.73 -25.18 39.13
N ALA C 606 9.65 -24.42 38.94
CA ALA C 606 9.43 -23.68 37.71
C ALA C 606 8.49 -22.52 38.01
N CYS C 607 8.51 -21.53 37.12
CA CYS C 607 7.69 -20.35 37.31
C CYS C 607 7.45 -19.68 35.96
N VAL C 608 6.22 -19.26 35.71
CA VAL C 608 5.84 -18.53 34.51
C VAL C 608 5.02 -17.32 34.93
N VAL C 609 5.39 -16.15 34.41
CA VAL C 609 4.75 -14.89 34.78
C VAL C 609 4.48 -14.09 33.51
N ARG C 610 3.32 -13.43 33.47
CA ARG C 610 2.94 -12.57 32.36
C ARG C 610 2.71 -11.15 32.89
N ASN C 611 3.54 -10.21 32.42
CA ASN C 611 3.45 -8.81 32.81
C ASN C 611 3.37 -8.62 34.33
N PRO C 612 4.41 -9.02 35.06
CA PRO C 612 4.36 -8.94 36.52
C PRO C 612 4.62 -7.53 37.02
N VAL C 613 4.32 -7.33 38.30
CA VAL C 613 4.61 -6.09 39.00
C VAL C 613 5.80 -6.35 39.91
N ILE C 614 6.89 -5.61 39.70
CA ILE C 614 8.15 -5.87 40.38
C ILE C 614 8.48 -4.77 41.39
N ASN C 615 8.43 -3.51 40.97
CA ASN C 615 8.79 -2.38 41.82
C ASN C 615 7.59 -1.43 41.90
N ILE C 616 6.98 -1.36 43.07
CA ILE C 616 5.82 -0.48 43.26
C ILE C 616 6.24 0.97 43.22
N ALA C 617 7.42 1.29 43.78
CA ALA C 617 7.85 2.69 43.88
C ALA C 617 8.04 3.30 42.50
N SER C 618 8.67 2.58 41.58
CA SER C 618 8.89 3.12 40.24
C SER C 618 7.69 2.92 39.31
N MET C 619 6.69 2.16 39.73
CA MET C 619 5.49 1.96 38.92
C MET C 619 4.55 3.15 39.00
N MET C 620 4.69 3.99 40.02
CA MET C 620 3.79 5.13 40.19
C MET C 620 3.85 6.06 38.98
N GLY C 621 5.04 6.41 38.52
CA GLY C 621 5.19 7.42 37.50
C GLY C 621 4.93 6.99 36.08
N SER C 622 4.64 5.71 35.84
CA SER C 622 4.44 5.21 34.48
C SER C 622 3.09 4.56 34.25
N THR C 623 2.32 4.25 35.29
CA THR C 623 1.04 3.59 35.11
C THR C 623 -0.08 4.62 34.96
N ASP C 624 -1.23 4.13 34.49
CA ASP C 624 -2.40 4.98 34.31
C ASP C 624 -3.32 5.00 35.52
N ILE C 625 -2.97 4.27 36.59
CA ILE C 625 -3.75 4.28 37.82
C ILE C 625 -2.82 4.52 39.00
N PRO C 626 -2.31 5.74 39.18
CA PRO C 626 -1.36 5.98 40.29
C PRO C 626 -1.96 5.75 41.67
N ASP C 627 -3.28 5.81 41.81
CA ASP C 627 -3.90 5.62 43.12
C ASP C 627 -3.81 4.18 43.59
N TRP C 628 -3.63 3.22 42.68
CA TRP C 628 -3.56 1.82 43.06
C TRP C 628 -2.37 1.55 43.98
N CYS C 629 -1.20 2.14 43.66
CA CYS C 629 -0.02 1.92 44.48
C CYS C 629 -0.20 2.46 45.89
N MET C 630 -0.74 3.68 46.01
CA MET C 630 -0.97 4.25 47.33
C MET C 630 -2.00 3.44 48.11
N VAL C 631 -3.09 3.02 47.45
CA VAL C 631 -4.13 2.29 48.15
C VAL C 631 -3.61 0.95 48.64
N GLU C 632 -2.86 0.24 47.79
CA GLU C 632 -2.35 -1.06 48.20
C GLU C 632 -1.25 -0.95 49.25
N ALA C 633 -0.44 0.11 49.17
CA ALA C 633 0.65 0.31 50.13
C ALA C 633 0.16 0.76 51.51
N GLY C 634 -1.08 1.19 51.63
CA GLY C 634 -1.64 1.60 52.89
C GLY C 634 -1.80 3.10 53.11
N PHE C 635 -1.73 3.91 52.05
CA PHE C 635 -1.84 5.36 52.18
C PHE C 635 -3.02 5.85 51.34
N SER C 636 -3.49 7.04 51.69
CA SER C 636 -4.60 7.68 50.98
C SER C 636 -4.06 8.45 49.77
N TYR C 637 -4.76 8.33 48.65
CA TYR C 637 -4.35 8.99 47.41
C TYR C 637 -5.02 10.34 47.29
N SER C 638 -4.22 11.37 46.99
CA SER C 638 -4.73 12.71 46.76
C SER C 638 -3.98 13.33 45.60
N SER C 639 -4.70 14.07 44.76
CA SER C 639 -4.07 14.77 43.66
C SER C 639 -3.17 15.89 44.18
N ASP C 640 -2.25 16.33 43.33
CA ASP C 640 -1.26 17.35 43.68
C ASP C 640 -0.42 16.91 44.88
N CYS C 641 -0.06 15.64 44.91
CA CYS C 641 0.77 15.09 45.97
C CYS C 641 2.25 15.13 45.57
N LEU C 642 3.11 14.97 46.56
CA LEU C 642 4.54 15.04 46.36
C LEU C 642 5.22 13.81 46.92
N PRO C 643 6.37 13.41 46.36
CA PRO C 643 7.07 12.22 46.87
C PRO C 643 7.62 12.47 48.27
N ASP C 644 7.37 11.51 49.16
CA ASP C 644 7.85 11.56 50.54
C ASP C 644 8.73 10.34 50.80
N LEU C 645 9.74 10.53 51.67
CA LEU C 645 10.68 9.45 51.93
C LEU C 645 10.00 8.26 52.59
N SER C 646 9.10 8.51 53.55
CA SER C 646 8.45 7.41 54.26
C SER C 646 7.58 6.59 53.32
N VAL C 647 6.80 7.25 52.47
CA VAL C 647 5.91 6.54 51.56
C VAL C 647 6.71 5.70 50.58
N TRP C 648 7.79 6.27 50.04
CA TRP C 648 8.59 5.55 49.05
C TRP C 648 9.34 4.38 49.69
N ALA C 649 9.81 4.57 50.93
CA ALA C 649 10.45 3.45 51.64
C ALA C 649 9.45 2.34 51.91
N ALA C 650 8.22 2.70 52.31
CA ALA C 650 7.19 1.69 52.53
C ALA C 650 6.86 0.94 51.25
N MET C 651 6.79 1.67 50.13
CA MET C 651 6.54 1.03 48.84
C MET C 651 7.67 0.08 48.46
N LEU C 652 8.91 0.48 48.71
CA LEU C 652 10.06 -0.35 48.37
C LEU C 652 10.15 -1.59 49.25
N ASP C 653 9.68 -1.49 50.51
CA ASP C 653 9.75 -2.63 51.41
C ASP C 653 8.81 -3.76 51.03
N LYS C 654 7.80 -3.48 50.21
CA LYS C 654 6.80 -4.47 49.83
C LYS C 654 7.01 -5.03 48.43
N SER C 655 8.20 -4.83 47.85
CA SER C 655 8.36 -5.29 46.48
C SER C 655 9.16 -6.59 46.42
N PRO C 656 8.85 -7.47 45.47
CA PRO C 656 9.59 -8.73 45.35
C PRO C 656 11.05 -8.56 44.99
N ILE C 657 11.43 -7.41 44.42
CA ILE C 657 12.82 -7.20 44.01
C ILE C 657 13.76 -7.31 45.19
N LYS C 658 13.27 -7.00 46.40
CA LYS C 658 14.09 -7.12 47.60
C LYS C 658 14.61 -8.53 47.79
N TYR C 659 13.87 -9.54 47.33
CA TYR C 659 14.27 -10.93 47.46
C TYR C 659 14.92 -11.48 46.19
N ALA C 660 15.31 -10.60 45.26
CA ALA C 660 15.93 -11.06 44.03
C ALA C 660 17.20 -11.88 44.23
N PRO C 661 18.14 -11.51 45.12
CA PRO C 661 19.38 -12.31 45.24
C PRO C 661 19.17 -13.74 45.67
N GLN C 662 18.04 -14.07 46.28
CA GLN C 662 17.80 -15.41 46.78
C GLN C 662 17.08 -16.31 45.79
N VAL C 663 16.77 -15.81 44.59
CA VAL C 663 16.02 -16.60 43.62
C VAL C 663 16.89 -17.73 43.08
N LYS C 664 16.30 -18.92 42.99
CA LYS C 664 17.01 -20.10 42.50
C LYS C 664 16.21 -20.91 41.48
N THR C 665 15.00 -20.49 41.14
CA THR C 665 14.09 -21.25 40.28
C THR C 665 14.18 -20.74 38.84
N PRO C 666 14.21 -21.62 37.84
CA PRO C 666 14.18 -21.16 36.45
C PRO C 666 12.91 -20.35 36.17
N LEU C 667 13.05 -19.31 35.35
CA LEU C 667 11.99 -18.34 35.13
C LEU C 667 11.78 -18.10 33.65
N LEU C 668 10.51 -17.97 33.26
CA LEU C 668 10.11 -17.62 31.90
C LEU C 668 9.19 -16.41 31.97
N LEU C 669 9.52 -15.36 31.22
CA LEU C 669 8.84 -14.08 31.28
C LEU C 669 8.23 -13.78 29.91
N MET C 670 6.98 -13.31 29.91
CA MET C 670 6.32 -12.79 28.72
C MET C 670 5.96 -11.33 28.97
N LEU C 671 6.31 -10.46 28.02
CA LEU C 671 6.06 -9.04 28.16
C LEU C 671 5.40 -8.49 26.90
N GLY C 672 4.50 -7.53 27.10
CA GLY C 672 3.90 -6.79 26.02
C GLY C 672 4.43 -5.36 25.97
N GLN C 673 5.04 -4.98 24.86
CA GLN C 673 5.75 -3.70 24.79
C GLN C 673 4.80 -2.51 24.86
N GLU C 674 3.57 -2.65 24.35
CA GLU C 674 2.62 -1.55 24.31
C GLU C 674 1.61 -1.62 25.46
N ASP C 675 2.05 -2.09 26.62
CA ASP C 675 1.20 -2.17 27.80
C ASP C 675 1.22 -0.85 28.55
N ARG C 676 0.03 -0.33 28.89
CA ARG C 676 -0.09 0.90 29.65
C ARG C 676 -0.51 0.67 31.10
N ARG C 677 -1.16 -0.46 31.39
CA ARG C 677 -1.53 -0.76 32.77
C ARG C 677 -0.30 -1.05 33.63
N VAL C 678 0.60 -1.89 33.11
CA VAL C 678 1.86 -2.20 33.78
C VAL C 678 2.99 -1.99 32.80
N PRO C 679 3.85 -0.98 33.01
CA PRO C 679 4.97 -0.76 32.08
C PRO C 679 5.89 -1.98 32.02
N PHE C 680 6.42 -2.24 30.84
CA PHE C 680 7.18 -3.46 30.58
C PHE C 680 8.62 -3.40 31.09
N LYS C 681 9.08 -2.24 31.58
CA LYS C 681 10.41 -2.19 32.18
C LYS C 681 10.45 -2.83 33.55
N GLN C 682 9.29 -3.03 34.18
CA GLN C 682 9.24 -3.69 35.48
C GLN C 682 9.82 -5.10 35.39
N GLY C 683 9.41 -5.86 34.37
CA GLY C 683 9.99 -7.17 34.15
C GLY C 683 11.42 -7.12 33.70
N MET C 684 11.81 -6.05 32.98
CA MET C 684 13.18 -5.93 32.52
C MET C 684 14.15 -5.74 33.68
N GLU C 685 13.73 -5.02 34.72
CA GLU C 685 14.59 -4.86 35.89
C GLU C 685 14.87 -6.20 36.55
N TYR C 686 13.81 -7.00 36.75
CA TYR C 686 13.96 -8.34 37.32
C TYR C 686 14.84 -9.22 36.43
N TYR C 687 14.62 -9.14 35.12
CA TYR C 687 15.42 -9.94 34.18
C TYR C 687 16.90 -9.58 34.26
N ARG C 688 17.21 -8.28 34.30
CA ARG C 688 18.60 -7.85 34.40
C ARG C 688 19.23 -8.30 35.72
N VAL C 689 18.50 -8.15 36.82
CA VAL C 689 19.03 -8.56 38.12
C VAL C 689 19.30 -10.05 38.15
N LEU C 690 18.38 -10.86 37.61
CA LEU C 690 18.57 -12.30 37.61
C LEU C 690 19.70 -12.72 36.67
N LYS C 691 19.80 -12.07 35.51
CA LYS C 691 20.84 -12.43 34.55
C LYS C 691 22.23 -12.04 35.04
N ALA C 692 22.32 -10.98 35.85
CA ALA C 692 23.61 -10.58 36.40
C ALA C 692 24.18 -11.63 37.36
N ARG C 693 23.37 -12.57 37.81
CA ARG C 693 23.81 -13.61 38.74
C ARG C 693 23.84 -15.00 38.10
N ASN C 694 23.75 -15.08 36.77
CA ASN C 694 23.83 -16.35 36.04
C ASN C 694 22.74 -17.33 36.50
N VAL C 695 21.49 -16.92 36.29
CA VAL C 695 20.34 -17.76 36.60
C VAL C 695 19.59 -18.05 35.31
N PRO C 696 19.18 -19.30 35.06
CA PRO C 696 18.46 -19.60 33.81
C PRO C 696 17.16 -18.83 33.69
N VAL C 697 17.10 -17.91 32.73
CA VAL C 697 15.94 -17.07 32.51
C VAL C 697 15.66 -16.99 31.02
N ARG C 698 14.41 -17.14 30.64
CA ARG C 698 13.97 -16.99 29.26
C ARG C 698 13.00 -15.83 29.18
N LEU C 699 13.13 -15.00 28.13
CA LEU C 699 12.34 -13.79 27.98
C LEU C 699 11.73 -13.72 26.59
N LEU C 700 10.44 -13.39 26.52
CA LEU C 700 9.75 -13.17 25.27
C LEU C 700 9.09 -11.81 25.31
N LEU C 701 9.27 -11.03 24.24
CA LEU C 701 8.74 -9.68 24.15
C LEU C 701 7.90 -9.56 22.89
N TYR C 702 6.65 -9.09 23.05
CA TYR C 702 5.75 -8.93 21.92
C TYR C 702 5.66 -7.46 21.58
N PRO C 703 6.18 -7.02 20.42
CA PRO C 703 6.29 -5.57 20.17
C PRO C 703 4.97 -4.82 20.13
N LYS C 704 3.89 -5.45 19.64
CA LYS C 704 2.63 -4.75 19.42
C LYS C 704 1.50 -5.29 20.28
N SER C 705 1.80 -6.04 21.33
CA SER C 705 0.78 -6.62 22.18
C SER C 705 0.43 -5.66 23.31
N THR C 706 -0.57 -6.04 24.11
CA THR C 706 -1.07 -5.21 25.19
C THR C 706 -1.07 -5.96 26.51
N HIS C 707 -1.72 -5.40 27.53
CA HIS C 707 -1.76 -6.04 28.84
C HIS C 707 -2.42 -7.41 28.79
N ALA C 708 -3.51 -7.53 28.02
CA ALA C 708 -4.27 -8.77 28.02
C ALA C 708 -3.58 -9.89 27.25
N LEU C 709 -2.76 -9.55 26.26
CA LEU C 709 -2.17 -10.54 25.35
C LEU C 709 -3.26 -11.37 24.70
N SER C 710 -4.32 -10.70 24.25
CA SER C 710 -5.52 -11.38 23.77
C SER C 710 -5.49 -11.69 22.28
N GLU C 711 -4.46 -11.26 21.56
CA GLU C 711 -4.34 -11.60 20.15
C GLU C 711 -4.19 -13.12 20.00
N VAL C 712 -4.79 -13.66 18.94
CA VAL C 712 -4.85 -15.11 18.77
C VAL C 712 -3.44 -15.69 18.64
N GLU C 713 -2.63 -15.09 17.77
CA GLU C 713 -1.27 -15.59 17.59
C GLU C 713 -0.45 -15.43 18.86
N VAL C 714 -0.55 -14.28 19.52
CA VAL C 714 0.20 -14.04 20.74
C VAL C 714 -0.22 -15.01 21.83
N GLU C 715 -1.54 -15.19 22.00
CA GLU C 715 -2.05 -16.09 23.02
C GLU C 715 -1.60 -17.52 22.77
N SER C 716 -1.70 -17.97 21.52
CA SER C 716 -1.30 -19.34 21.20
C SER C 716 0.18 -19.55 21.44
N ASP C 717 1.02 -18.60 20.99
CA ASP C 717 2.46 -18.74 21.19
C ASP C 717 2.81 -18.74 22.67
N SER C 718 2.21 -17.85 23.45
CA SER C 718 2.51 -17.80 24.87
C SER C 718 2.09 -19.08 25.58
N PHE C 719 0.89 -19.59 25.27
CA PHE C 719 0.43 -20.80 25.92
C PHE C 719 1.30 -22.01 25.55
N MET C 720 1.67 -22.12 24.28
CA MET C 720 2.54 -23.23 23.87
C MET C 720 3.91 -23.14 24.53
N ASN C 721 4.48 -21.93 24.60
CA ASN C 721 5.78 -21.77 25.25
C ASN C 721 5.68 -22.11 26.73
N ALA C 722 4.61 -21.68 27.40
CA ALA C 722 4.46 -21.98 28.81
C ALA C 722 4.33 -23.47 29.05
N VAL C 723 3.53 -24.17 28.24
CA VAL C 723 3.36 -25.60 28.45
C VAL C 723 4.65 -26.35 28.15
N LEU C 724 5.40 -25.92 27.13
CA LEU C 724 6.67 -26.56 26.83
C LEU C 724 7.67 -26.36 27.97
N TRP C 725 7.75 -25.14 28.50
CA TRP C 725 8.63 -24.87 29.63
C TRP C 725 8.26 -25.74 30.83
N LEU C 726 6.97 -25.81 31.15
CA LEU C 726 6.53 -26.57 32.32
C LEU C 726 6.84 -28.05 32.15
N CYS C 727 6.58 -28.60 30.96
CA CYS C 727 6.84 -30.03 30.76
C CYS C 727 8.33 -30.33 30.73
N THR C 728 9.13 -29.43 30.16
CA THR C 728 10.57 -29.65 30.09
C THR C 728 11.19 -29.61 31.48
N HIS C 729 10.81 -28.64 32.31
CA HIS C 729 11.42 -28.50 33.62
C HIS C 729 10.76 -29.37 34.69
N LEU C 730 9.68 -30.08 34.36
CA LEU C 730 9.05 -30.97 35.32
C LEU C 730 8.96 -32.39 34.78
N GLU D 9 24.63 -22.50 -24.91
CA GLU D 9 24.41 -22.64 -23.47
C GLU D 9 23.99 -21.30 -22.87
N PRO D 10 22.93 -21.32 -22.06
CA PRO D 10 22.41 -20.06 -21.50
C PRO D 10 23.41 -19.30 -20.64
N GLU D 11 24.32 -20.00 -19.94
CA GLU D 11 25.24 -19.31 -19.05
C GLU D 11 26.22 -18.42 -19.82
N GLU D 12 26.81 -18.95 -20.89
CA GLU D 12 27.73 -18.16 -21.70
C GLU D 12 27.02 -16.98 -22.34
N ALA D 13 25.79 -17.19 -22.83
CA ALA D 13 25.03 -16.11 -23.42
C ALA D 13 24.73 -15.02 -22.39
N ALA D 14 24.37 -15.41 -21.17
CA ALA D 14 24.09 -14.43 -20.13
C ALA D 14 25.35 -13.65 -19.76
N ALA D 15 26.49 -14.33 -19.66
CA ALA D 15 27.74 -13.63 -19.35
C ALA D 15 28.10 -12.65 -20.46
N LEU D 16 27.94 -13.07 -21.72
CA LEU D 16 28.22 -12.18 -22.85
C LEU D 16 27.28 -10.98 -22.85
N TYR D 17 26.01 -11.21 -22.55
CA TYR D 17 25.05 -10.11 -22.50
C TYR D 17 25.40 -9.12 -21.40
N ARG D 18 25.79 -9.61 -20.22
CA ARG D 18 26.23 -8.72 -19.16
C ARG D 18 27.44 -7.90 -19.59
N GLY D 19 28.45 -8.57 -20.14
CA GLY D 19 29.65 -7.87 -20.55
C GLY D 19 29.39 -6.81 -21.60
N LEU D 20 28.51 -7.11 -22.55
CA LEU D 20 28.21 -6.15 -23.61
C LEU D 20 27.33 -5.00 -23.12
N SER D 21 26.36 -5.29 -22.24
CA SER D 21 25.49 -4.25 -21.72
C SER D 21 26.16 -3.41 -20.64
N ARG D 22 27.35 -3.80 -20.19
CA ARG D 22 28.08 -2.97 -19.23
C ARG D 22 28.45 -1.60 -19.80
N GLN D 23 28.47 -1.45 -21.12
CA GLN D 23 28.89 -0.20 -21.72
C GLN D 23 27.83 0.88 -21.54
N PRO D 24 28.23 2.13 -21.29
CA PRO D 24 27.26 3.21 -21.12
C PRO D 24 26.99 3.94 -22.44
N ALA D 25 26.05 4.90 -22.36
CA ALA D 25 25.68 5.72 -23.50
C ALA D 25 25.62 7.18 -23.08
N LEU D 26 25.83 8.07 -24.05
CA LEU D 26 25.87 9.51 -23.81
C LEU D 26 24.53 10.12 -24.26
N SER D 27 23.95 10.96 -23.40
CA SER D 27 22.64 11.55 -23.67
C SER D 27 22.67 13.04 -23.96
N ALA D 28 23.41 13.82 -23.19
CA ALA D 28 23.42 15.27 -23.38
C ALA D 28 24.71 15.85 -22.83
N ALA D 29 24.98 17.09 -23.22
CA ALA D 29 26.16 17.81 -22.77
C ALA D 29 25.91 19.30 -22.82
N CYS D 30 26.68 20.05 -22.03
CA CYS D 30 26.57 21.50 -21.99
C CYS D 30 27.91 22.09 -21.57
N LEU D 31 28.09 23.37 -21.87
CA LEU D 31 29.34 24.06 -21.63
C LEU D 31 29.16 25.14 -20.56
N GLY D 32 30.16 25.28 -19.70
CA GLY D 32 30.13 26.28 -18.65
C GLY D 32 30.74 27.59 -19.09
N PRO D 33 30.78 28.57 -18.18
CA PRO D 33 31.35 29.88 -18.53
C PRO D 33 32.87 29.84 -18.59
N GLU D 34 33.42 30.86 -19.24
CA GLU D 34 34.87 30.99 -19.39
C GLU D 34 35.49 31.61 -18.16
N VAL D 35 36.64 31.07 -17.75
CA VAL D 35 37.34 31.53 -16.55
C VAL D 35 38.77 31.87 -16.94
N THR D 36 39.25 33.03 -16.50
CA THR D 36 40.61 33.48 -16.76
C THR D 36 41.42 33.44 -15.47
N THR D 37 42.57 32.78 -15.52
CA THR D 37 43.41 32.61 -14.35
C THR D 37 44.38 33.80 -14.21
N GLN D 38 45.01 33.88 -13.05
CA GLN D 38 45.98 34.94 -12.81
C GLN D 38 47.23 34.77 -13.68
N TYR D 39 47.62 33.52 -13.95
CA TYR D 39 48.77 33.29 -14.81
C TYR D 39 48.52 33.78 -16.23
N GLY D 40 47.31 33.56 -16.74
CA GLY D 40 46.96 34.00 -18.07
C GLY D 40 46.19 32.97 -18.87
N GLY D 41 46.20 31.72 -18.41
CA GLY D 41 45.48 30.68 -19.11
C GLY D 41 43.98 30.79 -18.97
N ARG D 42 43.28 30.20 -19.92
CA ARG D 42 41.82 30.20 -19.95
C ARG D 42 41.31 28.78 -20.11
N TYR D 43 40.25 28.45 -19.37
CA TYR D 43 39.70 27.11 -19.35
C TYR D 43 38.20 27.20 -19.13
N ARG D 44 37.53 26.07 -19.39
CA ARG D 44 36.10 25.97 -19.13
C ARG D 44 35.72 24.51 -18.90
N THR D 45 34.57 24.32 -18.25
CA THR D 45 34.12 23.00 -17.84
C THR D 45 33.00 22.51 -18.77
N VAL D 46 32.91 21.18 -18.88
CA VAL D 46 31.90 20.51 -19.69
C VAL D 46 31.18 19.52 -18.80
N HIS D 47 29.84 19.58 -18.81
CA HIS D 47 29.01 18.66 -18.05
C HIS D 47 28.34 17.69 -19.00
N THR D 48 28.49 16.39 -18.73
CA THR D 48 27.95 15.35 -19.60
C THR D 48 27.06 14.41 -18.78
N GLU D 49 26.02 13.90 -19.44
CA GLU D 49 25.07 12.98 -18.83
C GLU D 49 25.14 11.64 -19.54
N TRP D 50 25.28 10.57 -18.77
CA TRP D 50 25.35 9.23 -19.31
C TRP D 50 24.25 8.36 -18.71
N THR D 51 23.86 7.34 -19.45
CA THR D 51 22.87 6.38 -19.02
C THR D 51 23.41 4.97 -19.22
N GLN D 52 22.99 4.05 -18.36
CA GLN D 52 23.52 2.70 -18.38
C GLN D 52 22.47 1.73 -17.83
N ARG D 53 22.40 0.55 -18.46
CA ARG D 53 21.52 -0.50 -17.96
C ARG D 53 22.10 -1.12 -16.70
N ASP D 54 21.21 -1.57 -15.81
CA ASP D 54 21.60 -2.25 -14.58
C ASP D 54 20.69 -3.45 -14.40
N LEU D 55 21.27 -4.65 -14.48
CA LEU D 55 20.50 -5.88 -14.40
C LEU D 55 20.25 -6.35 -12.97
N GLU D 56 21.04 -5.86 -12.00
CA GLU D 56 20.79 -6.21 -10.61
C GLU D 56 19.50 -5.58 -10.11
N ARG D 57 19.32 -4.28 -10.36
CA ARG D 57 18.08 -3.59 -10.05
C ARG D 57 17.11 -3.54 -11.21
N MET D 58 17.53 -3.96 -12.40
CA MET D 58 16.70 -3.96 -13.60
C MET D 58 16.15 -2.56 -13.88
N GLU D 59 17.07 -1.62 -14.10
CA GLU D 59 16.67 -0.24 -14.32
C GLU D 59 17.73 0.47 -15.15
N ASN D 60 17.30 1.57 -15.78
CA ASN D 60 18.20 2.42 -16.55
C ASN D 60 18.66 3.56 -15.65
N ILE D 61 19.90 3.50 -15.21
CA ILE D 61 20.44 4.50 -14.30
C ILE D 61 21.06 5.63 -15.11
N ARG D 62 21.00 6.84 -14.55
CA ARG D 62 21.56 8.03 -15.19
C ARG D 62 22.53 8.69 -14.22
N PHE D 63 23.70 9.09 -14.73
CA PHE D 63 24.68 9.77 -13.91
C PHE D 63 25.29 10.91 -14.71
N CYS D 64 26.06 11.74 -14.03
CA CYS D 64 26.66 12.93 -14.62
C CYS D 64 28.15 12.97 -14.32
N ARG D 65 28.91 13.54 -15.23
CA ARG D 65 30.35 13.65 -15.08
C ARG D 65 30.80 14.99 -15.64
N GLN D 66 31.94 15.49 -15.15
CA GLN D 66 32.44 16.79 -15.54
C GLN D 66 33.89 16.70 -16.00
N TYR D 67 34.19 17.41 -17.09
CA TYR D 67 35.52 17.47 -17.66
C TYR D 67 35.96 18.93 -17.77
N LEU D 68 37.24 19.14 -18.00
CA LEU D 68 37.82 20.47 -18.02
C LEU D 68 38.73 20.62 -19.23
N VAL D 69 38.64 21.76 -19.91
CA VAL D 69 39.39 22.02 -21.13
C VAL D 69 40.11 23.35 -20.98
N PHE D 70 41.44 23.33 -21.15
CA PHE D 70 42.26 24.52 -21.21
C PHE D 70 42.51 24.86 -22.68
N HIS D 71 42.15 26.08 -23.08
CA HIS D 71 42.27 26.49 -24.47
C HIS D 71 43.00 27.83 -24.55
N ASP D 72 43.47 28.15 -25.75
CA ASP D 72 44.18 29.40 -26.02
C ASP D 72 43.40 30.33 -26.93
N GLY D 73 42.12 30.09 -27.14
CA GLY D 73 41.31 30.95 -27.98
C GLY D 73 40.90 30.29 -29.28
N ASP D 74 41.82 29.56 -29.90
CA ASP D 74 41.53 28.86 -31.14
C ASP D 74 42.08 27.43 -31.19
N SER D 75 42.69 26.95 -30.11
CA SER D 75 43.21 25.60 -30.06
C SER D 75 43.06 25.06 -28.65
N VAL D 76 42.93 23.74 -28.54
CA VAL D 76 42.76 23.08 -27.26
C VAL D 76 44.13 22.72 -26.71
N VAL D 77 44.58 23.46 -25.70
CA VAL D 77 45.88 23.21 -25.11
C VAL D 77 45.87 21.91 -24.31
N PHE D 78 44.83 21.69 -23.51
CA PHE D 78 44.80 20.55 -22.62
C PHE D 78 43.35 20.16 -22.33
N ALA D 79 43.16 18.90 -21.93
CA ALA D 79 41.83 18.41 -21.58
C ALA D 79 41.99 17.28 -20.57
N GLY D 80 41.06 17.22 -19.60
CA GLY D 80 41.11 16.21 -18.58
C GLY D 80 39.82 16.03 -17.82
N PRO D 81 39.78 15.07 -16.90
CA PRO D 81 38.62 14.88 -16.04
C PRO D 81 38.69 15.76 -14.79
N ALA D 82 37.53 15.90 -14.15
CA ALA D 82 37.41 16.76 -12.97
C ALA D 82 36.55 16.12 -11.90
N GLY D 83 36.76 14.84 -11.62
CA GLY D 83 36.09 14.18 -10.53
C GLY D 83 35.55 12.84 -10.95
N ASN D 84 34.66 12.31 -10.11
CA ASN D 84 34.04 11.01 -10.33
C ASN D 84 32.63 11.19 -10.89
N SER D 85 31.92 10.07 -11.03
CA SER D 85 30.56 10.07 -11.55
C SER D 85 29.56 10.04 -10.40
N VAL D 86 28.52 10.86 -10.52
CA VAL D 86 27.47 10.97 -9.51
C VAL D 86 26.14 10.61 -10.15
N GLU D 87 25.43 9.68 -9.53
CA GLU D 87 24.14 9.20 -10.05
C GLU D 87 23.01 10.07 -9.51
N THR D 88 22.19 10.58 -10.42
CA THR D 88 21.06 11.42 -10.07
C THR D 88 19.77 10.60 -10.08
N ARG D 89 18.69 11.23 -9.59
CA ARG D 89 17.40 10.57 -9.53
C ARG D 89 16.30 11.62 -9.46
N GLY D 90 15.34 11.53 -10.37
CA GLY D 90 14.17 12.39 -10.36
C GLY D 90 14.18 13.54 -11.33
N GLU D 91 15.32 13.81 -11.97
CA GLU D 91 15.40 14.94 -12.89
C GLU D 91 14.65 14.63 -14.17
N LEU D 92 13.85 15.59 -14.64
CA LEU D 92 13.13 15.48 -15.90
C LEU D 92 13.66 16.45 -16.95
N LEU D 93 13.71 17.74 -16.62
CA LEU D 93 14.28 18.75 -17.50
C LEU D 93 15.21 19.65 -16.69
N SER D 94 16.25 20.14 -17.36
CA SER D 94 17.21 21.03 -16.73
C SER D 94 17.73 22.01 -17.78
N ARG D 95 18.13 23.19 -17.31
CA ARG D 95 18.63 24.22 -18.20
C ARG D 95 19.49 25.20 -17.41
N GLU D 96 20.59 25.61 -18.00
CA GLU D 96 21.49 26.57 -17.39
C GLU D 96 21.17 27.97 -17.91
N SER D 97 21.33 28.97 -17.05
CA SER D 97 21.02 30.34 -17.43
C SER D 97 21.99 30.82 -18.50
N PRO D 98 21.58 31.82 -19.29
CA PRO D 98 22.48 32.32 -20.35
C PRO D 98 23.82 32.82 -19.82
N SER D 99 23.84 33.42 -18.62
CA SER D 99 25.09 33.85 -18.02
C SER D 99 25.85 32.71 -17.35
N GLY D 100 25.20 31.57 -17.12
CA GLY D 100 25.87 30.43 -16.52
C GLY D 100 25.97 30.46 -15.01
N THR D 101 25.28 31.38 -14.34
CA THR D 101 25.36 31.50 -12.90
C THR D 101 24.23 30.79 -12.16
N MET D 102 23.13 30.46 -12.85
CA MET D 102 21.96 29.86 -12.23
C MET D 102 21.51 28.66 -13.06
N LYS D 103 20.87 27.70 -12.41
CA LYS D 103 20.41 26.49 -13.07
C LYS D 103 18.99 26.18 -12.63
N ALA D 104 18.13 25.85 -13.60
CA ALA D 104 16.74 25.50 -13.33
C ALA D 104 16.55 24.00 -13.53
N VAL D 105 15.93 23.34 -12.54
CA VAL D 105 15.75 21.90 -12.56
C VAL D 105 14.28 21.57 -12.30
N LEU D 106 13.76 20.59 -13.04
CA LEU D 106 12.44 20.05 -12.81
C LEU D 106 12.58 18.64 -12.25
N ARG D 107 11.96 18.38 -11.11
CA ARG D 107 12.14 17.13 -10.40
C ARG D 107 10.81 16.52 -10.02
N LYS D 108 10.77 15.19 -9.98
CA LYS D 108 9.61 14.44 -9.54
C LYS D 108 9.95 13.74 -8.22
N ALA D 109 9.27 14.15 -7.15
CA ALA D 109 9.53 13.58 -5.84
C ALA D 109 8.27 13.65 -4.96
N GLU D 117 3.62 11.08 -5.67
CA GLU D 117 4.77 11.81 -6.20
C GLU D 117 4.35 13.13 -6.82
N LYS D 118 4.91 14.22 -6.33
CA LYS D 118 4.61 15.56 -6.82
C LYS D 118 5.74 16.05 -7.73
N GLN D 119 5.55 17.23 -8.31
CA GLN D 119 6.53 17.84 -9.20
C GLN D 119 6.98 19.17 -8.61
N PHE D 120 8.29 19.41 -8.65
CA PHE D 120 8.88 20.61 -8.10
C PHE D 120 9.79 21.27 -9.12
N LEU D 121 9.87 22.59 -9.05
CA LEU D 121 10.78 23.37 -9.89
C LEU D 121 11.76 24.09 -8.97
N GLU D 122 13.05 23.82 -9.15
CA GLU D 122 14.08 24.30 -8.25
C GLU D 122 15.07 25.18 -9.01
N VAL D 123 15.64 26.15 -8.28
CA VAL D 123 16.65 27.05 -8.82
C VAL D 123 17.90 26.90 -7.96
N TRP D 124 19.03 26.63 -8.63
CA TRP D 124 20.31 26.42 -7.98
C TRP D 124 21.28 27.54 -8.36
N GLU D 125 22.07 27.97 -7.39
CA GLU D 125 23.13 28.95 -7.63
C GLU D 125 24.25 28.70 -6.64
N LYS D 126 25.45 28.48 -7.15
CA LYS D 126 26.65 28.18 -6.35
C LYS D 126 26.37 26.92 -5.54
N ASN D 127 26.48 26.94 -4.21
CA ASN D 127 26.28 25.76 -3.38
C ASN D 127 24.97 25.81 -2.60
N ARG D 128 23.99 26.55 -3.09
CA ARG D 128 22.70 26.68 -2.41
C ARG D 128 21.57 26.53 -3.41
N LYS D 129 20.42 26.09 -2.92
CA LYS D 129 19.19 26.06 -3.69
C LYS D 129 18.39 27.31 -3.31
N LEU D 130 18.35 28.28 -4.22
CA LEU D 130 17.75 29.58 -3.92
C LEU D 130 16.26 29.45 -3.66
N LYS D 131 15.53 28.83 -4.58
CA LYS D 131 14.07 28.76 -4.49
C LYS D 131 13.58 27.40 -4.98
N SER D 132 12.43 27.00 -4.47
CA SER D 132 11.74 25.79 -4.90
C SER D 132 10.24 26.05 -4.92
N PHE D 133 9.58 25.59 -5.97
CA PHE D 133 8.15 25.79 -6.16
C PHE D 133 7.46 24.46 -6.33
N ASN D 134 6.38 24.25 -5.57
CA ASN D 134 5.57 23.04 -5.63
C ASN D 134 4.44 23.28 -6.61
N LEU D 135 4.66 22.91 -7.87
CA LEU D 135 3.70 23.22 -8.93
C LEU D 135 2.35 22.56 -8.71
N SER D 136 2.29 21.46 -7.97
CA SER D 136 1.01 20.80 -7.72
C SER D 136 0.13 21.60 -6.77
N ALA D 137 0.74 22.34 -5.84
CA ALA D 137 -0.05 23.03 -4.81
C ALA D 137 -0.79 24.23 -5.38
N LEU D 138 -0.16 24.98 -6.29
CA LEU D 138 -0.83 26.16 -6.85
C LEU D 138 -2.07 25.79 -7.65
N GLU D 139 -2.07 24.62 -8.28
CA GLU D 139 -3.22 24.09 -9.02
C GLU D 139 -3.65 25.06 -10.13
N LYS D 140 -2.71 25.38 -11.01
CA LYS D 140 -2.99 26.19 -12.18
C LYS D 140 -2.97 25.39 -13.48
N HIS D 141 -2.43 24.18 -13.46
CA HIS D 141 -2.33 23.34 -14.65
C HIS D 141 -2.13 21.90 -14.21
N GLY D 142 -1.90 21.01 -15.16
CA GLY D 142 -1.68 19.62 -14.88
C GLY D 142 -0.21 19.26 -14.86
N PRO D 143 0.10 18.00 -15.15
CA PRO D 143 1.50 17.57 -15.19
C PRO D 143 2.28 18.28 -16.28
N VAL D 144 3.57 18.44 -16.06
CA VAL D 144 4.46 19.15 -16.97
C VAL D 144 4.94 18.20 -18.06
N TYR D 145 4.89 18.67 -19.31
CA TYR D 145 5.40 17.88 -20.42
C TYR D 145 6.92 17.80 -20.36
N GLU D 146 7.45 16.59 -20.52
CA GLU D 146 8.88 16.36 -20.43
C GLU D 146 9.45 15.64 -21.66
N ASP D 147 8.64 15.48 -22.71
CA ASP D 147 9.10 14.79 -23.90
C ASP D 147 9.83 15.76 -24.83
N ASP D 148 10.32 15.23 -25.95
CA ASP D 148 11.02 16.04 -26.95
C ASP D 148 10.10 16.55 -28.04
N CYS D 149 8.81 16.22 -28.00
CA CYS D 149 7.87 16.69 -29.01
C CYS D 149 7.27 18.04 -28.62
N PHE D 150 6.79 18.18 -27.40
CA PHE D 150 6.23 19.44 -26.91
C PHE D 150 7.01 20.06 -25.77
N GLY D 151 7.75 19.26 -25.00
CA GLY D 151 8.39 19.77 -23.81
C GLY D 151 9.47 20.79 -24.10
N CYS D 152 9.58 21.77 -23.20
CA CYS D 152 10.60 22.81 -23.31
C CYS D 152 10.77 23.47 -21.95
N LEU D 153 11.88 24.18 -21.80
CA LEU D 153 12.17 24.93 -20.58
C LEU D 153 13.15 26.03 -20.94
N SER D 154 12.71 27.28 -20.88
CA SER D 154 13.49 28.39 -21.40
C SER D 154 13.63 29.50 -20.37
N TRP D 155 14.81 30.11 -20.37
CA TRP D 155 15.11 31.28 -19.55
C TRP D 155 14.82 32.56 -20.32
N SER D 156 14.52 33.62 -19.58
CA SER D 156 14.37 34.93 -20.19
C SER D 156 15.75 35.55 -20.44
N HIS D 157 15.77 36.58 -21.30
CA HIS D 157 17.01 37.30 -21.53
C HIS D 157 17.44 38.10 -20.31
N SER D 158 16.48 38.58 -19.52
CA SER D 158 16.78 39.26 -18.26
C SER D 158 16.96 38.28 -17.10
N GLU D 159 16.76 36.99 -17.33
CA GLU D 159 16.91 35.96 -16.29
C GLU D 159 16.01 36.24 -15.09
N THR D 160 14.77 36.69 -15.37
CA THR D 160 13.80 36.96 -14.33
C THR D 160 12.55 36.09 -14.42
N HIS D 161 12.31 35.43 -15.55
CA HIS D 161 11.14 34.58 -15.73
C HIS D 161 11.55 33.27 -16.39
N LEU D 162 10.73 32.25 -16.20
CA LEU D 162 10.93 30.94 -16.80
C LEU D 162 9.70 30.58 -17.61
N LEU D 163 9.90 29.90 -18.74
CA LEU D 163 8.82 29.52 -19.64
C LEU D 163 8.84 28.02 -19.86
N TYR D 164 7.67 27.38 -19.74
CA TYR D 164 7.57 25.95 -19.96
C TYR D 164 6.18 25.61 -20.49
N VAL D 165 5.93 24.32 -20.67
CA VAL D 165 4.68 23.82 -21.23
C VAL D 165 4.10 22.79 -20.26
N ALA D 166 2.82 22.92 -19.96
CA ALA D 166 2.14 22.02 -19.04
C ALA D 166 0.83 21.54 -19.67
N ASP D 167 0.07 20.77 -18.91
CA ASP D 167 -1.21 20.25 -19.37
C ASP D 167 -2.34 21.17 -18.94
N LYS D 168 -3.34 21.33 -19.82
CA LYS D 168 -4.46 22.20 -19.52
C LYS D 168 -5.28 21.65 -18.36
N LYS D 169 -5.75 22.55 -17.51
CA LYS D 169 -6.53 22.16 -16.34
C LYS D 169 -7.94 21.77 -16.75
N ARG D 170 -8.45 20.71 -16.12
CA ARG D 170 -9.80 20.22 -16.39
C ARG D 170 -10.76 20.63 -15.28
N PRO D 171 -12.00 20.95 -15.62
CA PRO D 171 -12.99 21.29 -14.58
C PRO D 171 -13.25 20.11 -13.65
N LYS D 172 -13.52 20.43 -12.39
CA LYS D 172 -13.80 19.40 -11.41
C LYS D 172 -15.14 18.74 -11.68
N ALA D 173 -15.23 17.44 -11.35
CA ALA D 173 -16.43 16.66 -11.58
C ALA D 173 -16.74 15.82 -10.35
N GLU D 174 -18.01 15.45 -10.21
CA GLU D 174 -18.46 14.65 -9.08
C GLU D 174 -19.61 13.76 -9.53
N SER D 175 -19.95 12.80 -8.69
CA SER D 175 -21.02 11.86 -9.02
C SER D 175 -22.38 12.43 -8.66
N PHE D 176 -23.42 11.82 -9.23
CA PHE D 176 -24.79 12.24 -8.92
C PHE D 176 -25.15 11.93 -7.47
N PHE D 177 -24.65 10.83 -6.93
CA PHE D 177 -24.96 10.38 -5.58
C PHE D 177 -23.71 10.57 -4.72
N GLN D 178 -23.57 11.78 -4.18
CA GLN D 178 -22.43 12.11 -3.33
C GLN D 178 -22.96 12.74 -2.05
N THR D 179 -22.42 12.33 -0.91
CA THR D 179 -22.86 12.84 0.38
C THR D 179 -22.10 14.12 0.70
N LYS D 180 -22.84 15.19 1.00
CA LYS D 180 -22.25 16.47 1.35
C LYS D 180 -22.29 16.68 2.85
N ALA D 181 -21.28 17.39 3.36
CA ALA D 181 -21.20 17.64 4.80
C ALA D 181 -22.36 18.50 5.26
N LEU D 182 -22.86 18.21 6.46
CA LEU D 182 -23.98 18.94 7.03
C LEU D 182 -23.49 20.16 7.81
N GLN D 199 -20.29 24.79 -8.81
CA GLN D 199 -18.99 24.38 -8.28
C GLN D 199 -18.39 23.25 -9.10
N ALA D 200 -18.87 22.03 -8.87
CA ALA D 200 -18.39 20.85 -9.57
C ALA D 200 -19.52 20.26 -10.40
N ILE D 201 -19.23 19.94 -11.66
CA ILE D 201 -20.22 19.37 -12.55
C ILE D 201 -20.53 17.94 -12.12
N LYS D 202 -21.78 17.54 -12.25
CA LYS D 202 -22.23 16.20 -11.85
C LYS D 202 -22.41 15.33 -13.08
N GLY D 203 -21.79 14.15 -13.06
CA GLY D 203 -21.92 13.22 -14.16
C GLY D 203 -20.97 13.44 -15.32
N ASP D 204 -19.84 14.11 -15.09
CA ASP D 204 -18.87 14.39 -16.14
C ASP D 204 -17.49 13.83 -15.83
N GLN D 205 -17.41 12.84 -14.94
CA GLN D 205 -16.12 12.28 -14.55
C GLN D 205 -15.60 11.23 -15.52
N PHE D 206 -16.42 10.79 -16.48
CA PHE D 206 -16.03 9.77 -17.44
C PHE D 206 -16.10 10.29 -18.88
N LEU D 207 -15.86 11.59 -19.07
CA LEU D 207 -15.78 12.14 -20.41
C LEU D 207 -14.53 11.64 -21.12
N PHE D 208 -14.54 11.76 -22.45
CA PHE D 208 -13.45 11.27 -23.28
C PHE D 208 -12.54 12.42 -23.67
N TYR D 209 -11.25 12.28 -23.37
CA TYR D 209 -10.23 13.26 -23.73
C TYR D 209 -9.21 12.57 -24.64
N GLU D 210 -9.22 12.90 -25.92
CA GLU D 210 -8.33 12.25 -26.88
C GLU D 210 -6.89 12.69 -26.64
N ASP D 211 -5.98 11.73 -26.73
CA ASP D 211 -4.55 11.96 -26.55
C ASP D 211 -3.85 11.93 -27.91
N TRP D 212 -2.52 12.02 -27.88
CA TRP D 212 -1.72 12.16 -29.09
C TRP D 212 -1.13 10.83 -29.57
N GLY D 213 -1.58 9.71 -29.02
CA GLY D 213 -1.20 8.42 -29.56
C GLY D 213 -0.16 7.65 -28.77
N GLU D 214 0.73 6.98 -29.47
CA GLU D 214 1.74 6.13 -28.83
C GLU D 214 2.71 6.95 -27.99
N ASN D 215 3.04 6.43 -26.82
CA ASN D 215 3.99 7.03 -25.88
C ASN D 215 3.55 8.38 -25.36
N MET D 216 2.30 8.77 -25.60
CA MET D 216 1.75 10.06 -25.17
C MET D 216 0.41 9.85 -24.47
N VAL D 217 0.37 8.91 -23.53
CA VAL D 217 -0.86 8.62 -22.81
C VAL D 217 -1.22 9.79 -21.92
N SER D 218 -2.50 10.17 -21.95
CA SER D 218 -3.04 11.26 -21.11
C SER D 218 -2.34 12.58 -21.40
N LYS D 219 -2.14 12.88 -22.68
CA LYS D 219 -1.56 14.15 -23.12
C LYS D 219 -2.48 14.71 -24.21
N SER D 220 -3.46 15.52 -23.80
CA SER D 220 -4.51 15.98 -24.71
C SER D 220 -4.25 17.38 -25.24
N THR D 221 -4.12 18.37 -24.36
CA THR D 221 -3.98 19.76 -24.79
C THR D 221 -2.96 20.50 -23.94
N PRO D 222 -1.80 20.82 -24.48
CA PRO D 222 -0.80 21.58 -23.72
C PRO D 222 -1.07 23.07 -23.73
N VAL D 223 -0.51 23.73 -22.72
CA VAL D 223 -0.60 25.18 -22.57
C VAL D 223 0.77 25.72 -22.17
N LEU D 224 0.98 27.01 -22.44
CA LEU D 224 2.23 27.68 -22.12
C LEU D 224 2.12 28.36 -20.77
N CYS D 225 3.10 28.13 -19.89
CA CYS D 225 3.12 28.69 -18.55
C CYS D 225 4.38 29.50 -18.34
N VAL D 226 4.21 30.65 -17.68
CA VAL D 226 5.31 31.57 -17.37
C VAL D 226 5.35 31.74 -15.86
N LEU D 227 6.54 31.54 -15.29
CA LEU D 227 6.76 31.66 -13.85
C LEU D 227 7.69 32.83 -13.56
N ASP D 228 7.32 33.64 -12.56
CA ASP D 228 8.14 34.74 -12.09
C ASP D 228 8.92 34.27 -10.87
N ILE D 229 10.25 34.35 -10.96
CA ILE D 229 11.10 33.80 -9.89
C ILE D 229 11.00 34.65 -8.63
N GLU D 230 11.01 35.98 -8.78
CA GLU D 230 11.04 36.85 -7.62
C GLU D 230 9.76 36.73 -6.80
N SER D 231 8.60 36.79 -7.45
CA SER D 231 7.32 36.75 -6.74
C SER D 231 6.83 35.34 -6.51
N GLY D 232 6.80 34.52 -7.55
CA GLY D 232 6.30 33.16 -7.46
C GLY D 232 4.95 32.92 -8.08
N ASN D 233 4.44 33.84 -8.89
CA ASN D 233 3.13 33.70 -9.51
C ASN D 233 3.26 33.06 -10.88
N ILE D 234 2.40 32.10 -11.16
CA ILE D 234 2.38 31.39 -12.44
C ILE D 234 1.23 31.93 -13.28
N SER D 235 1.51 32.24 -14.55
CA SER D 235 0.52 32.79 -15.46
C SER D 235 0.45 31.94 -16.71
N VAL D 236 -0.78 31.69 -17.18
CA VAL D 236 -1.02 30.95 -18.41
C VAL D 236 -1.32 31.96 -19.51
N LEU D 237 -0.54 31.92 -20.58
CA LEU D 237 -0.67 32.89 -21.65
C LEU D 237 -2.00 32.72 -22.38
N GLU D 238 -2.55 33.84 -22.84
CA GLU D 238 -3.80 33.88 -23.58
C GLU D 238 -3.54 34.42 -24.98
N GLY D 239 -4.37 33.97 -25.93
CA GLY D 239 -4.23 34.36 -27.33
C GLY D 239 -3.89 33.22 -28.25
N VAL D 240 -3.56 32.05 -27.72
CA VAL D 240 -3.29 30.88 -28.56
C VAL D 240 -4.58 30.46 -29.26
N PRO D 241 -4.53 30.11 -30.55
CA PRO D 241 -5.75 29.66 -31.22
C PRO D 241 -6.34 28.43 -30.55
N GLU D 242 -7.68 28.37 -30.53
CA GLU D 242 -8.39 27.33 -29.81
C GLU D 242 -8.27 25.96 -30.45
N SER D 243 -7.74 25.87 -31.67
CA SER D 243 -7.67 24.61 -32.40
C SER D 243 -6.24 24.13 -32.61
N VAL D 244 -5.27 24.66 -31.84
CA VAL D 244 -3.88 24.27 -31.99
C VAL D 244 -3.31 23.90 -30.62
N SER D 245 -2.27 23.08 -30.66
CA SER D 245 -1.50 22.71 -29.48
C SER D 245 -0.12 23.36 -29.57
N PRO D 246 0.27 24.17 -28.60
CA PRO D 246 1.56 24.86 -28.67
C PRO D 246 2.70 24.03 -28.10
N GLY D 247 3.90 24.31 -28.61
CA GLY D 247 5.09 23.64 -28.12
C GLY D 247 6.34 24.31 -28.63
N GLN D 248 7.47 23.84 -28.11
CA GLN D 248 8.81 24.27 -28.53
C GLN D 248 8.91 25.80 -28.57
N ALA D 249 8.70 26.40 -27.41
CA ALA D 249 8.62 27.85 -27.29
C ALA D 249 9.92 28.44 -26.75
N PHE D 250 10.18 29.68 -27.14
CA PHE D 250 11.32 30.43 -26.64
C PHE D 250 10.97 31.91 -26.64
N TRP D 251 11.70 32.67 -25.84
CA TRP D 251 11.39 34.09 -25.68
C TRP D 251 11.79 34.87 -26.94
N ALA D 252 10.96 35.85 -27.28
CA ALA D 252 11.21 36.72 -28.42
C ALA D 252 12.32 37.71 -28.11
N PRO D 253 12.96 38.27 -29.13
CA PRO D 253 13.98 39.30 -28.88
C PRO D 253 13.40 40.48 -28.11
N GLY D 254 14.12 40.90 -27.08
CA GLY D 254 13.67 41.97 -26.21
C GLY D 254 12.70 41.56 -25.14
N ASP D 255 12.41 40.26 -25.01
CA ASP D 255 11.47 39.75 -24.01
C ASP D 255 10.10 40.39 -24.16
N THR D 256 9.69 40.61 -25.41
CA THR D 256 8.38 41.20 -25.69
C THR D 256 7.29 40.17 -25.83
N GLY D 257 7.61 38.96 -26.27
CA GLY D 257 6.62 37.93 -26.43
C GLY D 257 7.22 36.55 -26.44
N VAL D 258 6.47 35.60 -26.98
CA VAL D 258 6.86 34.20 -27.03
C VAL D 258 6.60 33.66 -28.43
N VAL D 259 7.58 32.97 -29.00
CA VAL D 259 7.46 32.32 -30.30
C VAL D 259 7.37 30.82 -30.08
N PHE D 260 6.38 30.19 -30.70
CA PHE D 260 6.13 28.76 -30.48
C PHE D 260 5.66 28.13 -31.78
N VAL D 261 5.48 26.81 -31.75
CA VAL D 261 4.99 26.04 -32.89
C VAL D 261 3.65 25.44 -32.49
N GLY D 262 2.64 25.65 -33.34
CA GLY D 262 1.30 25.16 -33.09
C GLY D 262 0.95 24.03 -34.04
N TRP D 263 0.51 22.91 -33.46
CA TRP D 263 0.10 21.73 -34.21
C TRP D 263 -1.42 21.66 -34.26
N TRP D 264 -1.96 21.47 -35.47
CA TRP D 264 -3.40 21.40 -35.65
C TRP D 264 -3.93 20.06 -35.15
N HIS D 265 -5.00 20.11 -34.36
CA HIS D 265 -5.62 18.90 -33.81
C HIS D 265 -7.11 18.88 -34.12
N GLU D 266 -7.48 19.23 -35.34
CA GLU D 266 -8.86 19.16 -35.79
C GLU D 266 -8.92 18.44 -37.14
N PRO D 267 -9.92 17.58 -37.35
CA PRO D 267 -11.02 17.23 -36.44
C PRO D 267 -10.61 16.25 -35.35
N PHE D 268 -9.48 15.55 -35.52
CA PHE D 268 -8.99 14.66 -34.47
C PHE D 268 -7.48 14.53 -34.61
N ARG D 269 -6.85 14.08 -33.52
CA ARG D 269 -5.40 14.01 -33.45
C ARG D 269 -4.89 12.73 -34.09
N LEU D 270 -3.80 12.86 -34.84
CA LEU D 270 -3.08 11.72 -35.41
C LEU D 270 -1.81 11.47 -34.61
N GLY D 271 -1.17 10.34 -34.91
CA GLY D 271 0.05 10.00 -34.20
C GLY D 271 1.15 11.01 -34.43
N ILE D 272 1.95 11.24 -33.41
CA ILE D 272 3.02 12.24 -33.48
C ILE D 272 4.41 11.62 -33.35
N ARG D 273 4.53 10.38 -32.88
CA ARG D 273 5.89 9.81 -32.69
C ARG D 273 6.49 9.40 -34.05
N PHE D 274 7.74 9.78 -34.31
CA PHE D 274 8.51 9.38 -35.53
C PHE D 274 7.76 9.77 -36.80
N CYS D 275 6.82 10.72 -36.73
CA CYS D 275 6.07 11.25 -37.86
C CYS D 275 6.32 12.75 -37.94
N THR D 276 6.81 13.20 -39.10
CA THR D 276 7.09 14.62 -39.34
C THR D 276 6.17 15.22 -40.39
N ASN D 277 5.04 14.57 -40.67
CA ASN D 277 4.10 15.03 -41.70
C ASN D 277 2.79 15.50 -41.07
N ARG D 278 2.88 16.15 -39.92
CA ARG D 278 1.72 16.68 -39.22
C ARG D 278 1.62 18.18 -39.43
N ARG D 279 0.45 18.65 -39.83
CA ARG D 279 0.26 20.06 -40.14
C ARG D 279 0.53 20.93 -38.92
N SER D 280 1.34 21.96 -39.10
CA SER D 280 1.76 22.83 -38.00
C SER D 280 2.21 24.17 -38.58
N ALA D 281 2.36 25.13 -37.68
CA ALA D 281 2.74 26.48 -38.08
C ALA D 281 3.55 27.13 -36.97
N LEU D 282 4.12 28.30 -37.29
CA LEU D 282 4.94 29.06 -36.35
C LEU D 282 4.20 30.33 -35.95
N TYR D 283 4.05 30.55 -34.65
CA TYR D 283 3.28 31.67 -34.14
C TYR D 283 4.12 32.49 -33.16
N TYR D 284 3.73 33.75 -33.01
CA TYR D 284 4.30 34.66 -32.02
C TYR D 284 3.17 35.37 -31.31
N VAL D 285 3.23 35.43 -29.98
CA VAL D 285 2.17 36.01 -29.18
C VAL D 285 2.78 36.90 -28.10
N ASP D 286 2.16 38.06 -27.89
CA ASP D 286 2.64 39.01 -26.89
C ASP D 286 2.35 38.51 -25.48
N LEU D 287 3.12 39.02 -24.52
CA LEU D 287 2.92 38.64 -23.12
C LEU D 287 1.55 39.09 -22.62
N THR D 288 1.19 40.34 -22.90
CA THR D 288 -0.13 40.83 -22.55
C THR D 288 -1.18 40.22 -23.46
N GLY D 289 -2.44 40.27 -23.01
CA GLY D 289 -3.54 39.73 -23.78
C GLY D 289 -3.54 40.35 -25.17
N GLY D 290 -3.43 39.52 -26.19
CA GLY D 290 -3.35 40.00 -27.56
C GLY D 290 -3.57 38.86 -28.52
N LYS D 291 -3.60 39.19 -29.81
CA LYS D 291 -3.85 38.23 -30.86
C LYS D 291 -2.54 37.67 -31.40
N CYS D 292 -2.56 36.38 -31.73
CA CYS D 292 -1.38 35.72 -32.27
C CYS D 292 -1.07 36.22 -33.67
N GLU D 293 0.21 36.14 -34.04
CA GLU D 293 0.68 36.56 -35.36
C GLU D 293 1.32 35.37 -36.06
N LEU D 294 0.99 35.19 -37.33
CA LEU D 294 1.52 34.08 -38.12
C LEU D 294 2.83 34.48 -38.79
N LEU D 295 3.80 33.58 -38.74
CA LEU D 295 5.12 33.83 -39.28
C LEU D 295 5.53 32.89 -40.41
N SER D 296 4.70 31.90 -40.74
CA SER D 296 5.03 30.94 -41.77
C SER D 296 3.76 30.62 -42.57
N ASP D 297 3.82 29.57 -43.38
CA ASP D 297 2.69 29.14 -44.20
C ASP D 297 1.92 28.05 -43.47
N GLU D 298 0.61 28.23 -43.37
CA GLU D 298 -0.25 27.29 -42.64
C GLU D 298 -0.79 26.20 -43.56
N SER D 299 0.11 25.55 -44.30
CA SER D 299 -0.27 24.45 -45.17
C SER D 299 0.66 23.25 -45.10
N VAL D 300 1.82 23.36 -44.45
CA VAL D 300 2.80 22.28 -44.41
C VAL D 300 3.28 22.09 -42.98
N ALA D 301 4.25 21.21 -42.78
CA ALA D 301 4.80 20.93 -41.46
C ALA D 301 6.10 21.72 -41.26
N VAL D 302 6.21 22.39 -40.12
CA VAL D 302 7.44 23.08 -39.73
C VAL D 302 7.80 22.66 -38.32
N THR D 303 9.09 22.77 -38.01
CA THR D 303 9.58 22.34 -36.70
C THR D 303 10.95 22.94 -36.43
N SER D 304 11.37 22.80 -35.17
CA SER D 304 12.72 23.09 -34.67
C SER D 304 13.17 24.51 -34.98
N PRO D 305 12.59 25.54 -34.37
CA PRO D 305 13.11 26.89 -34.56
C PRO D 305 14.19 27.24 -33.54
N ARG D 306 15.23 27.91 -34.02
CA ARG D 306 16.35 28.35 -33.19
C ARG D 306 16.66 29.81 -33.47
N LEU D 307 17.01 30.55 -32.43
CA LEU D 307 17.28 31.98 -32.52
C LEU D 307 18.78 32.23 -32.55
N SER D 308 19.20 33.19 -33.36
CA SER D 308 20.61 33.51 -33.49
C SER D 308 21.15 34.18 -32.23
N PRO D 309 22.46 34.09 -31.99
CA PRO D 309 23.02 34.73 -30.79
C PRO D 309 22.81 36.23 -30.73
N ASP D 310 22.79 36.90 -31.89
CA ASP D 310 22.59 38.34 -31.92
C ASP D 310 21.11 38.73 -31.93
N GLN D 311 20.21 37.75 -31.89
CA GLN D 311 18.77 37.99 -31.82
C GLN D 311 18.28 38.80 -33.01
N CYS D 312 18.58 38.28 -34.20
CA CYS D 312 18.21 38.95 -35.44
C CYS D 312 17.54 38.05 -36.47
N ARG D 313 17.73 36.74 -36.40
CA ARG D 313 17.15 35.84 -37.40
C ARG D 313 16.84 34.50 -36.75
N ILE D 314 15.93 33.76 -37.40
CA ILE D 314 15.49 32.45 -36.92
C ILE D 314 15.67 31.45 -38.06
N VAL D 315 15.94 30.20 -37.71
CA VAL D 315 16.09 29.12 -38.67
C VAL D 315 15.22 27.95 -38.23
N TYR D 316 14.60 27.27 -39.19
CA TYR D 316 13.74 26.14 -38.87
C TYR D 316 13.70 25.16 -40.03
N LEU D 317 13.03 24.02 -39.80
CA LEU D 317 12.92 22.95 -40.77
C LEU D 317 11.50 22.89 -41.29
N ARG D 318 11.36 22.79 -42.62
CA ARG D 318 10.06 22.73 -43.27
C ARG D 318 9.99 21.50 -44.17
N PHE D 319 8.83 20.85 -44.17
CA PHE D 319 8.61 19.68 -45.01
C PHE D 319 7.52 19.97 -46.03
N PRO D 320 7.77 19.75 -47.32
CA PRO D 320 6.85 20.27 -48.34
C PRO D 320 5.54 19.50 -48.44
N SER D 321 5.51 18.22 -48.12
CA SER D 321 4.32 17.41 -48.29
C SER D 321 3.92 16.75 -46.98
N LEU D 322 2.79 16.05 -47.00
CA LEU D 322 2.26 15.37 -45.82
C LEU D 322 2.03 13.89 -46.06
N VAL D 323 2.38 13.36 -47.23
CA VAL D 323 2.09 11.96 -47.57
C VAL D 323 3.04 11.02 -46.83
N PRO D 324 4.36 11.15 -46.95
CA PRO D 324 5.25 10.23 -46.25
C PRO D 324 5.51 10.68 -44.82
N HIS D 325 5.67 9.70 -43.92
CA HIS D 325 5.87 10.02 -42.52
C HIS D 325 7.28 10.55 -42.25
N GLN D 326 8.26 10.23 -43.10
CA GLN D 326 9.59 10.80 -43.01
C GLN D 326 10.12 11.02 -44.42
N GLN D 327 10.75 12.17 -44.62
CA GLN D 327 11.20 12.56 -45.95
C GLN D 327 12.31 13.60 -45.82
N CYS D 328 12.93 13.92 -46.95
CA CYS D 328 13.93 14.98 -46.98
C CYS D 328 13.27 16.33 -46.74
N GLY D 329 13.94 17.18 -45.96
CA GLY D 329 13.40 18.46 -45.57
C GLY D 329 14.16 19.64 -46.13
N GLN D 330 13.63 20.83 -45.82
CA GLN D 330 14.21 22.10 -46.23
C GLN D 330 14.62 22.88 -45.00
N LEU D 331 15.76 23.58 -45.09
CA LEU D 331 16.22 24.47 -44.03
C LEU D 331 15.90 25.90 -44.45
N CYS D 332 15.05 26.58 -43.67
CA CYS D 332 14.53 27.88 -44.02
C CYS D 332 14.92 28.91 -42.97
N LEU D 333 15.06 30.16 -43.42
CA LEU D 333 15.48 31.28 -42.59
C LEU D 333 14.43 32.38 -42.62
N TYR D 334 14.26 33.05 -41.48
CA TYR D 334 13.31 34.15 -41.33
C TYR D 334 14.00 35.31 -40.65
N ASP D 335 13.88 36.50 -41.23
CA ASP D 335 14.48 37.70 -40.67
C ASP D 335 13.48 38.42 -39.78
N TRP D 336 13.89 38.74 -38.55
CA TRP D 336 12.96 39.27 -37.56
C TRP D 336 12.53 40.69 -37.89
N TYR D 337 13.42 41.51 -38.45
CA TYR D 337 13.13 42.92 -38.66
C TYR D 337 12.61 43.23 -40.06
N THR D 338 13.21 42.64 -41.09
CA THR D 338 12.72 42.84 -42.45
C THR D 338 11.54 41.96 -42.79
N ARG D 339 11.26 40.93 -41.98
CA ARG D 339 10.12 40.03 -42.18
C ARG D 339 10.16 39.40 -43.57
N VAL D 340 11.30 38.80 -43.91
CA VAL D 340 11.51 38.17 -45.20
C VAL D 340 11.91 36.72 -44.97
N THR D 341 11.26 35.80 -45.66
CA THR D 341 11.53 34.37 -45.54
C THR D 341 12.22 33.87 -46.80
N SER D 342 13.31 33.13 -46.62
CA SER D 342 14.07 32.56 -47.73
C SER D 342 14.40 31.11 -47.42
N VAL D 343 14.64 30.34 -48.48
CA VAL D 343 14.97 28.93 -48.37
C VAL D 343 16.49 28.81 -48.44
N VAL D 344 17.11 28.39 -47.33
CA VAL D 344 18.56 28.24 -47.31
C VAL D 344 18.99 26.95 -47.98
N VAL D 345 18.42 25.82 -47.55
CA VAL D 345 18.76 24.51 -48.10
C VAL D 345 17.49 23.87 -48.63
N ASP D 346 17.53 23.42 -49.88
CA ASP D 346 16.37 22.90 -50.59
C ASP D 346 16.42 21.38 -50.68
N ILE D 347 15.46 20.81 -51.39
CA ILE D 347 15.33 19.36 -51.51
C ILE D 347 16.36 18.83 -52.51
N VAL D 348 17.01 17.74 -52.15
CA VAL D 348 17.98 17.08 -53.01
C VAL D 348 17.32 15.83 -53.60
N PRO D 349 17.06 15.78 -54.91
CA PRO D 349 16.39 14.60 -55.50
C PRO D 349 17.16 13.31 -55.30
N ARG D 350 18.39 13.24 -55.80
CA ARG D 350 19.22 12.05 -55.66
C ARG D 350 20.52 12.31 -54.93
N GLN D 351 21.31 13.28 -55.36
CA GLN D 351 22.61 13.53 -54.75
C GLN D 351 23.08 14.94 -55.13
N LEU D 352 23.66 15.63 -54.15
CA LEU D 352 24.22 16.96 -54.35
C LEU D 352 25.72 16.85 -54.06
N GLY D 353 26.49 16.51 -55.09
CA GLY D 353 27.91 16.29 -54.91
C GLY D 353 28.23 14.85 -54.60
N GLU D 354 29.18 14.63 -53.68
CA GLU D 354 29.54 13.28 -53.26
C GLU D 354 29.47 13.07 -51.76
N ASP D 355 29.00 14.07 -50.99
CA ASP D 355 28.93 13.96 -49.55
C ASP D 355 27.61 14.40 -48.95
N PHE D 356 26.69 14.96 -49.74
CA PHE D 356 25.41 15.45 -49.24
C PHE D 356 24.28 14.77 -49.99
N SER D 357 23.21 14.43 -49.27
CA SER D 357 22.05 13.80 -49.88
C SER D 357 20.74 14.36 -49.35
N GLY D 358 20.77 15.38 -48.51
CA GLY D 358 19.58 15.98 -47.95
C GLY D 358 19.61 16.00 -46.43
N ILE D 359 18.60 16.67 -45.88
CA ILE D 359 18.43 16.82 -44.44
C ILE D 359 17.34 15.87 -43.98
N TYR D 360 17.69 14.91 -43.13
CA TYR D 360 16.75 13.92 -42.64
C TYR D 360 16.59 13.91 -41.13
N CYS D 361 17.38 14.68 -40.40
CA CYS D 361 17.19 14.78 -38.96
C CYS D 361 15.91 15.53 -38.64
N SER D 362 15.19 15.07 -37.62
CA SER D 362 13.93 15.69 -37.23
C SER D 362 14.09 16.79 -36.19
N LEU D 363 15.30 16.98 -35.65
CA LEU D 363 15.54 17.99 -34.64
C LEU D 363 16.94 18.55 -34.79
N LEU D 364 17.04 19.88 -34.74
CA LEU D 364 18.34 20.54 -34.69
C LEU D 364 18.85 20.56 -33.26
N PRO D 365 20.16 20.68 -33.07
CA PRO D 365 20.70 20.81 -31.71
C PRO D 365 20.19 22.07 -31.04
N LEU D 366 20.15 22.03 -29.71
CA LEU D 366 19.68 23.20 -28.95
C LEU D 366 20.55 24.41 -29.22
N GLY D 367 21.87 24.21 -29.30
CA GLY D 367 22.77 25.23 -29.79
C GLY D 367 23.36 24.82 -31.12
N CYS D 368 23.07 25.60 -32.17
CA CYS D 368 23.52 25.26 -33.52
C CYS D 368 24.18 26.41 -34.26
N TRP D 369 24.11 27.63 -33.75
CA TRP D 369 24.70 28.79 -34.43
C TRP D 369 26.17 28.94 -34.07
N SER D 370 26.93 29.52 -34.99
CA SER D 370 28.30 29.89 -34.73
C SER D 370 28.35 31.24 -34.02
N ALA D 371 29.55 31.66 -33.62
CA ALA D 371 29.69 32.90 -32.88
C ALA D 371 29.31 34.12 -33.72
N ASP D 372 29.54 34.07 -35.02
CA ASP D 372 29.27 35.20 -35.91
C ASP D 372 27.83 35.24 -36.41
N SER D 373 26.99 34.28 -36.01
CA SER D 373 25.60 34.21 -36.45
C SER D 373 25.50 34.15 -37.97
N GLN D 374 26.36 33.35 -38.59
CA GLN D 374 26.39 33.19 -40.04
C GLN D 374 26.29 31.75 -40.50
N ARG D 375 26.77 30.79 -39.71
CA ARG D 375 26.81 29.39 -40.11
C ARG D 375 26.02 28.54 -39.12
N VAL D 376 25.47 27.45 -39.62
CA VAL D 376 24.67 26.51 -38.83
C VAL D 376 25.29 25.13 -38.97
N VAL D 377 25.47 24.44 -37.86
CA VAL D 377 26.08 23.11 -37.82
C VAL D 377 25.03 22.11 -37.37
N PHE D 378 24.95 20.98 -38.09
CA PHE D 378 24.01 19.92 -37.73
C PHE D 378 24.62 18.59 -38.12
N ASP D 379 23.85 17.52 -37.91
CA ASP D 379 24.24 16.17 -38.32
C ASP D 379 23.11 15.52 -39.08
N SER D 380 23.47 14.66 -40.03
CA SER D 380 22.49 14.07 -40.92
C SER D 380 23.00 12.73 -41.43
N PRO D 381 22.10 11.79 -41.74
CA PRO D 381 22.52 10.56 -42.41
C PRO D 381 23.01 10.82 -43.82
N GLN D 382 23.95 9.98 -44.25
CA GLN D 382 24.48 10.04 -45.63
C GLN D 382 24.72 8.58 -46.01
N ARG D 383 23.96 8.09 -46.99
CA ARG D 383 24.04 6.66 -47.39
C ARG D 383 23.97 5.90 -46.06
N SER D 384 24.96 5.06 -45.78
CA SER D 384 24.97 4.24 -44.57
C SER D 384 25.75 4.76 -43.38
N ARG D 385 26.12 6.03 -43.37
CA ARG D 385 26.85 6.63 -42.25
C ARG D 385 26.09 7.86 -41.77
N GLN D 386 26.62 8.50 -40.72
CA GLN D 386 26.05 9.74 -40.20
C GLN D 386 27.17 10.77 -40.11
N ASP D 387 26.95 11.94 -40.69
CA ASP D 387 28.00 12.93 -40.83
C ASP D 387 27.57 14.26 -40.24
N LEU D 388 28.55 15.14 -40.05
CA LEU D 388 28.33 16.50 -39.55
C LEU D 388 28.50 17.47 -40.71
N PHE D 389 27.56 18.41 -40.83
CA PHE D 389 27.56 19.37 -41.92
C PHE D 389 27.47 20.79 -41.36
N ALA D 390 28.09 21.72 -42.09
CA ALA D 390 28.03 23.14 -41.77
C ALA D 390 27.54 23.89 -43.01
N VAL D 391 26.54 24.75 -42.81
CA VAL D 391 25.91 25.47 -43.92
C VAL D 391 26.00 26.97 -43.62
N ASP D 392 26.44 27.73 -44.62
CA ASP D 392 26.51 29.18 -44.53
C ASP D 392 25.20 29.77 -45.00
N THR D 393 24.50 30.48 -44.11
CA THR D 393 23.18 31.00 -44.44
C THR D 393 23.23 32.15 -45.43
N GLN D 394 24.36 32.86 -45.51
CA GLN D 394 24.45 33.99 -46.43
C GLN D 394 24.44 33.52 -47.88
N MET D 395 25.28 32.53 -48.21
CA MET D 395 25.38 32.02 -49.57
C MET D 395 24.47 30.82 -49.79
N GLY D 396 24.67 29.75 -49.01
CA GLY D 396 23.85 28.57 -49.14
C GLY D 396 24.64 27.31 -49.47
N SER D 397 25.94 27.33 -49.18
CA SER D 397 26.80 26.19 -49.43
C SER D 397 26.82 25.25 -48.22
N VAL D 398 27.05 23.97 -48.49
CA VAL D 398 27.10 22.94 -47.46
C VAL D 398 28.47 22.29 -47.50
N THR D 399 29.11 22.17 -46.34
CA THR D 399 30.43 21.58 -46.22
C THR D 399 30.39 20.44 -45.22
N SER D 400 30.95 19.29 -45.60
CA SER D 400 31.00 18.12 -44.75
C SER D 400 32.26 18.17 -43.88
N LEU D 401 32.07 18.06 -42.56
CA LEU D 401 33.18 18.15 -41.62
C LEU D 401 33.87 16.83 -41.38
N THR D 402 33.23 15.70 -41.68
CA THR D 402 33.77 14.38 -41.43
C THR D 402 33.74 13.54 -42.71
N ALA D 403 34.06 14.16 -43.84
CA ALA D 403 34.08 13.44 -45.10
C ALA D 403 35.26 12.48 -45.17
N GLY D 404 35.11 11.44 -45.99
CA GLY D 404 36.15 10.46 -46.15
C GLY D 404 36.19 9.44 -45.03
N GLY D 405 37.25 8.64 -45.05
CA GLY D 405 37.44 7.61 -44.06
C GLY D 405 36.68 6.34 -44.38
N SER D 406 36.83 5.36 -43.48
CA SER D 406 36.15 4.07 -43.66
C SER D 406 34.67 4.17 -43.33
N GLY D 407 34.32 4.98 -42.35
CA GLY D 407 32.93 5.14 -41.95
C GLY D 407 32.84 5.49 -40.48
N GLY D 408 31.61 5.51 -39.99
CA GLY D 408 31.36 5.83 -38.60
C GLY D 408 30.08 6.61 -38.37
N SER D 409 29.80 6.93 -37.11
CA SER D 409 28.59 7.67 -36.74
C SER D 409 28.97 8.80 -35.79
N TRP D 410 28.65 10.03 -36.18
CA TRP D 410 28.91 11.22 -35.40
C TRP D 410 27.58 11.83 -34.93
N LYS D 411 27.59 12.37 -33.71
CA LYS D 411 26.45 13.08 -33.18
C LYS D 411 26.93 14.35 -32.50
N LEU D 412 26.30 15.48 -32.82
CA LEU D 412 26.67 16.77 -32.25
C LEU D 412 25.76 17.07 -31.07
N LEU D 413 26.37 17.36 -29.91
CA LEU D 413 25.59 17.63 -28.70
C LEU D 413 25.36 19.11 -28.46
N THR D 414 26.39 19.94 -28.61
CA THR D 414 26.25 21.38 -28.40
C THR D 414 27.41 22.09 -29.07
N ILE D 415 27.22 23.39 -29.28
CA ILE D 415 28.29 24.27 -29.74
C ILE D 415 28.07 25.65 -29.11
N ASP D 416 29.12 26.19 -28.51
CA ASP D 416 29.04 27.51 -27.87
C ASP D 416 30.38 28.20 -28.03
N ARG D 417 30.35 29.39 -28.62
CA ARG D 417 31.57 30.15 -28.92
C ARG D 417 32.55 29.32 -29.75
N ASP D 418 32.01 28.65 -30.78
CA ASP D 418 32.79 27.90 -31.75
C ASP D 418 33.51 26.70 -31.13
N LEU D 419 32.97 26.16 -30.04
CA LEU D 419 33.51 24.96 -29.40
C LEU D 419 32.44 23.88 -29.47
N MET D 420 32.70 22.83 -30.24
CA MET D 420 31.74 21.77 -30.49
C MET D 420 32.07 20.54 -29.64
N VAL D 421 31.02 19.88 -29.15
CA VAL D 421 31.13 18.63 -28.41
C VAL D 421 30.41 17.55 -29.21
N VAL D 422 31.09 16.43 -29.45
CA VAL D 422 30.57 15.38 -30.32
C VAL D 422 30.75 14.01 -29.68
N GLN D 423 29.95 13.06 -30.13
CA GLN D 423 30.03 11.66 -29.79
C GLN D 423 30.26 10.86 -31.06
N PHE D 424 31.21 9.93 -30.99
CA PHE D 424 31.61 9.13 -32.16
C PHE D 424 31.50 7.65 -31.82
N SER D 425 30.97 6.88 -32.76
CA SER D 425 30.84 5.43 -32.54
C SER D 425 30.87 4.69 -33.86
N THR D 426 31.32 3.45 -33.81
CA THR D 426 31.37 2.54 -34.94
C THR D 426 30.78 1.21 -34.51
N PRO D 427 30.42 0.34 -35.47
CA PRO D 427 29.84 -0.96 -35.08
C PRO D 427 30.74 -1.80 -34.19
N SER D 428 32.04 -1.57 -34.19
CA SER D 428 32.96 -2.31 -33.34
C SER D 428 33.55 -1.48 -32.21
N VAL D 429 33.11 -0.24 -32.03
CA VAL D 429 33.63 0.62 -30.98
C VAL D 429 32.47 1.26 -30.23
N PRO D 430 32.42 1.16 -28.91
CA PRO D 430 31.37 1.84 -28.13
C PRO D 430 31.50 3.34 -28.26
N PRO D 431 30.47 4.11 -27.87
CA PRO D 431 30.52 5.56 -28.04
C PRO D 431 31.67 6.19 -27.28
N SER D 432 32.24 7.24 -27.86
CA SER D 432 33.33 8.00 -27.26
C SER D 432 33.04 9.48 -27.41
N LEU D 433 33.63 10.28 -26.51
CA LEU D 433 33.31 11.69 -26.39
C LEU D 433 34.52 12.53 -26.79
N LYS D 434 34.31 13.48 -27.70
CA LYS D 434 35.36 14.33 -28.23
C LYS D 434 34.91 15.78 -28.25
N VAL D 435 35.89 16.69 -28.32
CA VAL D 435 35.63 18.11 -28.44
C VAL D 435 36.47 18.67 -29.58
N GLY D 436 36.07 19.83 -30.08
CA GLY D 436 36.80 20.45 -31.18
C GLY D 436 36.45 21.91 -31.33
N PHE D 437 37.23 22.59 -32.16
CA PHE D 437 37.04 24.00 -32.46
C PHE D 437 36.67 24.17 -33.93
N LEU D 438 35.65 24.98 -34.19
CA LEU D 438 35.19 25.20 -35.56
C LEU D 438 36.14 26.14 -36.28
N PRO D 439 36.74 25.73 -37.39
CA PRO D 439 37.67 26.61 -38.11
C PRO D 439 36.94 27.78 -38.75
N PRO D 440 37.65 28.82 -39.16
CA PRO D 440 37.00 29.95 -39.84
C PRO D 440 36.37 29.53 -41.16
N ALA D 441 35.61 30.46 -41.74
CA ALA D 441 34.90 30.18 -42.98
C ALA D 441 35.86 29.84 -44.11
N GLY D 442 35.51 28.81 -44.86
CA GLY D 442 36.33 28.36 -45.97
C GLY D 442 37.40 27.34 -45.63
N LYS D 443 37.52 26.96 -44.37
CA LYS D 443 38.53 25.99 -43.96
C LYS D 443 37.98 24.98 -42.95
N GLU D 444 36.70 24.64 -43.06
CA GLU D 444 36.06 23.75 -42.11
C GLU D 444 36.52 22.31 -42.24
N GLN D 445 37.28 21.98 -43.29
CA GLN D 445 37.71 20.60 -43.50
C GLN D 445 38.92 20.21 -42.66
N ALA D 446 39.50 21.15 -41.91
CA ALA D 446 40.72 20.90 -41.15
C ALA D 446 40.47 21.03 -39.65
N VAL D 447 39.36 20.48 -39.18
CA VAL D 447 39.02 20.52 -37.76
C VAL D 447 39.80 19.43 -37.03
N SER D 448 40.37 19.78 -35.89
CA SER D 448 41.15 18.86 -35.07
C SER D 448 40.32 18.44 -33.85
N TRP D 449 40.21 17.14 -33.64
CA TRP D 449 39.45 16.59 -32.54
C TRP D 449 40.37 16.15 -31.41
N VAL D 450 39.95 16.41 -30.18
CA VAL D 450 40.69 16.01 -28.98
C VAL D 450 39.80 15.06 -28.20
N SER D 451 40.33 13.88 -27.86
CA SER D 451 39.55 12.85 -27.20
C SER D 451 39.39 13.18 -25.72
N LEU D 452 38.14 13.34 -25.28
CA LEU D 452 37.86 13.49 -23.86
C LEU D 452 37.64 12.13 -23.18
N GLU D 453 36.91 11.24 -23.84
CA GLU D 453 36.68 9.89 -23.33
C GLU D 453 36.76 8.90 -24.48
N GLU D 454 37.59 7.87 -24.32
CA GLU D 454 37.79 6.85 -25.34
C GLU D 454 37.40 5.48 -24.78
N ALA D 455 36.91 4.63 -25.67
CA ALA D 455 36.45 3.29 -25.30
C ALA D 455 37.32 2.24 -25.97
N GLU D 456 37.43 1.08 -25.31
CA GLU D 456 38.24 0.00 -25.83
C GLU D 456 37.51 -0.71 -26.96
N PRO D 457 38.12 -0.85 -28.14
CA PRO D 457 37.43 -1.50 -29.26
C PRO D 457 37.37 -3.01 -29.09
N PHE D 458 36.53 -3.63 -29.91
CA PHE D 458 36.42 -5.09 -29.98
C PHE D 458 37.05 -5.58 -31.27
N PRO D 459 38.22 -6.23 -31.23
CA PRO D 459 38.86 -6.67 -32.47
C PRO D 459 38.28 -7.93 -33.08
N ASP D 460 37.19 -8.46 -32.50
CA ASP D 460 36.60 -9.73 -32.98
C ASP D 460 35.47 -9.46 -33.97
N ILE D 461 35.24 -8.20 -34.34
CA ILE D 461 34.16 -7.83 -35.25
C ILE D 461 34.76 -7.09 -36.43
N SER D 462 34.37 -7.50 -37.64
CA SER D 462 34.79 -6.81 -38.86
C SER D 462 33.55 -6.45 -39.66
N TRP D 463 33.44 -5.18 -40.05
CA TRP D 463 32.25 -4.68 -40.71
C TRP D 463 32.63 -4.02 -42.03
N SER D 464 31.73 -4.13 -43.00
CA SER D 464 31.93 -3.56 -44.32
C SER D 464 30.59 -3.18 -44.92
N ILE D 465 30.64 -2.47 -46.05
CA ILE D 465 29.46 -1.93 -46.72
C ILE D 465 29.42 -2.48 -48.14
N ARG D 466 28.26 -2.99 -48.54
CA ARG D 466 28.05 -3.51 -49.88
C ARG D 466 27.01 -2.66 -50.60
N VAL D 467 27.25 -2.40 -51.89
CA VAL D 467 26.35 -1.64 -52.74
C VAL D 467 25.72 -2.60 -53.72
N LEU D 468 24.39 -2.54 -53.84
CA LEU D 468 23.62 -3.48 -54.63
C LEU D 468 22.81 -2.73 -55.68
N GLN D 469 22.88 -3.21 -56.92
CA GLN D 469 22.16 -2.65 -58.07
C GLN D 469 21.07 -3.62 -58.48
N PRO D 470 19.80 -3.19 -58.48
CA PRO D 470 18.72 -4.13 -58.78
C PRO D 470 18.79 -4.60 -60.23
N PRO D 471 18.27 -5.79 -60.52
CA PRO D 471 18.24 -6.27 -61.90
C PRO D 471 17.26 -5.46 -62.73
N PRO D 472 17.37 -5.50 -64.06
CA PRO D 472 16.47 -4.68 -64.90
C PRO D 472 15.00 -5.00 -64.71
N GLN D 473 14.65 -6.25 -64.39
CA GLN D 473 13.25 -6.61 -64.22
C GLN D 473 12.64 -5.88 -63.02
N GLN D 474 13.39 -5.74 -61.93
CA GLN D 474 12.89 -5.10 -60.72
C GLN D 474 13.17 -3.60 -60.71
N GLU D 475 12.73 -2.91 -61.77
CA GLU D 475 12.89 -1.46 -61.87
C GLU D 475 11.59 -0.84 -62.38
N HIS D 476 11.31 0.36 -61.92
CA HIS D 476 10.13 1.10 -62.31
C HIS D 476 10.50 2.26 -63.23
N VAL D 477 9.54 2.67 -64.06
CA VAL D 477 9.82 3.66 -65.09
C VAL D 477 10.09 5.03 -64.49
N GLN D 478 9.35 5.40 -63.45
CA GLN D 478 9.45 6.75 -62.90
C GLN D 478 10.84 7.02 -62.34
N TYR D 479 11.41 6.06 -61.61
CA TYR D 479 12.72 6.21 -60.98
C TYR D 479 13.60 5.03 -61.41
N ALA D 480 14.49 5.27 -62.36
CA ALA D 480 15.38 4.26 -62.89
C ALA D 480 16.82 4.61 -62.54
N GLY D 481 17.59 3.58 -62.14
CA GLY D 481 18.98 3.75 -61.80
C GLY D 481 19.28 3.80 -60.31
N LEU D 482 18.28 3.62 -59.46
CA LEU D 482 18.50 3.63 -58.02
C LEU D 482 19.22 2.35 -57.58
N ASP D 483 20.03 2.49 -56.53
CA ASP D 483 20.73 1.35 -55.94
C ASP D 483 20.65 1.48 -54.42
N PHE D 484 20.81 0.35 -53.73
CA PHE D 484 20.68 0.34 -52.29
C PHE D 484 21.93 -0.28 -51.67
N GLU D 485 21.92 -0.42 -50.33
CA GLU D 485 23.14 -0.79 -49.62
C GLU D 485 22.82 -1.79 -48.51
N ALA D 486 23.89 -2.42 -48.02
CA ALA D 486 23.82 -3.35 -46.90
C ALA D 486 25.09 -3.23 -46.08
N ILE D 487 24.96 -3.55 -44.79
CA ILE D 487 26.08 -3.57 -43.86
C ILE D 487 26.31 -5.00 -43.41
N LEU D 488 27.54 -5.48 -43.56
CA LEU D 488 27.89 -6.86 -43.26
C LEU D 488 28.86 -6.88 -42.09
N LEU D 489 28.51 -7.62 -41.04
CA LEU D 489 29.36 -7.83 -39.88
C LEU D 489 29.70 -9.30 -39.78
N GLN D 490 30.98 -9.62 -39.60
CA GLN D 490 31.44 -10.99 -39.52
C GLN D 490 32.53 -11.11 -38.46
N PRO D 491 32.74 -12.30 -37.92
CA PRO D 491 33.85 -12.49 -36.97
C PRO D 491 35.18 -12.49 -37.69
N SER D 492 36.10 -11.65 -37.22
CA SER D 492 37.42 -11.58 -37.81
C SER D 492 38.23 -12.83 -37.48
N ASN D 493 39.16 -13.18 -38.37
CA ASN D 493 40.04 -14.34 -38.22
C ASN D 493 39.23 -15.63 -38.08
N SER D 494 38.25 -15.81 -38.96
CA SER D 494 37.49 -17.04 -38.97
C SER D 494 38.34 -18.16 -39.57
N PRO D 495 38.21 -19.40 -39.05
CA PRO D 495 39.00 -20.53 -39.54
C PRO D 495 38.68 -20.87 -41.00
N THR D 498 35.16 -23.53 -42.92
CA THR D 498 34.90 -22.12 -42.61
C THR D 498 33.52 -21.70 -43.11
N GLN D 499 32.50 -22.46 -42.72
CA GLN D 499 31.12 -22.18 -43.08
C GLN D 499 30.39 -21.64 -41.85
N VAL D 500 29.86 -20.44 -41.96
CA VAL D 500 29.22 -19.78 -40.82
C VAL D 500 27.77 -19.46 -41.15
N PRO D 501 26.88 -19.42 -40.17
CA PRO D 501 25.49 -19.04 -40.42
C PRO D 501 25.35 -17.53 -40.58
N MET D 502 24.18 -17.11 -41.05
CA MET D 502 23.91 -15.71 -41.30
C MET D 502 22.53 -15.34 -40.76
N VAL D 503 22.43 -14.12 -40.26
CA VAL D 503 21.17 -13.54 -39.78
C VAL D 503 20.91 -12.26 -40.55
N VAL D 504 19.72 -12.16 -41.14
CA VAL D 504 19.35 -11.05 -42.02
C VAL D 504 18.37 -10.15 -41.29
N MET D 505 18.65 -8.86 -41.28
CA MET D 505 17.82 -7.87 -40.60
C MET D 505 17.41 -6.75 -41.55
N PRO D 506 16.14 -6.63 -41.89
CA PRO D 506 15.62 -5.41 -42.50
C PRO D 506 15.06 -4.46 -41.44
N HIS D 507 15.22 -3.17 -41.71
CA HIS D 507 14.77 -2.16 -40.76
C HIS D 507 13.28 -1.92 -40.90
N GLY D 508 12.70 -1.31 -39.86
CA GLY D 508 11.30 -0.92 -39.88
C GLY D 508 11.07 0.32 -40.70
N GLY D 509 10.19 1.20 -40.25
CA GLY D 509 9.92 2.42 -40.96
C GLY D 509 8.57 2.45 -41.66
N PRO D 510 8.57 2.24 -42.97
CA PRO D 510 9.70 1.82 -43.83
C PRO D 510 10.64 2.96 -44.21
N HIS D 511 10.40 4.18 -43.76
CA HIS D 511 11.27 5.30 -44.07
C HIS D 511 12.21 5.55 -42.89
N SER D 512 13.19 4.65 -42.77
CA SER D 512 14.27 4.77 -41.80
C SER D 512 15.51 4.13 -42.42
N SER D 513 16.56 3.95 -41.62
CA SER D 513 17.79 3.38 -42.15
C SER D 513 18.65 2.84 -41.03
N PHE D 514 19.60 1.99 -41.40
CA PHE D 514 20.66 1.54 -40.51
C PHE D 514 21.92 2.37 -40.77
N VAL D 515 22.58 2.78 -39.70
CA VAL D 515 23.80 3.55 -39.79
C VAL D 515 24.91 2.77 -39.09
N THR D 516 26.15 3.07 -39.47
CA THR D 516 27.33 2.39 -38.91
C THR D 516 27.63 2.97 -37.53
N ALA D 517 26.76 2.62 -36.58
CA ALA D 517 26.89 3.03 -35.19
C ALA D 517 27.01 1.78 -34.31
N TRP D 518 27.10 2.00 -33.00
CA TRP D 518 27.22 0.90 -32.06
C TRP D 518 25.84 0.32 -31.80
N MET D 519 25.61 -0.91 -32.26
CA MET D 519 24.39 -1.64 -32.01
C MET D 519 24.69 -2.83 -31.13
N LEU D 520 23.85 -3.06 -30.12
CA LEU D 520 24.15 -4.07 -29.11
C LEU D 520 23.90 -5.48 -29.63
N PHE D 521 22.67 -5.76 -30.06
CA PHE D 521 22.34 -7.12 -30.49
C PHE D 521 23.12 -7.60 -31.70
N PRO D 522 23.32 -6.81 -32.76
CA PRO D 522 24.22 -7.28 -33.83
C PRO D 522 25.62 -7.58 -33.34
N ALA D 523 26.14 -6.79 -32.40
CA ALA D 523 27.46 -7.06 -31.84
C ALA D 523 27.46 -8.39 -31.09
N MET D 524 26.42 -8.65 -30.30
CA MET D 524 26.33 -9.92 -29.58
C MET D 524 26.26 -11.10 -30.54
N LEU D 525 25.46 -10.97 -31.59
CA LEU D 525 25.34 -12.05 -32.57
C LEU D 525 26.66 -12.29 -33.28
N CYS D 526 27.38 -11.22 -33.63
CA CYS D 526 28.69 -11.37 -34.27
C CYS D 526 29.71 -12.00 -33.34
N LYS D 527 29.72 -11.61 -32.07
CA LYS D 527 30.67 -12.16 -31.11
C LYS D 527 30.35 -13.61 -30.77
N MET D 528 29.09 -14.03 -30.88
CA MET D 528 28.72 -15.39 -30.52
C MET D 528 28.95 -16.37 -31.65
N GLY D 529 29.17 -15.88 -32.88
CA GLY D 529 29.58 -16.75 -33.97
C GLY D 529 28.83 -16.56 -35.28
N PHE D 530 27.93 -15.60 -35.35
CA PHE D 530 27.09 -15.39 -36.52
C PHE D 530 27.66 -14.29 -37.42
N ALA D 531 27.07 -14.19 -38.61
CA ALA D 531 27.35 -13.11 -39.55
C ALA D 531 26.05 -12.35 -39.79
N VAL D 532 26.07 -11.05 -39.55
CA VAL D 532 24.87 -10.22 -39.56
C VAL D 532 24.84 -9.38 -40.83
N LEU D 533 23.70 -9.38 -41.51
CA LEU D 533 23.52 -8.58 -42.72
C LEU D 533 22.32 -7.65 -42.51
N LEU D 534 22.59 -6.36 -42.41
CA LEU D 534 21.54 -5.35 -42.25
C LEU D 534 21.29 -4.68 -43.59
N VAL D 535 20.03 -4.69 -44.04
CA VAL D 535 19.68 -4.25 -45.39
C VAL D 535 19.02 -2.88 -45.31
N ASN D 536 19.42 -1.98 -46.20
CA ASN D 536 18.76 -0.68 -46.36
C ASN D 536 18.15 -0.67 -47.77
N TYR D 537 16.93 -1.19 -47.88
CA TYR D 537 16.29 -1.31 -49.17
C TYR D 537 15.85 0.05 -49.70
N ARG D 538 15.41 0.06 -50.95
CA ARG D 538 14.91 1.29 -51.56
C ARG D 538 13.71 1.80 -50.78
N GLY D 539 13.70 3.11 -50.50
CA GLY D 539 12.72 3.70 -49.60
C GLY D 539 13.29 4.15 -48.28
N SER D 540 14.59 4.05 -48.08
CA SER D 540 15.24 4.44 -46.84
C SER D 540 15.63 5.91 -46.87
N THR D 541 15.92 6.44 -45.69
CA THR D 541 16.35 7.82 -45.56
C THR D 541 17.87 7.92 -45.75
N GLY D 542 18.30 8.99 -46.40
CA GLY D 542 19.70 9.21 -46.66
C GLY D 542 20.14 8.93 -48.08
N PHE D 543 19.22 8.58 -48.98
CA PHE D 543 19.55 8.25 -50.35
C PHE D 543 18.88 9.18 -51.36
N GLY D 544 18.20 10.21 -50.91
CA GLY D 544 17.52 11.14 -51.78
C GLY D 544 16.00 11.04 -51.66
N GLN D 545 15.34 12.03 -52.26
CA GLN D 545 13.87 12.07 -52.22
C GLN D 545 13.25 11.06 -53.18
N ASP D 546 13.92 10.76 -54.29
CA ASP D 546 13.39 9.78 -55.23
C ASP D 546 13.30 8.40 -54.60
N SER D 547 14.30 8.02 -53.80
CA SER D 547 14.24 6.75 -53.08
C SER D 547 13.07 6.72 -52.12
N ILE D 548 12.81 7.84 -51.43
CA ILE D 548 11.68 7.91 -50.51
C ILE D 548 10.37 7.75 -51.26
N LEU D 549 10.23 8.42 -52.40
CA LEU D 549 8.96 8.42 -53.12
C LEU D 549 8.73 7.17 -53.95
N SER D 550 9.78 6.38 -54.22
CA SER D 550 9.60 5.18 -55.03
C SER D 550 8.78 4.11 -54.29
N LEU D 551 9.02 3.95 -52.99
CA LEU D 551 8.41 2.85 -52.25
C LEU D 551 6.89 2.92 -52.18
N PRO D 552 6.26 4.04 -51.82
CA PRO D 552 4.82 4.01 -51.55
C PRO D 552 4.00 3.49 -52.73
N GLY D 553 3.03 2.64 -52.42
CA GLY D 553 2.22 1.98 -53.42
C GLY D 553 2.76 0.67 -53.92
N ASN D 554 3.98 0.28 -53.52
CA ASN D 554 4.62 -0.94 -54.00
C ASN D 554 5.07 -1.83 -52.86
N VAL D 555 4.54 -1.64 -51.66
CA VAL D 555 4.94 -2.46 -50.52
C VAL D 555 4.46 -3.90 -50.72
N GLY D 556 5.27 -4.85 -50.27
CA GLY D 556 4.95 -6.26 -50.35
C GLY D 556 5.58 -7.00 -51.50
N HIS D 557 6.04 -6.28 -52.53
CA HIS D 557 6.65 -6.94 -53.68
C HIS D 557 7.94 -6.30 -54.17
N GLN D 558 8.23 -5.08 -53.70
CA GLN D 558 9.49 -4.39 -54.10
C GLN D 558 10.50 -4.54 -52.96
N ASP D 559 10.09 -4.16 -51.74
CA ASP D 559 10.98 -4.30 -50.56
C ASP D 559 11.41 -5.77 -50.42
N VAL D 560 10.44 -6.69 -50.45
CA VAL D 560 10.74 -8.15 -50.27
C VAL D 560 11.80 -8.56 -51.29
N LYS D 561 11.62 -8.19 -52.56
CA LYS D 561 12.56 -8.63 -53.62
C LYS D 561 13.96 -8.04 -53.36
N ASP D 562 14.03 -6.78 -52.96
CA ASP D 562 15.34 -6.12 -52.69
C ASP D 562 16.11 -6.94 -51.66
N VAL D 563 15.43 -7.40 -50.60
CA VAL D 563 16.09 -8.17 -49.55
C VAL D 563 16.53 -9.53 -50.07
N GLN D 564 15.67 -10.19 -50.86
CA GLN D 564 16.03 -11.49 -51.43
C GLN D 564 17.25 -11.37 -52.34
N PHE D 565 17.28 -10.34 -53.18
CA PHE D 565 18.42 -10.13 -54.06
C PHE D 565 19.70 -9.89 -53.27
N ALA D 566 19.62 -9.07 -52.22
CA ALA D 566 20.80 -8.82 -51.39
C ALA D 566 21.29 -10.11 -50.73
N VAL D 567 20.36 -10.91 -50.21
CA VAL D 567 20.75 -12.16 -49.55
C VAL D 567 21.41 -13.10 -50.55
N GLU D 568 20.83 -13.24 -51.74
CA GLU D 568 21.39 -14.14 -52.74
C GLU D 568 22.77 -13.67 -53.19
N GLN D 569 22.93 -12.36 -53.42
CA GLN D 569 24.23 -11.84 -53.83
C GLN D 569 25.28 -12.06 -52.76
N VAL D 570 24.94 -11.80 -51.50
CA VAL D 570 25.90 -12.00 -50.42
C VAL D 570 26.28 -13.47 -50.30
N LEU D 571 25.30 -14.36 -50.39
CA LEU D 571 25.58 -15.79 -50.29
C LEU D 571 26.46 -16.26 -51.44
N GLN D 572 26.21 -15.77 -52.66
CA GLN D 572 27.00 -16.20 -53.81
C GLN D 572 28.39 -15.58 -53.83
N GLU D 573 28.58 -14.42 -53.18
CA GLU D 573 29.87 -13.77 -53.18
C GLU D 573 30.76 -14.25 -52.03
N GLU D 574 30.29 -14.11 -50.79
CA GLU D 574 31.11 -14.41 -49.63
C GLU D 574 31.25 -15.91 -49.36
N HIS D 575 30.45 -16.74 -50.02
CA HIS D 575 30.51 -18.20 -49.86
C HIS D 575 30.29 -18.59 -48.40
N PHE D 576 29.11 -18.24 -47.88
CA PHE D 576 28.71 -18.59 -46.53
C PHE D 576 28.04 -19.95 -46.53
N ASP D 577 27.43 -20.33 -45.41
CA ASP D 577 26.71 -21.59 -45.28
C ASP D 577 25.25 -21.34 -45.65
N ALA D 578 24.88 -21.73 -46.86
CA ALA D 578 23.53 -21.49 -47.36
C ALA D 578 22.48 -22.33 -46.66
N GLY D 579 22.87 -23.35 -45.91
CA GLY D 579 21.91 -24.19 -45.22
C GLY D 579 21.42 -23.65 -43.90
N ARG D 580 22.06 -22.61 -43.36
CA ARG D 580 21.69 -22.02 -42.07
C ARG D 580 21.60 -20.50 -42.26
N VAL D 581 20.43 -20.03 -42.65
CA VAL D 581 20.14 -18.60 -42.80
C VAL D 581 18.88 -18.29 -42.00
N ALA D 582 18.93 -17.24 -41.20
CA ALA D 582 17.81 -16.86 -40.34
C ALA D 582 17.43 -15.42 -40.60
N LEU D 583 16.21 -15.08 -40.19
CA LEU D 583 15.66 -13.74 -40.37
C LEU D 583 15.29 -13.14 -39.02
N MET D 584 15.39 -11.82 -38.92
CA MET D 584 14.92 -11.12 -37.73
C MET D 584 14.52 -9.71 -38.08
N GLY D 585 13.43 -9.25 -37.49
CA GLY D 585 12.93 -7.90 -37.74
C GLY D 585 11.79 -7.59 -36.80
N GLY D 586 11.37 -6.32 -36.85
CA GLY D 586 10.27 -5.87 -36.01
C GLY D 586 9.42 -4.85 -36.75
N SER D 587 8.13 -4.86 -36.43
CA SER D 587 7.13 -3.96 -37.02
C SER D 587 7.14 -4.16 -38.53
N HIS D 588 7.50 -3.17 -39.35
CA HIS D 588 7.58 -3.39 -40.79
C HIS D 588 8.63 -4.44 -41.13
N GLY D 589 9.66 -4.57 -40.28
CA GLY D 589 10.60 -5.66 -40.43
C GLY D 589 9.93 -7.01 -40.27
N GLY D 590 9.01 -7.12 -39.33
CA GLY D 590 8.23 -8.35 -39.20
C GLY D 590 7.34 -8.59 -40.40
N PHE D 591 6.77 -7.53 -40.96
CA PHE D 591 6.01 -7.61 -42.20
C PHE D 591 6.85 -8.22 -43.31
N LEU D 592 8.06 -7.68 -43.51
CA LEU D 592 8.95 -8.18 -44.54
C LEU D 592 9.38 -9.61 -44.27
N SER D 593 9.65 -9.94 -43.00
CA SER D 593 10.07 -11.29 -42.66
C SER D 593 8.97 -12.31 -42.93
N CYS D 594 7.73 -11.97 -42.58
CA CYS D 594 6.62 -12.86 -42.87
C CYS D 594 6.43 -13.02 -44.37
N HIS D 595 6.55 -11.92 -45.12
CA HIS D 595 6.46 -12.02 -46.57
C HIS D 595 7.55 -12.92 -47.14
N LEU D 596 8.77 -12.78 -46.64
CA LEU D 596 9.89 -13.59 -47.10
C LEU D 596 9.71 -15.07 -46.79
N ILE D 597 9.28 -15.41 -45.58
CA ILE D 597 9.05 -16.81 -45.22
C ILE D 597 7.79 -17.38 -45.86
N GLY D 598 6.92 -16.52 -46.40
CA GLY D 598 5.76 -17.01 -47.12
C GLY D 598 6.00 -17.24 -48.59
N GLN D 599 6.73 -16.33 -49.24
CA GLN D 599 6.95 -16.42 -50.67
C GLN D 599 8.15 -17.29 -51.04
N TYR D 600 9.13 -17.43 -50.15
CA TYR D 600 10.31 -18.25 -50.38
C TYR D 600 10.47 -19.21 -49.21
N PRO D 601 9.72 -20.31 -49.21
CA PRO D 601 9.69 -21.21 -48.04
C PRO D 601 10.83 -22.20 -47.96
N GLU D 602 11.79 -22.17 -48.89
CA GLU D 602 12.88 -23.13 -48.91
C GLU D 602 14.24 -22.45 -48.80
N THR D 603 14.29 -21.29 -48.15
CA THR D 603 15.53 -20.53 -48.00
C THR D 603 15.93 -20.32 -46.56
N TYR D 604 15.00 -20.04 -45.67
CA TYR D 604 15.27 -19.69 -44.29
C TYR D 604 14.86 -20.82 -43.36
N SER D 605 15.59 -20.97 -42.26
CA SER D 605 15.35 -22.03 -41.29
C SER D 605 14.88 -21.53 -39.94
N ALA D 606 14.83 -20.22 -39.72
CA ALA D 606 14.34 -19.67 -38.46
C ALA D 606 13.86 -18.25 -38.71
N CYS D 607 13.02 -17.75 -37.81
CA CYS D 607 12.48 -16.42 -37.94
C CYS D 607 12.06 -15.90 -36.57
N VAL D 608 12.37 -14.64 -36.30
CA VAL D 608 11.98 -13.96 -35.07
C VAL D 608 11.39 -12.61 -35.45
N VAL D 609 10.21 -12.31 -34.91
CA VAL D 609 9.49 -11.08 -35.23
C VAL D 609 8.98 -10.46 -33.93
N ARG D 610 9.04 -9.12 -33.86
CA ARG D 610 8.54 -8.37 -32.73
C ARG D 610 7.46 -7.40 -33.21
N ASN D 611 6.23 -7.60 -32.73
CA ASN D 611 5.09 -6.76 -33.08
C ASN D 611 4.95 -6.57 -34.59
N PRO D 612 4.72 -7.63 -35.35
CA PRO D 612 4.66 -7.51 -36.81
C PRO D 612 3.32 -6.95 -37.26
N VAL D 613 3.29 -6.56 -38.54
CA VAL D 613 2.08 -6.12 -39.21
C VAL D 613 1.65 -7.24 -40.15
N ILE D 614 0.45 -7.77 -39.94
CA ILE D 614 -0.03 -8.95 -40.64
C ILE D 614 -1.15 -8.61 -41.62
N ASN D 615 -2.17 -7.90 -41.17
CA ASN D 615 -3.33 -7.57 -42.00
C ASN D 615 -3.49 -6.05 -42.02
N ILE D 616 -3.23 -5.46 -43.19
CA ILE D 616 -3.36 -4.01 -43.34
C ILE D 616 -4.81 -3.59 -43.26
N ALA D 617 -5.71 -4.39 -43.84
CA ALA D 617 -7.12 -4.00 -43.91
C ALA D 617 -7.73 -3.87 -42.51
N SER D 618 -7.45 -4.81 -41.62
CA SER D 618 -7.99 -4.75 -40.27
C SER D 618 -7.17 -3.87 -39.33
N MET D 619 -5.99 -3.42 -39.76
CA MET D 619 -5.17 -2.54 -38.93
C MET D 619 -5.67 -1.10 -38.96
N MET D 620 -6.47 -0.75 -39.96
CA MET D 620 -6.95 0.63 -40.09
C MET D 620 -7.75 1.06 -38.85
N GLY D 621 -8.67 0.22 -38.40
CA GLY D 621 -9.60 0.61 -37.36
C GLY D 621 -9.07 0.57 -35.95
N SER D 622 -7.83 0.11 -35.74
CA SER D 622 -7.28 -0.02 -34.39
C SER D 622 -6.00 0.76 -34.16
N THR D 623 -5.35 1.27 -35.19
CA THR D 623 -4.10 1.99 -35.00
C THR D 623 -4.36 3.48 -34.81
N ASP D 624 -3.32 4.18 -34.35
CA ASP D 624 -3.40 5.62 -34.13
C ASP D 624 -2.95 6.43 -35.32
N ILE D 625 -2.54 5.78 -36.41
CA ILE D 625 -2.14 6.47 -37.63
C ILE D 625 -2.86 5.84 -38.82
N PRO D 626 -4.17 6.08 -38.98
CA PRO D 626 -4.90 5.44 -40.09
C PRO D 626 -4.40 5.86 -41.46
N ASP D 627 -3.75 7.01 -41.59
CA ASP D 627 -3.27 7.46 -42.89
C ASP D 627 -2.11 6.62 -43.41
N TRP D 628 -1.39 5.93 -42.52
CA TRP D 628 -0.25 5.12 -42.94
C TRP D 628 -0.69 4.00 -43.88
N CYS D 629 -1.79 3.33 -43.57
CA CYS D 629 -2.26 2.23 -44.41
C CYS D 629 -2.64 2.71 -45.80
N MET D 630 -3.38 3.83 -45.88
CA MET D 630 -3.75 4.36 -47.18
C MET D 630 -2.53 4.82 -47.97
N VAL D 631 -1.59 5.49 -47.31
CA VAL D 631 -0.41 6.00 -48.00
C VAL D 631 0.42 4.85 -48.55
N GLU D 632 0.64 3.81 -47.72
CA GLU D 632 1.46 2.69 -48.17
C GLU D 632 0.75 1.85 -49.22
N ALA D 633 -0.58 1.75 -49.14
CA ALA D 633 -1.34 0.97 -50.11
C ALA D 633 -1.48 1.65 -51.47
N GLY D 634 -1.18 2.93 -51.55
CA GLY D 634 -1.24 3.66 -52.80
C GLY D 634 -2.42 4.61 -52.97
N PHE D 635 -3.13 4.94 -51.91
CA PHE D 635 -4.29 5.83 -51.98
C PHE D 635 -4.06 7.06 -51.12
N SER D 636 -4.82 8.11 -51.43
CA SER D 636 -4.75 9.36 -50.68
C SER D 636 -5.67 9.29 -49.47
N TYR D 637 -5.18 9.78 -48.34
CA TYR D 637 -5.93 9.76 -47.09
C TYR D 637 -6.71 11.05 -46.92
N SER D 638 -8.00 10.92 -46.60
CA SER D 638 -8.85 12.07 -46.33
C SER D 638 -9.76 11.73 -45.16
N SER D 639 -9.99 12.72 -44.30
CA SER D 639 -10.90 12.53 -43.19
C SER D 639 -12.33 12.39 -43.69
N ASP D 640 -13.19 11.83 -42.84
CA ASP D 640 -14.59 11.55 -43.18
C ASP D 640 -14.68 10.64 -44.40
N CYS D 641 -13.81 9.65 -44.47
CA CYS D 641 -13.81 8.68 -45.56
C CYS D 641 -14.63 7.45 -45.18
N LEU D 642 -14.98 6.66 -46.19
CA LEU D 642 -15.80 5.49 -46.00
C LEU D 642 -15.13 4.27 -46.61
N PRO D 643 -15.41 3.07 -46.08
CA PRO D 643 -14.79 1.86 -46.63
C PRO D 643 -15.31 1.56 -48.03
N ASP D 644 -14.39 1.29 -48.94
CA ASP D 644 -14.71 0.94 -50.32
C ASP D 644 -14.15 -0.45 -50.63
N LEU D 645 -14.87 -1.17 -51.50
CA LEU D 645 -14.47 -2.54 -51.81
C LEU D 645 -13.11 -2.59 -52.49
N SER D 646 -12.85 -1.67 -53.43
CA SER D 646 -11.58 -1.69 -54.16
C SER D 646 -10.41 -1.43 -53.23
N VAL D 647 -10.54 -0.43 -52.35
CA VAL D 647 -9.45 -0.09 -51.45
C VAL D 647 -9.16 -1.25 -50.50
N TRP D 648 -10.20 -1.87 -49.95
CA TRP D 648 -10.02 -2.95 -49.00
C TRP D 648 -9.44 -4.19 -49.69
N ALA D 649 -9.87 -4.46 -50.93
CA ALA D 649 -9.28 -5.57 -51.68
C ALA D 649 -7.81 -5.32 -51.96
N ALA D 650 -7.46 -4.08 -52.34
CA ALA D 650 -6.06 -3.76 -52.57
C ALA D 650 -5.23 -3.91 -51.30
N MET D 651 -5.79 -3.49 -50.16
CA MET D 651 -5.09 -3.66 -48.88
C MET D 651 -4.90 -5.13 -48.55
N LEU D 652 -5.91 -5.96 -48.81
CA LEU D 652 -5.82 -7.38 -48.50
C LEU D 652 -4.84 -8.09 -49.42
N ASP D 653 -4.68 -7.61 -50.66
CA ASP D 653 -3.78 -8.26 -51.60
C ASP D 653 -2.32 -8.08 -51.24
N LYS D 654 -2.00 -7.11 -50.39
CA LYS D 654 -0.62 -6.81 -50.03
C LYS D 654 -0.24 -7.32 -48.65
N SER D 655 -1.03 -8.23 -48.07
CA SER D 655 -0.72 -8.65 -46.72
C SER D 655 -0.05 -10.02 -46.71
N PRO D 656 0.88 -10.26 -45.77
CA PRO D 656 1.54 -11.57 -45.71
C PRO D 656 0.61 -12.71 -45.36
N ILE D 657 -0.55 -12.43 -44.76
CA ILE D 657 -1.47 -13.50 -44.37
C ILE D 657 -1.89 -14.32 -45.57
N LYS D 658 -1.91 -13.71 -46.76
CA LYS D 658 -2.27 -14.43 -47.98
C LYS D 658 -1.36 -15.63 -48.21
N TYR D 659 -0.11 -15.55 -47.76
CA TYR D 659 0.85 -16.63 -47.94
C TYR D 659 0.98 -17.51 -46.69
N ALA D 660 0.04 -17.39 -45.75
CA ALA D 660 0.11 -18.20 -44.54
C ALA D 660 0.11 -19.70 -44.78
N PRO D 661 -0.71 -20.28 -45.68
CA PRO D 661 -0.71 -21.74 -45.83
C PRO D 661 0.61 -22.32 -46.30
N GLN D 662 1.48 -21.54 -46.90
CA GLN D 662 2.74 -22.04 -47.43
C GLN D 662 3.90 -21.93 -46.45
N VAL D 663 3.66 -21.45 -45.23
CA VAL D 663 4.74 -21.26 -44.27
C VAL D 663 5.24 -22.61 -43.78
N LYS D 664 6.56 -22.76 -43.71
CA LYS D 664 7.17 -24.00 -43.26
C LYS D 664 8.31 -23.80 -42.26
N THR D 665 8.60 -22.56 -41.88
CA THR D 665 9.74 -22.22 -41.03
C THR D 665 9.29 -22.06 -39.59
N PRO D 666 10.03 -22.59 -38.61
CA PRO D 666 9.68 -22.35 -37.20
C PRO D 666 9.69 -20.85 -36.89
N LEU D 667 8.74 -20.44 -36.04
CA LEU D 667 8.50 -19.02 -35.78
C LEU D 667 8.43 -18.76 -34.29
N LEU D 668 9.01 -17.62 -33.88
CA LEU D 668 8.95 -17.14 -32.51
C LEU D 668 8.42 -15.71 -32.53
N LEU D 669 7.37 -15.45 -31.76
CA LEU D 669 6.66 -14.18 -31.77
C LEU D 669 6.76 -13.54 -30.38
N MET D 670 7.03 -12.24 -30.35
CA MET D 670 6.96 -11.44 -29.14
C MET D 670 5.93 -10.34 -29.34
N LEU D 671 5.02 -10.19 -28.38
CA LEU D 671 3.95 -9.21 -28.48
C LEU D 671 3.86 -8.39 -27.20
N GLY D 672 3.53 -7.11 -27.36
CA GLY D 672 3.24 -6.24 -26.24
C GLY D 672 1.76 -5.93 -26.17
N GLN D 673 1.13 -6.26 -25.05
CA GLN D 673 -0.33 -6.17 -24.96
C GLN D 673 -0.83 -4.73 -24.99
N GLU D 674 -0.04 -3.79 -24.46
CA GLU D 674 -0.45 -2.39 -24.38
C GLU D 674 0.13 -1.55 -25.52
N ASP D 675 0.27 -2.14 -26.70
CA ASP D 675 0.78 -1.44 -27.87
C ASP D 675 -0.36 -0.73 -28.58
N ARG D 676 -0.16 0.56 -28.88
CA ARG D 676 -1.14 1.35 -29.61
C ARG D 676 -0.75 1.62 -31.06
N ARG D 677 0.55 1.56 -31.37
CA ARG D 677 0.98 1.76 -32.75
C ARG D 677 0.55 0.59 -33.64
N VAL D 678 0.78 -0.64 -33.16
CA VAL D 678 0.36 -1.85 -33.86
C VAL D 678 -0.41 -2.71 -32.88
N PRO D 679 -1.73 -2.89 -33.08
CA PRO D 679 -2.50 -3.74 -32.16
C PRO D 679 -1.96 -5.17 -32.15
N PHE D 680 -2.02 -5.79 -30.98
CA PHE D 680 -1.39 -7.10 -30.77
C PHE D 680 -2.23 -8.26 -31.29
N LYS D 681 -3.45 -8.01 -31.76
CA LYS D 681 -4.22 -9.09 -32.37
C LYS D 681 -3.72 -9.44 -33.76
N GLN D 682 -2.94 -8.54 -34.38
CA GLN D 682 -2.37 -8.82 -35.70
C GLN D 682 -1.50 -10.07 -35.65
N GLY D 683 -0.62 -10.15 -34.65
CA GLY D 683 0.18 -11.36 -34.47
C GLY D 683 -0.64 -12.56 -34.04
N MET D 684 -1.73 -12.32 -33.30
CA MET D 684 -2.57 -13.43 -32.86
C MET D 684 -3.26 -14.11 -34.02
N GLU D 685 -3.66 -13.34 -35.04
CA GLU D 685 -4.27 -13.95 -36.21
C GLU D 685 -3.30 -14.89 -36.92
N TYR D 686 -2.06 -14.42 -37.11
CA TYR D 686 -1.02 -15.26 -37.73
C TYR D 686 -0.74 -16.49 -36.87
N TYR D 687 -0.67 -16.30 -35.56
CA TYR D 687 -0.41 -17.43 -34.66
C TYR D 687 -1.52 -18.48 -34.75
N ARG D 688 -2.78 -18.04 -34.76
CA ARG D 688 -3.89 -18.98 -34.86
C ARG D 688 -3.86 -19.72 -36.20
N VAL D 689 -3.61 -18.99 -37.29
CA VAL D 689 -3.58 -19.62 -38.61
C VAL D 689 -2.47 -20.65 -38.68
N LEU D 690 -1.28 -20.32 -38.15
CA LEU D 690 -0.17 -21.26 -38.20
C LEU D 690 -0.41 -22.46 -37.28
N LYS D 691 -0.99 -22.23 -36.10
CA LYS D 691 -1.24 -23.33 -35.17
C LYS D 691 -2.32 -24.27 -35.67
N ALA D 692 -3.27 -23.76 -36.46
CA ALA D 692 -4.31 -24.61 -37.02
C ALA D 692 -3.75 -25.63 -38.01
N ARG D 693 -2.52 -25.44 -38.47
CA ARG D 693 -1.90 -26.35 -39.43
C ARG D 693 -0.74 -27.14 -38.83
N ASN D 694 -0.60 -27.14 -37.51
CA ASN D 694 0.44 -27.91 -36.81
C ASN D 694 1.84 -27.51 -37.28
N VAL D 695 2.18 -26.25 -37.04
CA VAL D 695 3.49 -25.71 -37.36
C VAL D 695 4.17 -25.27 -36.06
N PRO D 696 5.44 -25.61 -35.83
CA PRO D 696 6.10 -25.20 -34.58
C PRO D 696 6.15 -23.69 -34.43
N VAL D 697 5.43 -23.17 -33.44
CA VAL D 697 5.34 -21.74 -33.19
C VAL D 697 5.44 -21.50 -31.68
N ARG D 698 6.26 -20.54 -31.29
CA ARG D 698 6.38 -20.13 -29.90
C ARG D 698 5.92 -18.68 -29.78
N LEU D 699 5.18 -18.38 -28.71
CA LEU D 699 4.58 -17.07 -28.52
C LEU D 699 4.87 -16.56 -27.12
N LEU D 700 5.29 -15.29 -27.02
CA LEU D 700 5.49 -14.62 -25.75
C LEU D 700 4.70 -13.34 -25.75
N LEU D 701 3.97 -13.09 -24.65
CA LEU D 701 3.11 -11.92 -24.52
C LEU D 701 3.48 -11.18 -23.25
N TYR D 702 3.75 -9.88 -23.37
CA TYR D 702 4.11 -9.06 -22.23
C TYR D 702 2.93 -8.20 -21.85
N PRO D 703 2.30 -8.43 -20.69
CA PRO D 703 1.02 -7.76 -20.40
C PRO D 703 1.10 -6.24 -20.32
N LYS D 704 2.22 -5.68 -19.84
CA LYS D 704 2.30 -4.25 -19.57
C LYS D 704 3.36 -3.56 -20.44
N SER D 705 3.81 -4.20 -21.51
CA SER D 705 4.84 -3.62 -22.36
C SER D 705 4.20 -2.78 -23.45
N THR D 706 5.05 -2.13 -24.25
CA THR D 706 4.60 -1.23 -25.30
C THR D 706 5.22 -1.59 -26.64
N HIS D 707 5.08 -0.72 -27.64
CA HIS D 707 5.61 -0.99 -28.96
C HIS D 707 7.13 -1.18 -28.94
N ALA D 708 7.83 -0.34 -28.16
CA ALA D 708 9.28 -0.36 -28.18
C ALA D 708 9.86 -1.56 -27.45
N LEU D 709 9.15 -2.11 -26.46
CA LEU D 709 9.68 -3.16 -25.59
C LEU D 709 10.98 -2.71 -24.94
N SER D 710 10.99 -1.46 -24.46
CA SER D 710 12.21 -0.83 -23.98
C SER D 710 12.48 -1.06 -22.50
N GLU D 711 11.57 -1.72 -21.79
CA GLU D 711 11.82 -2.04 -20.39
C GLU D 711 13.02 -2.98 -20.28
N VAL D 712 13.81 -2.79 -19.22
CA VAL D 712 15.07 -3.53 -19.10
C VAL D 712 14.81 -5.03 -19.00
N GLU D 713 13.88 -5.42 -18.13
CA GLU D 713 13.57 -6.84 -17.97
C GLU D 713 12.98 -7.41 -19.25
N VAL D 714 12.05 -6.69 -19.88
CA VAL D 714 11.42 -7.16 -21.10
C VAL D 714 12.45 -7.29 -22.22
N GLU D 715 13.31 -6.28 -22.37
CA GLU D 715 14.33 -6.30 -23.41
C GLU D 715 15.29 -7.45 -23.21
N SER D 716 15.75 -7.65 -21.96
CA SER D 716 16.70 -8.73 -21.69
C SER D 716 16.07 -10.08 -21.96
N ASP D 717 14.83 -10.29 -21.49
CA ASP D 717 14.16 -11.58 -21.71
C ASP D 717 13.96 -11.84 -23.20
N SER D 718 13.51 -10.82 -23.94
CA SER D 718 13.29 -11.01 -25.37
C SER D 718 14.59 -11.33 -26.11
N PHE D 719 15.66 -10.60 -25.79
CA PHE D 719 16.93 -10.85 -26.47
C PHE D 719 17.48 -12.24 -26.15
N MET D 720 17.39 -12.65 -24.88
CA MET D 720 17.86 -13.98 -24.51
C MET D 720 17.04 -15.07 -25.19
N ASN D 721 15.72 -14.91 -25.24
CA ASN D 721 14.87 -15.90 -25.91
C ASN D 721 15.19 -15.96 -27.39
N ALA D 722 15.40 -14.81 -28.03
CA ALA D 722 15.71 -14.79 -29.45
C ALA D 722 17.04 -15.49 -29.73
N VAL D 723 18.06 -15.21 -28.92
CA VAL D 723 19.36 -15.83 -29.17
C VAL D 723 19.30 -17.33 -28.91
N LEU D 724 18.55 -17.76 -27.89
CA LEU D 724 18.41 -19.18 -27.63
C LEU D 724 17.68 -19.88 -28.77
N TRP D 725 16.61 -19.28 -29.27
CA TRP D 725 15.89 -19.84 -30.40
C TRP D 725 16.80 -19.97 -31.62
N LEU D 726 17.55 -18.91 -31.93
CA LEU D 726 18.41 -18.92 -33.11
C LEU D 726 19.49 -19.98 -32.99
N CYS D 727 20.12 -20.09 -31.81
CA CYS D 727 21.19 -21.08 -31.65
C CYS D 727 20.64 -22.50 -31.64
N THR D 728 19.46 -22.70 -31.06
CA THR D 728 18.87 -24.04 -31.02
C THR D 728 18.48 -24.50 -32.42
N HIS D 729 17.85 -23.64 -33.21
CA HIS D 729 17.39 -24.04 -34.53
C HIS D 729 18.47 -23.93 -35.61
N LEU D 730 19.65 -23.40 -35.29
CA LEU D 730 20.72 -23.32 -36.26
C LEU D 730 21.98 -24.03 -35.75
C3 AES E . -23.92 -11.90 -29.23
C2 AES E . -24.24 -10.55 -29.13
C1 AES E . -24.17 -9.92 -27.91
S AES E . -24.59 -8.15 -27.79
O1S AES E . -25.65 -7.98 -28.82
O2S AES E . -25.21 -8.04 -26.44
C6 AES E . -23.76 -10.60 -26.78
C5 AES E . -23.44 -11.95 -26.87
C4 AES E . -23.52 -12.59 -28.10
C7 AES E . -23.17 -14.07 -28.19
C8 AES E . -24.33 -14.98 -27.79
N8 AES E . -24.51 -14.95 -26.34
C3 AES F . 23.39 13.07 29.15
C2 AES F . 22.43 14.06 29.14
C1 AES F . 21.79 14.39 27.96
S AES F . 20.53 15.69 27.94
O1S AES F . 21.00 16.67 28.96
O2S AES F . 20.66 16.30 26.58
C6 AES F . 22.11 13.72 26.79
C5 AES F . 23.08 12.74 26.80
C4 AES F . 23.72 12.41 27.98
C7 AES F . 24.78 11.31 27.98
C8 AES F . 26.14 11.84 27.54
N8 AES F . 26.15 12.08 26.11
C3 AES G . -5.01 -4.23 39.08
C2 AES G . -4.13 -5.27 38.79
C1 AES G . -4.23 -5.95 37.59
S AES G . -3.09 -7.30 37.21
O1S AES G . -2.84 -7.94 38.53
O2S AES G . -3.89 -8.22 36.35
C6 AES G . -5.20 -5.60 36.67
C5 AES G . -6.08 -4.57 36.95
C4 AES G . -5.98 -3.88 38.15
C7 AES G . -6.95 -2.76 38.47
C8 AES G . -8.28 -3.27 39.02
N8 AES G . -9.06 -3.88 37.97
C3 AES H . 5.87 3.09 -39.08
C2 AES H . 6.23 1.77 -38.88
C1 AES H . 6.79 1.37 -37.67
S AES H . 7.26 -0.35 -37.40
O1S AES H . 7.67 -0.82 -38.75
O2S AES H . 8.47 -0.25 -36.53
C6 AES H . 6.98 2.31 -36.66
C5 AES H . 6.62 3.63 -36.86
C4 AES H . 6.07 4.02 -38.07
C7 AES H . 5.68 5.48 -38.28
C8 AES H . 6.86 6.34 -38.70
N8 AES H . 7.75 6.57 -37.57
#